data_6IKG
#
_entry.id   6IKG
#
_cell.length_a   71.649
_cell.length_b   214.636
_cell.length_c   92.022
_cell.angle_alpha   90.00
_cell.angle_beta   102.98
_cell.angle_gamma   90.00
#
_symmetry.space_group_name_H-M   'P 1 21 1'
#
loop_
_entity.id
_entity.type
_entity.pdbx_description
1 polymer 'Acyl-peptide hydrolase, putative'
2 polymer MET-ALA-ALA
3 non-polymer GLYCEROL
4 water water
#
loop_
_entity_poly.entity_id
_entity_poly.type
_entity_poly.pdbx_seq_one_letter_code
_entity_poly.pdbx_strand_id
1 'polypeptide(L)'
;GSNNSETPAPGPDSLLALAFPSDPQVSPDGKQVAFVLAQISEEDPAKPDKDFARPRYRSGLWLSEGGAARPLTHAETGRG
DSAPRWSPDGQNLAFVRSAGEVKAALMLLPLKGGEARRVTHFKNGVSGPQWSPDGRFIAFTTTADTEDKRDERGEARVLT
RPVYRANGADWLPERPAALWLYDVEADKLREWYAPEIGIGALSWWPDSRGVLIVQSEDEWQASQWRQDVYDLPLPTADAP
AAPQKLLDWNSAAHGLAPHPDGQRFALIGRPAGKGNTEHAHLYLIENGQHRRLDTGHDHPVGDAVGGDCHVGAFPEGPRW
LDGDTLLFSSTVRGSVGLFTAHIGGGVKAYDHDPQGVISAFTANEHGVALIRESATRFPEVELNGQRVTDLHARFPFPVR
EPQRVTFETELGEGEGWVLLPEGEQKVPALLNIHGGPHTDYGHGFTHEFQLMAARGYGVCYSNPRGSVGYGQAWVDAIYG
RWGTVDADDLLNFFDRCLEAVPRLDAAKTAVMGGAYGGFMTNWITGHTTRFQAAITDRCISNLISFGGTSDIGLRFWDDE
LGLDFSRRADALKLWDLSPLQYVENVKTPTLIVHSVLDHRCPVEQAEQWYAALHKHQVPVRFVRFPEENHELSRSGRPDR
RLTRLNEYFAWLERWL
;
A,B,C,D
2 'polypeptide(L)' MAA E,F
#
loop_
_chem_comp.id
_chem_comp.type
_chem_comp.name
_chem_comp.formula
GOL non-polymer GLYCEROL 'C3 H8 O3'
#
# COMPACT_ATOMS: atom_id res chain seq x y z
N PRO A 8 -9.14 -45.95 9.56
CA PRO A 8 -8.59 -44.60 9.42
C PRO A 8 -8.75 -43.78 10.70
N ALA A 9 -7.68 -43.75 11.50
CA ALA A 9 -7.73 -43.11 12.80
C ALA A 9 -7.89 -41.60 12.66
N PRO A 10 -8.62 -40.96 13.57
CA PRO A 10 -8.73 -39.50 13.53
C PRO A 10 -7.41 -38.85 13.91
N GLY A 11 -7.23 -37.62 13.47
CA GLY A 11 -6.01 -36.89 13.72
C GLY A 11 -6.27 -35.53 14.34
N PRO A 12 -5.19 -34.73 14.47
CA PRO A 12 -5.32 -33.40 15.10
C PRO A 12 -6.37 -32.50 14.48
N ASP A 13 -6.62 -32.60 13.17
CA ASP A 13 -7.56 -31.66 12.56
C ASP A 13 -9.00 -31.97 12.94
N SER A 14 -9.25 -33.04 13.70
CA SER A 14 -10.55 -33.19 14.35
C SER A 14 -10.91 -31.99 15.21
N LEU A 15 -9.89 -31.28 15.71
CA LEU A 15 -10.13 -30.05 16.47
C LEU A 15 -10.89 -29.01 15.66
N LEU A 16 -10.67 -28.97 14.34
CA LEU A 16 -11.31 -27.99 13.49
C LEU A 16 -12.83 -28.17 13.42
N ALA A 17 -13.36 -29.31 13.85
CA ALA A 17 -14.80 -29.54 13.85
C ALA A 17 -15.50 -28.90 15.04
N LEU A 18 -14.75 -28.47 16.06
CA LEU A 18 -15.34 -28.07 17.32
C LEU A 18 -15.67 -26.57 17.34
N ALA A 19 -16.69 -26.23 18.12
CA ALA A 19 -17.02 -24.85 18.45
C ALA A 19 -16.93 -24.68 19.96
N PHE A 20 -16.38 -23.54 20.39
CA PHE A 20 -15.96 -23.38 21.78
C PHE A 20 -16.79 -22.33 22.49
N PRO A 21 -17.57 -22.68 23.50
CA PRO A 21 -18.40 -21.71 24.21
C PRO A 21 -17.67 -21.02 25.36
N SER A 22 -18.13 -19.82 25.67
CA SER A 22 -17.54 -19.06 26.78
C SER A 22 -18.52 -18.01 27.27
N ASP A 23 -18.18 -17.45 28.43
CA ASP A 23 -18.84 -16.26 28.98
C ASP A 23 -20.37 -16.39 29.06
N PRO A 24 -20.89 -17.31 29.88
CA PRO A 24 -22.36 -17.46 30.00
C PRO A 24 -22.97 -16.41 30.93
N GLN A 25 -23.62 -15.41 30.35
CA GLN A 25 -24.15 -14.27 31.11
C GLN A 25 -25.66 -14.40 31.28
N VAL A 26 -26.10 -14.66 32.51
CA VAL A 26 -27.53 -14.69 32.81
C VAL A 26 -28.08 -13.27 32.80
N SER A 27 -29.32 -13.13 32.34
CA SER A 27 -29.99 -11.84 32.30
C SER A 27 -30.43 -11.42 33.70
N PRO A 28 -30.67 -10.12 33.92
CA PRO A 28 -31.07 -9.67 35.27
C PRO A 28 -32.32 -10.33 35.82
N ASP A 29 -33.28 -10.73 34.99
CA ASP A 29 -34.46 -11.42 35.51
C ASP A 29 -34.24 -12.92 35.67
N GLY A 30 -33.06 -13.43 35.32
CA GLY A 30 -32.73 -14.82 35.53
C GLY A 30 -33.26 -15.78 34.49
N LYS A 31 -33.91 -15.28 33.43
CA LYS A 31 -34.64 -16.13 32.51
C LYS A 31 -34.03 -16.20 31.11
N GLN A 32 -32.85 -15.61 30.91
CA GLN A 32 -32.16 -15.67 29.62
C GLN A 32 -30.67 -15.81 29.86
N VAL A 33 -29.98 -16.38 28.87
CA VAL A 33 -28.52 -16.45 28.86
C VAL A 33 -28.01 -15.93 27.51
N ALA A 34 -27.06 -15.02 27.56
CA ALA A 34 -26.27 -14.62 26.40
C ALA A 34 -24.85 -15.14 26.60
N PHE A 35 -24.27 -15.75 25.57
CA PHE A 35 -22.94 -16.32 25.70
C PHE A 35 -22.18 -16.16 24.38
N VAL A 36 -20.90 -16.50 24.43
CA VAL A 36 -19.99 -16.38 23.29
C VAL A 36 -19.70 -17.77 22.74
N LEU A 37 -19.66 -17.88 21.41
CA LEU A 37 -19.31 -19.11 20.73
C LEU A 37 -18.26 -18.81 19.67
N ALA A 38 -17.07 -19.38 19.83
CA ALA A 38 -16.01 -19.23 18.83
C ALA A 38 -16.08 -20.42 17.88
N GLN A 39 -16.28 -20.12 16.59
CA GLN A 39 -16.21 -21.14 15.56
C GLN A 39 -14.94 -20.95 14.74
N ILE A 40 -14.52 -22.01 14.09
CA ILE A 40 -13.25 -22.04 13.37
C ILE A 40 -13.52 -21.83 11.90
N SER A 41 -12.93 -20.78 11.34
CA SER A 41 -13.21 -20.36 9.97
C SER A 41 -11.93 -19.79 9.37
N GLU A 42 -11.94 -19.64 8.04
CA GLU A 42 -10.78 -19.11 7.34
C GLU A 42 -10.55 -17.65 7.71
N GLU A 43 -9.27 -17.25 7.72
CA GLU A 43 -8.91 -15.88 8.03
C GLU A 43 -9.69 -14.89 7.16
N ASP A 44 -9.69 -15.13 5.86
CA ASP A 44 -10.48 -14.36 4.90
C ASP A 44 -11.23 -15.37 4.03
N PRO A 45 -12.50 -15.64 4.33
CA PRO A 45 -13.22 -16.68 3.56
C PRO A 45 -13.38 -16.35 2.10
N ALA A 46 -13.15 -15.10 1.70
CA ALA A 46 -13.30 -14.71 0.30
C ALA A 46 -12.03 -14.90 -0.52
N LYS A 47 -10.86 -14.83 0.10
CA LYS A 47 -9.58 -14.96 -0.59
C LYS A 47 -8.68 -15.91 0.18
N PRO A 48 -8.93 -17.21 0.10
CA PRO A 48 -8.06 -18.18 0.79
C PRO A 48 -6.80 -18.47 0.01
N ASP A 49 -5.70 -18.62 0.73
CA ASP A 49 -4.44 -19.00 0.12
C ASP A 49 -4.49 -20.47 -0.28
N LYS A 50 -4.41 -20.74 -1.59
CA LYS A 50 -4.50 -22.10 -2.08
C LYS A 50 -3.34 -22.98 -1.61
N ASP A 51 -2.25 -22.37 -1.16
CA ASP A 51 -1.07 -23.10 -0.72
C ASP A 51 -0.93 -23.16 0.79
N PHE A 52 -1.81 -22.51 1.54
CA PHE A 52 -1.65 -22.43 2.99
C PHE A 52 -3.01 -22.17 3.64
N ALA A 53 -3.52 -23.16 4.36
CA ALA A 53 -4.75 -23.00 5.11
C ALA A 53 -4.56 -22.04 6.28
N ARG A 54 -5.60 -21.28 6.58
CA ARG A 54 -5.56 -20.28 7.65
C ARG A 54 -6.82 -20.36 8.51
N PRO A 55 -6.98 -21.46 9.27
CA PRO A 55 -8.12 -21.54 10.19
C PRO A 55 -7.94 -20.60 11.37
N ARG A 56 -9.02 -19.91 11.74
CA ARG A 56 -8.97 -18.90 12.80
C ARG A 56 -10.22 -19.01 13.67
N TYR A 57 -10.08 -18.62 14.93
CA TYR A 57 -11.25 -18.40 15.79
C TYR A 57 -12.04 -17.19 15.28
N ARG A 58 -13.35 -17.34 15.24
CA ARG A 58 -14.25 -16.22 14.97
C ARG A 58 -15.47 -16.36 15.87
N SER A 59 -15.73 -15.35 16.69
CA SER A 59 -16.71 -15.44 17.77
C SER A 59 -17.94 -14.60 17.47
N GLY A 60 -19.10 -15.11 17.95
CA GLY A 60 -20.32 -14.36 17.92
C GLY A 60 -21.11 -14.56 19.19
N LEU A 61 -22.13 -13.71 19.38
CA LEU A 61 -22.99 -13.77 20.55
C LEU A 61 -24.20 -14.66 20.27
N TRP A 62 -24.58 -15.48 21.25
CA TRP A 62 -25.73 -16.35 21.14
C TRP A 62 -26.67 -16.11 22.32
N LEU A 63 -27.95 -16.40 22.11
CA LEU A 63 -28.99 -16.10 23.09
C LEU A 63 -29.97 -17.26 23.21
N SER A 64 -30.41 -17.54 24.44
CA SER A 64 -31.42 -18.55 24.68
C SER A 64 -32.23 -18.20 25.93
N GLU A 65 -33.51 -18.60 25.91
CA GLU A 65 -34.40 -18.50 27.06
C GLU A 65 -34.87 -19.89 27.52
N GLY A 66 -34.14 -20.94 27.19
CA GLY A 66 -34.55 -22.29 27.52
C GLY A 66 -34.43 -23.27 26.36
N GLY A 67 -34.56 -22.78 25.13
CA GLY A 67 -34.46 -23.61 23.96
C GLY A 67 -33.10 -23.51 23.30
N ALA A 68 -32.99 -24.14 22.12
CA ALA A 68 -31.77 -24.09 21.34
C ALA A 68 -31.34 -22.64 21.11
N ALA A 69 -30.09 -22.35 21.42
CA ALA A 69 -29.60 -20.98 21.35
C ALA A 69 -29.58 -20.48 19.92
N ARG A 70 -29.80 -19.18 19.76
CA ARG A 70 -29.82 -18.58 18.44
C ARG A 70 -28.73 -17.52 18.32
N PRO A 71 -28.17 -17.34 17.13
CA PRO A 71 -27.08 -16.36 16.97
C PRO A 71 -27.58 -14.94 16.90
N LEU A 72 -26.84 -14.04 17.55
CA LEU A 72 -27.13 -12.61 17.53
C LEU A 72 -26.26 -11.82 16.57
N THR A 73 -25.00 -12.23 16.37
CA THR A 73 -24.06 -11.52 15.50
C THR A 73 -23.52 -12.47 14.44
N HIS A 74 -22.90 -11.88 13.41
CA HIS A 74 -22.48 -12.62 12.22
C HIS A 74 -21.16 -12.06 11.67
N ALA A 75 -20.11 -12.15 12.48
CA ALA A 75 -18.79 -11.69 12.06
C ALA A 75 -18.23 -12.57 10.94
N GLU A 76 -17.69 -11.93 9.90
CA GLU A 76 -17.06 -12.61 8.80
C GLU A 76 -15.57 -12.27 8.64
N THR A 77 -15.10 -11.23 9.31
CA THR A 77 -13.67 -10.92 9.37
C THR A 77 -13.29 -10.66 10.82
N GLY A 78 -11.99 -10.72 11.08
CA GLY A 78 -11.47 -10.41 12.40
C GLY A 78 -11.79 -11.48 13.44
N ARG A 79 -11.40 -11.17 14.67
CA ARG A 79 -11.61 -12.10 15.78
C ARG A 79 -13.08 -12.22 16.16
N GLY A 80 -13.86 -11.15 15.99
CA GLY A 80 -15.29 -11.23 16.21
C GLY A 80 -15.82 -10.49 17.43
N ASP A 81 -16.95 -10.94 17.95
CA ASP A 81 -17.67 -10.26 19.02
C ASP A 81 -17.60 -11.09 20.31
N SER A 82 -17.53 -10.41 21.44
CA SER A 82 -17.35 -11.08 22.73
C SER A 82 -17.77 -10.15 23.85
N ALA A 83 -17.62 -10.64 25.08
CA ALA A 83 -17.93 -9.91 26.29
C ALA A 83 -19.33 -9.30 26.32
N PRO A 84 -20.38 -10.12 26.18
CA PRO A 84 -21.74 -9.59 26.28
C PRO A 84 -22.06 -9.19 27.71
N ARG A 85 -22.73 -8.05 27.87
CA ARG A 85 -23.11 -7.54 29.18
C ARG A 85 -24.52 -6.98 29.11
N TRP A 86 -25.38 -7.44 30.01
CA TRP A 86 -26.78 -7.03 30.03
C TRP A 86 -26.94 -5.63 30.63
N SER A 87 -27.74 -4.80 29.98
CA SER A 87 -28.25 -3.62 30.66
C SER A 87 -29.18 -4.06 31.78
N PRO A 88 -29.19 -3.34 32.91
CA PRO A 88 -30.06 -3.74 34.03
C PRO A 88 -31.53 -3.90 33.67
N ASP A 89 -32.06 -3.14 32.70
CA ASP A 89 -33.46 -3.30 32.33
C ASP A 89 -33.69 -4.50 31.41
N GLY A 90 -32.64 -5.24 31.06
CA GLY A 90 -32.77 -6.44 30.26
C GLY A 90 -33.05 -6.23 28.78
N GLN A 91 -33.00 -5.00 28.29
CA GLN A 91 -33.35 -4.71 26.89
C GLN A 91 -32.15 -4.60 25.98
N ASN A 92 -30.93 -4.47 26.51
CA ASN A 92 -29.77 -4.20 25.68
C ASN A 92 -28.60 -5.09 26.06
N LEU A 93 -27.76 -5.38 25.06
CA LEU A 93 -26.52 -6.10 25.24
C LEU A 93 -25.36 -5.19 24.84
N ALA A 94 -24.51 -4.85 25.80
CA ALA A 94 -23.21 -4.28 25.45
C ALA A 94 -22.23 -5.40 25.15
N PHE A 95 -21.30 -5.14 24.24
CA PHE A 95 -20.28 -6.12 23.91
C PHE A 95 -19.11 -5.43 23.25
N VAL A 96 -18.06 -6.21 22.96
CA VAL A 96 -16.81 -5.70 22.39
C VAL A 96 -16.60 -6.36 21.05
N ARG A 97 -16.31 -5.56 20.03
CA ARG A 97 -16.19 -6.04 18.65
C ARG A 97 -14.78 -5.80 18.14
N SER A 98 -14.20 -6.82 17.51
CA SER A 98 -12.93 -6.69 16.82
C SER A 98 -13.08 -7.13 15.37
N ALA A 104 -11.11 -3.25 18.96
CA ALA A 104 -11.92 -3.71 20.09
C ALA A 104 -12.79 -2.57 20.61
N ALA A 105 -13.94 -2.35 19.98
CA ALA A 105 -14.80 -1.23 20.30
C ALA A 105 -16.00 -1.68 21.14
N LEU A 106 -16.39 -0.83 22.08
CA LEU A 106 -17.61 -1.07 22.84
C LEU A 106 -18.83 -0.86 21.93
N MET A 107 -19.71 -1.85 21.89
CA MET A 107 -20.91 -1.79 21.08
C MET A 107 -22.14 -1.93 21.96
N LEU A 108 -23.29 -1.50 21.43
CA LEU A 108 -24.57 -1.49 22.13
C LEU A 108 -25.64 -2.06 21.21
N LEU A 109 -26.19 -3.22 21.57
CA LEU A 109 -27.17 -3.88 20.72
C LEU A 109 -28.54 -3.86 21.37
N PRO A 110 -29.56 -3.29 20.73
CA PRO A 110 -30.94 -3.43 21.23
C PRO A 110 -31.48 -4.81 20.88
N LEU A 111 -32.06 -5.49 21.87
CA LEU A 111 -32.45 -6.89 21.69
C LEU A 111 -33.79 -7.04 20.99
N LYS A 112 -34.62 -6.01 20.95
CA LYS A 112 -35.94 -6.12 20.36
C LYS A 112 -35.96 -5.77 18.87
N GLY A 113 -34.79 -5.55 18.27
CA GLY A 113 -34.73 -5.29 16.85
C GLY A 113 -33.74 -4.20 16.47
N GLY A 114 -32.98 -4.43 15.41
CA GLY A 114 -32.01 -3.46 14.95
C GLY A 114 -30.58 -3.90 15.25
N GLU A 115 -29.65 -3.24 14.57
CA GLU A 115 -28.24 -3.58 14.71
C GLU A 115 -27.58 -2.76 15.82
N ALA A 116 -26.39 -3.18 16.19
CA ALA A 116 -25.67 -2.52 17.28
C ALA A 116 -25.12 -1.18 16.80
N ARG A 117 -24.92 -0.28 17.76
CA ARG A 117 -24.28 1.01 17.52
C ARG A 117 -22.92 1.02 18.21
N ARG A 118 -21.94 1.62 17.54
CA ARG A 118 -20.60 1.72 18.09
C ARG A 118 -20.49 2.95 18.96
N VAL A 119 -19.99 2.79 20.17
CA VAL A 119 -19.96 3.89 21.13
C VAL A 119 -18.54 4.38 21.42
N THR A 120 -17.52 3.55 21.26
CA THR A 120 -16.15 4.00 21.47
C THR A 120 -15.39 3.91 20.14
N HIS A 121 -14.50 4.88 19.92
CA HIS A 121 -13.73 4.95 18.68
C HIS A 121 -12.26 5.16 18.99
N PHE A 122 -11.78 4.58 20.10
CA PHE A 122 -10.39 4.71 20.50
C PHE A 122 -9.49 3.90 19.58
N LYS A 123 -8.28 4.44 19.36
CA LYS A 123 -7.30 3.74 18.55
C LYS A 123 -6.88 2.40 19.15
N ASN A 124 -6.92 2.29 20.48
CA ASN A 124 -6.38 1.14 21.19
C ASN A 124 -7.41 0.15 21.71
N GLY A 125 -8.70 0.40 21.51
CA GLY A 125 -9.71 -0.56 21.93
C GLY A 125 -10.02 -0.54 23.41
N VAL A 126 -10.97 -1.40 23.78
CA VAL A 126 -11.58 -1.43 25.09
C VAL A 126 -11.43 -2.81 25.72
N SER A 127 -11.63 -2.88 27.04
CA SER A 127 -11.63 -4.15 27.74
C SER A 127 -12.46 -4.06 29.01
N GLY A 128 -12.96 -5.20 29.46
CA GLY A 128 -13.66 -5.33 30.72
C GLY A 128 -14.87 -4.44 30.94
N PRO A 129 -15.86 -4.48 30.04
CA PRO A 129 -17.05 -3.65 30.24
C PRO A 129 -17.92 -4.16 31.39
N GLN A 130 -18.42 -3.24 32.20
CA GLN A 130 -19.32 -3.56 33.31
C GLN A 130 -20.36 -2.46 33.45
N TRP A 131 -21.64 -2.81 33.31
CA TRP A 131 -22.72 -1.87 33.58
C TRP A 131 -22.78 -1.53 35.06
N SER A 132 -23.18 -0.30 35.36
CA SER A 132 -23.57 0.00 36.73
C SER A 132 -24.96 -0.57 37.00
N PRO A 133 -25.23 -0.98 38.25
CA PRO A 133 -26.53 -1.61 38.54
C PRO A 133 -27.73 -0.75 38.20
N ASP A 134 -27.60 0.58 38.23
CA ASP A 134 -28.72 1.45 37.86
C ASP A 134 -28.84 1.66 36.35
N GLY A 135 -27.93 1.10 35.56
CA GLY A 135 -28.00 1.17 34.12
C GLY A 135 -27.55 2.47 33.50
N ARG A 136 -27.01 3.40 34.28
CA ARG A 136 -26.64 4.70 33.76
C ARG A 136 -25.22 4.78 33.25
N PHE A 137 -24.35 3.82 33.59
CA PHE A 137 -22.95 3.91 33.22
C PHE A 137 -22.44 2.54 32.76
N ILE A 138 -21.41 2.59 31.91
CA ILE A 138 -20.61 1.42 31.57
C ILE A 138 -19.16 1.76 31.87
N ALA A 139 -18.57 1.04 32.80
CA ALA A 139 -17.15 1.20 33.11
C ALA A 139 -16.32 0.28 32.24
N PHE A 140 -15.13 0.74 31.86
CA PHE A 140 -14.21 -0.05 31.07
C PHE A 140 -12.82 0.54 31.18
N THR A 141 -11.83 -0.25 30.79
CA THR A 141 -10.44 0.20 30.77
C THR A 141 -9.94 0.31 29.34
N THR A 142 -9.04 1.26 29.12
CA THR A 142 -8.49 1.53 27.80
C THR A 142 -7.26 2.41 27.97
N THR A 143 -6.33 2.29 27.02
CA THR A 143 -5.26 3.26 26.88
C THR A 143 -5.64 4.42 25.96
N ALA A 144 -6.90 4.45 25.50
CA ALA A 144 -7.51 5.59 24.80
C ALA A 144 -6.76 5.83 23.49
N ASP A 145 -6.21 7.03 23.26
CA ASP A 145 -5.54 7.36 22.00
C ASP A 145 -4.04 7.54 22.17
N THR A 146 -3.47 6.93 23.23
CA THR A 146 -2.03 6.99 23.42
C THR A 146 -1.31 6.32 22.27
N GLU A 147 -0.30 6.98 21.72
CA GLU A 147 0.49 6.43 20.64
C GLU A 147 1.83 5.93 21.17
N ASP A 148 2.26 4.77 20.67
CA ASP A 148 3.54 4.16 21.04
C ASP A 148 4.17 3.65 19.74
N LYS A 149 4.99 4.48 19.12
CA LYS A 149 5.59 4.15 17.83
C LYS A 149 7.02 3.65 17.97
N ARG A 150 7.43 3.18 19.15
CA ARG A 150 8.81 2.75 19.34
C ARG A 150 9.13 1.53 18.47
N ASP A 151 8.31 0.49 18.58
CA ASP A 151 8.54 -0.72 17.78
C ASP A 151 8.42 -0.41 16.29
N GLU A 152 7.41 0.38 15.91
CA GLU A 152 7.21 0.71 14.50
C GLU A 152 8.41 1.44 13.93
N ARG A 153 9.02 2.33 14.71
CA ARG A 153 10.17 3.12 14.32
C ARG A 153 11.50 2.41 14.55
N GLY A 154 11.51 1.33 15.32
CA GLY A 154 12.75 0.70 15.71
C GLY A 154 13.48 1.40 16.83
N GLU A 155 12.77 2.12 17.69
CA GLU A 155 13.38 2.78 18.83
C GLU A 155 13.64 1.81 19.97
N ALA A 156 14.59 2.16 20.83
CA ALA A 156 14.86 1.37 22.02
C ALA A 156 13.70 1.46 23.00
N ARG A 157 13.55 0.42 23.81
CA ARG A 157 12.66 0.42 24.97
C ARG A 157 13.52 0.56 26.22
N VAL A 158 13.28 1.61 26.99
CA VAL A 158 13.99 1.84 28.24
C VAL A 158 13.13 1.31 29.39
N LEU A 159 13.67 0.36 30.15
CA LEU A 159 12.94 -0.30 31.21
C LEU A 159 13.48 0.12 32.57
N THR A 160 12.58 0.54 33.45
CA THR A 160 12.93 0.85 34.84
C THR A 160 12.10 0.07 35.86
N ARG A 161 10.96 -0.51 35.47
CA ARG A 161 10.06 -1.24 36.35
C ARG A 161 10.48 -2.70 36.49
N PRO A 162 10.20 -3.29 37.65
CA PRO A 162 10.57 -4.70 37.86
C PRO A 162 9.80 -5.66 36.96
N VAL A 163 8.55 -5.37 36.63
CA VAL A 163 7.78 -6.17 35.69
C VAL A 163 7.46 -5.33 34.47
N TYR A 164 7.81 -5.84 33.30
CA TYR A 164 7.62 -5.13 32.04
C TYR A 164 7.00 -5.99 30.95
N ARG A 165 6.99 -7.30 31.09
CA ARG A 165 6.25 -8.18 30.19
C ARG A 165 5.24 -8.97 31.00
N ALA A 166 4.21 -9.45 30.31
CA ALA A 166 3.21 -10.33 30.89
C ALA A 166 2.78 -11.33 29.83
N ASN A 167 2.66 -12.60 30.23
CA ASN A 167 2.24 -13.63 29.31
C ASN A 167 0.86 -13.31 28.75
N GLY A 168 0.72 -13.35 27.44
CA GLY A 168 -0.53 -13.04 26.76
C GLY A 168 -0.67 -11.58 26.35
N ALA A 169 -0.21 -10.66 27.21
CA ALA A 169 -0.26 -9.23 26.92
C ALA A 169 1.04 -8.71 26.31
N ASP A 170 2.10 -9.52 26.32
CA ASP A 170 3.43 -9.15 25.83
C ASP A 170 3.92 -7.95 26.63
N TRP A 171 4.29 -6.84 26.00
CA TRP A 171 4.93 -5.72 26.68
C TRP A 171 3.90 -4.77 27.27
N LEU A 172 4.09 -4.42 28.54
CA LEU A 172 3.21 -3.50 29.26
C LEU A 172 3.49 -2.06 28.86
N PRO A 173 2.44 -1.23 28.73
CA PRO A 173 2.64 0.15 28.33
C PRO A 173 3.26 0.98 29.45
N GLU A 174 3.88 2.09 29.05
CA GLU A 174 4.41 3.04 30.03
C GLU A 174 3.31 3.57 30.94
N ARG A 175 2.19 3.99 30.36
CA ARG A 175 1.04 4.44 31.13
C ARG A 175 0.02 3.32 31.19
N PRO A 176 -0.35 2.84 32.38
CA PRO A 176 -1.33 1.76 32.45
C PRO A 176 -2.68 2.18 31.88
N ALA A 177 -3.44 1.19 31.44
CA ALA A 177 -4.78 1.46 30.95
C ALA A 177 -5.60 2.19 32.02
N ALA A 178 -6.31 3.22 31.61
CA ALA A 178 -7.12 4.01 32.52
C ALA A 178 -8.55 3.49 32.56
N LEU A 179 -9.20 3.69 33.69
CA LEU A 179 -10.62 3.39 33.80
C LEU A 179 -11.42 4.53 33.20
N TRP A 180 -12.35 4.20 32.32
CA TRP A 180 -13.16 5.20 31.63
C TRP A 180 -14.63 4.98 31.92
N LEU A 181 -15.44 5.95 31.51
CA LEU A 181 -16.86 6.00 31.81
C LEU A 181 -17.65 6.33 30.56
N TYR A 182 -18.63 5.49 30.23
CA TYR A 182 -19.64 5.84 29.24
C TYR A 182 -20.91 6.26 29.96
N ASP A 183 -21.33 7.51 29.75
CA ASP A 183 -22.55 8.03 30.35
C ASP A 183 -23.68 7.65 29.39
N VAL A 184 -24.45 6.63 29.76
CA VAL A 184 -25.43 6.05 28.84
C VAL A 184 -26.49 7.07 28.47
N GLU A 185 -27.05 7.76 29.46
CA GLU A 185 -28.13 8.70 29.18
C GLU A 185 -27.62 9.89 28.36
N ALA A 186 -26.42 10.35 28.64
CA ALA A 186 -25.84 11.50 27.96
C ALA A 186 -25.08 11.15 26.68
N ASP A 187 -24.84 9.87 26.41
CA ASP A 187 -24.04 9.44 25.26
C ASP A 187 -22.67 10.14 25.27
N LYS A 188 -22.00 10.08 26.42
CA LYS A 188 -20.74 10.79 26.60
C LYS A 188 -19.72 9.89 27.28
N LEU A 189 -18.46 10.09 26.90
CA LEU A 189 -17.31 9.39 27.46
C LEU A 189 -16.44 10.35 28.25
N ARG A 190 -15.94 9.89 29.39
CA ARG A 190 -15.02 10.68 30.18
C ARG A 190 -14.07 9.72 30.91
N GLU A 191 -12.81 10.13 31.04
CA GLU A 191 -11.85 9.34 31.79
C GLU A 191 -12.18 9.40 33.28
N TRP A 192 -12.11 8.25 33.93
CA TRP A 192 -12.45 8.12 35.35
C TRP A 192 -11.22 8.13 36.25
N TYR A 193 -10.24 7.28 35.97
CA TYR A 193 -9.09 7.18 36.88
C TYR A 193 -7.92 6.62 36.09
N ALA A 194 -6.82 7.37 36.07
CA ALA A 194 -5.61 6.93 35.39
C ALA A 194 -4.63 6.44 36.44
N PRO A 195 -4.51 5.14 36.68
CA PRO A 195 -3.64 4.66 37.76
C PRO A 195 -2.17 4.75 37.37
N GLU A 196 -1.32 4.78 38.39
CA GLU A 196 0.12 4.82 38.16
C GLU A 196 0.70 3.43 37.96
N ILE A 197 0.07 2.41 38.52
CA ILE A 197 0.52 1.02 38.40
C ILE A 197 -0.39 0.21 37.49
N GLY A 198 -1.68 0.21 37.78
CA GLY A 198 -2.63 -0.61 37.05
C GLY A 198 -3.75 -1.07 37.96
N ILE A 199 -4.88 -1.40 37.34
CA ILE A 199 -6.09 -1.79 38.06
C ILE A 199 -6.32 -3.28 37.86
N GLY A 200 -6.52 -4.00 38.96
CA GLY A 200 -6.86 -5.40 38.92
C GLY A 200 -8.36 -5.62 38.89
N ALA A 201 -8.88 -6.37 39.86
CA ALA A 201 -10.32 -6.63 39.93
C ALA A 201 -11.08 -5.34 40.18
N LEU A 202 -12.28 -5.26 39.62
CA LEU A 202 -13.13 -4.08 39.72
C LEU A 202 -14.58 -4.51 39.85
N SER A 203 -15.33 -3.87 40.76
CA SER A 203 -16.74 -4.17 40.93
C SER A 203 -17.50 -2.93 41.37
N TRP A 204 -18.72 -2.76 40.85
CA TRP A 204 -19.60 -1.67 41.24
C TRP A 204 -20.20 -1.91 42.62
N TRP A 205 -20.34 -0.84 43.40
CA TRP A 205 -21.21 -0.86 44.56
C TRP A 205 -22.65 -1.04 44.10
N PRO A 206 -23.50 -1.70 44.90
CA PRO A 206 -24.88 -1.95 44.45
C PRO A 206 -25.71 -0.69 44.24
N ASP A 207 -25.33 0.44 44.85
CA ASP A 207 -26.05 1.68 44.65
C ASP A 207 -25.44 2.55 43.54
N SER A 208 -24.51 1.99 42.77
CA SER A 208 -23.91 2.64 41.60
C SER A 208 -23.16 3.92 41.96
N ARG A 209 -22.76 4.09 43.22
CA ARG A 209 -22.01 5.28 43.62
C ARG A 209 -20.55 5.25 43.19
N GLY A 210 -20.04 4.10 42.78
CA GLY A 210 -18.64 3.98 42.42
C GLY A 210 -18.24 2.52 42.38
N VAL A 211 -16.93 2.31 42.28
CA VAL A 211 -16.39 0.96 42.15
C VAL A 211 -15.35 0.72 43.23
N LEU A 212 -15.17 -0.55 43.57
CA LEU A 212 -14.03 -1.01 44.36
C LEU A 212 -12.99 -1.54 43.39
N ILE A 213 -11.71 -1.25 43.65
CA ILE A 213 -10.64 -1.67 42.75
C ILE A 213 -9.49 -2.23 43.56
N VAL A 214 -8.76 -3.15 42.94
CA VAL A 214 -7.56 -3.76 43.50
C VAL A 214 -6.34 -3.17 42.80
N GLN A 215 -5.39 -2.66 43.58
CA GLN A 215 -4.13 -2.19 43.02
C GLN A 215 -3.03 -2.29 44.07
N SER A 216 -1.80 -2.22 43.60
CA SER A 216 -0.60 -2.28 44.43
C SER A 216 -0.06 -0.89 44.72
N GLU A 217 0.73 -0.79 45.79
CA GLU A 217 1.28 0.50 46.20
C GLU A 217 2.32 1.01 45.21
N ASP A 218 3.16 0.12 44.70
CA ASP A 218 4.18 0.48 43.72
C ASP A 218 4.49 -0.74 42.86
N GLU A 219 5.41 -0.56 41.93
CA GLU A 219 5.74 -1.65 41.00
C GLU A 219 6.44 -2.80 41.72
N TRP A 220 7.24 -2.50 42.74
CA TRP A 220 7.90 -3.57 43.48
C TRP A 220 6.90 -4.43 44.24
N GLN A 221 5.99 -3.80 44.98
CA GLN A 221 4.98 -4.55 45.72
C GLN A 221 4.12 -5.38 44.78
N ALA A 222 3.81 -4.83 43.59
CA ALA A 222 3.04 -5.60 42.62
C ALA A 222 3.80 -6.85 42.18
N SER A 223 5.12 -6.73 42.00
CA SER A 223 5.93 -7.88 41.63
C SER A 223 5.93 -8.94 42.71
N GLN A 224 5.69 -8.56 43.96
CA GLN A 224 5.64 -9.50 45.08
C GLN A 224 4.22 -9.98 45.37
N TRP A 225 3.26 -9.66 44.50
CA TRP A 225 1.88 -10.14 44.62
C TRP A 225 1.20 -9.61 45.88
N ARG A 226 1.44 -8.34 46.20
CA ARG A 226 0.85 -7.67 47.36
C ARG A 226 -0.05 -6.55 46.87
N GLN A 227 -1.35 -6.64 47.16
CA GLN A 227 -2.33 -5.68 46.68
C GLN A 227 -3.26 -5.26 47.82
N ASP A 228 -3.94 -4.13 47.60
CA ASP A 228 -4.93 -3.59 48.52
C ASP A 228 -6.21 -3.26 47.76
N VAL A 229 -7.27 -2.96 48.51
CA VAL A 229 -8.57 -2.62 47.93
C VAL A 229 -8.85 -1.14 48.21
N TYR A 230 -9.34 -0.44 47.18
CA TYR A 230 -9.57 0.99 47.23
C TYR A 230 -11.01 1.30 46.86
N ASP A 231 -11.49 2.45 47.34
CA ASP A 231 -12.83 2.94 47.03
C ASP A 231 -12.70 4.06 46.01
N LEU A 232 -13.40 3.94 44.88
CA LEU A 232 -13.31 4.92 43.80
C LEU A 232 -14.70 5.44 43.46
N PRO A 233 -15.08 6.62 43.96
CA PRO A 233 -16.39 7.18 43.62
C PRO A 233 -16.43 7.64 42.16
N LEU A 234 -17.66 7.89 41.71
CA LEU A 234 -17.84 8.45 40.38
C LEU A 234 -17.05 9.75 40.25
N PRO A 235 -16.54 10.06 39.06
CA PRO A 235 -15.67 11.23 38.92
C PRO A 235 -16.43 12.54 38.97
N THR A 236 -15.81 13.54 39.59
CA THR A 236 -16.30 14.91 39.60
C THR A 236 -15.23 15.86 39.08
N ALA A 237 -14.24 16.15 39.93
CA ALA A 237 -13.17 17.06 39.56
C ALA A 237 -12.39 16.53 38.35
N ASP A 238 -12.18 17.39 37.36
CA ASP A 238 -11.40 17.03 36.18
C ASP A 238 -9.93 16.99 36.56
N ALA A 239 -9.58 16.03 37.43
CA ALA A 239 -8.28 15.71 38.01
C ALA A 239 -8.56 14.88 39.26
N PRO A 240 -8.44 13.55 39.17
CA PRO A 240 -9.07 12.71 40.20
C PRO A 240 -8.35 12.80 41.53
N ALA A 241 -9.14 12.76 42.61
CA ALA A 241 -8.57 12.68 43.95
C ALA A 241 -8.02 11.28 44.18
N ALA A 242 -7.03 11.19 45.06
CA ALA A 242 -6.44 9.90 45.37
C ALA A 242 -7.52 8.99 45.99
N PRO A 243 -7.71 7.79 45.47
CA PRO A 243 -8.73 6.90 46.03
C PRO A 243 -8.35 6.51 47.44
N GLN A 244 -9.34 6.44 48.31
CA GLN A 244 -9.09 6.10 49.70
C GLN A 244 -9.05 4.59 49.88
N LYS A 245 -8.05 4.14 50.63
CA LYS A 245 -7.88 2.72 50.91
C LYS A 245 -9.05 2.19 51.71
N LEU A 246 -9.47 0.98 51.36
CA LEU A 246 -10.63 0.33 51.95
C LEU A 246 -10.25 -0.85 52.80
N LEU A 247 -9.16 -1.53 52.46
CA LEU A 247 -8.66 -2.67 53.21
C LEU A 247 -7.15 -2.73 53.07
N ASP A 248 -6.45 -2.81 54.19
CA ASP A 248 -5.00 -3.02 54.19
C ASP A 248 -4.75 -4.53 54.09
N TRP A 249 -4.72 -5.03 52.85
CA TRP A 249 -4.60 -6.45 52.59
C TRP A 249 -3.15 -6.90 52.42
N ASN A 250 -2.36 -6.17 51.64
CA ASN A 250 -0.93 -6.46 51.46
C ASN A 250 -0.72 -7.89 50.96
N SER A 251 -1.58 -8.34 50.07
CA SER A 251 -1.58 -9.72 49.63
C SER A 251 -2.37 -9.84 48.34
N ALA A 252 -2.65 -11.07 47.93
CA ALA A 252 -3.37 -11.31 46.68
C ALA A 252 -4.87 -11.21 46.88
N ALA A 253 -5.52 -10.46 45.99
CA ALA A 253 -6.97 -10.26 45.99
C ALA A 253 -7.40 -10.32 44.53
N HIS A 254 -8.34 -11.20 44.21
CA HIS A 254 -8.67 -11.50 42.82
C HIS A 254 -10.09 -11.17 42.38
N GLY A 255 -11.09 -11.36 43.21
CA GLY A 255 -12.46 -11.10 42.79
C GLY A 255 -13.30 -10.46 43.87
N LEU A 256 -13.82 -9.26 43.62
CA LEU A 256 -14.58 -8.52 44.61
C LEU A 256 -16.07 -8.69 44.37
N ALA A 257 -16.81 -8.96 45.44
CA ALA A 257 -18.25 -9.21 45.38
C ALA A 257 -18.92 -8.35 46.45
N PRO A 258 -19.36 -7.14 46.10
CA PRO A 258 -19.97 -6.25 47.09
C PRO A 258 -21.27 -6.84 47.65
N HIS A 259 -21.45 -6.68 48.96
CA HIS A 259 -22.65 -7.14 49.62
C HIS A 259 -23.83 -6.24 49.25
N PRO A 260 -25.05 -6.79 49.17
CA PRO A 260 -26.22 -5.95 48.84
C PRO A 260 -26.46 -4.80 49.80
N ASP A 261 -25.88 -4.80 51.01
CA ASP A 261 -26.09 -3.67 51.92
C ASP A 261 -25.27 -2.45 51.51
N GLY A 262 -24.41 -2.56 50.50
CA GLY A 262 -23.64 -1.42 50.04
C GLY A 262 -22.49 -1.02 50.93
N GLN A 263 -22.16 -1.82 51.94
CA GLN A 263 -21.06 -1.49 52.85
C GLN A 263 -20.05 -2.61 52.99
N ARG A 264 -20.49 -3.85 53.18
CA ARG A 264 -19.53 -4.95 53.22
C ARG A 264 -19.28 -5.48 51.80
N PHE A 265 -18.23 -6.28 51.68
CA PHE A 265 -17.90 -6.94 50.42
C PHE A 265 -16.99 -8.13 50.71
N ALA A 266 -17.05 -9.11 49.84
CA ALA A 266 -16.19 -10.29 49.91
C ALA A 266 -15.08 -10.22 48.87
N LEU A 267 -13.93 -10.80 49.22
CA LEU A 267 -12.81 -10.90 48.29
C LEU A 267 -12.31 -12.33 48.22
N ILE A 268 -11.81 -12.71 47.05
CA ILE A 268 -11.14 -13.98 46.82
C ILE A 268 -9.64 -13.72 46.91
N GLY A 269 -8.94 -14.53 47.71
CA GLY A 269 -7.50 -14.34 47.82
C GLY A 269 -6.92 -15.08 49.01
N ARG A 270 -5.83 -14.52 49.55
CA ARG A 270 -5.14 -15.11 50.69
C ARG A 270 -4.54 -14.01 51.53
N PRO A 271 -4.49 -14.18 52.86
CA PRO A 271 -3.93 -13.16 53.75
C PRO A 271 -2.40 -13.18 53.79
N ALA A 272 -1.84 -12.23 54.52
CA ALA A 272 -0.40 -12.11 54.67
C ALA A 272 0.17 -13.30 55.44
N GLY A 273 1.43 -13.63 55.14
CA GLY A 273 2.11 -14.76 55.73
C GLY A 273 1.94 -16.02 54.91
N LYS A 274 0.80 -16.15 54.23
CA LYS A 274 0.53 -17.29 53.37
C LYS A 274 0.93 -16.95 51.96
N GLY A 275 1.86 -17.71 51.41
CA GLY A 275 2.37 -17.49 50.08
C GLY A 275 1.44 -18.06 49.02
N ASN A 276 1.95 -18.05 47.78
CA ASN A 276 1.21 -18.55 46.63
C ASN A 276 0.68 -19.97 46.83
N THR A 277 1.27 -20.75 47.72
CA THR A 277 0.88 -22.14 47.90
C THR A 277 -0.42 -22.31 48.68
N GLU A 278 -0.92 -21.24 49.31
CA GLU A 278 -2.13 -21.33 50.11
C GLU A 278 -3.36 -21.34 49.23
N HIS A 279 -4.35 -22.15 49.61
CA HIS A 279 -5.64 -22.16 48.92
C HIS A 279 -6.23 -20.76 48.90
N ALA A 280 -6.69 -20.34 47.72
CA ALA A 280 -7.52 -19.15 47.66
C ALA A 280 -8.84 -19.40 48.40
N HIS A 281 -9.24 -18.45 49.24
CA HIS A 281 -10.45 -18.57 50.02
C HIS A 281 -11.24 -17.27 49.96
N LEU A 282 -12.39 -17.26 50.63
CA LEU A 282 -13.29 -16.11 50.68
C LEU A 282 -13.16 -15.41 52.02
N TYR A 283 -13.15 -14.08 51.97
CA TYR A 283 -13.01 -13.26 53.16
C TYR A 283 -14.04 -12.14 53.15
N LEU A 284 -14.73 -11.98 54.28
CA LEU A 284 -15.76 -10.94 54.43
C LEU A 284 -15.11 -9.69 55.02
N ILE A 285 -15.27 -8.56 54.33
CA ILE A 285 -14.63 -7.31 54.72
C ILE A 285 -15.69 -6.38 55.31
N GLU A 286 -15.39 -5.82 56.48
CA GLU A 286 -16.31 -4.86 57.10
C GLU A 286 -15.48 -3.81 57.83
N ASN A 287 -15.53 -2.58 57.32
CA ASN A 287 -14.83 -1.44 57.90
C ASN A 287 -13.34 -1.76 58.12
N GLY A 288 -12.66 -2.14 57.02
CA GLY A 288 -11.25 -2.43 57.05
C GLY A 288 -10.84 -3.69 57.76
N GLN A 289 -11.75 -4.39 58.42
CA GLN A 289 -11.44 -5.65 59.07
C GLN A 289 -11.89 -6.81 58.19
N HIS A 290 -11.21 -7.95 58.36
CA HIS A 290 -11.45 -9.13 57.53
C HIS A 290 -11.59 -10.38 58.39
N ARG A 291 -12.47 -11.28 57.96
CA ARG A 291 -12.65 -12.59 58.57
C ARG A 291 -12.93 -13.62 57.49
N ARG A 292 -12.43 -14.84 57.69
CA ARG A 292 -12.67 -15.92 56.75
C ARG A 292 -14.15 -16.25 56.65
N LEU A 293 -14.63 -16.44 55.42
CA LEU A 293 -16.04 -16.66 55.14
C LEU A 293 -16.38 -18.09 54.74
N ASP A 294 -15.53 -18.77 53.97
CA ASP A 294 -15.78 -20.16 53.58
C ASP A 294 -15.13 -21.13 54.56
N THR A 295 -15.52 -21.00 55.83
CA THR A 295 -14.94 -21.80 56.89
C THR A 295 -15.30 -23.27 56.74
N GLY A 296 -14.40 -24.14 57.19
CA GLY A 296 -14.60 -25.58 57.14
C GLY A 296 -14.54 -26.19 55.76
N HIS A 297 -14.07 -25.46 54.76
CA HIS A 297 -14.00 -25.95 53.38
C HIS A 297 -12.52 -25.95 52.99
N ASP A 298 -11.90 -27.12 53.07
CA ASP A 298 -10.45 -27.24 52.86
C ASP A 298 -10.14 -27.47 51.38
N HIS A 299 -10.61 -26.53 50.56
CA HIS A 299 -10.51 -26.64 49.11
C HIS A 299 -10.50 -25.23 48.53
N PRO A 300 -9.81 -25.02 47.41
CA PRO A 300 -9.65 -23.66 46.89
C PRO A 300 -10.86 -23.16 46.11
N VAL A 301 -10.99 -21.83 46.07
CA VAL A 301 -12.01 -21.17 45.27
C VAL A 301 -11.59 -21.16 43.81
N GLY A 302 -12.53 -21.49 42.93
CA GLY A 302 -12.32 -21.37 41.51
C GLY A 302 -11.97 -22.69 40.85
N ASP A 303 -11.97 -22.65 39.51
CA ASP A 303 -11.67 -23.82 38.69
C ASP A 303 -10.16 -23.94 38.54
N ALA A 304 -9.59 -25.05 38.99
CA ALA A 304 -8.18 -25.36 38.80
C ALA A 304 -7.99 -26.77 38.26
N VAL A 305 -8.91 -27.22 37.42
CA VAL A 305 -8.88 -28.55 36.82
C VAL A 305 -8.48 -28.40 35.35
N GLY A 306 -7.67 -29.35 34.87
CA GLY A 306 -7.14 -29.23 33.52
C GLY A 306 -8.17 -29.53 32.45
N GLY A 307 -8.00 -28.87 31.31
CA GLY A 307 -8.85 -29.08 30.15
C GLY A 307 -8.34 -28.22 29.01
N ASP A 308 -8.71 -28.62 27.79
CA ASP A 308 -8.19 -27.93 26.62
C ASP A 308 -9.29 -27.46 25.66
N CYS A 309 -10.52 -27.35 26.12
CA CYS A 309 -11.62 -26.86 25.28
C CYS A 309 -12.23 -25.60 25.89
N HIS A 310 -11.37 -24.71 26.39
CA HIS A 310 -11.78 -23.43 26.96
C HIS A 310 -11.13 -22.32 26.15
N VAL A 311 -11.92 -21.69 25.27
CA VAL A 311 -11.47 -20.54 24.49
C VAL A 311 -12.36 -19.36 24.88
N GLY A 312 -11.75 -18.30 25.39
CA GLY A 312 -12.45 -17.10 25.77
C GLY A 312 -12.47 -16.88 27.26
N ALA A 313 -13.41 -16.04 27.71
CA ALA A 313 -13.51 -15.64 29.10
C ALA A 313 -14.40 -16.60 29.87
N PHE A 314 -13.98 -16.93 31.10
CA PHE A 314 -14.70 -17.86 31.95
C PHE A 314 -14.93 -17.21 33.30
N PRO A 315 -16.00 -16.43 33.43
CA PRO A 315 -16.25 -15.71 34.68
C PRO A 315 -16.56 -16.64 35.83
N GLU A 316 -16.00 -16.32 37.01
CA GLU A 316 -16.23 -17.09 38.23
C GLU A 316 -16.55 -16.20 39.44
N GLY A 317 -16.88 -14.93 39.20
CA GLY A 317 -17.15 -14.01 40.29
C GLY A 317 -18.25 -14.49 41.21
N PRO A 318 -17.98 -14.51 42.52
CA PRO A 318 -19.01 -14.91 43.49
C PRO A 318 -20.15 -13.93 43.50
N ARG A 319 -21.35 -14.45 43.80
CA ARG A 319 -22.56 -13.63 43.75
C ARG A 319 -23.42 -13.88 44.98
N TRP A 320 -23.91 -12.79 45.58
CA TRP A 320 -24.78 -12.87 46.74
C TRP A 320 -26.19 -13.23 46.29
N LEU A 321 -26.68 -14.40 46.70
CA LEU A 321 -28.05 -14.79 46.40
C LEU A 321 -29.06 -14.17 47.35
N ASP A 322 -28.63 -13.80 48.56
CA ASP A 322 -29.42 -12.98 49.48
C ASP A 322 -28.44 -12.38 50.49
N GLY A 323 -28.99 -11.78 51.55
CA GLY A 323 -28.16 -11.12 52.55
C GLY A 323 -27.23 -12.04 53.30
N ASP A 324 -27.44 -13.36 53.24
CA ASP A 324 -26.63 -14.31 53.97
C ASP A 324 -25.84 -15.27 53.10
N THR A 325 -26.11 -15.34 51.79
CA THR A 325 -25.66 -16.44 50.96
C THR A 325 -24.80 -15.94 49.82
N LEU A 326 -23.60 -16.49 49.70
CA LEU A 326 -22.65 -16.14 48.65
C LEU A 326 -22.31 -17.38 47.84
N LEU A 327 -22.69 -17.38 46.57
CA LEU A 327 -22.44 -18.51 45.69
C LEU A 327 -21.04 -18.43 45.10
N PHE A 328 -20.34 -19.57 45.09
CA PHE A 328 -18.99 -19.61 44.53
C PHE A 328 -18.70 -21.01 44.01
N SER A 329 -17.64 -21.11 43.21
CA SER A 329 -17.17 -22.37 42.69
C SER A 329 -15.89 -22.79 43.42
N SER A 330 -15.61 -24.09 43.40
CA SER A 330 -14.50 -24.62 44.17
C SER A 330 -14.03 -25.94 43.56
N THR A 331 -12.72 -26.17 43.61
CA THR A 331 -12.11 -27.35 43.05
C THR A 331 -11.96 -28.41 44.13
N VAL A 332 -12.54 -29.59 43.90
CA VAL A 332 -12.52 -30.70 44.87
C VAL A 332 -12.21 -31.98 44.13
N ARG A 333 -11.02 -32.54 44.36
CA ARG A 333 -10.63 -33.87 43.90
C ARG A 333 -10.92 -34.07 42.41
N GLY A 334 -10.36 -33.18 41.60
CA GLY A 334 -10.49 -33.26 40.16
C GLY A 334 -11.78 -32.74 39.59
N SER A 335 -12.64 -32.16 40.43
CA SER A 335 -13.93 -31.64 39.99
C SER A 335 -14.06 -30.18 40.43
N VAL A 336 -15.01 -29.48 39.83
CA VAL A 336 -15.35 -28.11 40.21
C VAL A 336 -16.86 -28.03 40.36
N GLY A 337 -17.31 -27.63 41.56
CA GLY A 337 -18.72 -27.54 41.84
C GLY A 337 -19.07 -26.18 42.43
N LEU A 338 -20.37 -25.91 42.48
CA LEU A 338 -20.87 -24.68 43.07
C LEU A 338 -21.23 -24.89 44.53
N PHE A 339 -20.87 -23.92 45.36
CA PHE A 339 -21.12 -23.97 46.80
C PHE A 339 -21.64 -22.60 47.23
N THR A 340 -22.29 -22.58 48.40
CA THR A 340 -22.72 -21.34 49.02
C THR A 340 -21.99 -21.16 50.34
N ALA A 341 -21.45 -19.97 50.55
CA ALA A 341 -20.88 -19.57 51.83
C ALA A 341 -21.89 -18.67 52.55
N HIS A 342 -21.94 -18.81 53.87
CA HIS A 342 -22.96 -18.15 54.68
C HIS A 342 -22.32 -17.30 55.76
N ILE A 343 -22.79 -16.06 55.88
CA ILE A 343 -22.30 -15.17 56.94
C ILE A 343 -22.51 -15.80 58.31
N GLY A 344 -23.66 -16.44 58.51
CA GLY A 344 -24.00 -17.03 59.79
C GLY A 344 -23.72 -18.51 59.93
N GLY A 345 -23.08 -19.14 58.97
CA GLY A 345 -22.85 -20.56 59.05
C GLY A 345 -21.69 -21.03 58.20
N GLY A 346 -21.68 -22.32 57.90
CA GLY A 346 -20.63 -22.94 57.13
C GLY A 346 -20.97 -23.06 55.66
N VAL A 347 -20.16 -23.85 54.96
CA VAL A 347 -20.24 -23.98 53.51
C VAL A 347 -21.12 -25.16 53.15
N LYS A 348 -22.06 -24.94 52.22
CA LYS A 348 -22.97 -25.99 51.75
C LYS A 348 -22.86 -26.15 50.24
N ALA A 349 -22.94 -27.40 49.79
CA ALA A 349 -22.98 -27.69 48.36
C ALA A 349 -24.22 -27.07 47.72
N TYR A 350 -24.06 -26.55 46.51
CA TYR A 350 -25.15 -25.98 45.74
C TYR A 350 -25.44 -26.76 44.47
N ASP A 351 -24.40 -27.11 43.72
CA ASP A 351 -24.53 -27.87 42.47
C ASP A 351 -23.14 -28.46 42.23
N HIS A 352 -22.88 -29.60 42.84
CA HIS A 352 -21.55 -30.22 42.80
C HIS A 352 -21.68 -31.67 42.39
N ASP A 353 -21.22 -31.98 41.18
CA ASP A 353 -21.07 -33.36 40.73
C ASP A 353 -19.60 -33.74 40.88
N PRO A 354 -19.27 -34.72 41.74
CA PRO A 354 -17.86 -35.09 41.91
C PRO A 354 -17.20 -35.62 40.65
N GLN A 355 -17.96 -35.85 39.58
CA GLN A 355 -17.44 -36.31 38.30
C GLN A 355 -17.56 -35.27 37.19
N GLY A 356 -17.78 -34.00 37.54
CA GLY A 356 -17.96 -32.96 36.54
C GLY A 356 -17.25 -31.69 36.92
N VAL A 357 -17.23 -30.76 35.97
CA VAL A 357 -16.52 -29.49 36.12
C VAL A 357 -17.43 -28.36 35.64
N ILE A 358 -17.77 -27.46 36.54
CA ILE A 358 -18.40 -26.19 36.19
C ILE A 358 -17.30 -25.16 36.04
N SER A 359 -17.01 -24.76 34.81
CA SER A 359 -15.86 -23.90 34.53
C SER A 359 -16.20 -22.41 34.56
N ALA A 360 -17.47 -22.05 34.48
CA ALA A 360 -17.87 -20.65 34.51
C ALA A 360 -19.34 -20.57 34.89
N PHE A 361 -19.72 -19.45 35.49
CA PHE A 361 -21.09 -19.24 35.93
C PHE A 361 -21.34 -17.76 36.17
N THR A 362 -22.60 -17.35 35.99
CA THR A 362 -23.09 -16.06 36.48
C THR A 362 -24.41 -16.31 37.19
N ALA A 363 -24.78 -15.40 38.08
CA ALA A 363 -25.95 -15.62 38.91
C ALA A 363 -26.47 -14.30 39.45
N ASN A 364 -27.74 -14.33 39.84
CA ASN A 364 -28.38 -13.27 40.62
C ASN A 364 -29.46 -13.92 41.47
N GLU A 365 -30.37 -13.12 42.01
CA GLU A 365 -31.40 -13.66 42.88
C GLU A 365 -32.51 -14.38 42.11
N HIS A 366 -32.46 -14.40 40.77
CA HIS A 366 -33.53 -15.01 39.99
C HIS A 366 -33.12 -16.20 39.13
N GLY A 367 -31.83 -16.41 38.88
CA GLY A 367 -31.43 -17.50 38.00
C GLY A 367 -29.92 -17.61 37.91
N VAL A 368 -29.51 -18.70 37.24
CA VAL A 368 -28.10 -19.05 37.08
C VAL A 368 -27.87 -19.57 35.67
N ALA A 369 -26.74 -19.18 35.07
CA ALA A 369 -26.26 -19.75 33.82
C ALA A 369 -24.81 -20.18 33.98
N LEU A 370 -24.43 -21.26 33.32
CA LEU A 370 -23.08 -21.79 33.51
C LEU A 370 -22.69 -22.66 32.32
N ILE A 371 -21.42 -23.07 32.32
CA ILE A 371 -20.88 -24.04 31.38
C ILE A 371 -20.44 -25.26 32.17
N ARG A 372 -20.83 -26.45 31.71
CA ARG A 372 -20.57 -27.70 32.42
C ARG A 372 -19.92 -28.69 31.47
N GLU A 373 -19.09 -29.57 32.04
CA GLU A 373 -18.38 -30.58 31.25
C GLU A 373 -17.98 -31.72 32.16
N SER A 374 -17.46 -32.79 31.53
CA SER A 374 -16.94 -33.94 32.25
C SER A 374 -15.79 -34.53 31.45
N ALA A 375 -15.23 -35.64 31.94
CA ALA A 375 -14.15 -36.30 31.23
C ALA A 375 -14.61 -36.87 29.89
N THR A 376 -15.91 -37.09 29.72
CA THR A 376 -16.45 -37.68 28.50
C THR A 376 -17.41 -36.77 27.75
N ARG A 377 -17.69 -35.58 28.26
CA ARG A 377 -18.70 -34.70 27.66
C ARG A 377 -18.13 -33.31 27.44
N PHE A 378 -18.22 -32.85 26.19
CA PHE A 378 -17.73 -31.54 25.78
C PHE A 378 -18.51 -30.42 26.48
N PRO A 379 -17.87 -29.28 26.74
CA PRO A 379 -18.55 -28.16 27.42
C PRO A 379 -19.86 -27.77 26.75
N GLU A 380 -20.89 -27.56 27.58
CA GLU A 380 -22.20 -27.10 27.13
C GLU A 380 -22.66 -25.94 28.00
N VAL A 381 -23.45 -25.04 27.41
CA VAL A 381 -24.07 -23.94 28.14
C VAL A 381 -25.44 -24.37 28.62
N GLU A 382 -25.75 -24.09 29.88
CA GLU A 382 -27.07 -24.38 30.44
C GLU A 382 -27.65 -23.14 31.12
N LEU A 383 -28.98 -23.09 31.20
CA LEU A 383 -29.69 -22.02 31.86
C LEU A 383 -30.70 -22.63 32.84
N ASN A 384 -30.50 -22.36 34.12
CA ASN A 384 -31.38 -22.87 35.19
C ASN A 384 -31.61 -24.37 35.05
N GLY A 385 -30.51 -25.09 34.82
CA GLY A 385 -30.55 -26.54 34.74
C GLY A 385 -30.89 -27.10 33.38
N GLN A 386 -31.20 -26.27 32.39
CA GLN A 386 -31.55 -26.71 31.05
C GLN A 386 -30.40 -26.41 30.10
N ARG A 387 -29.89 -27.44 29.44
CA ARG A 387 -28.84 -27.28 28.44
C ARG A 387 -29.41 -26.63 27.19
N VAL A 388 -28.73 -25.60 26.69
CA VAL A 388 -29.21 -24.82 25.53
C VAL A 388 -28.32 -24.97 24.32
N THR A 389 -27.22 -25.71 24.43
CA THR A 389 -26.33 -25.95 23.29
C THR A 389 -26.28 -27.45 23.00
N ASP A 390 -25.76 -27.78 21.82
CA ASP A 390 -25.62 -29.16 21.37
C ASP A 390 -24.22 -29.36 20.81
N LEU A 391 -23.22 -28.90 21.56
CA LEU A 391 -21.86 -28.85 21.04
C LEU A 391 -21.17 -30.21 21.08
N HIS A 392 -21.53 -31.05 22.05
CA HIS A 392 -20.94 -32.40 22.10
C HIS A 392 -21.29 -33.21 20.86
N ALA A 393 -22.44 -32.94 20.23
CA ALA A 393 -22.82 -33.65 19.02
C ALA A 393 -21.83 -33.41 17.88
N ARG A 394 -21.08 -32.32 17.93
CA ARG A 394 -20.11 -32.02 16.88
C ARG A 394 -18.77 -32.71 17.09
N PHE A 395 -18.54 -33.32 18.25
CA PHE A 395 -17.28 -34.03 18.47
C PHE A 395 -17.16 -35.17 17.46
N PRO A 396 -16.12 -35.20 16.63
CA PRO A 396 -16.15 -36.01 15.40
C PRO A 396 -15.80 -37.47 15.55
N PHE A 397 -15.49 -37.98 16.73
CA PHE A 397 -15.22 -39.40 16.89
C PHE A 397 -15.69 -39.84 18.26
N PRO A 398 -15.89 -41.14 18.47
CA PRO A 398 -16.46 -41.62 19.74
C PRO A 398 -15.55 -41.32 20.93
N VAL A 399 -16.18 -40.89 22.02
CA VAL A 399 -15.49 -40.59 23.27
C VAL A 399 -15.43 -41.87 24.10
N ARG A 400 -14.43 -41.95 24.98
CA ARG A 400 -14.22 -43.13 25.80
C ARG A 400 -14.14 -42.74 27.28
N GLU A 401 -14.41 -43.73 28.15
CA GLU A 401 -14.51 -43.53 29.60
C GLU A 401 -13.25 -43.99 30.31
N PRO A 402 -12.64 -43.15 31.14
CA PRO A 402 -11.44 -43.56 31.87
C PRO A 402 -11.75 -44.49 33.04
N GLN A 403 -10.71 -45.17 33.50
CA GLN A 403 -10.78 -46.08 34.64
C GLN A 403 -9.84 -45.57 35.74
N ARG A 404 -10.28 -45.66 37.00
CA ARG A 404 -9.54 -45.07 38.11
C ARG A 404 -8.51 -46.07 38.64
N VAL A 405 -7.33 -45.55 38.99
CA VAL A 405 -6.26 -46.32 39.59
C VAL A 405 -5.66 -45.52 40.74
N THR A 406 -5.50 -46.15 41.90
CA THR A 406 -5.02 -45.47 43.10
C THR A 406 -3.57 -45.85 43.40
N PHE A 407 -2.97 -45.08 44.30
CA PHE A 407 -1.63 -45.35 44.81
C PHE A 407 -1.59 -44.91 46.27
N GLU A 408 -0.59 -45.40 46.99
CA GLU A 408 -0.50 -45.21 48.43
C GLU A 408 0.57 -44.17 48.77
N THR A 409 0.24 -43.31 49.74
CA THR A 409 1.15 -42.28 50.22
C THR A 409 1.08 -42.25 51.74
N GLU A 410 2.13 -41.72 52.38
CA GLU A 410 2.12 -41.59 53.84
C GLU A 410 1.03 -40.64 54.31
N LEU A 411 0.53 -39.77 53.45
CA LEU A 411 -0.56 -38.85 53.77
C LEU A 411 -1.93 -39.44 53.45
N GLY A 412 -1.99 -40.63 52.89
CA GLY A 412 -3.23 -41.24 52.47
C GLY A 412 -3.22 -41.56 50.99
N GLU A 413 -4.38 -41.96 50.49
CA GLU A 413 -4.48 -42.49 49.14
C GLU A 413 -4.56 -41.37 48.11
N GLY A 414 -3.75 -41.49 47.05
CA GLY A 414 -3.87 -40.65 45.88
C GLY A 414 -4.53 -41.41 44.74
N GLU A 415 -4.89 -40.67 43.69
CA GLU A 415 -5.64 -41.26 42.60
C GLU A 415 -5.17 -40.73 41.25
N GLY A 416 -5.43 -41.53 40.22
CA GLY A 416 -5.21 -41.16 38.84
C GLY A 416 -6.16 -41.91 37.93
N TRP A 417 -5.95 -41.85 36.61
CA TRP A 417 -6.87 -42.46 35.66
C TRP A 417 -6.11 -43.02 34.47
N VAL A 418 -6.73 -44.00 33.81
CA VAL A 418 -6.21 -44.57 32.56
C VAL A 418 -7.32 -44.53 31.52
N LEU A 419 -7.02 -43.97 30.36
CA LEU A 419 -7.94 -43.97 29.22
C LEU A 419 -7.36 -44.89 28.15
N LEU A 420 -8.09 -45.97 27.84
CA LEU A 420 -7.63 -47.01 26.93
C LEU A 420 -8.29 -46.87 25.57
N PRO A 421 -7.61 -47.27 24.50
CA PRO A 421 -8.27 -47.37 23.19
C PRO A 421 -9.27 -48.52 23.17
N GLU A 422 -10.11 -48.51 22.15
CA GLU A 422 -10.98 -49.66 21.92
C GLU A 422 -10.15 -50.89 21.56
N GLY A 423 -10.76 -52.05 21.74
CA GLY A 423 -10.12 -53.31 21.39
C GLY A 423 -9.49 -53.98 22.58
N GLU A 424 -8.62 -54.96 22.30
CA GLU A 424 -8.00 -55.74 23.35
C GLU A 424 -6.48 -55.91 23.20
N GLN A 425 -5.88 -55.31 22.18
CA GLN A 425 -4.45 -55.48 21.95
C GLN A 425 -3.64 -54.66 22.96
N LYS A 426 -2.36 -54.98 23.07
CA LYS A 426 -1.46 -54.19 23.89
C LYS A 426 -1.28 -52.80 23.29
N VAL A 427 -1.13 -51.81 24.17
CA VAL A 427 -1.00 -50.42 23.72
C VAL A 427 0.06 -49.73 24.56
N PRO A 428 0.76 -48.77 23.96
CA PRO A 428 1.75 -48.00 24.71
C PRO A 428 1.11 -47.21 25.85
N ALA A 429 1.87 -47.01 26.91
CA ALA A 429 1.41 -46.29 28.10
C ALA A 429 2.09 -44.94 28.15
N LEU A 430 1.29 -43.87 28.16
CA LEU A 430 1.78 -42.49 28.17
C LEU A 430 1.51 -41.88 29.54
N LEU A 431 2.57 -41.60 30.28
CA LEU A 431 2.45 -40.90 31.56
C LEU A 431 2.40 -39.40 31.31
N ASN A 432 1.25 -38.79 31.56
CA ASN A 432 1.05 -37.35 31.38
C ASN A 432 1.02 -36.68 32.75
N ILE A 433 1.76 -35.58 32.88
CA ILE A 433 1.93 -34.88 34.15
C ILE A 433 1.32 -33.49 34.00
N HIS A 434 0.36 -33.16 34.86
CA HIS A 434 -0.26 -31.84 34.79
C HIS A 434 0.66 -30.81 35.42
N GLY A 435 0.53 -29.57 34.94
CA GLY A 435 1.35 -28.48 35.43
C GLY A 435 0.78 -27.87 36.68
N GLY A 436 1.26 -26.68 37.00
CA GLY A 436 0.85 -25.97 38.19
C GLY A 436 2.02 -25.58 39.06
N PRO A 437 2.42 -26.47 39.99
CA PRO A 437 1.91 -27.84 40.17
C PRO A 437 0.58 -27.93 40.90
N HIS A 438 0.08 -26.82 41.42
CA HIS A 438 -1.12 -26.83 42.25
C HIS A 438 -2.39 -26.72 41.41
N THR A 439 -2.58 -27.73 40.57
CA THR A 439 -3.84 -27.94 39.85
C THR A 439 -4.23 -29.41 39.97
N ASP A 440 -5.33 -29.78 39.31
CA ASP A 440 -5.84 -31.14 39.31
C ASP A 440 -6.05 -31.63 37.88
N TYR A 441 -5.69 -32.89 37.65
CA TYR A 441 -6.33 -33.67 36.59
C TYR A 441 -7.64 -34.23 37.10
N GLY A 442 -8.46 -34.74 36.18
CA GLY A 442 -9.64 -35.46 36.61
C GLY A 442 -10.82 -35.44 35.66
N HIS A 443 -11.74 -34.50 35.86
CA HIS A 443 -13.04 -34.55 35.20
C HIS A 443 -13.29 -33.35 34.30
N GLY A 444 -12.24 -32.67 33.85
CA GLY A 444 -12.37 -31.81 32.71
C GLY A 444 -12.33 -32.60 31.41
N PHE A 445 -12.78 -31.97 30.33
CA PHE A 445 -12.73 -32.60 29.02
C PHE A 445 -11.43 -32.23 28.33
N THR A 446 -10.70 -33.25 27.88
CA THR A 446 -9.37 -33.07 27.27
C THR A 446 -9.41 -33.69 25.89
N HIS A 447 -9.56 -32.86 24.85
CA HIS A 447 -9.52 -33.33 23.48
C HIS A 447 -8.21 -34.07 23.19
N GLU A 448 -7.10 -33.57 23.72
CA GLU A 448 -5.80 -34.19 23.49
C GLU A 448 -5.76 -35.63 24.00
N PHE A 449 -6.31 -35.86 25.20
CA PHE A 449 -6.31 -37.22 25.76
C PHE A 449 -7.20 -38.15 24.94
N GLN A 450 -8.39 -37.69 24.55
CA GLN A 450 -9.29 -38.52 23.77
C GLN A 450 -8.70 -38.86 22.40
N LEU A 451 -8.00 -37.89 21.79
CA LEU A 451 -7.35 -38.16 20.51
C LEU A 451 -6.25 -39.19 20.66
N MET A 452 -5.50 -39.13 21.77
CA MET A 452 -4.44 -40.12 22.03
C MET A 452 -5.02 -41.52 22.06
N ALA A 453 -6.11 -41.72 22.82
CA ALA A 453 -6.74 -43.03 22.88
C ALA A 453 -7.30 -43.44 21.53
N ALA A 454 -7.85 -42.47 20.79
CA ALA A 454 -8.38 -42.76 19.46
C ALA A 454 -7.31 -43.22 18.48
N ARG A 455 -6.04 -42.89 18.74
CA ARG A 455 -4.95 -43.29 17.88
C ARG A 455 -4.15 -44.47 18.44
N GLY A 456 -4.63 -45.09 19.50
CA GLY A 456 -4.05 -46.33 19.99
C GLY A 456 -3.13 -46.24 21.18
N TYR A 457 -3.17 -45.16 21.95
CA TYR A 457 -2.34 -45.01 23.14
C TYR A 457 -3.18 -45.06 24.41
N GLY A 458 -2.59 -45.64 25.45
CA GLY A 458 -3.18 -45.58 26.78
C GLY A 458 -2.67 -44.39 27.57
N VAL A 459 -3.58 -43.52 28.02
CA VAL A 459 -3.22 -42.27 28.68
C VAL A 459 -3.36 -42.47 30.19
N CYS A 460 -2.25 -42.26 30.90
CA CYS A 460 -2.21 -42.36 32.35
C CYS A 460 -1.94 -40.98 32.93
N TYR A 461 -2.83 -40.51 33.81
CA TYR A 461 -2.74 -39.17 34.35
C TYR A 461 -3.29 -39.17 35.78
N SER A 462 -2.60 -38.47 36.68
CA SER A 462 -2.86 -38.61 38.11
C SER A 462 -2.67 -37.28 38.82
N ASN A 463 -2.97 -37.29 40.12
CA ASN A 463 -2.85 -36.12 41.00
C ASN A 463 -1.85 -36.44 42.10
N PRO A 464 -0.55 -36.27 41.85
CA PRO A 464 0.43 -36.50 42.90
C PRO A 464 0.33 -35.45 43.99
N ARG A 465 1.02 -35.73 45.11
CA ARG A 465 1.22 -34.72 46.13
C ARG A 465 1.73 -33.43 45.49
N GLY A 466 1.17 -32.31 45.93
CA GLY A 466 1.34 -31.05 45.27
C GLY A 466 0.13 -30.60 44.48
N SER A 467 -0.74 -31.54 44.09
CA SER A 467 -2.00 -31.20 43.45
C SER A 467 -2.88 -30.41 44.41
N VAL A 468 -3.91 -29.76 43.86
CA VAL A 468 -4.62 -28.72 44.58
C VAL A 468 -5.95 -29.14 45.19
N GLY A 469 -6.54 -30.25 44.74
CA GLY A 469 -7.90 -30.55 45.13
C GLY A 469 -8.08 -31.48 46.31
N TYR A 470 -7.02 -31.79 47.06
CA TYR A 470 -7.08 -32.83 48.08
C TYR A 470 -6.69 -32.29 49.46
N GLY A 471 -6.87 -30.99 49.67
CA GLY A 471 -6.56 -30.38 50.95
C GLY A 471 -5.23 -29.64 50.94
N GLN A 472 -5.09 -28.73 51.89
CA GLN A 472 -3.90 -27.89 51.96
C GLN A 472 -2.65 -28.71 52.26
N ALA A 473 -2.77 -29.76 53.08
CA ALA A 473 -1.61 -30.58 53.42
C ALA A 473 -1.06 -31.29 52.19
N TRP A 474 -1.94 -31.78 51.32
CA TRP A 474 -1.49 -32.43 50.08
C TRP A 474 -0.67 -31.46 49.23
N VAL A 475 -1.05 -30.18 49.22
CA VAL A 475 -0.26 -29.17 48.50
C VAL A 475 1.09 -28.97 49.18
N ASP A 476 1.09 -28.82 50.50
CA ASP A 476 2.30 -28.47 51.23
C ASP A 476 3.35 -29.56 51.20
N ALA A 477 2.97 -30.80 50.84
CA ALA A 477 3.88 -31.93 50.94
C ALA A 477 5.14 -31.74 50.09
N ILE A 478 5.06 -30.94 49.02
CA ILE A 478 6.18 -30.76 48.11
C ILE A 478 6.94 -29.46 48.37
N TYR A 479 6.56 -28.69 49.38
CA TYR A 479 7.18 -27.38 49.61
C TYR A 479 8.69 -27.49 49.74
N GLY A 480 9.41 -26.75 48.91
CA GLY A 480 10.85 -26.66 48.99
C GLY A 480 11.62 -27.89 48.56
N ARG A 481 10.96 -28.88 47.97
CA ARG A 481 11.64 -30.13 47.63
C ARG A 481 11.03 -30.76 46.38
N TRP A 482 10.76 -29.95 45.36
CA TRP A 482 10.33 -30.47 44.07
C TRP A 482 11.32 -31.52 43.57
N GLY A 483 10.79 -32.62 43.05
CA GLY A 483 11.60 -33.72 42.60
C GLY A 483 11.86 -34.80 43.62
N THR A 484 11.17 -34.76 44.77
CA THR A 484 11.28 -35.83 45.76
C THR A 484 9.94 -36.56 45.77
N VAL A 485 9.03 -36.27 46.71
CA VAL A 485 7.82 -37.06 46.85
C VAL A 485 6.86 -36.88 45.69
N ASP A 486 6.97 -35.78 44.94
CA ASP A 486 6.11 -35.61 43.77
C ASP A 486 6.51 -36.55 42.64
N ALA A 487 7.82 -36.60 42.35
CA ALA A 487 8.30 -37.58 41.37
C ALA A 487 8.03 -39.00 41.83
N ASP A 488 8.12 -39.25 43.14
CA ASP A 488 7.85 -40.58 43.68
C ASP A 488 6.40 -40.99 43.41
N ASP A 489 5.45 -40.10 43.71
CA ASP A 489 4.04 -40.39 43.48
C ASP A 489 3.78 -40.73 42.02
N LEU A 490 4.41 -40.00 41.11
CA LEU A 490 4.14 -40.17 39.68
C LEU A 490 4.58 -41.55 39.20
N LEU A 491 5.79 -41.97 39.57
CA LEU A 491 6.26 -43.28 39.14
C LEU A 491 5.57 -44.40 39.91
N ASN A 492 5.19 -44.16 41.17
CA ASN A 492 4.36 -45.10 41.90
C ASN A 492 3.03 -45.31 41.19
N PHE A 493 2.33 -44.22 40.89
CA PHE A 493 1.07 -44.30 40.15
C PHE A 493 1.23 -45.04 38.83
N PHE A 494 2.28 -44.71 38.07
CA PHE A 494 2.49 -45.33 36.77
C PHE A 494 2.74 -46.82 36.89
N ASP A 495 3.53 -47.23 37.89
CA ASP A 495 3.74 -48.65 38.14
C ASP A 495 2.42 -49.36 38.45
N ARG A 496 1.54 -48.73 39.23
CA ARG A 496 0.27 -49.36 39.53
C ARG A 496 -0.62 -49.45 38.29
N CYS A 497 -0.49 -48.50 37.35
CA CYS A 497 -1.25 -48.59 36.12
C CYS A 497 -0.84 -49.82 35.31
N LEU A 498 0.47 -50.03 35.17
CA LEU A 498 0.96 -51.19 34.44
C LEU A 498 0.52 -52.50 35.09
N GLU A 499 0.43 -52.52 36.43
CA GLU A 499 -0.01 -53.72 37.12
C GLU A 499 -1.52 -53.94 36.99
N ALA A 500 -2.31 -52.87 37.15
CA ALA A 500 -3.76 -53.01 37.18
C ALA A 500 -4.38 -53.03 35.79
N VAL A 501 -3.67 -52.55 34.77
CA VAL A 501 -4.21 -52.48 33.42
C VAL A 501 -3.30 -53.30 32.51
N PRO A 502 -3.58 -54.59 32.32
CA PRO A 502 -2.64 -55.46 31.59
C PRO A 502 -2.44 -55.08 30.13
N ARG A 503 -3.38 -54.36 29.52
CA ARG A 503 -3.18 -53.97 28.12
C ARG A 503 -2.11 -52.89 27.97
N LEU A 504 -1.70 -52.24 29.05
CA LEU A 504 -0.58 -51.30 29.00
C LEU A 504 0.72 -52.06 28.76
N ASP A 505 1.51 -51.58 27.81
CA ASP A 505 2.76 -52.23 27.41
C ASP A 505 3.90 -51.56 28.16
N ALA A 506 4.42 -52.25 29.18
CA ALA A 506 5.52 -51.71 29.98
C ALA A 506 6.82 -51.56 29.19
N ALA A 507 6.88 -52.11 27.98
CA ALA A 507 8.07 -51.96 27.13
C ALA A 507 7.95 -50.80 26.15
N LYS A 508 6.79 -50.13 26.07
CA LYS A 508 6.58 -49.00 25.16
C LYS A 508 5.95 -47.87 25.97
N THR A 509 6.77 -47.15 26.72
CA THR A 509 6.30 -46.10 27.61
C THR A 509 6.90 -44.76 27.24
N ALA A 510 6.21 -43.70 27.64
CA ALA A 510 6.66 -42.34 27.38
C ALA A 510 6.20 -41.45 28.54
N VAL A 511 6.94 -40.37 28.77
CA VAL A 511 6.62 -39.41 29.81
C VAL A 511 6.52 -38.03 29.16
N MET A 512 5.54 -37.25 29.59
CA MET A 512 5.30 -35.96 28.95
C MET A 512 4.53 -35.05 29.90
N GLY A 513 4.70 -33.76 29.71
CA GLY A 513 4.03 -32.78 30.55
C GLY A 513 4.40 -31.38 30.12
N GLY A 514 3.59 -30.43 30.60
CA GLY A 514 3.78 -29.03 30.28
C GLY A 514 4.06 -28.19 31.52
N ALA A 515 4.97 -27.23 31.37
CA ALA A 515 5.29 -26.26 32.42
C ALA A 515 5.92 -26.96 33.62
N TYR A 516 5.23 -27.00 34.77
CA TYR A 516 5.71 -27.86 35.84
C TYR A 516 5.80 -29.31 35.39
N GLY A 517 4.88 -29.73 34.50
CA GLY A 517 5.00 -31.03 33.88
C GLY A 517 6.23 -31.14 33.01
N GLY A 518 6.68 -30.02 32.44
CA GLY A 518 7.93 -30.02 31.69
C GLY A 518 9.14 -30.12 32.61
N PHE A 519 9.13 -29.33 33.69
CA PHE A 519 10.14 -29.49 34.73
C PHE A 519 10.25 -30.95 35.17
N MET A 520 9.10 -31.59 35.41
CA MET A 520 9.11 -32.95 35.92
C MET A 520 9.51 -33.96 34.85
N THR A 521 9.13 -33.73 33.59
CA THR A 521 9.61 -34.60 32.52
C THR A 521 11.12 -34.52 32.38
N ASN A 522 11.67 -33.30 32.46
CA ASN A 522 13.12 -33.13 32.43
C ASN A 522 13.76 -33.77 33.66
N TRP A 523 13.12 -33.65 34.82
CA TRP A 523 13.67 -34.23 36.04
C TRP A 523 13.67 -35.76 35.98
N ILE A 524 12.56 -36.34 35.55
CA ILE A 524 12.44 -37.81 35.55
C ILE A 524 13.43 -38.43 34.57
N THR A 525 13.49 -37.91 33.34
CA THR A 525 14.41 -38.49 32.36
C THR A 525 15.86 -38.33 32.77
N GLY A 526 16.17 -37.38 33.65
CA GLY A 526 17.50 -37.23 34.17
C GLY A 526 17.82 -38.08 35.38
N HIS A 527 16.83 -38.82 35.90
CA HIS A 527 17.01 -39.69 37.04
C HIS A 527 16.62 -41.14 36.75
N THR A 528 16.12 -41.44 35.55
CA THR A 528 15.85 -42.82 35.15
C THR A 528 15.75 -42.88 33.63
N THR A 529 16.19 -44.01 33.07
CA THR A 529 16.15 -44.25 31.64
C THR A 529 15.00 -45.17 31.22
N ARG A 530 14.04 -45.41 32.11
CA ARG A 530 13.02 -46.43 31.88
C ARG A 530 12.10 -46.10 30.70
N PHE A 531 11.99 -44.84 30.31
CA PHE A 531 11.03 -44.44 29.30
C PHE A 531 11.64 -44.49 27.91
N GLN A 532 10.82 -44.87 26.93
CA GLN A 532 11.27 -45.02 25.55
C GLN A 532 11.23 -43.70 24.79
N ALA A 533 10.42 -42.74 25.22
CA ALA A 533 10.30 -41.45 24.58
C ALA A 533 9.84 -40.44 25.60
N ALA A 534 10.11 -39.17 25.32
CA ALA A 534 9.70 -38.09 26.21
C ALA A 534 9.31 -36.88 25.39
N ILE A 535 8.31 -36.14 25.89
CA ILE A 535 7.87 -34.89 25.27
C ILE A 535 7.77 -33.86 26.37
N THR A 536 8.59 -32.83 26.31
CA THR A 536 8.61 -31.79 27.33
C THR A 536 8.13 -30.48 26.71
N ASP A 537 7.12 -29.89 27.34
CA ASP A 537 6.33 -28.81 26.76
C ASP A 537 6.44 -27.59 27.67
N ARG A 538 6.75 -26.44 27.07
CA ARG A 538 6.92 -25.16 27.77
C ARG A 538 7.61 -25.36 29.12
N CYS A 539 8.78 -26.00 29.06
CA CYS A 539 9.38 -26.64 30.22
C CYS A 539 10.19 -25.64 31.07
N ILE A 540 10.72 -26.17 32.17
CA ILE A 540 11.68 -25.47 33.02
C ILE A 540 12.89 -26.39 33.19
N SER A 541 14.08 -25.85 32.98
CA SER A 541 15.29 -26.67 33.07
C SER A 541 16.32 -26.05 34.00
N ASN A 542 16.29 -24.72 34.16
CA ASN A 542 17.27 -23.98 34.94
C ASN A 542 16.50 -23.05 35.88
N LEU A 543 16.43 -23.41 37.16
CA LEU A 543 15.65 -22.64 38.12
C LEU A 543 16.28 -21.29 38.42
N ILE A 544 17.60 -21.15 38.22
CA ILE A 544 18.25 -19.87 38.46
C ILE A 544 17.86 -18.87 37.38
N SER A 545 18.05 -19.25 36.11
CA SER A 545 17.72 -18.33 35.02
C SER A 545 16.21 -18.05 34.96
N PHE A 546 15.39 -19.03 35.35
CA PHE A 546 13.94 -18.80 35.40
C PHE A 546 13.61 -17.64 36.33
N GLY A 547 14.27 -17.57 37.48
CA GLY A 547 14.03 -16.47 38.40
C GLY A 547 14.31 -15.11 37.81
N GLY A 548 15.24 -15.04 36.86
CA GLY A 548 15.60 -13.77 36.25
C GLY A 548 14.85 -13.42 34.98
N THR A 549 14.20 -14.39 34.33
CA THR A 549 13.57 -14.16 33.04
C THR A 549 12.05 -14.29 33.06
N SER A 550 11.48 -15.08 33.97
CA SER A 550 10.04 -15.33 33.95
C SER A 550 9.28 -14.11 34.46
N ASP A 551 8.05 -13.94 33.98
CA ASP A 551 7.22 -12.83 34.42
C ASP A 551 6.75 -12.97 35.86
N ILE A 552 6.91 -14.15 36.46
CA ILE A 552 6.68 -14.36 37.88
C ILE A 552 7.96 -14.74 38.61
N GLY A 553 9.11 -14.51 37.98
CA GLY A 553 10.37 -14.97 38.54
C GLY A 553 10.76 -14.28 39.83
N LEU A 554 10.30 -13.05 40.04
CA LEU A 554 10.67 -12.30 41.23
C LEU A 554 9.98 -12.79 42.49
N ARG A 555 9.05 -13.73 42.40
CA ARG A 555 8.31 -14.22 43.56
C ARG A 555 8.03 -15.71 43.57
N PHE A 556 8.10 -16.41 42.43
CA PHE A 556 7.59 -17.78 42.36
C PHE A 556 8.37 -18.72 43.28
N TRP A 557 9.71 -18.75 43.13
CA TRP A 557 10.49 -19.65 43.97
C TRP A 557 10.44 -19.27 45.44
N ASP A 558 10.29 -17.97 45.76
CA ASP A 558 10.17 -17.56 47.15
C ASP A 558 8.95 -18.20 47.82
N ASP A 559 7.83 -18.27 47.10
CA ASP A 559 6.62 -18.84 47.66
C ASP A 559 6.60 -20.36 47.57
N GLU A 560 7.11 -20.91 46.47
CA GLU A 560 7.03 -22.35 46.26
C GLU A 560 8.15 -23.11 46.95
N LEU A 561 9.33 -22.50 47.08
CA LEU A 561 10.51 -23.19 47.59
C LEU A 561 11.17 -22.48 48.76
N GLY A 562 10.83 -21.22 49.04
CA GLY A 562 11.53 -20.47 50.05
C GLY A 562 12.92 -20.03 49.63
N LEU A 563 13.15 -19.86 48.33
CA LEU A 563 14.48 -19.62 47.80
C LEU A 563 14.49 -18.37 46.92
N ASP A 564 15.53 -17.57 47.10
CA ASP A 564 15.71 -16.30 46.38
C ASP A 564 16.95 -16.45 45.49
N PHE A 565 16.72 -16.46 44.17
CA PHE A 565 17.82 -16.72 43.23
C PHE A 565 18.90 -15.64 43.30
N SER A 566 18.58 -14.44 43.75
CA SER A 566 19.56 -13.37 43.84
C SER A 566 20.37 -13.42 45.13
N ARG A 567 20.17 -14.45 45.96
CA ARG A 567 20.96 -14.68 47.16
C ARG A 567 21.84 -15.89 46.95
N ARG A 568 23.14 -15.74 47.24
CA ARG A 568 24.13 -16.73 46.84
C ARG A 568 23.81 -18.11 47.40
N ALA A 569 23.47 -18.18 48.69
CA ALA A 569 23.18 -19.48 49.31
C ALA A 569 21.93 -20.12 48.69
N ASP A 570 20.88 -19.32 48.46
CA ASP A 570 19.66 -19.87 47.89
C ASP A 570 19.88 -20.35 46.46
N ALA A 571 20.69 -19.62 45.69
CA ALA A 571 20.88 -19.96 44.28
C ALA A 571 21.50 -21.34 44.12
N LEU A 572 22.44 -21.70 45.01
CA LEU A 572 23.02 -23.04 44.97
C LEU A 572 21.95 -24.10 45.14
N LYS A 573 21.02 -23.90 46.09
CA LYS A 573 19.95 -24.86 46.28
C LYS A 573 19.04 -24.91 45.06
N LEU A 574 18.81 -23.76 44.41
CA LEU A 574 18.02 -23.76 43.19
C LEU A 574 18.71 -24.55 42.08
N TRP A 575 20.04 -24.47 41.99
CA TRP A 575 20.75 -25.25 40.99
C TRP A 575 20.64 -26.74 41.26
N ASP A 576 20.69 -27.14 42.54
CA ASP A 576 20.52 -28.54 42.88
C ASP A 576 19.12 -29.05 42.58
N LEU A 577 18.14 -28.16 42.53
CA LEU A 577 16.78 -28.51 42.13
C LEU A 577 16.54 -28.33 40.64
N SER A 578 17.57 -27.96 39.86
CA SER A 578 17.41 -27.70 38.43
C SER A 578 17.66 -28.98 37.64
N PRO A 579 16.73 -29.39 36.78
CA PRO A 579 16.96 -30.60 35.97
C PRO A 579 18.22 -30.56 35.13
N LEU A 580 18.67 -29.36 34.72
CA LEU A 580 19.84 -29.27 33.85
C LEU A 580 21.10 -29.80 34.53
N GLN A 581 21.17 -29.80 35.86
CA GLN A 581 22.35 -30.33 36.54
C GLN A 581 22.52 -31.81 36.25
N TYR A 582 21.42 -32.54 36.03
CA TYR A 582 21.45 -33.99 35.88
C TYR A 582 21.24 -34.42 34.43
N VAL A 583 21.36 -33.48 33.48
CA VAL A 583 21.08 -33.77 32.08
C VAL A 583 22.08 -34.78 31.50
N GLU A 584 23.26 -34.93 32.09
CA GLU A 584 24.23 -35.90 31.60
C GLU A 584 23.69 -37.33 31.67
N ASN A 585 22.66 -37.58 32.48
CA ASN A 585 22.07 -38.90 32.61
C ASN A 585 20.98 -39.18 31.59
N VAL A 586 20.55 -38.18 30.82
CA VAL A 586 19.42 -38.36 29.91
C VAL A 586 19.84 -39.19 28.72
N LYS A 587 19.07 -40.24 28.42
CA LYS A 587 19.26 -41.06 27.23
C LYS A 587 17.98 -41.18 26.40
N THR A 588 16.86 -40.66 26.87
CA THR A 588 15.56 -40.87 26.26
C THR A 588 15.35 -39.88 25.11
N PRO A 589 14.99 -40.35 23.91
CA PRO A 589 14.65 -39.43 22.83
C PRO A 589 13.57 -38.44 23.26
N THR A 590 13.84 -37.15 23.07
CA THR A 590 13.02 -36.10 23.65
C THR A 590 12.57 -35.12 22.58
N LEU A 591 11.28 -34.85 22.54
CA LEU A 591 10.71 -33.77 21.74
C LEU A 591 10.50 -32.55 22.64
N ILE A 592 10.95 -31.38 22.18
CA ILE A 592 10.85 -30.14 22.93
C ILE A 592 9.90 -29.21 22.20
N VAL A 593 8.83 -28.80 22.88
CA VAL A 593 7.83 -27.89 22.34
C VAL A 593 7.83 -26.62 23.16
N HIS A 594 7.90 -25.48 22.48
CA HIS A 594 7.99 -24.20 23.18
C HIS A 594 7.59 -23.08 22.23
N SER A 595 7.09 -21.98 22.80
CA SER A 595 6.68 -20.80 22.07
C SER A 595 7.55 -19.61 22.45
N VAL A 596 7.79 -18.73 21.47
CA VAL A 596 8.76 -17.65 21.65
C VAL A 596 8.24 -16.58 22.59
N LEU A 597 6.95 -16.28 22.56
CA LEU A 597 6.39 -15.22 23.39
C LEU A 597 5.80 -15.75 24.71
N ASP A 598 6.20 -16.96 25.12
CA ASP A 598 5.85 -17.43 26.46
C ASP A 598 6.73 -16.70 27.47
N HIS A 599 6.13 -15.79 28.21
CA HIS A 599 6.83 -15.05 29.25
C HIS A 599 6.69 -15.71 30.61
N ARG A 600 5.84 -16.73 30.74
CA ARG A 600 5.74 -17.50 31.98
C ARG A 600 6.91 -18.47 32.12
N CYS A 601 7.15 -19.29 31.10
CA CYS A 601 8.36 -20.11 31.02
C CYS A 601 9.13 -19.67 29.79
N PRO A 602 10.13 -18.81 29.94
CA PRO A 602 10.82 -18.27 28.76
C PRO A 602 11.52 -19.35 27.97
N VAL A 603 11.70 -19.07 26.68
CA VAL A 603 12.21 -20.08 25.76
C VAL A 603 13.68 -20.42 26.04
N GLU A 604 14.39 -19.57 26.78
CA GLU A 604 15.76 -19.92 27.18
C GLU A 604 15.78 -21.20 27.99
N GLN A 605 14.70 -21.53 28.69
CA GLN A 605 14.61 -22.82 29.38
C GLN A 605 14.71 -23.98 28.39
N ALA A 606 14.01 -23.89 27.25
CA ALA A 606 14.02 -24.97 26.28
C ALA A 606 15.33 -25.00 25.50
N GLU A 607 15.90 -23.83 25.22
CA GLU A 607 17.15 -23.78 24.46
C GLU A 607 18.30 -24.44 25.22
N GLN A 608 18.29 -24.35 26.55
CA GLN A 608 19.34 -24.99 27.35
C GLN A 608 19.22 -26.51 27.31
N TRP A 609 18.00 -27.02 27.48
CA TRP A 609 17.79 -28.47 27.39
C TRP A 609 18.18 -29.00 26.01
N TYR A 610 17.79 -28.28 24.96
CA TYR A 610 18.09 -28.70 23.59
C TYR A 610 19.59 -28.78 23.34
N ALA A 611 20.33 -27.75 23.74
CA ALA A 611 21.77 -27.73 23.51
C ALA A 611 22.48 -28.83 24.31
N ALA A 612 22.00 -29.10 25.53
CA ALA A 612 22.64 -30.14 26.34
C ALA A 612 22.44 -31.52 25.75
N LEU A 613 21.24 -31.82 25.28
CA LEU A 613 20.98 -33.13 24.66
C LEU A 613 21.81 -33.29 23.38
N HIS A 614 21.93 -32.22 22.60
CA HIS A 614 22.81 -32.26 21.43
C HIS A 614 24.23 -32.58 21.82
N LYS A 615 24.72 -31.96 22.90
CA LYS A 615 26.09 -32.17 23.34
C LYS A 615 26.34 -33.64 23.71
N HIS A 616 25.32 -34.33 24.21
CA HIS A 616 25.43 -35.75 24.55
C HIS A 616 24.97 -36.66 23.42
N GLN A 617 24.64 -36.11 22.25
CA GLN A 617 24.22 -36.88 21.08
C GLN A 617 22.99 -37.73 21.34
N VAL A 618 22.08 -37.23 22.17
CA VAL A 618 20.79 -37.88 22.42
C VAL A 618 19.80 -37.39 21.37
N PRO A 619 19.00 -38.28 20.75
CA PRO A 619 18.02 -37.82 19.77
C PRO A 619 17.08 -36.77 20.35
N VAL A 620 16.98 -35.64 19.65
CA VAL A 620 16.26 -34.48 20.16
C VAL A 620 15.68 -33.69 18.99
N ARG A 621 14.51 -33.11 19.22
CA ARG A 621 13.81 -32.33 18.20
C ARG A 621 13.08 -31.19 18.90
N PHE A 622 13.17 -29.98 18.32
CA PHE A 622 12.74 -28.75 18.98
C PHE A 622 11.78 -28.01 18.04
N VAL A 623 10.51 -27.94 18.44
CA VAL A 623 9.49 -27.21 17.71
C VAL A 623 9.31 -25.85 18.37
N ARG A 624 9.51 -24.78 17.59
CA ARG A 624 9.59 -23.42 18.11
C ARG A 624 8.48 -22.60 17.45
N PHE A 625 7.48 -22.22 18.23
CA PHE A 625 6.33 -21.51 17.68
C PHE A 625 6.52 -20.01 17.79
N PRO A 626 6.31 -19.25 16.71
CA PRO A 626 6.30 -17.79 16.82
C PRO A 626 4.97 -17.29 17.34
N GLU A 627 5.00 -16.07 17.88
CA GLU A 627 3.80 -15.30 18.23
C GLU A 627 3.01 -15.91 19.38
N GLU A 628 3.01 -17.24 19.51
CA GLU A 628 2.24 -17.88 20.57
C GLU A 628 2.87 -17.62 21.93
N ASN A 629 2.11 -17.93 22.97
CA ASN A 629 2.57 -17.78 24.35
C ASN A 629 2.32 -19.10 25.09
N HIS A 630 2.33 -19.02 26.43
CA HIS A 630 2.17 -20.19 27.28
C HIS A 630 0.87 -20.94 27.02
N GLU A 631 -0.15 -20.26 26.49
CA GLU A 631 -1.49 -20.81 26.38
C GLU A 631 -1.76 -21.53 25.05
N LEU A 632 -0.71 -21.84 24.29
CA LEU A 632 -0.87 -22.40 22.95
C LEU A 632 -1.78 -23.62 22.96
N SER A 633 -1.51 -24.58 23.84
CA SER A 633 -2.25 -25.84 23.84
C SER A 633 -3.70 -25.67 24.26
N ARG A 634 -4.03 -24.58 24.96
CA ARG A 634 -5.41 -24.33 25.37
C ARG A 634 -6.15 -23.32 24.51
N SER A 635 -5.44 -22.39 23.86
CA SER A 635 -6.15 -21.35 23.10
C SER A 635 -5.31 -20.74 21.99
N GLY A 636 -4.24 -21.38 21.53
CA GLY A 636 -3.45 -20.84 20.44
C GLY A 636 -4.25 -20.81 19.14
N ARG A 637 -3.66 -20.14 18.15
CA ARG A 637 -4.25 -20.11 16.82
C ARG A 637 -4.46 -21.53 16.31
N PRO A 638 -5.60 -21.82 15.67
CA PRO A 638 -5.91 -23.23 15.32
C PRO A 638 -4.80 -23.96 14.57
N ASP A 639 -4.15 -23.32 13.62
CA ASP A 639 -3.15 -24.03 12.81
C ASP A 639 -1.94 -24.46 13.65
N ARG A 640 -1.58 -23.67 14.66
CA ARG A 640 -0.46 -24.04 15.50
C ARG A 640 -0.84 -25.05 16.59
N ARG A 641 -2.11 -25.08 16.97
CA ARG A 641 -2.59 -26.19 17.81
C ARG A 641 -2.49 -27.51 17.07
N LEU A 642 -2.85 -27.52 15.78
CA LEU A 642 -2.71 -28.73 14.97
C LEU A 642 -1.26 -29.16 14.88
N THR A 643 -0.36 -28.21 14.59
CA THR A 643 1.06 -28.53 14.43
C THR A 643 1.64 -29.16 15.68
N ARG A 644 1.27 -28.63 16.86
CA ARG A 644 1.75 -29.20 18.11
C ARG A 644 1.32 -30.65 18.26
N LEU A 645 0.04 -30.93 18.02
CA LEU A 645 -0.46 -32.30 18.11
C LEU A 645 0.19 -33.20 17.07
N ASN A 646 0.38 -32.68 15.85
CA ASN A 646 1.08 -33.44 14.81
C ASN A 646 2.48 -33.83 15.26
N GLU A 647 3.21 -32.90 15.87
CA GLU A 647 4.57 -33.18 16.32
C GLU A 647 4.56 -34.18 17.47
N TYR A 648 3.57 -34.09 18.37
CA TYR A 648 3.45 -35.08 19.44
C TYR A 648 3.36 -36.49 18.87
N PHE A 649 2.46 -36.70 17.92
CA PHE A 649 2.20 -38.05 17.43
C PHE A 649 3.32 -38.54 16.52
N ALA A 650 3.90 -37.65 15.72
CA ALA A 650 5.04 -38.05 14.89
C ALA A 650 6.20 -38.54 15.74
N TRP A 651 6.43 -37.91 16.89
CA TRP A 651 7.50 -38.34 17.79
C TRP A 651 7.16 -39.68 18.45
N LEU A 652 5.91 -39.84 18.89
CA LEU A 652 5.51 -41.11 19.47
C LEU A 652 5.50 -42.23 18.43
N GLU A 653 5.08 -41.92 17.20
CA GLU A 653 5.13 -42.93 16.14
C GLU A 653 6.55 -43.37 15.83
N ARG A 654 7.53 -42.48 15.96
CA ARG A 654 8.90 -42.85 15.61
C ARG A 654 9.51 -43.75 16.67
N TRP A 655 9.22 -43.50 17.95
CA TRP A 655 9.90 -44.18 19.05
C TRP A 655 9.08 -45.24 19.77
N LEU A 656 7.76 -45.25 19.60
CA LEU A 656 6.92 -46.23 20.29
C LEU A 656 6.39 -47.27 19.33
N ALA B 9 29.48 21.77 24.77
CA ALA B 9 30.16 20.49 24.58
C ALA B 9 29.49 19.70 23.46
N PRO B 10 30.30 19.01 22.65
CA PRO B 10 29.72 18.18 21.59
C PRO B 10 29.03 16.96 22.19
N GLY B 11 28.10 16.41 21.41
CA GLY B 11 27.33 15.28 21.86
C GLY B 11 27.36 14.10 20.90
N PRO B 12 26.54 13.09 21.19
CA PRO B 12 26.53 11.88 20.35
C PRO B 12 26.31 12.15 18.88
N ASP B 13 25.55 13.19 18.52
CA ASP B 13 25.25 13.42 17.11
C ASP B 13 26.45 13.93 16.32
N SER B 14 27.58 14.17 16.98
CA SER B 14 28.84 14.36 16.27
C SER B 14 29.16 13.18 15.36
N LEU B 15 28.66 11.99 15.69
CA LEU B 15 28.83 10.83 14.82
C LEU B 15 28.26 11.07 13.43
N LEU B 16 27.17 11.84 13.31
CA LEU B 16 26.53 12.06 12.02
C LEU B 16 27.39 12.84 11.05
N ALA B 17 28.45 13.50 11.51
CA ALA B 17 29.33 14.24 10.63
C ALA B 17 30.34 13.35 9.91
N LEU B 18 30.51 12.10 10.33
CA LEU B 18 31.59 11.25 9.86
C LEU B 18 31.21 10.46 8.62
N ALA B 19 32.21 10.16 7.80
CA ALA B 19 32.10 9.23 6.68
C ALA B 19 33.05 8.07 6.91
N PHE B 20 32.59 6.86 6.60
CA PHE B 20 33.29 5.65 7.03
C PHE B 20 33.84 4.86 5.85
N PRO B 21 35.17 4.73 5.74
CA PRO B 21 35.76 3.98 4.62
C PRO B 21 35.90 2.50 4.92
N SER B 22 35.90 1.70 3.85
CA SER B 22 36.07 0.26 3.98
C SER B 22 36.53 -0.31 2.65
N ASP B 23 36.96 -1.58 2.70
CA ASP B 23 37.26 -2.39 1.52
C ASP B 23 38.24 -1.71 0.55
N PRO B 24 39.49 -1.49 0.97
CA PRO B 24 40.45 -0.86 0.05
C PRO B 24 41.04 -1.86 -0.94
N GLN B 25 40.57 -1.82 -2.18
CA GLN B 25 40.93 -2.78 -3.21
C GLN B 25 41.93 -2.14 -4.17
N VAL B 26 43.19 -2.58 -4.11
CA VAL B 26 44.19 -2.12 -5.07
C VAL B 26 43.92 -2.76 -6.42
N SER B 27 44.19 -2.01 -7.49
CA SER B 27 44.01 -2.51 -8.84
C SER B 27 45.14 -3.47 -9.22
N PRO B 28 44.91 -4.34 -10.20
CA PRO B 28 45.97 -5.27 -10.61
C PRO B 28 47.25 -4.60 -11.05
N ASP B 29 47.18 -3.37 -11.58
CA ASP B 29 48.38 -2.67 -11.99
C ASP B 29 49.08 -1.97 -10.83
N GLY B 30 48.50 -2.01 -9.62
CA GLY B 30 49.14 -1.49 -8.43
C GLY B 30 49.06 0.00 -8.24
N LYS B 31 48.40 0.74 -9.14
CA LYS B 31 48.45 2.20 -9.15
C LYS B 31 47.11 2.84 -8.83
N GLN B 32 46.11 2.05 -8.44
CA GLN B 32 44.79 2.60 -8.17
C GLN B 32 44.21 1.91 -6.95
N VAL B 33 43.32 2.62 -6.25
CA VAL B 33 42.53 2.05 -5.17
C VAL B 33 41.08 2.41 -5.41
N ALA B 34 40.21 1.40 -5.36
CA ALA B 34 38.77 1.60 -5.29
C ALA B 34 38.31 1.16 -3.91
N PHE B 35 37.49 1.97 -3.27
CA PHE B 35 37.07 1.67 -1.91
C PHE B 35 35.62 2.12 -1.71
N VAL B 36 35.07 1.76 -0.56
CA VAL B 36 33.69 2.04 -0.21
C VAL B 36 33.68 3.16 0.82
N LEU B 37 32.75 4.10 0.67
CA LEU B 37 32.59 5.18 1.64
C LEU B 37 31.13 5.30 2.03
N ALA B 38 30.83 5.04 3.29
CA ALA B 38 29.48 5.19 3.83
C ALA B 38 29.33 6.56 4.45
N GLN B 39 28.37 7.34 3.95
CA GLN B 39 27.99 8.60 4.54
C GLN B 39 26.62 8.46 5.18
N ILE B 40 26.31 9.35 6.11
CA ILE B 40 25.09 9.25 6.89
C ILE B 40 24.08 10.26 6.34
N SER B 41 22.93 9.74 5.92
CA SER B 41 21.91 10.53 5.24
C SER B 41 20.54 10.01 5.65
N GLU B 42 19.52 10.78 5.33
CA GLU B 42 18.16 10.40 5.69
C GLU B 42 17.72 9.16 4.92
N GLU B 43 16.87 8.36 5.57
CA GLU B 43 16.32 7.16 4.96
C GLU B 43 15.70 7.48 3.60
N ASP B 44 14.88 8.53 3.55
CA ASP B 44 14.29 9.03 2.30
C ASP B 44 14.51 10.53 2.30
N PRO B 45 15.58 11.01 1.67
CA PRO B 45 15.88 12.45 1.70
C PRO B 45 14.77 13.31 1.11
N ALA B 46 13.87 12.74 0.32
CA ALA B 46 12.79 13.50 -0.29
C ALA B 46 11.55 13.59 0.59
N LYS B 47 11.31 12.58 1.44
CA LYS B 47 10.13 12.54 2.30
C LYS B 47 10.57 12.23 3.73
N PRO B 48 11.15 13.20 4.44
CA PRO B 48 11.56 12.96 5.82
C PRO B 48 10.41 13.10 6.79
N ASP B 49 10.40 12.23 7.81
CA ASP B 49 9.41 12.33 8.87
C ASP B 49 9.73 13.52 9.76
N LYS B 50 8.84 14.51 9.77
CA LYS B 50 9.08 15.73 10.55
C LYS B 50 9.16 15.46 12.05
N ASP B 51 8.62 14.33 12.51
CA ASP B 51 8.60 14.01 13.93
C ASP B 51 9.64 12.97 14.33
N PHE B 52 10.41 12.44 13.39
CA PHE B 52 11.34 11.36 13.69
C PHE B 52 12.46 11.36 12.65
N ALA B 53 13.67 11.73 13.06
CA ALA B 53 14.82 11.67 12.17
C ALA B 53 15.20 10.22 11.90
N ARG B 54 15.67 9.96 10.68
CA ARG B 54 16.05 8.61 10.25
C ARG B 54 17.37 8.65 9.49
N PRO B 55 18.48 8.96 10.18
CA PRO B 55 19.79 8.90 9.54
C PRO B 55 20.21 7.46 9.27
N ARG B 56 20.77 7.23 8.08
CA ARG B 56 21.13 5.89 7.65
C ARG B 56 22.48 5.90 6.96
N TYR B 57 23.19 4.77 7.04
CA TYR B 57 24.36 4.58 6.19
C TYR B 57 23.92 4.49 4.74
N ARG B 58 24.64 5.18 3.86
CA ARG B 58 24.45 5.06 2.42
C ARG B 58 25.82 5.10 1.76
N SER B 59 26.17 4.05 1.03
CA SER B 59 27.53 3.85 0.55
C SER B 59 27.61 4.02 -0.97
N GLY B 60 28.75 4.56 -1.40
CA GLY B 60 29.09 4.60 -2.81
C GLY B 60 30.55 4.27 -2.99
N LEU B 61 30.92 3.99 -4.24
CA LEU B 61 32.29 3.63 -4.57
C LEU B 61 33.10 4.89 -4.87
N TRP B 62 34.35 4.90 -4.39
CA TRP B 62 35.29 5.97 -4.64
C TRP B 62 36.56 5.41 -5.26
N LEU B 63 37.26 6.27 -5.99
CA LEU B 63 38.43 5.86 -6.76
C LEU B 63 39.54 6.90 -6.60
N SER B 64 40.78 6.42 -6.56
CA SER B 64 41.94 7.28 -6.57
C SER B 64 43.04 6.59 -7.39
N GLU B 65 43.80 7.37 -8.13
CA GLU B 65 44.93 6.87 -8.91
C GLU B 65 46.25 7.48 -8.44
N GLY B 66 46.30 7.96 -7.20
CA GLY B 66 47.49 8.59 -6.66
C GLY B 66 47.15 9.91 -5.99
N GLY B 67 46.11 10.57 -6.51
CA GLY B 67 45.67 11.84 -5.98
C GLY B 67 44.45 11.70 -5.08
N ALA B 68 43.90 12.86 -4.73
CA ALA B 68 42.69 12.91 -3.90
C ALA B 68 41.57 12.06 -4.50
N ALA B 69 41.00 11.19 -3.68
CA ALA B 69 40.00 10.26 -4.19
C ALA B 69 38.72 10.99 -4.59
N ARG B 70 38.07 10.49 -5.63
CA ARG B 70 36.83 11.01 -6.17
C ARG B 70 35.77 9.91 -6.20
N PRO B 71 34.49 10.26 -6.10
CA PRO B 71 33.44 9.24 -6.11
C PRO B 71 33.19 8.70 -7.51
N LEU B 72 32.96 7.39 -7.59
CA LEU B 72 32.60 6.73 -8.84
C LEU B 72 31.10 6.50 -8.97
N THR B 73 30.42 6.28 -7.85
CA THR B 73 28.98 6.07 -7.83
C THR B 73 28.37 7.06 -6.87
N HIS B 74 27.04 7.22 -6.96
CA HIS B 74 26.33 8.28 -6.24
C HIS B 74 24.98 7.75 -5.74
N ALA B 75 25.03 6.79 -4.82
CA ALA B 75 23.81 6.23 -4.26
C ALA B 75 23.08 7.27 -3.44
N GLU B 76 21.78 7.42 -3.69
CA GLU B 76 20.93 8.30 -2.91
C GLU B 76 19.76 7.59 -2.24
N THR B 77 19.49 6.34 -2.61
CA THR B 77 18.51 5.50 -1.93
C THR B 77 19.14 4.15 -1.62
N GLY B 78 18.53 3.44 -0.67
CA GLY B 78 19.00 2.12 -0.30
C GLY B 78 20.31 2.16 0.47
N ARG B 79 20.83 0.97 0.77
CA ARG B 79 22.08 0.87 1.50
C ARG B 79 23.27 1.29 0.65
N GLY B 80 23.19 1.10 -0.67
CA GLY B 80 24.22 1.58 -1.56
C GLY B 80 25.06 0.50 -2.21
N ASP B 81 26.30 0.86 -2.58
CA ASP B 81 27.19 0.01 -3.35
C ASP B 81 28.35 -0.45 -2.49
N SER B 82 28.83 -1.67 -2.75
CA SER B 82 29.88 -2.26 -1.92
C SER B 82 30.59 -3.34 -2.74
N ALA B 83 31.58 -3.95 -2.10
CA ALA B 83 32.35 -5.06 -2.66
C ALA B 83 32.90 -4.78 -4.06
N PRO B 84 33.70 -3.73 -4.23
CA PRO B 84 34.33 -3.49 -5.54
C PRO B 84 35.40 -4.54 -5.82
N ARG B 85 35.41 -5.05 -7.05
CA ARG B 85 36.38 -6.06 -7.46
C ARG B 85 36.87 -5.75 -8.86
N TRP B 86 38.18 -5.65 -9.02
CA TRP B 86 38.79 -5.30 -10.30
C TRP B 86 38.82 -6.51 -11.23
N SER B 87 38.45 -6.29 -12.49
CA SER B 87 38.76 -7.26 -13.52
C SER B 87 40.28 -7.33 -13.70
N PRO B 88 40.81 -8.52 -14.00
CA PRO B 88 42.27 -8.65 -14.14
C PRO B 88 42.90 -7.68 -15.14
N ASP B 89 42.22 -7.33 -16.23
CA ASP B 89 42.80 -6.38 -17.18
C ASP B 89 42.65 -4.94 -16.72
N GLY B 90 42.04 -4.70 -15.57
CA GLY B 90 41.93 -3.36 -15.02
C GLY B 90 40.91 -2.46 -15.68
N GLN B 91 40.09 -2.98 -16.58
CA GLN B 91 39.17 -2.15 -17.35
C GLN B 91 37.76 -2.11 -16.76
N ASN B 92 37.41 -3.01 -15.84
CA ASN B 92 36.07 -3.06 -15.30
C ASN B 92 36.11 -3.22 -13.78
N LEU B 93 35.09 -2.68 -13.13
CA LEU B 93 34.85 -2.85 -11.69
C LEU B 93 33.54 -3.60 -11.50
N ALA B 94 33.61 -4.79 -10.92
CA ALA B 94 32.42 -5.44 -10.40
C ALA B 94 32.13 -4.93 -9.00
N PHE B 95 30.83 -4.86 -8.67
CA PHE B 95 30.42 -4.47 -7.32
C PHE B 95 28.99 -4.93 -7.10
N VAL B 96 28.51 -4.73 -5.86
CA VAL B 96 27.19 -5.17 -5.42
C VAL B 96 26.39 -3.94 -5.01
N ARG B 97 25.17 -3.82 -5.53
CA ARG B 97 24.33 -2.65 -5.33
C ARG B 97 23.04 -3.02 -4.62
N SER B 98 22.67 -2.23 -3.61
CA SER B 98 21.36 -2.31 -2.97
C SER B 98 20.76 -0.91 -3.08
N ALA B 99 19.82 -0.75 -4.01
CA ALA B 99 19.17 0.53 -4.24
C ALA B 99 17.69 0.33 -4.56
N VAL B 102 16.05 -3.17 -5.67
CA VAL B 102 17.19 -4.01 -6.04
C VAL B 102 17.89 -4.54 -4.80
N LYS B 103 17.74 -5.84 -4.56
CA LYS B 103 18.41 -6.52 -3.45
C LYS B 103 19.74 -7.08 -3.94
N ALA B 104 20.83 -6.43 -3.54
CA ALA B 104 22.20 -6.89 -3.71
C ALA B 104 22.46 -7.53 -5.07
N ALA B 105 22.58 -6.73 -6.12
CA ALA B 105 22.81 -7.24 -7.46
C ALA B 105 24.26 -7.06 -7.87
N LEU B 106 24.79 -8.03 -8.61
CA LEU B 106 26.11 -7.89 -9.21
C LEU B 106 26.07 -6.88 -10.35
N MET B 107 26.94 -5.88 -10.29
CA MET B 107 27.02 -4.85 -11.30
C MET B 107 28.40 -4.84 -11.94
N LEU B 108 28.50 -4.24 -13.12
CA LEU B 108 29.72 -4.20 -13.90
C LEU B 108 29.93 -2.78 -14.41
N LEU B 109 30.99 -2.12 -13.93
CA LEU B 109 31.24 -0.73 -14.27
C LEU B 109 32.51 -0.61 -15.12
N PRO B 110 32.42 -0.02 -16.31
CA PRO B 110 33.64 0.30 -17.07
C PRO B 110 34.31 1.54 -16.50
N LEU B 111 35.63 1.47 -16.32
CA LEU B 111 36.34 2.57 -15.68
C LEU B 111 36.65 3.72 -16.63
N LYS B 112 36.63 3.48 -17.94
CA LYS B 112 37.01 4.49 -18.92
C LYS B 112 35.83 5.31 -19.44
N GLY B 113 34.64 5.12 -18.89
CA GLY B 113 33.50 5.91 -19.31
C GLY B 113 32.22 5.09 -19.45
N GLY B 114 31.13 5.61 -18.92
CA GLY B 114 29.85 4.95 -18.95
C GLY B 114 29.45 4.44 -17.56
N GLU B 115 28.16 4.16 -17.42
CA GLU B 115 27.61 3.73 -16.15
C GLU B 115 27.58 2.21 -16.05
N ALA B 116 27.31 1.72 -14.85
CA ALA B 116 27.34 0.28 -14.60
C ALA B 116 26.15 -0.42 -15.23
N ARG B 117 26.35 -1.70 -15.54
CA ARG B 117 25.30 -2.58 -16.04
C ARG B 117 25.00 -3.66 -15.02
N ARG B 118 23.73 -4.04 -14.90
CA ARG B 118 23.30 -5.05 -13.94
C ARG B 118 23.40 -6.44 -14.55
N VAL B 119 23.98 -7.38 -13.81
CA VAL B 119 24.26 -8.72 -14.31
C VAL B 119 23.40 -9.80 -13.65
N THR B 120 23.05 -9.66 -12.37
CA THR B 120 22.25 -10.64 -11.66
C THR B 120 20.95 -10.00 -11.18
N HIS B 121 19.88 -10.80 -11.14
CA HIS B 121 18.56 -10.34 -10.76
C HIS B 121 17.92 -11.29 -9.75
N PHE B 122 18.72 -11.87 -8.86
CA PHE B 122 18.19 -12.81 -7.89
C PHE B 122 17.34 -12.09 -6.85
N LYS B 123 16.26 -12.77 -6.42
CA LYS B 123 15.37 -12.20 -5.42
C LYS B 123 16.09 -11.98 -4.08
N ASN B 124 17.08 -12.83 -3.77
CA ASN B 124 17.73 -12.81 -2.47
C ASN B 124 19.10 -12.15 -2.52
N GLY B 125 19.56 -11.72 -3.69
CA GLY B 125 20.84 -11.06 -3.81
C GLY B 125 22.02 -12.00 -3.74
N VAL B 126 23.20 -11.41 -3.93
CA VAL B 126 24.46 -12.14 -4.02
C VAL B 126 25.45 -11.55 -3.02
N SER B 127 26.53 -12.29 -2.77
CA SER B 127 27.59 -11.80 -1.89
C SER B 127 28.92 -12.45 -2.26
N GLY B 128 30.00 -11.78 -1.85
CA GLY B 128 31.35 -12.28 -2.01
C GLY B 128 31.81 -12.56 -3.43
N PRO B 129 31.72 -11.58 -4.32
CA PRO B 129 32.20 -11.79 -5.69
C PRO B 129 33.72 -11.84 -5.75
N GLN B 130 34.23 -12.75 -6.59
CA GLN B 130 35.67 -12.89 -6.81
C GLN B 130 35.92 -13.23 -8.27
N TRP B 131 36.67 -12.37 -8.96
CA TRP B 131 37.09 -12.68 -10.33
C TRP B 131 38.06 -13.86 -10.32
N SER B 132 37.99 -14.67 -11.38
CA SER B 132 39.06 -15.62 -11.61
C SER B 132 40.29 -14.90 -12.16
N PRO B 133 41.49 -15.40 -11.89
CA PRO B 133 42.70 -14.69 -12.35
C PRO B 133 42.76 -14.50 -13.86
N ASP B 134 42.16 -15.37 -14.66
CA ASP B 134 42.18 -15.20 -16.10
C ASP B 134 41.09 -14.26 -16.61
N GLY B 135 40.24 -13.75 -15.73
CA GLY B 135 39.22 -12.80 -16.12
C GLY B 135 38.00 -13.40 -16.78
N ARG B 136 37.89 -14.73 -16.84
CA ARG B 136 36.80 -15.36 -17.54
C ARG B 136 35.57 -15.61 -16.68
N PHE B 137 35.71 -15.58 -15.36
CA PHE B 137 34.60 -15.90 -14.47
C PHE B 137 34.58 -14.96 -13.28
N ILE B 138 33.38 -14.77 -12.73
CA ILE B 138 33.19 -14.16 -11.42
C ILE B 138 32.39 -15.14 -10.58
N ALA B 139 33.00 -15.63 -9.50
CA ALA B 139 32.31 -16.52 -8.58
C ALA B 139 31.62 -15.70 -7.50
N PHE B 140 30.48 -16.21 -7.03
CA PHE B 140 29.73 -15.56 -5.97
C PHE B 140 28.80 -16.57 -5.34
N THR B 141 28.30 -16.24 -4.15
CA THR B 141 27.36 -17.08 -3.44
C THR B 141 26.00 -16.40 -3.38
N THR B 142 24.94 -17.21 -3.37
CA THR B 142 23.58 -16.69 -3.32
C THR B 142 22.65 -17.83 -2.95
N THR B 143 21.54 -17.48 -2.30
CA THR B 143 20.42 -18.39 -2.14
C THR B 143 19.44 -18.28 -3.29
N ALA B 144 19.76 -17.47 -4.31
CA ALA B 144 19.04 -17.41 -5.59
C ALA B 144 17.59 -17.00 -5.33
N ASP B 145 16.59 -17.81 -5.70
CA ASP B 145 15.19 -17.45 -5.57
C ASP B 145 14.49 -18.30 -4.52
N THR B 146 15.23 -18.89 -3.58
CA THR B 146 14.63 -19.70 -2.54
C THR B 146 13.71 -18.85 -1.66
N GLU B 147 12.49 -19.34 -1.46
CA GLU B 147 11.51 -18.69 -0.60
C GLU B 147 11.38 -19.44 0.71
N ASP B 148 11.24 -18.71 1.81
CA ASP B 148 11.04 -19.28 3.15
C ASP B 148 9.96 -18.42 3.80
N LYS B 149 8.71 -18.85 3.69
CA LYS B 149 7.58 -18.08 4.14
C LYS B 149 7.08 -18.52 5.52
N ARG B 150 7.92 -19.18 6.32
CA ARG B 150 7.46 -19.62 7.64
C ARG B 150 7.16 -18.44 8.55
N ASP B 151 8.12 -17.52 8.69
CA ASP B 151 7.92 -16.36 9.54
C ASP B 151 6.77 -15.50 9.04
N GLU B 152 6.71 -15.27 7.73
CA GLU B 152 5.66 -14.45 7.16
C GLU B 152 4.28 -15.04 7.44
N ARG B 153 4.16 -16.36 7.42
CA ARG B 153 2.89 -17.02 7.66
C ARG B 153 2.61 -17.27 9.14
N GLY B 154 3.62 -17.13 9.99
CA GLY B 154 3.47 -17.53 11.38
C GLY B 154 3.57 -19.01 11.62
N GLU B 155 4.29 -19.73 10.77
CA GLU B 155 4.50 -21.16 10.95
C GLU B 155 5.60 -21.42 11.99
N ALA B 156 5.56 -22.61 12.57
CA ALA B 156 6.60 -23.03 13.49
C ALA B 156 7.92 -23.25 12.76
N ARG B 157 9.02 -23.08 13.48
CA ARG B 157 10.34 -23.50 13.03
C ARG B 157 10.73 -24.78 13.76
N VAL B 158 11.02 -25.83 13.00
CA VAL B 158 11.46 -27.11 13.55
C VAL B 158 12.98 -27.15 13.50
N LEU B 159 13.61 -27.33 14.65
CA LEU B 159 15.07 -27.31 14.75
C LEU B 159 15.59 -28.71 15.04
N THR B 160 16.53 -29.17 14.22
CA THR B 160 17.22 -30.43 14.46
C THR B 160 18.74 -30.32 14.44
N ARG B 161 19.31 -29.24 13.90
CA ARG B 161 20.73 -28.99 13.80
C ARG B 161 21.26 -28.36 15.08
N PRO B 162 22.54 -28.60 15.40
CA PRO B 162 23.08 -28.09 16.68
C PRO B 162 23.13 -26.56 16.77
N VAL B 163 23.46 -25.87 15.68
CA VAL B 163 23.45 -24.41 15.65
C VAL B 163 22.46 -23.96 14.58
N TYR B 164 21.59 -23.03 14.96
CA TYR B 164 20.54 -22.54 14.08
C TYR B 164 20.46 -21.02 14.00
N ARG B 165 21.10 -20.29 14.90
CA ARG B 165 21.21 -18.84 14.82
C ARG B 165 22.68 -18.44 14.74
N ALA B 166 22.93 -17.25 14.19
CA ALA B 166 24.25 -16.67 14.17
C ALA B 166 24.11 -15.16 14.30
N ASN B 167 24.98 -14.55 15.10
CA ASN B 167 24.95 -13.10 15.26
C ASN B 167 25.17 -12.42 13.92
N GLY B 168 24.30 -11.47 13.60
CA GLY B 168 24.34 -10.72 12.35
C GLY B 168 23.51 -11.32 11.23
N ALA B 169 23.48 -12.65 11.14
CA ALA B 169 22.68 -13.33 10.13
C ALA B 169 21.31 -13.75 10.63
N ASP B 170 21.06 -13.66 11.94
CA ASP B 170 19.80 -14.11 12.57
C ASP B 170 19.66 -15.60 12.29
N TRP B 171 18.55 -16.05 11.70
CA TRP B 171 18.28 -17.47 11.54
C TRP B 171 18.93 -18.01 10.26
N LEU B 172 19.65 -19.13 10.40
CA LEU B 172 20.34 -19.78 9.29
C LEU B 172 19.35 -20.52 8.40
N PRO B 173 19.53 -20.46 7.08
CA PRO B 173 18.58 -21.14 6.18
C PRO B 173 18.75 -22.65 6.21
N GLU B 174 17.68 -23.34 5.83
CA GLU B 174 17.74 -24.79 5.70
C GLU B 174 18.78 -25.20 4.66
N ARG B 175 18.73 -24.58 3.48
CA ARG B 175 19.72 -24.83 2.44
C ARG B 175 20.71 -23.68 2.41
N PRO B 176 22.01 -23.92 2.64
CA PRO B 176 22.98 -22.83 2.58
C PRO B 176 23.09 -22.23 1.19
N ALA B 177 23.57 -20.99 1.15
CA ALA B 177 23.81 -20.32 -0.12
C ALA B 177 24.70 -21.17 -1.02
N ALA B 178 24.35 -21.21 -2.30
CA ALA B 178 25.10 -21.99 -3.26
C ALA B 178 26.15 -21.13 -3.95
N LEU B 179 27.24 -21.77 -4.37
CA LEU B 179 28.26 -21.08 -5.15
C LEU B 179 27.83 -21.01 -6.61
N TRP B 180 27.88 -19.82 -7.18
CA TRP B 180 27.45 -19.60 -8.55
C TRP B 180 28.61 -19.07 -9.40
N LEU B 181 28.38 -19.05 -10.71
CA LEU B 181 29.39 -18.71 -11.69
C LEU B 181 28.80 -17.74 -12.70
N TYR B 182 29.45 -16.61 -12.90
CA TYR B 182 29.14 -15.72 -14.01
C TYR B 182 30.17 -15.94 -15.12
N ASP B 183 29.69 -16.36 -16.28
CA ASP B 183 30.56 -16.60 -17.44
C ASP B 183 30.70 -15.28 -18.18
N VAL B 184 31.87 -14.65 -18.03
CA VAL B 184 32.08 -13.29 -18.54
C VAL B 184 31.94 -13.28 -20.07
N GLU B 185 32.59 -14.23 -20.75
CA GLU B 185 32.59 -14.22 -22.20
C GLU B 185 31.21 -14.52 -22.76
N ALA B 186 30.47 -15.45 -22.14
CA ALA B 186 29.17 -15.86 -22.64
C ALA B 186 28.01 -15.04 -22.09
N ASP B 187 28.26 -14.17 -21.11
CA ASP B 187 27.20 -13.40 -20.45
C ASP B 187 26.10 -14.34 -19.94
N LYS B 188 26.54 -15.38 -19.23
CA LYS B 188 25.65 -16.42 -18.73
C LYS B 188 25.98 -16.72 -17.28
N LEU B 189 24.95 -17.08 -16.51
CA LEU B 189 25.08 -17.46 -15.12
C LEU B 189 24.85 -18.96 -14.99
N ARG B 190 25.61 -19.61 -14.13
CA ARG B 190 25.43 -21.03 -13.91
C ARG B 190 25.73 -21.38 -12.46
N GLU B 191 24.91 -22.26 -11.88
CA GLU B 191 25.18 -22.74 -10.53
C GLU B 191 26.39 -23.67 -10.56
N TRP B 192 27.29 -23.48 -9.60
CA TRP B 192 28.53 -24.25 -9.55
C TRP B 192 28.45 -25.39 -8.54
N TYR B 193 28.07 -25.10 -7.30
CA TYR B 193 28.09 -26.10 -6.25
C TYR B 193 27.13 -25.68 -5.14
N ALA B 194 26.15 -26.52 -4.83
CA ALA B 194 25.21 -26.26 -3.76
C ALA B 194 25.61 -27.11 -2.56
N PRO B 195 26.30 -26.54 -1.56
CA PRO B 195 26.79 -27.35 -0.44
C PRO B 195 25.66 -27.74 0.51
N GLU B 196 25.90 -28.82 1.24
CA GLU B 196 24.94 -29.30 2.23
C GLU B 196 25.12 -28.63 3.59
N ILE B 197 26.32 -28.16 3.90
CA ILE B 197 26.60 -27.51 5.17
C ILE B 197 26.79 -26.00 5.00
N GLY B 198 27.67 -25.60 4.11
CA GLY B 198 28.00 -24.20 3.91
C GLY B 198 29.45 -24.05 3.53
N ILE B 199 29.76 -22.94 2.87
CA ILE B 199 31.09 -22.66 2.34
C ILE B 199 31.71 -21.55 3.17
N GLY B 200 32.94 -21.78 3.64
CA GLY B 200 33.68 -20.74 4.34
C GLY B 200 34.54 -19.93 3.40
N ALA B 201 35.84 -19.87 3.66
CA ALA B 201 36.76 -19.13 2.81
C ALA B 201 36.85 -19.76 1.43
N LEU B 202 37.09 -18.92 0.42
CA LEU B 202 37.19 -19.34 -0.97
C LEU B 202 38.28 -18.54 -1.66
N SER B 203 39.09 -19.24 -2.46
CA SER B 203 40.13 -18.59 -3.25
C SER B 203 40.32 -19.35 -4.55
N TRP B 204 40.54 -18.61 -5.63
CA TRP B 204 40.84 -19.22 -6.92
C TRP B 204 42.27 -19.74 -6.93
N TRP B 205 42.48 -20.88 -7.60
CA TRP B 205 43.82 -21.28 -7.96
C TRP B 205 44.40 -20.24 -8.94
N PRO B 206 45.71 -20.02 -8.91
CA PRO B 206 46.29 -18.98 -9.78
C PRO B 206 46.11 -19.24 -11.26
N ASP B 207 45.86 -20.48 -11.68
CA ASP B 207 45.63 -20.79 -13.08
C ASP B 207 44.14 -20.82 -13.45
N SER B 208 43.27 -20.39 -12.54
CA SER B 208 41.83 -20.30 -12.77
C SER B 208 41.18 -21.65 -13.08
N ARG B 209 41.83 -22.76 -12.69
CA ARG B 209 41.25 -24.07 -12.93
C ARG B 209 40.11 -24.40 -11.96
N GLY B 210 39.99 -23.65 -10.88
CA GLY B 210 38.98 -23.93 -9.89
C GLY B 210 39.30 -23.18 -8.61
N VAL B 211 38.57 -23.52 -7.55
CA VAL B 211 38.69 -22.81 -6.27
C VAL B 211 38.95 -23.81 -5.15
N LEU B 212 39.58 -23.30 -4.09
CA LEU B 212 39.65 -23.95 -2.80
C LEU B 212 38.57 -23.40 -1.89
N ILE B 213 37.95 -24.28 -1.11
CA ILE B 213 36.88 -23.90 -0.20
C ILE B 213 37.10 -24.58 1.15
N VAL B 214 36.63 -23.94 2.20
CA VAL B 214 36.68 -24.46 3.55
C VAL B 214 35.30 -24.98 3.91
N GLN B 215 35.23 -26.20 4.43
CA GLN B 215 33.95 -26.77 4.83
C GLN B 215 34.14 -27.72 6.01
N SER B 216 33.05 -27.96 6.71
CA SER B 216 33.00 -28.92 7.80
C SER B 216 32.34 -30.20 7.30
N GLU B 217 32.63 -31.32 7.97
CA GLU B 217 32.10 -32.60 7.52
C GLU B 217 30.58 -32.67 7.75
N ASP B 218 30.12 -32.14 8.88
CA ASP B 218 28.70 -32.15 9.20
C ASP B 218 28.41 -30.96 10.12
N GLU B 219 27.15 -30.86 10.55
CA GLU B 219 26.76 -29.73 11.38
C GLU B 219 27.38 -29.78 12.77
N TRP B 220 27.58 -30.99 13.32
CA TRP B 220 28.22 -31.10 14.62
C TRP B 220 29.67 -30.63 14.56
N GLN B 221 30.42 -31.09 13.56
CA GLN B 221 31.80 -30.66 13.42
C GLN B 221 31.90 -29.15 13.25
N ALA B 222 30.93 -28.54 12.55
CA ALA B 222 30.92 -27.10 12.40
C ALA B 222 30.74 -26.40 13.75
N SER B 223 29.87 -26.94 14.61
CA SER B 223 29.67 -26.36 15.93
C SER B 223 30.93 -26.44 16.79
N GLN B 224 31.79 -27.42 16.53
CA GLN B 224 33.03 -27.58 17.27
C GLN B 224 34.21 -26.87 16.61
N TRP B 225 33.94 -26.06 15.58
CA TRP B 225 34.96 -25.25 14.92
C TRP B 225 36.03 -26.13 14.27
N ARG B 226 35.61 -27.24 13.67
CA ARG B 226 36.49 -28.16 12.98
C ARG B 226 36.13 -28.16 11.49
N GLN B 227 37.08 -27.75 10.65
CA GLN B 227 36.85 -27.62 9.22
C GLN B 227 37.96 -28.28 8.44
N ASP B 228 37.70 -28.53 7.15
CA ASP B 228 38.66 -29.09 6.22
C ASP B 228 38.69 -28.23 4.96
N VAL B 229 39.68 -28.48 4.11
CA VAL B 229 39.86 -27.74 2.86
C VAL B 229 39.60 -28.69 1.69
N TYR B 230 38.87 -28.20 0.70
CA TYR B 230 38.46 -29.00 -0.45
C TYR B 230 38.89 -28.33 -1.76
N ASP B 231 39.05 -29.17 -2.78
CA ASP B 231 39.39 -28.73 -4.13
C ASP B 231 38.16 -28.83 -5.02
N LEU B 232 37.81 -27.73 -5.68
CA LEU B 232 36.61 -27.66 -6.52
C LEU B 232 36.96 -27.22 -7.94
N PRO B 233 37.04 -28.15 -8.89
CA PRO B 233 37.32 -27.76 -10.28
C PRO B 233 36.12 -27.05 -10.91
N LEU B 234 36.41 -26.34 -11.99
CA LEU B 234 35.34 -25.74 -12.79
C LEU B 234 34.44 -26.83 -13.34
N PRO B 235 33.14 -26.54 -13.52
CA PRO B 235 32.21 -27.57 -14.01
C PRO B 235 32.37 -27.84 -15.51
N ALA B 242 31.78 -32.25 -8.00
CA ALA B 242 31.92 -32.70 -6.63
C ALA B 242 33.26 -32.29 -6.05
N PRO B 243 33.25 -31.62 -4.88
CA PRO B 243 34.50 -31.21 -4.26
C PRO B 243 35.30 -32.40 -3.75
N GLN B 244 36.59 -32.39 -4.02
CA GLN B 244 37.52 -33.40 -3.51
C GLN B 244 38.20 -32.89 -2.25
N LYS B 245 38.27 -33.75 -1.24
CA LYS B 245 38.96 -33.38 -0.01
C LYS B 245 40.45 -33.19 -0.27
N LEU B 246 41.02 -32.13 0.27
CA LEU B 246 42.41 -31.80 0.02
C LEU B 246 43.28 -31.82 1.27
N LEU B 247 42.72 -31.48 2.43
CA LEU B 247 43.51 -31.42 3.66
C LEU B 247 42.65 -31.83 4.83
N ASP B 248 43.17 -32.78 5.62
CA ASP B 248 42.53 -33.20 6.86
C ASP B 248 42.96 -32.22 7.95
N TRP B 249 42.24 -31.11 8.06
CA TRP B 249 42.61 -30.08 9.00
C TRP B 249 41.92 -30.29 10.34
N ASN B 250 40.61 -30.56 10.31
CA ASN B 250 39.83 -30.89 11.51
C ASN B 250 39.99 -29.81 12.58
N SER B 251 40.01 -28.56 12.14
CA SER B 251 40.28 -27.43 13.02
C SER B 251 39.81 -26.17 12.32
N ALA B 252 40.16 -25.02 12.88
CA ALA B 252 39.71 -23.75 12.34
C ALA B 252 40.61 -23.31 11.19
N ALA B 253 40.00 -22.92 10.08
CA ALA B 253 40.70 -22.42 8.91
C ALA B 253 39.89 -21.22 8.43
N HIS B 254 40.54 -20.08 8.34
CA HIS B 254 39.82 -18.83 8.14
C HIS B 254 40.13 -18.14 6.82
N GLY B 255 41.34 -18.31 6.30
CA GLY B 255 41.73 -17.67 5.05
C GLY B 255 42.62 -18.59 4.26
N LEU B 256 42.48 -18.53 2.94
CA LEU B 256 43.27 -19.34 2.02
C LEU B 256 44.05 -18.45 1.07
N ALA B 257 45.33 -18.77 0.88
CA ALA B 257 46.24 -18.00 0.01
C ALA B 257 46.99 -18.98 -0.87
N PRO B 258 46.48 -19.28 -2.07
CA PRO B 258 47.17 -20.22 -2.95
C PRO B 258 48.55 -19.71 -3.36
N HIS B 259 49.52 -20.61 -3.35
CA HIS B 259 50.87 -20.25 -3.74
C HIS B 259 50.95 -20.03 -5.25
N PRO B 260 51.82 -19.14 -5.71
CA PRO B 260 51.95 -18.94 -7.17
C PRO B 260 52.31 -20.19 -7.95
N ASP B 261 52.80 -21.25 -7.31
CA ASP B 261 53.10 -22.47 -8.04
C ASP B 261 51.86 -23.27 -8.43
N GLY B 262 50.68 -22.86 -7.97
CA GLY B 262 49.45 -23.55 -8.33
C GLY B 262 49.23 -24.87 -7.64
N GLN B 263 50.06 -25.22 -6.66
CA GLN B 263 49.91 -26.50 -5.96
C GLN B 263 49.87 -26.36 -4.45
N ARG B 264 50.76 -25.56 -3.87
CA ARG B 264 50.71 -25.32 -2.43
C ARG B 264 49.79 -24.14 -2.12
N PHE B 265 49.44 -24.01 -0.84
CA PHE B 265 48.64 -22.88 -0.39
C PHE B 265 48.87 -22.67 1.10
N ALA B 266 48.67 -21.43 1.53
CA ALA B 266 48.74 -21.08 2.95
C ALA B 266 47.33 -20.89 3.50
N LEU B 267 47.16 -21.22 4.78
CA LEU B 267 45.90 -21.01 5.45
C LEU B 267 46.11 -20.27 6.76
N ILE B 268 45.12 -19.46 7.15
CA ILE B 268 45.09 -18.78 8.43
C ILE B 268 44.23 -19.61 9.38
N GLY B 269 44.77 -19.93 10.55
CA GLY B 269 44.02 -20.71 11.50
C GLY B 269 44.93 -21.28 12.58
N ARG B 270 44.55 -22.45 13.07
CA ARG B 270 45.29 -23.17 14.09
C ARG B 270 45.11 -24.66 13.84
N PRO B 271 46.11 -25.48 14.13
CA PRO B 271 45.98 -26.93 13.90
C PRO B 271 45.09 -27.57 14.95
N ALA B 272 44.77 -28.83 14.71
CA ALA B 272 43.90 -29.57 15.61
C ALA B 272 44.58 -29.75 16.97
N GLY B 273 43.75 -29.80 18.01
CA GLY B 273 44.23 -29.89 19.37
C GLY B 273 44.37 -28.56 20.06
N LYS B 274 44.62 -27.48 19.32
CA LYS B 274 44.72 -26.14 19.88
C LYS B 274 43.36 -25.47 19.81
N GLY B 275 42.86 -25.06 20.96
CA GLY B 275 41.54 -24.46 21.05
C GLY B 275 41.53 -22.99 20.63
N ASN B 276 40.35 -22.38 20.83
CA ASN B 276 40.12 -20.99 20.42
C ASN B 276 41.13 -20.01 21.02
N THR B 277 41.79 -20.36 22.13
CA THR B 277 42.67 -19.41 22.79
C THR B 277 44.03 -19.26 22.09
N GLU B 278 44.41 -20.16 21.19
CA GLU B 278 45.71 -20.03 20.57
C GLU B 278 45.68 -19.00 19.45
N HIS B 279 46.79 -18.27 19.33
CA HIS B 279 46.97 -17.30 18.25
C HIS B 279 46.70 -17.95 16.90
N ALA B 280 45.92 -17.27 16.08
CA ALA B 280 45.83 -17.64 14.66
C ALA B 280 47.20 -17.41 14.03
N HIS B 281 47.65 -18.39 13.25
CA HIS B 281 48.96 -18.34 12.61
C HIS B 281 48.82 -18.74 11.14
N LEU B 282 49.94 -18.68 10.43
CA LEU B 282 50.00 -19.02 9.02
C LEU B 282 50.64 -20.39 8.84
N TYR B 283 50.05 -21.22 7.99
CA TYR B 283 50.56 -22.57 7.76
C TYR B 283 50.61 -22.86 6.26
N LEU B 284 51.76 -23.34 5.81
CA LEU B 284 51.96 -23.71 4.41
C LEU B 284 51.63 -25.17 4.22
N ILE B 285 50.74 -25.46 3.26
CA ILE B 285 50.23 -26.81 3.02
C ILE B 285 50.91 -27.37 1.77
N GLU B 286 51.45 -28.59 1.89
CA GLU B 286 52.05 -29.28 0.75
C GLU B 286 51.77 -30.77 0.91
N ASN B 287 50.99 -31.33 -0.01
CA ASN B 287 50.64 -32.75 -0.03
C ASN B 287 50.07 -33.20 1.32
N GLY B 288 49.03 -32.50 1.77
CA GLY B 288 48.37 -32.86 3.02
C GLY B 288 49.15 -32.57 4.28
N GLN B 289 50.39 -32.12 4.18
CA GLN B 289 51.21 -31.74 5.32
C GLN B 289 51.16 -30.23 5.53
N HIS B 290 51.41 -29.81 6.77
CA HIS B 290 51.38 -28.41 7.12
C HIS B 290 52.65 -28.07 7.88
N ARG B 291 53.14 -26.86 7.67
CA ARG B 291 54.29 -26.36 8.41
C ARG B 291 54.04 -24.91 8.77
N ARG B 292 54.43 -24.54 9.99
CA ARG B 292 54.27 -23.16 10.44
C ARG B 292 55.10 -22.22 9.58
N LEU B 293 54.49 -21.11 9.17
CA LEU B 293 55.12 -20.15 8.28
C LEU B 293 55.52 -18.86 8.96
N ASP B 294 54.70 -18.35 9.90
CA ASP B 294 55.07 -17.16 10.64
C ASP B 294 55.83 -17.54 11.92
N THR B 295 56.91 -18.29 11.70
CA THR B 295 57.70 -18.84 12.79
C THR B 295 58.41 -17.74 13.56
N GLY B 296 58.59 -17.97 14.87
CA GLY B 296 59.28 -17.00 15.69
C GLY B 296 58.52 -15.72 15.92
N HIS B 297 57.23 -15.69 15.58
CA HIS B 297 56.39 -14.50 15.67
C HIS B 297 55.28 -14.80 16.67
N ASP B 298 55.43 -14.32 17.90
CA ASP B 298 54.54 -14.68 19.01
C ASP B 298 53.35 -13.72 19.07
N HIS B 299 52.62 -13.64 17.96
CA HIS B 299 51.51 -12.70 17.80
C HIS B 299 50.52 -13.24 16.79
N PRO B 300 49.23 -12.92 16.94
CA PRO B 300 48.21 -13.51 16.07
C PRO B 300 48.11 -12.80 14.73
N VAL B 301 47.63 -13.55 13.74
CA VAL B 301 47.34 -13.00 12.42
C VAL B 301 46.04 -12.20 12.47
N GLY B 302 46.03 -11.03 11.85
CA GLY B 302 44.84 -10.24 11.69
C GLY B 302 44.72 -9.12 12.70
N ASP B 303 43.75 -8.24 12.45
CA ASP B 303 43.47 -7.09 13.30
C ASP B 303 42.55 -7.52 14.45
N ALA B 304 43.03 -7.34 15.68
CA ALA B 304 42.25 -7.61 16.88
C ALA B 304 42.36 -6.43 17.84
N VAL B 305 42.42 -5.22 17.30
CA VAL B 305 42.50 -3.99 18.09
C VAL B 305 41.15 -3.29 18.03
N GLY B 306 40.75 -2.72 19.16
CA GLY B 306 39.43 -2.12 19.26
C GLY B 306 39.32 -0.80 18.52
N GLY B 307 38.11 -0.54 18.02
CA GLY B 307 37.81 0.71 17.35
C GLY B 307 36.34 0.72 17.00
N ASP B 308 35.81 1.93 16.80
CA ASP B 308 34.38 2.08 16.55
C ASP B 308 34.07 2.88 15.30
N CYS B 309 35.04 3.03 14.40
CA CYS B 309 34.82 3.74 13.13
C CYS B 309 35.07 2.81 11.95
N HIS B 310 34.62 1.56 12.08
CA HIS B 310 34.73 0.56 11.02
C HIS B 310 33.34 0.10 10.61
N VAL B 311 32.88 0.59 9.45
CA VAL B 311 31.61 0.17 8.86
C VAL B 311 31.91 -0.49 7.52
N GLY B 312 31.54 -1.75 7.38
CA GLY B 312 31.71 -2.48 6.14
C GLY B 312 32.73 -3.61 6.25
N ALA B 313 33.21 -4.04 5.09
CA ALA B 313 34.11 -5.18 4.99
C ALA B 313 35.56 -4.72 5.08
N PHE B 314 36.38 -5.48 5.80
CA PHE B 314 37.78 -5.14 6.02
C PHE B 314 38.65 -6.33 5.63
N PRO B 315 39.00 -6.44 4.34
CA PRO B 315 39.77 -7.61 3.89
C PRO B 315 41.17 -7.64 4.49
N GLU B 316 41.59 -8.85 4.86
CA GLU B 316 42.93 -9.06 5.43
C GLU B 316 43.63 -10.27 4.82
N GLY B 317 43.15 -10.77 3.68
CA GLY B 317 43.73 -11.94 3.06
C GLY B 317 45.20 -11.78 2.74
N PRO B 318 46.01 -12.75 3.18
CA PRO B 318 47.44 -12.70 2.88
C PRO B 318 47.69 -12.85 1.39
N ARG B 319 48.78 -12.23 0.93
CA ARG B 319 49.10 -12.21 -0.49
C ARG B 319 50.57 -12.52 -0.71
N TRP B 320 50.84 -13.38 -1.68
CA TRP B 320 52.21 -13.76 -2.02
C TRP B 320 52.86 -12.66 -2.85
N LEU B 321 53.90 -12.03 -2.30
CA LEU B 321 54.64 -11.03 -3.06
C LEU B 321 55.65 -11.66 -4.02
N ASP B 322 56.09 -12.88 -3.73
CA ASP B 322 56.85 -13.70 -4.67
C ASP B 322 56.74 -15.15 -4.19
N GLY B 323 57.55 -16.03 -4.79
CA GLY B 323 57.52 -17.44 -4.44
C GLY B 323 57.94 -17.75 -3.01
N ASP B 324 58.59 -16.81 -2.34
CA ASP B 324 59.10 -17.03 -1.00
C ASP B 324 58.48 -16.15 0.08
N THR B 325 57.69 -15.14 -0.30
CA THR B 325 57.29 -14.08 0.62
C THR B 325 55.77 -13.99 0.67
N LEU B 326 55.22 -14.05 1.89
CA LEU B 326 53.77 -13.97 2.11
C LEU B 326 53.48 -12.77 3.01
N LEU B 327 52.77 -11.78 2.47
CA LEU B 327 52.43 -10.57 3.22
C LEU B 327 51.17 -10.78 4.04
N PHE B 328 51.19 -10.33 5.30
CA PHE B 328 50.04 -10.47 6.19
C PHE B 328 50.09 -9.37 7.25
N SER B 329 48.96 -9.19 7.94
CA SER B 329 48.84 -8.25 9.04
C SER B 329 48.81 -8.99 10.37
N SER B 330 49.17 -8.29 11.44
CA SER B 330 49.31 -8.93 12.75
C SER B 330 49.17 -7.89 13.85
N THR B 331 48.60 -8.33 14.97
CA THR B 331 48.35 -7.47 16.13
C THR B 331 49.52 -7.56 17.11
N VAL B 332 50.12 -6.40 17.42
CA VAL B 332 51.26 -6.34 18.33
C VAL B 332 51.04 -5.18 19.29
N ARG B 333 50.81 -5.50 20.56
CA ARG B 333 50.76 -4.53 21.66
C ARG B 333 49.89 -3.32 21.33
N GLY B 334 48.64 -3.60 20.98
CA GLY B 334 47.69 -2.54 20.69
C GLY B 334 47.80 -1.95 19.31
N SER B 335 48.63 -2.50 18.45
CA SER B 335 48.81 -2.00 17.09
C SER B 335 48.61 -3.14 16.10
N VAL B 336 48.41 -2.76 14.84
CA VAL B 336 48.30 -3.71 13.73
C VAL B 336 49.20 -3.24 12.61
N GLY B 337 50.15 -4.10 12.20
CA GLY B 337 51.08 -3.76 11.15
C GLY B 337 51.12 -4.84 10.10
N LEU B 338 51.76 -4.51 8.98
CA LEU B 338 51.95 -5.47 7.89
C LEU B 338 53.30 -6.14 8.04
N PHE B 339 53.33 -7.46 7.81
CA PHE B 339 54.54 -8.24 7.95
C PHE B 339 54.67 -9.20 6.78
N THR B 340 55.89 -9.66 6.55
CA THR B 340 56.17 -10.70 5.57
C THR B 340 56.75 -11.93 6.26
N ALA B 341 56.22 -13.10 5.91
CA ALA B 341 56.81 -14.37 6.34
C ALA B 341 57.59 -14.94 5.17
N HIS B 342 58.74 -15.56 5.46
CA HIS B 342 59.66 -16.00 4.42
C HIS B 342 59.89 -17.49 4.55
N ILE B 343 59.71 -18.20 3.43
CA ILE B 343 59.92 -19.65 3.42
C ILE B 343 61.36 -19.97 3.81
N GLY B 344 61.51 -20.92 4.72
CA GLY B 344 62.80 -21.26 5.27
C GLY B 344 63.34 -20.30 6.31
N GLY B 345 62.57 -19.27 6.67
CA GLY B 345 63.03 -18.27 7.62
C GLY B 345 61.93 -17.79 8.55
N GLY B 346 61.99 -16.52 8.92
CA GLY B 346 61.06 -15.99 9.90
C GLY B 346 60.19 -14.86 9.39
N VAL B 347 59.90 -13.89 10.25
CA VAL B 347 58.96 -12.81 9.97
C VAL B 347 59.70 -11.49 10.01
N LYS B 348 59.46 -10.65 9.00
CA LYS B 348 60.07 -9.33 8.89
C LYS B 348 58.98 -8.28 8.87
N ALA B 349 59.23 -7.16 9.53
CA ALA B 349 58.31 -6.03 9.43
C ALA B 349 58.28 -5.52 7.99
N TYR B 350 57.09 -5.17 7.54
CA TYR B 350 56.88 -4.59 6.21
C TYR B 350 56.38 -3.17 6.29
N ASP B 351 55.41 -2.92 7.17
CA ASP B 351 54.85 -1.59 7.38
C ASP B 351 54.18 -1.65 8.75
N HIS B 352 54.96 -1.43 9.80
CA HIS B 352 54.46 -1.55 11.16
C HIS B 352 54.82 -0.29 11.94
N ASP B 353 53.79 0.51 12.26
CA ASP B 353 53.91 1.61 13.18
C ASP B 353 53.39 1.12 14.53
N PRO B 354 54.22 1.01 15.55
CA PRO B 354 53.73 0.51 16.86
C PRO B 354 52.69 1.40 17.50
N GLN B 355 52.43 2.59 16.95
CA GLN B 355 51.39 3.48 17.48
C GLN B 355 50.23 3.65 16.51
N GLY B 356 50.09 2.76 15.53
CA GLY B 356 49.03 2.87 14.54
C GLY B 356 48.42 1.52 14.26
N VAL B 357 47.32 1.55 13.49
CA VAL B 357 46.56 0.33 13.18
C VAL B 357 46.24 0.31 11.70
N ILE B 358 46.72 -0.71 11.00
CA ILE B 358 46.29 -1.02 9.64
C ILE B 358 45.15 -2.02 9.72
N SER B 359 43.93 -1.57 9.45
CA SER B 359 42.76 -2.41 9.67
C SER B 359 42.35 -3.23 8.45
N ALA B 360 42.87 -2.89 7.27
CA ALA B 360 42.55 -3.63 6.06
C ALA B 360 43.61 -3.34 5.02
N PHE B 361 43.80 -4.29 4.09
CA PHE B 361 44.80 -4.12 3.06
C PHE B 361 44.53 -5.10 1.93
N THR B 362 44.92 -4.71 0.72
CA THR B 362 45.04 -5.61 -0.41
C THR B 362 46.37 -5.34 -1.10
N ALA B 363 46.86 -6.34 -1.82
CA ALA B 363 48.19 -6.22 -2.40
C ALA B 363 48.35 -7.19 -3.57
N ASN B 364 49.30 -6.87 -4.43
CA ASN B 364 49.78 -7.75 -5.47
C ASN B 364 51.25 -7.42 -5.71
N GLU B 365 51.80 -7.89 -6.82
CA GLU B 365 53.21 -7.68 -7.10
C GLU B 365 53.51 -6.25 -7.57
N HIS B 366 52.49 -5.39 -7.70
CA HIS B 366 52.68 -4.04 -8.21
C HIS B 366 52.30 -2.92 -7.23
N GLY B 367 51.57 -3.21 -6.16
CA GLY B 367 51.17 -2.13 -5.26
C GLY B 367 50.39 -2.65 -4.07
N VAL B 368 50.12 -1.72 -3.15
CA VAL B 368 49.42 -2.01 -1.90
C VAL B 368 48.45 -0.87 -1.62
N ALA B 369 47.25 -1.21 -1.16
CA ALA B 369 46.30 -0.23 -0.64
C ALA B 369 45.82 -0.69 0.73
N LEU B 370 45.54 0.27 1.59
CA LEU B 370 45.19 -0.06 2.97
C LEU B 370 44.41 1.10 3.59
N ILE B 371 43.89 0.83 4.79
CA ILE B 371 43.28 1.84 5.65
C ILE B 371 44.11 1.93 6.93
N ARG B 372 44.44 3.16 7.34
CA ARG B 372 45.31 3.39 8.49
C ARG B 372 44.63 4.34 9.46
N GLU B 373 44.96 4.17 10.74
CA GLU B 373 44.39 4.99 11.80
C GLU B 373 45.30 4.93 13.01
N SER B 374 45.00 5.78 13.99
CA SER B 374 45.71 5.79 15.26
C SER B 374 44.73 6.24 16.34
N ALA B 375 45.22 6.35 17.57
CA ALA B 375 44.37 6.83 18.65
C ALA B 375 43.91 8.28 18.43
N THR B 376 44.62 9.03 17.60
CA THR B 376 44.32 10.44 17.37
C THR B 376 43.93 10.75 15.92
N ARG B 377 43.92 9.76 15.03
CA ARG B 377 43.68 9.99 13.61
C ARG B 377 42.56 9.08 13.11
N PHE B 378 41.53 9.69 12.54
CA PHE B 378 40.41 8.96 11.97
C PHE B 378 40.88 8.11 10.78
N PRO B 379 40.24 6.96 10.55
CA PRO B 379 40.64 6.11 9.42
C PRO B 379 40.74 6.85 8.09
N GLU B 380 41.82 6.58 7.37
CA GLU B 380 42.06 7.13 6.04
C GLU B 380 42.48 6.00 5.10
N VAL B 381 42.20 6.16 3.82
CA VAL B 381 42.63 5.21 2.80
C VAL B 381 43.99 5.64 2.28
N GLU B 382 44.89 4.66 2.10
CA GLU B 382 46.22 4.90 1.58
C GLU B 382 46.46 4.06 0.34
N LEU B 383 47.28 4.60 -0.57
CA LEU B 383 47.71 3.88 -1.75
C LEU B 383 49.21 4.06 -1.90
N ASN B 384 49.94 2.95 -1.80
CA ASN B 384 51.40 2.94 -1.92
C ASN B 384 52.05 4.03 -1.06
N GLY B 385 51.58 4.13 0.19
CA GLY B 385 52.14 5.06 1.13
C GLY B 385 51.59 6.46 1.08
N GLN B 386 50.71 6.77 0.13
CA GLN B 386 50.14 8.10 -0.02
C GLN B 386 48.69 8.09 0.46
N ARG B 387 48.38 8.98 1.39
CA ARG B 387 47.00 9.12 1.84
C ARG B 387 46.18 9.78 0.74
N VAL B 388 45.04 9.18 0.41
CA VAL B 388 44.21 9.64 -0.71
C VAL B 388 42.86 10.17 -0.25
N THR B 389 42.56 10.12 1.05
CA THR B 389 41.33 10.66 1.60
C THR B 389 41.65 11.76 2.60
N ASP B 390 40.62 12.53 2.95
CA ASP B 390 40.73 13.61 3.92
C ASP B 390 39.60 13.51 4.94
N LEU B 391 39.38 12.30 5.46
CA LEU B 391 38.22 12.05 6.31
C LEU B 391 38.40 12.58 7.72
N HIS B 392 39.64 12.64 8.22
CA HIS B 392 39.87 13.21 9.54
C HIS B 392 39.42 14.67 9.60
N ALA B 393 39.46 15.37 8.46
CA ALA B 393 39.00 16.75 8.40
C ALA B 393 37.52 16.89 8.76
N ARG B 394 36.73 15.82 8.60
CA ARG B 394 35.31 15.89 8.94
C ARG B 394 35.04 15.68 10.43
N PHE B 395 36.02 15.25 11.21
CA PHE B 395 35.77 15.05 12.63
C PHE B 395 35.42 16.38 13.28
N PRO B 396 34.26 16.48 13.93
CA PRO B 396 33.67 17.81 14.21
C PRO B 396 34.18 18.48 15.49
N PHE B 397 35.10 17.89 16.24
CA PHE B 397 35.66 18.59 17.39
C PHE B 397 37.10 18.17 17.56
N PRO B 398 37.91 18.96 18.27
CA PRO B 398 39.34 18.63 18.38
C PRO B 398 39.56 17.32 19.13
N VAL B 399 40.45 16.51 18.58
CA VAL B 399 40.80 15.24 19.20
C VAL B 399 41.97 15.48 20.16
N ARG B 400 42.09 14.60 21.13
CA ARG B 400 43.14 14.73 22.14
C ARG B 400 43.98 13.46 22.17
N GLU B 401 45.20 13.60 22.68
CA GLU B 401 46.21 12.57 22.69
C GLU B 401 46.29 11.92 24.07
N PRO B 402 46.18 10.60 24.15
CA PRO B 402 46.27 9.93 25.46
C PRO B 402 47.72 9.84 25.95
N GLN B 403 47.84 9.57 27.24
CA GLN B 403 49.12 9.36 27.91
C GLN B 403 49.15 7.94 28.45
N ARG B 404 50.33 7.31 28.38
CA ARG B 404 50.46 5.91 28.75
C ARG B 404 50.68 5.77 30.25
N VAL B 405 50.05 4.74 30.83
CA VAL B 405 50.21 4.42 32.24
C VAL B 405 50.42 2.92 32.35
N THR B 406 51.44 2.51 33.09
CA THR B 406 51.85 1.11 33.19
C THR B 406 51.47 0.53 34.55
N PHE B 407 51.52 -0.80 34.60
CA PHE B 407 51.34 -1.55 35.85
C PHE B 407 52.22 -2.78 35.79
N GLU B 408 52.48 -3.36 36.96
CA GLU B 408 53.42 -4.46 37.10
C GLU B 408 52.68 -5.76 37.38
N THR B 409 53.11 -6.84 36.72
CA THR B 409 52.59 -8.17 36.95
C THR B 409 53.75 -9.16 37.01
N GLU B 410 53.47 -10.34 37.57
CA GLU B 410 54.47 -11.40 37.64
C GLU B 410 54.93 -11.86 36.26
N LEU B 411 54.14 -11.59 35.21
CA LEU B 411 54.52 -11.93 33.85
C LEU B 411 55.25 -10.81 33.12
N GLY B 412 55.43 -9.67 33.76
CA GLY B 412 56.05 -8.51 33.15
C GLY B 412 55.13 -7.31 33.18
N GLU B 413 55.57 -6.25 32.52
CA GLU B 413 54.90 -4.95 32.60
C GLU B 413 53.68 -4.93 31.70
N GLY B 414 52.55 -4.48 32.25
CA GLY B 414 51.37 -4.20 31.46
C GLY B 414 51.22 -2.70 31.23
N GLU B 415 50.33 -2.34 30.31
CA GLU B 415 50.18 -0.95 29.92
C GLU B 415 48.72 -0.61 29.68
N GLY B 416 48.41 0.67 29.83
CA GLY B 416 47.11 1.22 29.51
C GLY B 416 47.23 2.68 29.16
N TRP B 417 46.10 3.39 29.04
CA TRP B 417 46.13 4.77 28.61
C TRP B 417 45.06 5.57 29.34
N VAL B 418 45.30 6.88 29.42
CA VAL B 418 44.33 7.82 29.97
C VAL B 418 44.15 8.95 28.96
N LEU B 419 42.90 9.22 28.60
CA LEU B 419 42.56 10.34 27.73
C LEU B 419 41.84 11.39 28.57
N LEU B 420 42.43 12.57 28.70
CA LEU B 420 41.94 13.63 29.56
C LEU B 420 41.26 14.73 28.74
N PRO B 421 40.27 15.41 29.32
CA PRO B 421 39.70 16.59 28.67
C PRO B 421 40.69 17.76 28.68
N GLU B 422 40.35 18.80 27.92
CA GLU B 422 41.09 20.05 28.00
C GLU B 422 40.95 20.65 29.39
N GLY B 423 41.89 21.52 29.73
CA GLY B 423 41.84 22.26 30.97
C GLY B 423 42.69 21.67 32.07
N GLU B 424 42.40 22.11 33.30
CA GLU B 424 43.16 21.72 34.47
C GLU B 424 42.28 21.29 35.64
N GLN B 425 40.97 21.24 35.47
CA GLN B 425 40.04 20.91 36.54
C GLN B 425 40.05 19.40 36.82
N LYS B 426 39.52 19.03 37.98
CA LYS B 426 39.32 17.63 38.31
C LYS B 426 38.21 17.05 37.42
N VAL B 427 38.37 15.79 37.05
CA VAL B 427 37.39 15.14 36.17
C VAL B 427 37.16 13.72 36.63
N PRO B 428 35.93 13.21 36.41
CA PRO B 428 35.65 11.82 36.76
C PRO B 428 36.49 10.86 35.94
N ALA B 429 36.76 9.69 36.52
CA ALA B 429 37.59 8.66 35.90
C ALA B 429 36.69 7.50 35.48
N LEU B 430 36.73 7.16 34.19
CA LEU B 430 35.91 6.11 33.62
C LEU B 430 36.81 4.92 33.26
N LEU B 431 36.66 3.80 33.96
CA LEU B 431 37.39 2.59 33.65
C LEU B 431 36.66 1.82 32.57
N ASN B 432 37.26 1.71 31.39
CA ASN B 432 36.68 1.01 30.26
C ASN B 432 37.43 -0.30 30.03
N ILE B 433 36.69 -1.39 29.87
CA ILE B 433 37.24 -2.74 29.74
C ILE B 433 36.89 -3.28 28.37
N HIS B 434 37.90 -3.66 27.58
CA HIS B 434 37.63 -4.21 26.27
C HIS B 434 37.19 -5.67 26.36
N GLY B 435 36.40 -6.09 25.38
CA GLY B 435 35.89 -7.44 25.34
C GLY B 435 36.86 -8.41 24.71
N GLY B 436 36.34 -9.57 24.34
CA GLY B 436 37.15 -10.62 23.76
C GLY B 436 37.00 -11.92 24.50
N PRO B 437 37.85 -12.13 25.53
CA PRO B 437 38.80 -11.15 26.06
C PRO B 437 40.09 -11.00 25.25
N HIS B 438 40.28 -11.84 24.24
CA HIS B 438 41.54 -11.89 23.50
C HIS B 438 41.56 -10.89 22.35
N THR B 439 41.45 -9.61 22.72
CA THR B 439 41.69 -8.48 21.84
C THR B 439 42.57 -7.47 22.57
N ASP B 440 42.83 -6.34 21.92
CA ASP B 440 43.65 -5.27 22.48
C ASP B 440 42.94 -3.94 22.41
N TYR B 441 43.08 -3.14 23.47
CA TYR B 441 42.96 -1.70 23.36
C TYR B 441 44.29 -1.13 22.86
N GLY B 442 44.28 0.13 22.45
CA GLY B 442 45.54 0.78 22.16
C GLY B 442 45.50 1.89 21.12
N HIS B 443 45.76 1.54 19.87
CA HIS B 443 46.04 2.52 18.84
C HIS B 443 45.03 2.49 17.69
N GLY B 444 43.86 1.93 17.93
CA GLY B 444 42.73 2.18 17.07
C GLY B 444 42.07 3.51 17.41
N PHE B 445 41.25 4.01 16.49
CA PHE B 445 40.50 5.24 16.72
C PHE B 445 39.15 4.91 17.32
N THR B 446 38.83 5.53 18.45
CA THR B 446 37.60 5.27 19.18
C THR B 446 36.85 6.60 19.35
N HIS B 447 35.85 6.82 18.50
CA HIS B 447 35.02 8.03 18.60
C HIS B 447 34.39 8.15 19.98
N GLU B 448 33.96 7.04 20.57
CA GLU B 448 33.33 7.08 21.88
C GLU B 448 34.26 7.65 22.95
N PHE B 449 35.53 7.24 22.92
CA PHE B 449 36.48 7.74 23.91
C PHE B 449 36.74 9.23 23.73
N GLN B 450 36.90 9.69 22.47
CA GLN B 450 37.11 11.10 22.21
C GLN B 450 35.91 11.93 22.64
N LEU B 451 34.70 11.41 22.41
CA LEU B 451 33.50 12.11 22.85
C LEU B 451 33.41 12.18 24.38
N MET B 452 33.80 11.09 25.05
CA MET B 452 33.80 11.08 26.52
C MET B 452 34.70 12.17 27.06
N ALA B 453 35.93 12.27 26.54
CA ALA B 453 36.86 13.30 27.00
C ALA B 453 36.35 14.70 26.65
N ALA B 454 35.72 14.85 25.48
CA ALA B 454 35.19 16.15 25.08
C ALA B 454 34.06 16.61 25.98
N ARG B 455 33.42 15.71 26.72
CA ARG B 455 32.34 16.07 27.63
C ARG B 455 32.80 16.11 29.09
N GLY B 456 34.10 16.03 29.34
CA GLY B 456 34.64 16.26 30.67
C GLY B 456 34.99 15.03 31.48
N TYR B 457 35.17 13.88 30.85
CA TYR B 457 35.53 12.66 31.56
C TYR B 457 36.95 12.22 31.21
N GLY B 458 37.63 11.65 32.20
CA GLY B 458 38.90 10.99 31.96
C GLY B 458 38.69 9.51 31.67
N VAL B 459 39.16 9.07 30.50
CA VAL B 459 38.92 7.70 30.03
C VAL B 459 40.17 6.86 30.33
N CYS B 460 40.00 5.80 31.10
CA CYS B 460 41.09 4.89 31.45
C CYS B 460 40.81 3.52 30.83
N TYR B 461 41.75 3.03 30.03
CA TYR B 461 41.57 1.78 29.29
C TYR B 461 42.92 1.10 29.13
N SER B 462 42.93 -0.23 29.31
CA SER B 462 44.18 -0.97 29.42
C SER B 462 44.05 -2.35 28.80
N ASN B 463 45.17 -3.07 28.77
CA ASN B 463 45.26 -4.43 28.22
C ASN B 463 45.70 -5.37 29.34
N PRO B 464 44.77 -5.86 30.15
CA PRO B 464 45.12 -6.82 31.20
C PRO B 464 45.56 -8.15 30.62
N ARG B 465 46.15 -8.98 31.49
CA ARG B 465 46.39 -10.37 31.14
C ARG B 465 45.13 -10.99 30.57
N GLY B 466 45.28 -11.76 29.50
CA GLY B 466 44.16 -12.18 28.68
C GLY B 466 44.05 -11.45 27.37
N SER B 467 44.61 -10.24 27.27
CA SER B 467 44.68 -9.54 26.00
C SER B 467 45.54 -10.31 25.00
N VAL B 468 45.42 -9.94 23.72
CA VAL B 468 45.91 -10.80 22.65
C VAL B 468 47.25 -10.36 22.06
N GLY B 469 47.67 -9.11 22.27
CA GLY B 469 48.81 -8.60 21.55
C GLY B 469 50.15 -8.71 22.24
N TYR B 470 50.25 -9.43 23.35
CA TYR B 470 51.43 -9.43 24.19
C TYR B 470 52.03 -10.82 24.35
N GLY B 471 51.78 -11.69 23.38
CA GLY B 471 52.32 -13.04 23.41
C GLY B 471 51.29 -14.06 23.87
N GLN B 472 51.56 -15.32 23.52
CA GLN B 472 50.62 -16.39 23.83
C GLN B 472 50.49 -16.60 25.34
N ALA B 473 51.57 -16.42 26.10
CA ALA B 473 51.50 -16.62 27.55
C ALA B 473 50.59 -15.58 28.20
N TRP B 474 50.63 -14.34 27.71
CA TRP B 474 49.73 -13.31 28.23
C TRP B 474 48.27 -13.70 28.03
N VAL B 475 47.96 -14.35 26.90
CA VAL B 475 46.61 -14.84 26.66
C VAL B 475 46.27 -15.97 27.63
N ASP B 476 47.17 -16.94 27.76
CA ASP B 476 46.88 -18.16 28.53
C ASP B 476 46.71 -17.89 30.03
N ALA B 477 47.16 -16.73 30.52
CA ALA B 477 47.19 -16.49 31.96
C ALA B 477 45.82 -16.60 32.62
N ILE B 478 44.73 -16.35 31.86
CA ILE B 478 43.40 -16.36 32.45
C ILE B 478 42.65 -17.66 32.18
N TYR B 479 43.28 -18.64 31.52
CA TYR B 479 42.58 -19.87 31.14
C TYR B 479 41.97 -20.53 32.37
N GLY B 480 40.66 -20.76 32.32
CA GLY B 480 39.97 -21.46 33.38
C GLY B 480 39.77 -20.67 34.65
N ARG B 481 40.12 -19.38 34.67
CA ARG B 481 40.05 -18.60 35.90
C ARG B 481 39.72 -17.14 35.60
N TRP B 482 38.76 -16.91 34.71
CA TRP B 482 38.24 -15.56 34.52
C TRP B 482 37.81 -14.97 35.86
N GLY B 483 38.17 -13.72 36.09
CA GLY B 483 37.86 -13.06 37.33
C GLY B 483 38.92 -13.17 38.40
N THR B 484 40.12 -13.66 38.06
CA THR B 484 41.23 -13.70 39.01
C THR B 484 42.26 -12.68 38.55
N VAL B 485 43.31 -13.07 37.85
CA VAL B 485 44.39 -12.14 37.53
C VAL B 485 43.96 -11.08 36.54
N ASP B 486 42.89 -11.32 35.77
CA ASP B 486 42.41 -10.29 34.85
C ASP B 486 41.72 -9.16 35.62
N ALA B 487 40.86 -9.51 36.58
CA ALA B 487 40.26 -8.48 37.43
C ALA B 487 41.32 -7.75 38.25
N ASP B 488 42.34 -8.47 38.73
CA ASP B 488 43.41 -7.83 39.48
C ASP B 488 44.16 -6.82 38.63
N ASP B 489 44.54 -7.20 37.41
CA ASP B 489 45.24 -6.29 36.51
C ASP B 489 44.43 -5.02 36.27
N LEU B 490 43.12 -5.16 36.09
CA LEU B 490 42.29 -4.00 35.75
C LEU B 490 42.24 -3.00 36.91
N LEU B 491 42.03 -3.48 38.14
CA LEU B 491 41.99 -2.57 39.27
C LEU B 491 43.37 -2.06 39.64
N ASN B 492 44.41 -2.88 39.42
CA ASN B 492 45.77 -2.39 39.60
C ASN B 492 46.04 -1.21 38.66
N PHE B 493 45.74 -1.38 37.38
CA PHE B 493 45.91 -0.31 36.39
C PHE B 493 45.14 0.95 36.80
N PHE B 494 43.89 0.78 37.23
CA PHE B 494 43.08 1.94 37.59
C PHE B 494 43.67 2.67 38.79
N ASP B 495 44.17 1.92 39.78
CA ASP B 495 44.86 2.54 40.91
C ASP B 495 46.08 3.32 40.44
N ARG B 496 46.84 2.78 39.49
CA ARG B 496 47.99 3.48 38.96
C ARG B 496 47.59 4.75 38.21
N CYS B 497 46.43 4.73 37.55
CA CYS B 497 45.94 5.92 36.87
C CYS B 497 45.63 7.04 37.86
N LEU B 498 44.91 6.72 38.93
CA LEU B 498 44.57 7.73 39.92
C LEU B 498 45.82 8.32 40.56
N GLU B 499 46.88 7.52 40.72
CA GLU B 499 48.11 8.03 41.30
C GLU B 499 48.87 8.90 40.32
N ALA B 500 48.99 8.45 39.07
CA ALA B 500 49.84 9.14 38.09
C ALA B 500 49.14 10.31 37.42
N VAL B 501 47.82 10.38 37.48
CA VAL B 501 47.07 11.44 36.81
C VAL B 501 46.25 12.19 37.86
N PRO B 502 46.80 13.24 38.47
CA PRO B 502 46.10 13.88 39.60
C PRO B 502 44.78 14.54 39.24
N ARG B 503 44.54 14.88 37.97
CA ARG B 503 43.25 15.47 37.63
C ARG B 503 42.12 14.46 37.67
N LEU B 504 42.42 13.16 37.72
CA LEU B 504 41.38 12.16 37.92
C LEU B 504 40.85 12.25 39.34
N ASP B 505 39.52 12.28 39.47
CA ASP B 505 38.84 12.43 40.76
C ASP B 505 38.50 11.04 41.26
N ALA B 506 39.27 10.56 42.25
CA ALA B 506 39.07 9.23 42.80
C ALA B 506 37.73 9.07 43.53
N ALA B 507 37.00 10.16 43.75
CA ALA B 507 35.69 10.08 44.37
C ALA B 507 34.56 10.01 43.35
N LYS B 508 34.87 10.13 42.05
CA LYS B 508 33.86 10.07 40.99
C LYS B 508 34.38 9.12 39.91
N THR B 509 34.21 7.82 40.15
CA THR B 509 34.70 6.77 39.27
C THR B 509 33.53 5.92 38.78
N ALA B 510 33.74 5.28 37.64
CA ALA B 510 32.75 4.41 37.04
C ALA B 510 33.47 3.29 36.29
N VAL B 511 32.79 2.15 36.14
CA VAL B 511 33.32 1.00 35.43
C VAL B 511 32.33 0.61 34.35
N MET B 512 32.85 0.23 33.18
CA MET B 512 31.98 -0.07 32.05
C MET B 512 32.74 -0.93 31.04
N GLY B 513 31.97 -1.71 30.28
CA GLY B 513 32.57 -2.59 29.28
C GLY B 513 31.51 -3.39 28.56
N GLY B 514 31.90 -3.95 27.42
CA GLY B 514 31.00 -4.70 26.56
C GLY B 514 31.44 -6.14 26.41
N ALA B 515 30.47 -7.05 26.40
CA ALA B 515 30.66 -8.48 26.17
C ALA B 515 31.47 -9.10 27.31
N TYR B 516 32.70 -9.55 27.03
CA TYR B 516 33.60 -9.90 28.12
C TYR B 516 33.83 -8.72 29.04
N GLY B 517 33.86 -7.50 28.48
CA GLY B 517 33.90 -6.31 29.32
C GLY B 517 32.65 -6.17 30.17
N GLY B 518 31.52 -6.66 29.67
CA GLY B 518 30.31 -6.67 30.47
C GLY B 518 30.34 -7.72 31.55
N PHE B 519 30.79 -8.93 31.20
CA PHE B 519 31.07 -9.96 32.21
C PHE B 519 31.94 -9.38 33.33
N MET B 520 33.01 -8.67 32.96
CA MET B 520 33.95 -8.17 33.95
C MET B 520 33.35 -7.01 34.74
N THR B 521 32.54 -6.17 34.10
CA THR B 521 31.83 -5.13 34.84
C THR B 521 30.87 -5.74 35.85
N ASN B 522 30.16 -6.79 35.45
CA ASN B 522 29.31 -7.51 36.40
C ASN B 522 30.14 -8.19 37.48
N TRP B 523 31.30 -8.74 37.11
CA TRP B 523 32.15 -9.39 38.09
C TRP B 523 32.72 -8.39 39.08
N ILE B 524 33.25 -7.27 38.58
CA ILE B 524 33.91 -6.30 39.44
C ILE B 524 32.91 -5.69 40.43
N THR B 525 31.75 -5.25 39.93
CA THR B 525 30.76 -4.65 40.82
C THR B 525 30.25 -5.64 41.86
N GLY B 526 30.38 -6.94 41.60
CA GLY B 526 30.02 -7.94 42.57
C GLY B 526 31.09 -8.27 43.57
N HIS B 527 32.29 -7.70 43.43
CA HIS B 527 33.39 -7.94 44.36
C HIS B 527 33.96 -6.68 44.97
N THR B 528 33.46 -5.50 44.61
CA THR B 528 33.85 -4.26 45.26
C THR B 528 32.81 -3.19 44.97
N THR B 529 32.61 -2.30 45.95
CA THR B 529 31.66 -1.20 45.85
C THR B 529 32.31 0.13 45.55
N ARG B 530 33.58 0.14 45.13
CA ARG B 530 34.36 1.37 45.04
C ARG B 530 33.83 2.35 43.99
N PHE B 531 33.05 1.88 43.02
CA PHE B 531 32.62 2.72 41.91
C PHE B 531 31.26 3.38 42.18
N GLN B 532 31.09 4.61 41.68
CA GLN B 532 29.85 5.36 41.83
C GLN B 532 28.80 4.98 40.80
N ALA B 533 29.20 4.44 39.66
CA ALA B 533 28.25 4.07 38.62
C ALA B 533 28.87 2.96 37.79
N ALA B 534 28.00 2.20 37.12
CA ALA B 534 28.45 1.10 36.28
C ALA B 534 27.56 1.04 35.04
N ILE B 535 28.16 0.69 33.92
CA ILE B 535 27.45 0.51 32.66
C ILE B 535 27.92 -0.81 32.07
N THR B 536 27.03 -1.78 31.96
CA THR B 536 27.38 -3.10 31.46
C THR B 536 26.67 -3.32 30.13
N ASP B 537 27.45 -3.67 29.11
CA ASP B 537 27.02 -3.64 27.72
C ASP B 537 27.14 -5.04 27.14
N ARG B 538 26.07 -5.50 26.47
CA ARG B 538 25.99 -6.83 25.84
C ARG B 538 26.68 -7.89 26.70
N CYS B 539 26.27 -7.94 27.97
CA CYS B 539 27.05 -8.58 29.01
C CYS B 539 26.81 -10.09 29.08
N ILE B 540 27.55 -10.73 29.99
CA ILE B 540 27.37 -12.12 30.38
C ILE B 540 27.23 -12.16 31.89
N SER B 541 26.20 -12.86 32.38
CA SER B 541 25.97 -12.93 33.82
C SER B 541 25.83 -14.36 34.33
N ASN B 542 25.41 -15.29 33.47
CA ASN B 542 25.15 -16.67 33.86
C ASN B 542 25.85 -17.57 32.84
N LEU B 543 26.98 -18.17 33.25
CA LEU B 543 27.78 -18.95 32.32
C LEU B 543 27.10 -20.26 31.93
N ILE B 544 26.22 -20.78 32.78
CA ILE B 544 25.55 -22.03 32.46
C ILE B 544 24.53 -21.82 31.35
N SER B 545 23.65 -20.83 31.52
CA SER B 545 22.65 -20.57 30.49
C SER B 545 23.28 -20.10 29.19
N PHE B 546 24.42 -19.41 29.26
CA PHE B 546 25.13 -18.98 28.06
C PHE B 546 25.49 -20.18 27.19
N GLY B 547 25.94 -21.28 27.81
CA GLY B 547 26.30 -22.46 27.05
C GLY B 547 25.16 -23.01 26.21
N GLY B 548 23.93 -22.84 26.68
CA GLY B 548 22.77 -23.34 25.98
C GLY B 548 22.12 -22.37 25.01
N THR B 549 22.41 -21.07 25.14
CA THR B 549 21.73 -20.06 24.35
C THR B 549 22.61 -19.34 23.34
N SER B 550 23.91 -19.22 23.59
CA SER B 550 24.77 -18.46 22.69
C SER B 550 25.04 -19.24 21.41
N ASP B 551 25.27 -18.50 20.32
CA ASP B 551 25.56 -19.14 19.04
C ASP B 551 26.91 -19.82 19.02
N ILE B 552 27.76 -19.57 20.01
CA ILE B 552 29.02 -20.29 20.19
C ILE B 552 29.02 -21.07 21.51
N GLY B 553 27.85 -21.26 22.11
CA GLY B 553 27.79 -21.85 23.44
C GLY B 553 28.24 -23.30 23.48
N LEU B 554 28.16 -24.01 22.36
CA LEU B 554 28.54 -25.41 22.33
C LEU B 554 30.04 -25.62 22.36
N ARG B 555 30.85 -24.56 22.28
CA ARG B 555 32.30 -24.70 22.26
C ARG B 555 33.06 -23.63 23.03
N PHE B 556 32.45 -22.48 23.36
CA PHE B 556 33.22 -21.35 23.87
C PHE B 556 33.85 -21.67 25.22
N TRP B 557 33.04 -22.09 26.21
CA TRP B 557 33.58 -22.39 27.53
C TRP B 557 34.54 -23.57 27.48
N ASP B 558 34.32 -24.52 26.57
CA ASP B 558 35.23 -25.65 26.43
C ASP B 558 36.64 -25.20 26.08
N ASP B 559 36.75 -24.21 25.19
CA ASP B 559 38.07 -23.73 24.78
C ASP B 559 38.63 -22.71 25.76
N GLU B 560 37.78 -21.84 26.32
CA GLU B 560 38.27 -20.77 27.17
C GLU B 560 38.48 -21.23 28.61
N LEU B 561 37.69 -22.18 29.08
CA LEU B 561 37.71 -22.60 30.48
C LEU B 561 37.93 -24.09 30.68
N GLY B 562 37.80 -24.91 29.64
CA GLY B 562 37.87 -26.35 29.80
C GLY B 562 36.66 -26.96 30.47
N LEU B 563 35.49 -26.34 30.33
CA LEU B 563 34.30 -26.74 31.07
C LEU B 563 33.13 -26.95 30.11
N ASP B 564 32.38 -28.02 30.36
CA ASP B 564 31.24 -28.41 29.53
C ASP B 564 29.98 -28.27 30.38
N PHE B 565 29.11 -27.32 29.99
CA PHE B 565 27.94 -27.01 30.80
C PHE B 565 26.99 -28.18 30.95
N SER B 566 26.99 -29.13 30.02
CA SER B 566 26.11 -30.28 30.09
C SER B 566 26.69 -31.41 30.93
N ARG B 567 27.84 -31.20 31.55
CA ARG B 567 28.45 -32.16 32.46
C ARG B 567 28.34 -31.62 33.88
N ARG B 568 27.82 -32.46 34.79
CA ARG B 568 27.41 -31.99 36.11
C ARG B 568 28.56 -31.34 36.87
N ALA B 569 29.74 -31.99 36.88
CA ALA B 569 30.87 -31.44 37.60
C ALA B 569 31.33 -30.12 37.01
N ASP B 570 31.37 -30.03 35.67
CA ASP B 570 31.82 -28.80 35.03
C ASP B 570 30.82 -27.67 35.25
N ALA B 571 29.52 -27.98 35.26
CA ALA B 571 28.51 -26.93 35.39
C ALA B 571 28.63 -26.21 36.73
N LEU B 572 28.96 -26.94 37.79
CA LEU B 572 29.19 -26.31 39.09
C LEU B 572 30.32 -25.30 39.01
N LYS B 573 31.42 -25.67 38.36
CA LYS B 573 32.53 -24.73 38.21
C LYS B 573 32.11 -23.53 37.38
N LEU B 574 31.27 -23.74 36.36
CA LEU B 574 30.77 -22.63 35.56
C LEU B 574 29.92 -21.68 36.40
N TRP B 575 29.12 -22.22 37.33
CA TRP B 575 28.33 -21.36 38.21
C TRP B 575 29.22 -20.56 39.15
N ASP B 576 30.31 -21.17 39.64
CA ASP B 576 31.24 -20.44 40.49
C ASP B 576 31.95 -19.33 39.74
N LEU B 577 32.06 -19.42 38.42
CA LEU B 577 32.64 -18.38 37.58
C LEU B 577 31.59 -17.40 37.06
N SER B 578 30.33 -17.53 37.50
CA SER B 578 29.24 -16.69 37.02
C SER B 578 29.08 -15.46 37.90
N PRO B 579 29.09 -14.25 37.32
CA PRO B 579 28.88 -13.04 38.15
C PRO B 579 27.57 -13.06 38.92
N LEU B 580 26.55 -13.74 38.41
CA LEU B 580 25.24 -13.75 39.06
C LEU B 580 25.29 -14.38 40.44
N GLN B 581 26.25 -15.29 40.69
CA GLN B 581 26.34 -15.89 42.02
C GLN B 581 26.65 -14.85 43.08
N TYR B 582 27.35 -13.79 42.71
CA TYR B 582 27.81 -12.78 43.66
C TYR B 582 27.01 -11.49 43.57
N VAL B 583 25.84 -11.52 42.91
CA VAL B 583 25.04 -10.33 42.70
C VAL B 583 24.54 -9.74 44.02
N GLU B 584 24.47 -10.55 45.08
CA GLU B 584 24.04 -10.03 46.37
C GLU B 584 24.97 -8.93 46.89
N ASN B 585 26.21 -8.86 46.39
CA ASN B 585 27.16 -7.83 46.80
C ASN B 585 27.08 -6.55 45.98
N VAL B 586 26.32 -6.52 44.89
CA VAL B 586 26.31 -5.35 44.03
C VAL B 586 25.53 -4.22 44.70
N LYS B 587 26.16 -3.05 44.80
CA LYS B 587 25.52 -1.85 45.30
C LYS B 587 25.59 -0.68 44.34
N THR B 588 26.28 -0.83 43.23
CA THR B 588 26.55 0.29 42.32
C THR B 588 25.39 0.49 41.35
N PRO B 589 24.85 1.70 41.24
CA PRO B 589 23.82 1.96 40.21
C PRO B 589 24.34 1.57 38.83
N THR B 590 23.55 0.76 38.12
CA THR B 590 24.01 0.12 36.89
C THR B 590 23.05 0.40 35.74
N LEU B 591 23.61 0.84 34.62
CA LEU B 591 22.89 0.92 33.35
C LEU B 591 23.20 -0.33 32.54
N ILE B 592 22.16 -0.96 32.02
CA ILE B 592 22.30 -2.19 31.24
C ILE B 592 21.88 -1.90 29.80
N VAL B 593 22.79 -2.14 28.87
CA VAL B 593 22.56 -1.92 27.44
C VAL B 593 22.65 -3.27 26.74
N HIS B 594 21.64 -3.58 25.93
CA HIS B 594 21.61 -4.88 25.26
C HIS B 594 20.68 -4.79 24.05
N SER B 595 20.94 -5.65 23.07
CA SER B 595 20.15 -5.74 21.86
C SER B 595 19.46 -7.09 21.79
N VAL B 596 18.25 -7.10 21.22
CA VAL B 596 17.42 -8.29 21.27
C VAL B 596 17.94 -9.38 20.36
N LEU B 597 18.51 -9.03 19.20
CA LEU B 597 19.02 -10.02 18.27
C LEU B 597 20.51 -10.28 18.43
N ASP B 598 21.08 -9.95 19.59
CA ASP B 598 22.45 -10.35 19.90
C ASP B 598 22.45 -11.85 20.21
N HIS B 599 22.97 -12.64 19.27
CA HIS B 599 23.05 -14.08 19.47
C HIS B 599 24.39 -14.53 20.01
N ARG B 600 25.38 -13.63 20.09
CA ARG B 600 26.65 -13.98 20.73
C ARG B 600 26.48 -13.98 22.25
N CYS B 601 25.96 -12.89 22.80
CA CYS B 601 25.55 -12.83 24.21
C CYS B 601 24.05 -12.60 24.26
N PRO B 602 23.23 -13.64 24.44
CA PRO B 602 21.78 -13.47 24.38
C PRO B 602 21.27 -12.56 25.49
N VAL B 603 20.11 -11.93 25.22
CA VAL B 603 19.57 -10.91 26.10
C VAL B 603 19.13 -11.50 27.44
N GLU B 604 18.93 -12.82 27.50
CA GLU B 604 18.63 -13.46 28.79
C GLU B 604 19.74 -13.22 29.80
N GLN B 605 20.97 -13.02 29.33
CA GLN B 605 22.06 -12.63 30.22
C GLN B 605 21.78 -11.30 30.91
N ALA B 606 21.28 -10.32 30.14
CA ALA B 606 21.00 -9.01 30.72
C ALA B 606 19.74 -9.03 31.57
N GLU B 607 18.73 -9.80 31.16
CA GLU B 607 17.49 -9.87 31.92
C GLU B 607 17.71 -10.45 33.31
N GLN B 608 18.65 -11.39 33.46
CA GLN B 608 18.92 -11.96 34.76
C GLN B 608 19.59 -10.94 35.69
N TRP B 609 20.58 -10.21 35.18
CA TRP B 609 21.21 -9.16 35.97
C TRP B 609 20.21 -8.10 36.39
N TYR B 610 19.32 -7.71 35.46
CA TYR B 610 18.33 -6.66 35.75
C TYR B 610 17.38 -7.10 36.86
N ALA B 611 16.84 -8.32 36.76
CA ALA B 611 15.90 -8.79 37.76
C ALA B 611 16.57 -8.94 39.13
N ALA B 612 17.84 -9.39 39.15
CA ALA B 612 18.54 -9.56 40.41
C ALA B 612 18.79 -8.22 41.09
N LEU B 613 19.22 -7.21 40.32
CA LEU B 613 19.43 -5.89 40.90
C LEU B 613 18.14 -5.28 41.43
N HIS B 614 17.03 -5.48 40.71
CA HIS B 614 15.73 -5.03 41.20
C HIS B 614 15.38 -5.70 42.53
N LYS B 615 15.63 -7.01 42.62
CA LYS B 615 15.34 -7.74 43.84
C LYS B 615 16.10 -7.18 45.04
N HIS B 616 17.31 -6.65 44.81
CA HIS B 616 18.09 -6.02 45.87
C HIS B 616 17.85 -4.51 45.94
N GLN B 617 16.92 -4.00 45.14
CA GLN B 617 16.56 -2.57 45.11
C GLN B 617 17.77 -1.71 44.77
N VAL B 618 18.64 -2.21 43.91
CA VAL B 618 19.76 -1.42 43.43
C VAL B 618 19.28 -0.58 42.25
N PRO B 619 19.58 0.73 42.22
CA PRO B 619 19.17 1.55 41.06
C PRO B 619 19.70 0.94 39.77
N VAL B 620 18.80 0.71 38.83
CA VAL B 620 19.12 -0.04 37.62
C VAL B 620 18.26 0.49 36.48
N ARG B 621 18.83 0.47 35.28
CA ARG B 621 18.15 0.94 34.08
C ARG B 621 18.58 0.07 32.91
N PHE B 622 17.61 -0.38 32.12
CA PHE B 622 17.81 -1.40 31.10
C PHE B 622 17.32 -0.84 29.78
N VAL B 623 18.24 -0.55 28.87
CA VAL B 623 17.88 -0.04 27.56
C VAL B 623 17.98 -1.21 26.58
N ARG B 624 16.86 -1.49 25.92
CA ARG B 624 16.70 -2.71 25.14
C ARG B 624 16.45 -2.33 23.68
N PHE B 625 17.43 -2.61 22.83
CA PHE B 625 17.35 -2.20 21.42
C PHE B 625 16.73 -3.29 20.57
N PRO B 626 15.75 -2.97 19.74
CA PRO B 626 15.25 -3.95 18.77
C PRO B 626 16.17 -4.02 17.55
N GLU B 627 16.07 -5.15 16.86
CA GLU B 627 16.68 -5.35 15.55
C GLU B 627 18.21 -5.40 15.56
N GLU B 628 18.85 -4.65 16.46
CA GLU B 628 20.31 -4.63 16.50
C GLU B 628 20.85 -5.96 17.02
N ASN B 629 22.16 -6.15 16.84
CA ASN B 629 22.84 -7.35 17.32
C ASN B 629 24.07 -6.92 18.13
N HIS B 630 24.99 -7.85 18.32
CA HIS B 630 26.18 -7.63 19.13
C HIS B 630 27.04 -6.47 18.64
N GLU B 631 26.94 -6.10 17.36
CA GLU B 631 27.84 -5.13 16.75
C GLU B 631 27.33 -3.70 16.83
N LEU B 632 26.34 -3.43 17.68
CA LEU B 632 25.67 -2.12 17.72
C LEU B 632 26.66 -0.96 17.83
N SER B 633 27.54 -1.01 18.82
CA SER B 633 28.42 0.13 19.09
C SER B 633 29.45 0.35 17.98
N ARG B 634 29.70 -0.65 17.15
CA ARG B 634 30.65 -0.52 16.06
C ARG B 634 30.00 -0.27 14.70
N SER B 635 28.76 -0.75 14.49
CA SER B 635 28.17 -0.62 13.16
C SER B 635 26.65 -0.64 13.16
N GLY B 636 25.97 -0.39 14.28
CA GLY B 636 24.53 -0.35 14.29
C GLY B 636 23.96 0.81 13.47
N ARG B 637 22.65 0.78 13.29
CA ARG B 637 21.97 1.86 12.61
C ARG B 637 22.27 3.18 13.32
N PRO B 638 22.54 4.26 12.58
CA PRO B 638 23.02 5.50 13.23
C PRO B 638 22.20 5.97 14.42
N ASP B 639 20.87 5.92 14.33
CA ASP B 639 20.04 6.46 15.39
C ASP B 639 20.18 5.68 16.69
N ARG B 640 20.40 4.36 16.60
CA ARG B 640 20.56 3.57 17.82
C ARG B 640 21.96 3.68 18.39
N ARG B 641 22.96 3.98 17.56
CA ARG B 641 24.27 4.35 18.08
C ARG B 641 24.18 5.65 18.87
N LEU B 642 23.41 6.61 18.36
CA LEU B 642 23.19 7.86 19.10
C LEU B 642 22.49 7.59 20.42
N THR B 643 21.42 6.79 20.39
CA THR B 643 20.65 6.51 21.60
C THR B 643 21.51 5.84 22.66
N ARG B 644 22.36 4.89 22.26
CA ARG B 644 23.24 4.21 23.20
C ARG B 644 24.19 5.19 23.87
N LEU B 645 24.83 6.05 23.09
CA LEU B 645 25.73 7.05 23.66
C LEU B 645 24.97 8.02 24.55
N ASN B 646 23.76 8.42 24.13
CA ASN B 646 22.93 9.29 24.97
C ASN B 646 22.68 8.67 26.33
N GLU B 647 22.34 7.38 26.35
CA GLU B 647 22.05 6.71 27.62
C GLU B 647 23.31 6.58 28.48
N TYR B 648 24.46 6.35 27.85
CA TYR B 648 25.73 6.32 28.59
C TYR B 648 25.93 7.62 29.35
N PHE B 649 25.78 8.75 28.66
CA PHE B 649 26.11 10.04 29.27
C PHE B 649 25.05 10.48 30.27
N ALA B 650 23.77 10.20 29.99
CA ALA B 650 22.72 10.53 30.94
C ALA B 650 22.94 9.83 32.28
N TRP B 651 23.41 8.58 32.23
CA TRP B 651 23.67 7.83 33.46
C TRP B 651 24.88 8.39 34.19
N LEU B 652 25.95 8.72 33.46
CA LEU B 652 27.13 9.29 34.09
C LEU B 652 26.84 10.66 34.69
N GLU B 653 26.04 11.47 33.98
CA GLU B 653 25.66 12.77 34.52
C GLU B 653 24.84 12.65 35.80
N ARG B 654 24.03 11.59 35.89
CA ARG B 654 23.14 11.44 37.04
C ARG B 654 23.89 11.05 38.30
N TRP B 655 24.88 10.16 38.18
CA TRP B 655 25.55 9.60 39.34
C TRP B 655 26.95 10.14 39.60
N LEU B 656 27.56 10.81 38.63
CA LEU B 656 28.91 11.32 38.82
C LEU B 656 28.90 12.84 38.95
N PRO C 8 9.02 -15.78 -42.65
CA PRO C 8 7.64 -15.80 -42.18
C PRO C 8 6.99 -14.42 -42.22
N ALA C 9 5.67 -14.35 -42.32
CA ALA C 9 5.03 -13.05 -42.49
C ALA C 9 5.08 -12.28 -41.17
N PRO C 10 5.46 -11.00 -41.21
CA PRO C 10 5.47 -10.18 -40.00
C PRO C 10 4.09 -9.70 -39.59
N GLY C 11 3.99 -9.32 -38.31
CA GLY C 11 2.79 -8.74 -37.77
C GLY C 11 3.14 -7.44 -37.09
N PRO C 12 2.15 -6.81 -36.43
CA PRO C 12 2.42 -5.53 -35.75
C PRO C 12 3.54 -5.59 -34.71
N ASP C 13 3.72 -6.72 -34.01
CA ASP C 13 4.72 -6.75 -32.96
C ASP C 13 6.15 -6.78 -33.49
N SER C 14 6.34 -6.84 -34.81
CA SER C 14 7.66 -6.59 -35.38
C SER C 14 8.22 -5.26 -34.89
N LEU C 15 7.34 -4.30 -34.55
CA LEU C 15 7.77 -3.04 -33.98
C LEU C 15 8.58 -3.23 -32.71
N LEU C 16 8.26 -4.27 -31.91
CA LEU C 16 8.96 -4.47 -30.65
C LEU C 16 10.42 -4.82 -30.82
N ALA C 17 10.83 -5.23 -32.04
CA ALA C 17 12.22 -5.53 -32.31
C ALA C 17 13.06 -4.29 -32.58
N LEU C 18 12.43 -3.14 -32.79
CA LEU C 18 13.13 -1.95 -33.25
C LEU C 18 13.66 -1.13 -32.09
N ALA C 19 14.76 -0.43 -32.35
CA ALA C 19 15.28 0.59 -31.45
C ALA C 19 15.25 1.93 -32.17
N PHE C 20 14.87 2.98 -31.45
CA PHE C 20 14.52 4.24 -32.09
C PHE C 20 15.53 5.32 -31.71
N PRO C 21 16.31 5.84 -32.66
CA PRO C 21 17.29 6.87 -32.35
C PRO C 21 16.72 8.27 -32.42
N SER C 22 17.33 9.16 -31.64
CA SER C 22 16.92 10.56 -31.61
C SER C 22 18.05 11.41 -31.05
N ASP C 23 17.89 12.72 -31.21
CA ASP C 23 18.75 13.73 -30.59
C ASP C 23 20.24 13.52 -30.83
N PRO C 24 20.70 13.60 -32.09
CA PRO C 24 22.14 13.42 -32.36
C PRO C 24 22.95 14.68 -32.08
N GLN C 25 23.71 14.69 -30.98
CA GLN C 25 24.42 15.88 -30.52
C GLN C 25 25.91 15.73 -30.83
N VAL C 26 26.42 16.53 -31.77
CA VAL C 26 27.84 16.54 -32.06
C VAL C 26 28.60 17.21 -30.92
N SER C 27 29.82 16.74 -30.67
CA SER C 27 30.64 17.32 -29.62
C SER C 27 31.19 18.68 -30.08
N PRO C 28 31.59 19.53 -29.13
CA PRO C 28 32.12 20.86 -29.51
C PRO C 28 33.32 20.81 -30.44
N ASP C 29 34.16 19.78 -30.36
CA ASP C 29 35.29 19.69 -31.27
C ASP C 29 34.91 19.04 -32.60
N GLY C 30 33.65 18.64 -32.77
CA GLY C 30 33.15 18.12 -34.02
C GLY C 30 33.47 16.66 -34.29
N LYS C 31 34.08 15.95 -33.34
CA LYS C 31 34.61 14.61 -33.58
C LYS C 31 33.87 13.52 -32.82
N GLN C 32 32.78 13.84 -32.12
CA GLN C 32 32.01 12.84 -31.39
C GLN C 32 30.52 13.15 -31.51
N VAL C 33 29.71 12.12 -31.39
CA VAL C 33 28.26 12.26 -31.31
C VAL C 33 27.74 11.47 -30.12
N ALA C 34 26.93 12.12 -29.29
CA ALA C 34 26.14 11.46 -28.27
C ALA C 34 24.66 11.56 -28.68
N PHE C 35 23.94 10.45 -28.57
CA PHE C 35 22.55 10.41 -29.01
C PHE C 35 21.73 9.51 -28.08
N VAL C 36 20.43 9.53 -28.31
CA VAL C 36 19.46 8.77 -27.51
C VAL C 36 18.98 7.58 -28.32
N LEU C 37 18.83 6.43 -27.65
CA LEU C 37 18.31 5.23 -28.27
C LEU C 37 17.21 4.65 -27.40
N ALA C 38 15.99 4.62 -27.93
CA ALA C 38 14.85 4.03 -27.23
C ALA C 38 14.68 2.57 -27.65
N GLN C 39 14.79 1.66 -26.68
CA GLN C 39 14.48 0.25 -26.89
C GLN C 39 13.21 -0.11 -26.13
N ILE C 40 12.59 -1.21 -26.54
CA ILE C 40 11.31 -1.64 -25.99
C ILE C 40 11.56 -2.79 -25.02
N SER C 41 11.12 -2.59 -23.77
CA SER C 41 11.38 -3.52 -22.68
C SER C 41 10.17 -3.50 -21.75
N GLU C 42 10.13 -4.47 -20.83
CA GLU C 42 9.00 -4.54 -19.91
C GLU C 42 8.99 -3.35 -18.96
N GLU C 43 7.78 -2.93 -18.59
CA GLU C 43 7.56 -1.82 -17.67
C GLU C 43 8.35 -1.97 -16.38
N PRO C 48 7.06 -8.46 -13.44
CA PRO C 48 6.15 -8.42 -14.58
C PRO C 48 4.74 -8.90 -14.24
N ASP C 49 3.73 -8.26 -14.82
CA ASP C 49 2.35 -8.68 -14.64
C ASP C 49 2.12 -9.97 -15.40
N LYS C 50 1.85 -11.06 -14.68
CA LYS C 50 1.69 -12.36 -15.31
C LYS C 50 0.48 -12.43 -16.23
N ASP C 51 -0.47 -11.52 -16.08
CA ASP C 51 -1.69 -11.53 -16.87
C ASP C 51 -1.72 -10.48 -17.97
N PHE C 52 -0.71 -9.63 -18.07
CA PHE C 52 -0.76 -8.52 -19.03
C PHE C 52 0.66 -8.07 -19.36
N ALA C 53 1.08 -8.27 -20.60
CA ALA C 53 2.38 -7.78 -21.03
C ALA C 53 2.39 -6.25 -21.06
N ARG C 54 3.54 -5.66 -20.72
CA ARG C 54 3.68 -4.20 -20.64
C ARG C 54 4.97 -3.75 -21.33
N PRO C 55 5.04 -3.83 -22.65
CA PRO C 55 6.21 -3.30 -23.35
C PRO C 55 6.21 -1.78 -23.31
N ARG C 56 7.39 -1.20 -23.03
CA ARG C 56 7.52 0.24 -22.85
C ARG C 56 8.80 0.72 -23.50
N TYR C 57 8.79 1.99 -23.92
CA TYR C 57 10.02 2.65 -24.31
C TYR C 57 10.93 2.81 -23.10
N ARG C 58 12.21 2.51 -23.29
CA ARG C 58 13.23 2.79 -22.28
C ARG C 58 14.47 3.28 -23.01
N SER C 59 14.93 4.48 -22.67
CA SER C 59 15.96 5.16 -23.43
C SER C 59 17.26 5.23 -22.66
N GLY C 60 18.37 5.16 -23.40
CA GLY C 60 19.69 5.38 -22.85
C GLY C 60 20.54 6.21 -23.80
N LEU C 61 21.64 6.71 -23.26
CA LEU C 61 22.58 7.52 -24.02
C LEU C 61 23.64 6.64 -24.66
N TRP C 62 23.99 6.96 -25.91
CA TRP C 62 25.02 6.25 -26.66
C TRP C 62 26.07 7.24 -27.14
N LEU C 63 27.29 6.74 -27.36
CA LEU C 63 28.42 7.58 -27.72
C LEU C 63 29.22 6.92 -28.85
N SER C 64 29.71 7.75 -29.77
CA SER C 64 30.57 7.27 -30.85
C SER C 64 31.54 8.36 -31.26
N GLU C 65 32.74 7.93 -31.66
CA GLU C 65 33.73 8.83 -32.25
C GLU C 65 34.03 8.45 -33.70
N GLY C 66 33.11 7.76 -34.36
CA GLY C 66 33.33 7.33 -35.73
C GLY C 66 32.99 5.87 -35.98
N GLY C 67 33.15 5.02 -34.96
CA GLY C 67 32.87 3.61 -35.08
C GLY C 67 31.50 3.25 -34.52
N ALA C 68 31.26 1.94 -34.42
CA ALA C 68 30.02 1.45 -33.85
C ALA C 68 29.79 2.06 -32.47
N ALA C 69 28.61 2.64 -32.29
CA ALA C 69 28.31 3.37 -31.06
C ALA C 69 28.22 2.42 -29.87
N ARG C 70 28.59 2.95 -28.70
CA ARG C 70 28.55 2.18 -27.46
C ARG C 70 27.62 2.83 -26.46
N PRO C 71 26.97 2.04 -25.60
CA PRO C 71 26.03 2.62 -24.63
C PRO C 71 26.73 3.26 -23.45
N LEU C 72 26.19 4.40 -23.00
CA LEU C 72 26.69 5.08 -21.82
C LEU C 72 25.85 4.83 -20.57
N THR C 73 24.54 4.64 -20.73
CA THR C 73 23.65 4.41 -19.61
C THR C 73 22.83 3.14 -19.84
N HIS C 74 22.22 2.64 -18.76
CA HIS C 74 21.56 1.34 -18.75
C HIS C 74 20.32 1.38 -17.87
N ALA C 75 19.34 2.20 -18.24
CA ALA C 75 18.10 2.30 -17.46
C ALA C 75 17.32 0.99 -17.52
N GLU C 76 16.85 0.54 -16.36
CA GLU C 76 16.00 -0.65 -16.29
C GLU C 76 14.61 -0.37 -15.75
N THR C 77 14.37 0.82 -15.19
CA THR C 77 13.04 1.25 -14.81
C THR C 77 12.80 2.64 -15.37
N GLY C 78 11.53 3.02 -15.46
CA GLY C 78 11.17 4.35 -15.91
C GLY C 78 11.37 4.54 -17.41
N ARG C 79 11.12 5.78 -17.84
CA ARG C 79 11.26 6.11 -19.25
C ARG C 79 12.71 6.13 -19.71
N GLY C 80 13.64 6.46 -18.81
CA GLY C 80 15.06 6.41 -19.14
C GLY C 80 15.73 7.77 -19.24
N ASP C 81 16.81 7.84 -20.01
CA ASP C 81 17.65 9.02 -20.10
C ASP C 81 17.54 9.66 -21.48
N SER C 82 17.64 10.99 -21.53
CA SER C 82 17.44 11.72 -22.76
C SER C 82 18.11 13.08 -22.64
N ALA C 83 17.99 13.86 -23.71
CA ALA C 83 18.50 15.23 -23.79
C ALA C 83 19.98 15.34 -23.41
N PRO C 84 20.88 14.62 -24.09
CA PRO C 84 22.31 14.77 -23.80
C PRO C 84 22.83 16.10 -24.30
N ARG C 85 23.64 16.76 -23.48
CA ARG C 85 24.20 18.06 -23.83
C ARG C 85 25.65 18.12 -23.40
N TRP C 86 26.53 18.46 -24.35
CA TRP C 86 27.96 18.51 -24.10
C TRP C 86 28.33 19.77 -23.31
N SER C 87 29.19 19.61 -22.31
CA SER C 87 29.86 20.76 -21.75
C SER C 87 30.80 21.36 -22.80
N PRO C 88 30.94 22.68 -22.82
CA PRO C 88 31.81 23.31 -23.84
C PRO C 88 33.23 22.76 -23.87
N ASP C 89 33.77 22.35 -22.72
CA ASP C 89 35.11 21.77 -22.70
C ASP C 89 35.14 20.31 -23.15
N GLY C 90 33.98 19.73 -23.48
CA GLY C 90 33.92 18.38 -24.00
C GLY C 90 34.11 17.27 -23.00
N GLN C 91 34.18 17.57 -21.70
CA GLN C 91 34.46 16.56 -20.69
C GLN C 91 33.22 16.01 -20.01
N ASN C 92 32.07 16.66 -20.11
CA ASN C 92 30.89 16.24 -19.37
C ASN C 92 29.67 16.23 -20.27
N LEU C 93 28.74 15.32 -19.96
CA LEU C 93 27.43 15.25 -20.58
C LEU C 93 26.36 15.52 -19.54
N ALA C 94 25.60 16.59 -19.71
CA ALA C 94 24.37 16.75 -18.96
C ALA C 94 23.26 16.00 -19.67
N PHE C 95 22.31 15.48 -18.88
CA PHE C 95 21.16 14.78 -19.45
C PHE C 95 20.03 14.76 -18.44
N VAL C 96 18.88 14.23 -18.87
CA VAL C 96 17.66 14.22 -18.08
C VAL C 96 17.27 12.76 -17.84
N ARG C 97 17.01 12.42 -16.58
CA ARG C 97 16.73 11.04 -16.20
C ARG C 97 15.34 10.92 -15.58
N SER C 98 14.57 9.95 -16.05
CA SER C 98 13.31 9.56 -15.42
C SER C 98 13.38 8.05 -15.18
N ALA C 99 13.50 7.65 -13.92
CA ALA C 99 13.60 6.24 -13.57
C ALA C 99 12.78 5.94 -12.32
N VAL C 102 12.22 9.00 -9.56
CA VAL C 102 12.87 10.26 -9.91
C VAL C 102 12.28 10.81 -11.21
N LYS C 103 11.55 11.91 -11.10
CA LYS C 103 10.87 12.51 -12.24
C LYS C 103 11.80 13.53 -12.90
N ALA C 104 12.27 13.19 -14.11
CA ALA C 104 13.03 14.07 -14.99
C ALA C 104 14.00 15.00 -14.26
N ALA C 105 15.13 14.47 -13.80
CA ALA C 105 16.12 15.26 -13.08
C ALA C 105 17.31 15.57 -13.99
N LEU C 106 17.87 16.76 -13.82
CA LEU C 106 19.11 17.11 -14.50
C LEU C 106 20.25 16.30 -13.92
N MET C 107 21.00 15.60 -14.78
CA MET C 107 22.12 14.78 -14.37
C MET C 107 23.39 15.25 -15.06
N LEU C 108 24.52 14.86 -14.48
CA LEU C 108 25.83 15.29 -14.96
C LEU C 108 26.75 14.08 -15.02
N LEU C 109 27.20 13.71 -16.21
CA LEU C 109 27.99 12.50 -16.40
C LEU C 109 29.42 12.87 -16.79
N PRO C 110 30.43 12.43 -16.03
CA PRO C 110 31.81 12.60 -16.47
C PRO C 110 32.15 11.53 -17.51
N LEU C 111 32.73 11.95 -18.63
CA LEU C 111 32.96 11.04 -19.74
C LEU C 111 34.20 10.19 -19.57
N LYS C 112 35.12 10.57 -18.70
CA LYS C 112 36.38 9.84 -18.53
C LYS C 112 36.29 8.75 -17.48
N GLY C 113 35.11 8.49 -16.93
CA GLY C 113 34.95 7.42 -15.98
C GLY C 113 34.06 7.75 -14.79
N GLY C 114 33.18 6.84 -14.42
CA GLY C 114 32.31 7.06 -13.28
C GLY C 114 30.86 7.30 -13.70
N GLU C 115 29.97 7.19 -12.72
CA GLU C 115 28.55 7.34 -12.95
C GLU C 115 28.13 8.80 -12.76
N ALA C 116 26.91 9.10 -13.19
CA ALA C 116 26.39 10.46 -13.16
C ALA C 116 26.03 10.91 -11.75
N ARG C 117 26.03 12.23 -11.56
CA ARG C 117 25.59 12.87 -10.33
C ARG C 117 24.28 13.60 -10.58
N ARG C 118 23.38 13.56 -9.60
CA ARG C 118 22.09 14.21 -9.72
C ARG C 118 22.19 15.65 -9.25
N VAL C 119 21.63 16.57 -10.04
CA VAL C 119 21.76 17.99 -9.79
C VAL C 119 20.48 18.64 -9.32
N THR C 120 19.32 18.18 -9.77
CA THR C 120 18.04 18.76 -9.39
C THR C 120 17.15 17.72 -8.72
N HIS C 121 16.33 18.18 -7.78
CA HIS C 121 15.42 17.33 -7.03
C HIS C 121 14.02 17.93 -6.99
N PHE C 122 13.61 18.58 -8.08
CA PHE C 122 12.29 19.18 -8.14
C PHE C 122 11.21 18.10 -8.21
N LYS C 123 10.07 18.38 -7.58
CA LYS C 123 8.96 17.43 -7.60
C LYS C 123 8.43 17.21 -9.02
N ASN C 124 8.49 18.22 -9.87
CA ASN C 124 7.87 18.15 -11.19
C ASN C 124 8.88 17.95 -12.31
N GLY C 125 10.17 17.90 -12.02
CA GLY C 125 11.17 17.66 -13.04
C GLY C 125 11.44 18.87 -13.90
N VAL C 126 12.41 18.69 -14.81
CA VAL C 126 12.94 19.76 -15.65
C VAL C 126 12.88 19.31 -17.11
N SER C 127 13.07 20.27 -18.00
CA SER C 127 13.13 19.97 -19.43
C SER C 127 13.97 21.01 -20.15
N GLY C 128 14.46 20.63 -21.34
CA GLY C 128 15.18 21.53 -22.22
C GLY C 128 16.46 22.14 -21.66
N PRO C 129 17.41 21.30 -21.24
CA PRO C 129 18.69 21.85 -20.75
C PRO C 129 19.53 22.39 -21.90
N GLN C 130 20.17 23.53 -21.64
CA GLN C 130 21.08 24.14 -22.61
C GLN C 130 22.26 24.76 -21.87
N TRP C 131 23.46 24.28 -22.16
CA TRP C 131 24.67 24.89 -21.61
C TRP C 131 24.86 26.29 -22.17
N SER C 132 25.42 27.17 -21.35
CA SER C 132 25.92 28.42 -21.88
C SER C 132 27.23 28.17 -22.62
N PRO C 133 27.52 28.96 -23.66
CA PRO C 133 28.75 28.71 -24.44
C PRO C 133 30.03 28.76 -23.61
N ASP C 134 30.06 29.54 -22.53
CA ASP C 134 31.25 29.60 -21.69
C ASP C 134 31.31 28.47 -20.66
N GLY C 135 30.30 27.62 -20.59
CA GLY C 135 30.32 26.49 -19.68
C GLY C 135 30.01 26.79 -18.24
N ARG C 136 29.58 28.02 -17.94
CA ARG C 136 29.36 28.41 -16.55
C ARG C 136 27.94 28.13 -16.05
N PHE C 137 26.98 27.91 -16.95
CA PHE C 137 25.59 27.74 -16.57
C PHE C 137 24.94 26.65 -17.39
N ILE C 138 23.88 26.05 -16.82
CA ILE C 138 22.95 25.21 -17.54
C ILE C 138 21.55 25.78 -17.34
N ALA C 139 20.93 26.21 -18.43
CA ALA C 139 19.57 26.72 -18.38
C ALA C 139 18.56 25.60 -18.61
N PHE C 140 17.41 25.71 -17.94
CA PHE C 140 16.32 24.76 -18.09
C PHE C 140 15.04 25.40 -17.56
N THR C 141 13.91 24.80 -17.92
CA THR C 141 12.61 25.25 -17.46
C THR C 141 11.99 24.19 -16.53
N THR C 142 11.19 24.66 -15.56
CA THR C 142 10.57 23.75 -14.61
C THR C 142 9.44 24.47 -13.88
N THR C 143 8.46 23.69 -13.45
CA THR C 143 7.45 24.16 -12.50
C THR C 143 7.87 23.94 -11.05
N ALA C 144 9.10 23.44 -10.84
CA ALA C 144 9.72 23.33 -9.52
C ALA C 144 8.88 22.40 -8.65
N ASP C 145 8.38 22.84 -7.50
CA ASP C 145 7.63 21.99 -6.58
C ASP C 145 6.18 22.46 -6.43
N THR C 146 5.65 23.14 -7.45
CA THR C 146 4.26 23.56 -7.43
C THR C 146 3.33 22.35 -7.33
N GLU C 147 2.39 22.41 -6.39
CA GLU C 147 1.41 21.35 -6.19
C GLU C 147 0.06 21.75 -6.76
N ASP C 148 -0.60 20.77 -7.39
CA ASP C 148 -1.94 20.92 -7.95
C ASP C 148 -2.71 19.61 -7.69
N LYS C 149 -3.43 19.57 -6.56
CA LYS C 149 -4.25 18.40 -6.19
C LYS C 149 -5.72 18.56 -6.51
N ARG C 150 -6.02 19.30 -7.58
CA ARG C 150 -7.41 19.39 -8.02
C ARG C 150 -7.90 18.04 -8.54
N ASP C 151 -7.15 17.44 -9.47
CA ASP C 151 -7.52 16.13 -10.01
C ASP C 151 -7.50 15.05 -8.93
N GLU C 152 -6.46 15.06 -8.08
CA GLU C 152 -6.35 14.07 -7.01
C GLU C 152 -7.53 14.16 -6.04
N ARG C 153 -8.00 15.37 -5.75
CA ARG C 153 -9.10 15.54 -4.82
C ARG C 153 -10.47 15.47 -5.47
N GLY C 154 -10.55 15.57 -6.79
CA GLY C 154 -11.85 15.66 -7.45
C GLY C 154 -12.46 17.04 -7.38
N GLU C 155 -11.64 18.08 -7.31
CA GLU C 155 -12.12 19.46 -7.30
C GLU C 155 -12.43 19.92 -8.73
N ALA C 156 -13.28 20.94 -8.82
CA ALA C 156 -13.55 21.56 -10.10
C ALA C 156 -12.33 22.29 -10.63
N ARG C 157 -12.24 22.38 -11.96
CA ARG C 157 -11.28 23.25 -12.64
C ARG C 157 -12.03 24.46 -13.17
N VAL C 158 -11.62 25.65 -12.76
CA VAL C 158 -12.22 26.89 -13.23
C VAL C 158 -11.37 27.43 -14.36
N LEU C 159 -11.97 27.59 -15.54
CA LEU C 159 -11.28 28.02 -16.75
C LEU C 159 -11.71 29.43 -17.13
N THR C 160 -10.72 30.30 -17.32
CA THR C 160 -10.96 31.65 -17.84
C THR C 160 -10.12 32.00 -19.06
N ARG C 161 -9.05 31.25 -19.35
CA ARG C 161 -8.18 31.53 -20.47
C ARG C 161 -8.72 30.90 -21.75
N PRO C 162 -8.43 31.49 -22.91
CA PRO C 162 -8.99 30.95 -24.16
C PRO C 162 -8.49 29.55 -24.50
N VAL C 163 -7.24 29.23 -24.19
CA VAL C 163 -6.70 27.89 -24.39
C VAL C 163 -6.31 27.31 -23.03
N TYR C 164 -6.77 26.10 -22.76
CA TYR C 164 -6.52 25.45 -21.48
C TYR C 164 -6.00 24.03 -21.62
N ARG C 165 -6.13 23.40 -22.78
CA ARG C 165 -5.54 22.10 -23.06
C ARG C 165 -4.59 22.22 -24.25
N ALA C 166 -3.64 21.27 -24.30
CA ALA C 166 -2.74 21.14 -25.44
C ALA C 166 -2.47 19.66 -25.65
N ASN C 167 -2.46 19.23 -26.91
CA ASN C 167 -2.18 17.84 -27.22
C ASN C 167 -0.80 17.44 -26.71
N GLY C 168 -0.73 16.32 -26.01
CA GLY C 168 0.51 15.80 -25.47
C GLY C 168 0.80 16.27 -24.05
N ALA C 169 0.49 17.52 -23.75
CA ALA C 169 0.69 18.07 -22.41
C ALA C 169 -0.56 17.98 -21.53
N ASP C 170 -1.71 17.63 -22.12
CA ASP C 170 -2.99 17.57 -21.42
C ASP C 170 -3.30 18.97 -20.88
N TRP C 171 -3.52 19.14 -19.58
CA TRP C 171 -3.99 20.42 -19.05
C TRP C 171 -2.82 21.36 -18.80
N LEU C 172 -2.95 22.60 -19.27
CA LEU C 172 -1.91 23.59 -19.06
C LEU C 172 -1.96 24.10 -17.61
N PRO C 173 -0.80 24.29 -16.98
CA PRO C 173 -0.79 24.73 -15.58
C PRO C 173 -1.22 26.18 -15.43
N GLU C 174 -1.71 26.50 -14.23
CA GLU C 174 -2.07 27.88 -13.92
C GLU C 174 -0.87 28.81 -14.06
N ARG C 175 0.26 28.45 -13.44
CA ARG C 175 1.49 29.21 -13.57
C ARG C 175 2.42 28.50 -14.55
N PRO C 176 2.83 29.14 -15.64
CA PRO C 176 3.72 28.47 -16.59
C PRO C 176 5.06 28.12 -15.96
N ALA C 177 5.71 27.12 -16.54
CA ALA C 177 7.04 26.72 -16.11
C ALA C 177 8.00 27.90 -16.15
N ALA C 178 8.82 28.01 -15.12
CA ALA C 178 9.79 29.09 -15.02
C ALA C 178 11.14 28.66 -15.58
N LEU C 179 11.89 29.64 -16.07
CA LEU C 179 13.26 29.39 -16.51
C LEU C 179 14.18 29.42 -15.29
N TRP C 180 15.02 28.39 -15.15
CA TRP C 180 15.92 28.27 -14.02
C TRP C 180 17.37 28.24 -14.48
N LEU C 181 18.27 28.35 -13.51
CA LEU C 181 19.70 28.46 -13.76
C LEU C 181 20.47 27.56 -12.80
N TYR C 182 21.33 26.71 -13.34
CA TYR C 182 22.31 25.99 -12.55
C TYR C 182 23.67 26.66 -12.68
N ASP C 183 24.21 27.13 -11.56
CA ASP C 183 25.53 27.77 -11.53
C ASP C 183 26.55 26.66 -11.34
N VAL C 184 27.25 26.31 -12.42
CA VAL C 184 28.12 25.13 -12.42
C VAL C 184 29.24 25.29 -11.41
N GLU C 185 29.91 26.45 -11.42
CA GLU C 185 31.04 26.66 -10.52
C GLU C 185 30.61 26.69 -9.07
N ALA C 186 29.45 27.29 -8.78
CA ALA C 186 28.96 27.42 -7.41
C ALA C 186 28.13 26.23 -6.97
N ASP C 187 27.77 25.33 -7.89
CA ASP C 187 26.91 24.18 -7.59
C ASP C 187 25.62 24.64 -6.92
N LYS C 188 24.98 25.64 -7.52
CA LYS C 188 23.78 26.25 -6.97
C LYS C 188 22.73 26.45 -8.04
N LEU C 189 21.47 26.33 -7.63
CA LEU C 189 20.32 26.56 -8.51
C LEU C 189 19.58 27.80 -8.05
N ARG C 190 19.12 28.60 -9.02
CA ARG C 190 18.28 29.75 -8.72
C ARG C 190 17.33 30.01 -9.88
N GLU C 191 16.13 30.48 -9.54
CA GLU C 191 15.15 30.86 -10.55
C GLU C 191 15.62 32.08 -11.32
N TRP C 192 15.48 32.04 -12.65
CA TRP C 192 15.90 33.10 -13.54
C TRP C 192 14.75 34.02 -13.94
N TYR C 193 13.65 33.45 -14.43
CA TYR C 193 12.55 34.25 -14.95
C TYR C 193 11.28 33.41 -14.92
N ALA C 194 10.25 33.91 -14.22
CA ALA C 194 8.97 33.23 -14.15
C ALA C 194 7.96 33.93 -15.05
N PRO C 195 7.71 33.45 -16.27
CA PRO C 195 6.77 34.12 -17.16
C PRO C 195 5.32 33.84 -16.78
N GLU C 196 4.45 34.77 -17.17
CA GLU C 196 3.02 34.63 -16.93
C GLU C 196 2.30 33.86 -18.03
N ILE C 197 2.85 33.84 -19.24
CA ILE C 197 2.25 33.16 -20.38
C ILE C 197 2.99 31.87 -20.73
N GLY C 198 4.29 31.97 -20.96
CA GLY C 198 5.09 30.85 -21.40
C GLY C 198 6.24 31.23 -22.30
N ILE C 199 7.23 30.34 -22.32
CA ILE C 199 8.49 30.53 -23.02
C ILE C 199 8.46 29.61 -24.23
N GLY C 200 8.75 30.16 -25.41
CA GLY C 200 8.87 29.31 -26.58
C GLY C 200 10.33 28.93 -26.83
N ALA C 201 10.83 29.24 -28.01
CA ALA C 201 12.22 28.97 -28.32
C ALA C 201 13.16 29.82 -27.46
N LEU C 202 14.34 29.27 -27.17
CA LEU C 202 15.34 29.91 -26.33
C LEU C 202 16.72 29.60 -26.88
N SER C 203 17.59 30.61 -26.91
CA SER C 203 18.97 30.41 -27.35
C SER C 203 19.89 31.37 -26.59
N TRP C 204 21.07 30.88 -26.22
CA TRP C 204 22.08 31.71 -25.57
C TRP C 204 22.71 32.66 -26.57
N TRP C 205 23.01 33.88 -26.11
CA TRP C 205 23.95 34.72 -26.85
C TRP C 205 25.32 34.06 -26.86
N PRO C 206 26.10 34.24 -27.93
CA PRO C 206 27.41 33.55 -28.00
C PRO C 206 28.39 33.98 -26.92
N ASP C 207 28.20 35.14 -26.30
CA ASP C 207 29.07 35.58 -25.21
C ASP C 207 28.52 35.22 -23.83
N SER C 208 27.48 34.39 -23.78
CA SER C 208 26.90 33.89 -22.52
C SER C 208 26.36 35.01 -21.64
N ARG C 209 26.06 36.18 -22.20
CA ARG C 209 25.53 37.27 -21.41
C ARG C 209 24.04 37.10 -21.09
N GLY C 210 23.36 36.19 -21.77
CA GLY C 210 21.94 36.00 -21.58
C GLY C 210 21.36 35.20 -22.73
N VAL C 211 20.02 35.14 -22.77
CA VAL C 211 19.33 34.34 -23.76
C VAL C 211 18.31 35.20 -24.50
N LEU C 212 18.00 34.77 -25.72
CA LEU C 212 16.85 35.26 -26.46
C LEU C 212 15.71 34.27 -26.27
N ILE C 213 14.50 34.79 -26.08
CA ILE C 213 13.33 33.95 -25.84
C ILE C 213 12.15 34.45 -26.64
N VAL C 214 11.26 33.52 -27.00
CA VAL C 214 10.01 33.84 -27.69
C VAL C 214 8.86 33.69 -26.71
N GLN C 215 8.02 34.72 -26.62
CA GLN C 215 6.82 34.64 -25.81
C GLN C 215 5.77 35.59 -26.38
N SER C 216 4.53 35.38 -25.99
CA SER C 216 3.39 36.16 -26.44
C SER C 216 3.02 37.23 -25.42
N GLU C 217 2.31 38.26 -25.90
CA GLU C 217 1.97 39.39 -25.05
C GLU C 217 0.90 39.01 -24.02
N ASP C 218 -0.09 38.22 -24.40
CA ASP C 218 -1.12 37.78 -23.48
C ASP C 218 -1.68 36.45 -23.98
N GLU C 219 -2.66 35.92 -23.24
CA GLU C 219 -3.20 34.61 -23.58
C GLU C 219 -3.98 34.64 -24.89
N TRP C 220 -4.66 35.74 -25.20
CA TRP C 220 -5.38 35.79 -26.47
C TRP C 220 -4.41 35.82 -27.66
N GLN C 221 -3.40 36.64 -27.57
CA GLN C 221 -2.42 36.74 -28.63
C GLN C 221 -1.68 35.43 -28.85
N ALA C 222 -1.45 34.69 -27.76
CA ALA C 222 -0.90 33.34 -27.88
C ALA C 222 -1.86 32.41 -28.64
N SER C 223 -3.16 32.52 -28.38
CA SER C 223 -4.12 31.66 -29.08
C SER C 223 -4.19 31.97 -30.57
N GLN C 224 -3.83 33.19 -30.97
CA GLN C 224 -3.83 33.61 -32.36
C GLN C 224 -2.48 33.42 -33.03
N TRP C 225 -1.54 32.74 -32.36
CA TRP C 225 -0.22 32.42 -32.92
C TRP C 225 0.59 33.67 -33.22
N ARG C 226 0.52 34.66 -32.34
CA ARG C 226 1.28 35.88 -32.47
C ARG C 226 2.26 35.97 -31.30
N GLN C 227 3.55 35.97 -31.62
CA GLN C 227 4.61 35.96 -30.62
C GLN C 227 5.64 37.03 -30.96
N ASP C 228 6.46 37.38 -29.98
CA ASP C 228 7.55 38.33 -30.15
C ASP C 228 8.83 37.74 -29.56
N VAL C 229 9.94 38.42 -29.85
CA VAL C 229 11.26 37.98 -29.40
C VAL C 229 11.76 38.97 -28.33
N TYR C 230 12.30 38.42 -27.25
CA TYR C 230 12.75 39.22 -26.12
C TYR C 230 14.19 38.88 -25.78
N ASP C 231 14.88 39.84 -25.17
CA ASP C 231 16.24 39.67 -24.67
C ASP C 231 16.20 39.54 -23.16
N LEU C 232 16.80 38.49 -22.64
CA LEU C 232 16.79 38.23 -21.20
C LEU C 232 18.22 38.12 -20.69
N PRO C 233 18.76 39.17 -20.07
CA PRO C 233 20.12 39.09 -19.53
C PRO C 233 20.18 38.17 -18.31
N LEU C 234 21.39 37.77 -17.96
CA LEU C 234 21.59 36.99 -16.75
C LEU C 234 21.09 37.76 -15.52
N PRO C 235 20.58 37.06 -14.52
CA PRO C 235 20.04 37.74 -13.33
C PRO C 235 21.15 38.25 -12.43
N THR C 236 20.79 39.24 -11.63
CA THR C 236 21.70 39.77 -10.61
C THR C 236 21.59 38.93 -9.35
N ALA C 239 17.49 39.77 -7.33
CA ALA C 239 16.26 39.81 -8.11
C ALA C 239 16.41 39.01 -9.41
N PRO C 240 15.30 38.48 -9.93
CA PRO C 240 15.34 37.83 -11.24
C PRO C 240 15.50 38.84 -12.37
N ALA C 241 15.58 38.36 -13.60
CA ALA C 241 15.76 39.23 -14.75
C ALA C 241 14.42 39.60 -15.37
N ALA C 242 14.39 40.76 -16.03
CA ALA C 242 13.22 41.24 -16.75
C ALA C 242 13.46 41.20 -18.25
N PRO C 243 12.58 40.56 -19.02
CA PRO C 243 12.81 40.48 -20.47
C PRO C 243 12.63 41.83 -21.15
N GLN C 244 13.56 42.14 -22.05
CA GLN C 244 13.48 43.32 -22.90
C GLN C 244 12.91 42.92 -24.25
N LYS C 245 11.95 43.70 -24.76
CA LYS C 245 11.43 43.40 -26.09
C LYS C 245 12.52 43.66 -27.11
N LEU C 246 12.70 42.71 -28.03
CA LEU C 246 13.78 42.76 -29.01
C LEU C 246 13.30 42.88 -30.45
N LEU C 247 12.14 42.33 -30.76
CA LEU C 247 11.59 42.38 -32.11
C LEU C 247 10.07 42.40 -32.02
N ASP C 248 9.45 43.38 -32.67
CA ASP C 248 7.99 43.42 -32.77
C ASP C 248 7.61 42.52 -33.94
N TRP C 249 7.47 41.23 -33.64
CA TRP C 249 7.21 40.23 -34.67
C TRP C 249 5.71 39.99 -34.87
N ASN C 250 4.97 39.81 -33.78
CA ASN C 250 3.51 39.65 -33.82
C ASN C 250 3.11 38.49 -34.74
N SER C 251 3.87 37.41 -34.69
CA SER C 251 3.67 36.28 -35.60
C SER C 251 4.38 35.06 -35.02
N ALA C 252 4.46 33.98 -35.81
CA ALA C 252 5.03 32.73 -35.33
C ALA C 252 6.55 32.74 -35.48
N ALA C 253 7.25 32.39 -34.40
CA ALA C 253 8.70 32.38 -34.39
C ALA C 253 9.26 31.26 -33.51
N HIS C 254 10.25 30.53 -34.02
CA HIS C 254 10.96 29.53 -33.22
C HIS C 254 12.38 29.40 -33.76
N GLY C 255 13.15 28.50 -33.14
CA GLY C 255 14.52 28.23 -33.60
C GLY C 255 15.45 29.41 -33.69
N LEU C 256 15.43 30.29 -32.69
CA LEU C 256 16.31 31.45 -32.72
C LEU C 256 17.76 31.02 -32.88
N ALA C 257 18.48 31.73 -33.75
CA ALA C 257 19.87 31.40 -34.09
C ALA C 257 20.73 32.65 -34.00
N PRO C 258 21.32 32.93 -32.84
CA PRO C 258 22.16 34.13 -32.69
C PRO C 258 23.40 34.07 -33.58
N HIS C 259 23.72 35.19 -34.21
CA HIS C 259 24.89 35.29 -35.06
C HIS C 259 26.15 35.34 -34.20
N PRO C 260 27.28 34.83 -34.70
CA PRO C 260 28.52 34.90 -33.92
C PRO C 260 28.94 36.31 -33.52
N ASP C 261 28.39 37.35 -34.16
CA ASP C 261 28.73 38.70 -33.75
C ASP C 261 28.08 39.13 -32.44
N GLY C 262 27.18 38.31 -31.89
CA GLY C 262 26.57 38.65 -30.63
C GLY C 262 25.53 39.76 -30.70
N GLN C 263 25.16 40.19 -31.89
CA GLN C 263 24.18 41.27 -32.02
C GLN C 263 23.01 40.93 -32.94
N ARG C 264 23.27 40.36 -34.11
CA ARG C 264 22.18 39.90 -34.96
C ARG C 264 21.79 38.47 -34.61
N PHE C 265 20.65 38.05 -35.12
CA PHE C 265 20.19 36.68 -34.95
C PHE C 265 19.22 36.35 -36.08
N ALA C 266 19.11 35.07 -36.38
CA ALA C 266 18.19 34.57 -37.39
C ALA C 266 16.96 33.98 -36.71
N LEU C 267 15.82 34.07 -37.41
CA LEU C 267 14.57 33.54 -36.91
C LEU C 267 13.95 32.59 -37.94
N ILE C 268 13.36 31.51 -37.44
CA ILE C 268 12.55 30.59 -38.25
C ILE C 268 11.09 30.90 -38.00
N GLY C 269 10.35 31.13 -39.07
CA GLY C 269 8.94 31.44 -38.91
C GLY C 269 8.39 32.08 -40.17
N ARG C 270 7.41 32.96 -39.95
CA ARG C 270 6.76 33.72 -41.01
C ARG C 270 6.37 35.06 -40.43
N PRO C 271 6.41 36.13 -41.22
CA PRO C 271 6.06 37.44 -40.70
C PRO C 271 4.55 37.59 -40.54
N ALA C 272 4.16 38.69 -39.89
CA ALA C 272 2.76 38.95 -39.62
C ALA C 272 1.99 39.20 -40.91
N GLY C 273 0.69 38.87 -40.88
CA GLY C 273 -0.18 38.97 -42.03
C GLY C 273 -0.29 37.70 -42.83
N LYS C 274 0.75 36.88 -42.83
CA LYS C 274 0.74 35.60 -43.54
C LYS C 274 0.33 34.51 -42.56
N GLY C 275 -0.73 33.77 -42.90
CA GLY C 275 -1.28 32.78 -42.00
C GLY C 275 -0.47 31.50 -41.98
N ASN C 276 -1.02 30.51 -41.26
CA ASN C 276 -0.35 29.22 -41.05
C ASN C 276 0.05 28.53 -42.35
N THR C 277 -0.58 28.88 -43.47
CA THR C 277 -0.31 28.15 -44.72
C THR C 277 0.99 28.56 -45.39
N GLU C 278 1.63 29.67 -45.01
CA GLU C 278 2.86 30.05 -45.67
C GLU C 278 4.03 29.21 -45.16
N HIS C 279 4.94 28.87 -46.08
CA HIS C 279 6.15 28.15 -45.74
C HIS C 279 6.92 28.89 -44.65
N ALA C 280 7.36 28.14 -43.65
CA ALA C 280 8.32 28.68 -42.69
C ALA C 280 9.63 28.98 -43.41
N HIS C 281 10.20 30.17 -43.15
CA HIS C 281 11.42 30.61 -43.80
C HIS C 281 12.37 31.19 -42.76
N LEU C 282 13.54 31.61 -43.24
CA LEU C 282 14.60 32.17 -42.40
C LEU C 282 14.63 33.68 -42.55
N TYR C 283 14.78 34.38 -41.43
CA TYR C 283 14.80 35.84 -41.41
C TYR C 283 15.94 36.34 -40.55
N LEU C 284 16.70 37.29 -41.10
CA LEU C 284 17.82 37.91 -40.38
C LEU C 284 17.33 39.16 -39.66
N ILE C 285 17.57 39.24 -38.36
CA ILE C 285 17.07 40.33 -37.52
C ILE C 285 18.23 41.27 -37.20
N GLU C 286 18.00 42.56 -37.46
CA GLU C 286 18.98 43.61 -37.18
C GLU C 286 18.24 44.88 -36.79
N ASN C 287 18.41 45.32 -35.54
CA ASN C 287 17.76 46.52 -35.02
C ASN C 287 16.26 46.51 -35.27
N GLY C 288 15.61 45.44 -34.84
CA GLY C 288 14.17 45.35 -35.01
C GLY C 288 13.70 45.16 -36.44
N GLN C 289 14.61 45.17 -37.40
CA GLN C 289 14.28 44.96 -38.81
C GLN C 289 14.51 43.50 -39.19
N HIS C 290 13.78 43.05 -40.20
CA HIS C 290 13.87 41.67 -40.65
C HIS C 290 14.03 41.64 -42.16
N ARG C 291 14.80 40.67 -42.65
CA ARG C 291 14.95 40.45 -44.07
C ARG C 291 15.00 38.95 -44.32
N ARG C 292 14.38 38.51 -45.41
CA ARG C 292 14.40 37.10 -45.76
C ARG C 292 15.83 36.65 -46.03
N LEU C 293 16.19 35.50 -45.47
CA LEU C 293 17.56 34.98 -45.54
C LEU C 293 17.70 33.81 -46.49
N ASP C 294 16.73 32.90 -46.55
CA ASP C 294 16.74 31.80 -47.50
C ASP C 294 16.01 32.20 -48.78
N THR C 295 16.44 33.31 -49.37
CA THR C 295 15.74 33.87 -50.52
C THR C 295 15.87 32.98 -51.74
N GLY C 296 14.83 32.98 -52.57
CA GLY C 296 14.80 32.19 -53.78
C GLY C 296 14.66 30.70 -53.59
N HIS C 297 14.32 30.24 -52.38
CA HIS C 297 14.19 28.83 -52.07
C HIS C 297 12.72 28.60 -51.69
N ASP C 298 11.94 28.08 -52.63
CA ASP C 298 10.49 27.98 -52.50
C ASP C 298 10.08 26.69 -51.79
N HIS C 299 10.61 26.52 -50.58
CA HIS C 299 10.40 25.31 -49.80
C HIS C 299 10.50 25.66 -48.32
N PRO C 300 9.78 24.97 -47.45
CA PRO C 300 9.76 25.35 -46.04
C PRO C 300 10.98 24.83 -45.29
N VAL C 301 11.32 25.54 -44.21
CA VAL C 301 12.38 25.12 -43.31
C VAL C 301 11.88 23.98 -42.44
N GLY C 302 12.71 22.95 -42.31
CA GLY C 302 12.43 21.86 -41.40
C GLY C 302 11.87 20.63 -42.11
N ASP C 303 11.81 19.54 -41.35
CA ASP C 303 11.32 18.25 -41.83
C ASP C 303 9.80 18.22 -41.69
N ALA C 304 9.11 18.05 -42.82
CA ALA C 304 7.66 17.87 -42.85
C ALA C 304 7.27 16.68 -43.70
N VAL C 305 8.10 15.64 -43.70
CA VAL C 305 7.85 14.42 -44.45
C VAL C 305 7.39 13.34 -43.48
N GLY C 306 6.44 12.52 -43.92
CA GLY C 306 5.86 11.54 -43.03
C GLY C 306 6.78 10.38 -42.72
N GLY C 307 6.64 9.87 -41.50
CA GLY C 307 7.38 8.71 -41.05
C GLY C 307 6.91 8.34 -39.66
N ASP C 308 7.15 7.08 -39.29
CA ASP C 308 6.65 6.58 -38.01
C ASP C 308 7.72 5.92 -37.15
N CYS C 309 8.99 6.20 -37.41
CA CYS C 309 10.08 5.68 -36.60
C CYS C 309 10.86 6.80 -35.94
N HIS C 310 10.15 7.82 -35.46
CA HIS C 310 10.74 8.95 -34.76
C HIS C 310 10.15 9.00 -33.35
N VAL C 311 10.95 8.55 -32.37
CA VAL C 311 10.59 8.64 -30.96
C VAL C 311 11.62 9.50 -30.27
N GLY C 312 11.18 10.60 -29.68
CA GLY C 312 12.06 11.49 -28.96
C GLY C 312 12.22 12.84 -29.65
N ALA C 313 13.29 13.54 -29.26
CA ALA C 313 13.55 14.88 -29.73
C ALA C 313 14.39 14.85 -31.00
N PHE C 314 14.03 15.70 -31.96
CA PHE C 314 14.71 15.75 -33.25
C PHE C 314 15.13 17.19 -33.51
N PRO C 315 16.30 17.59 -33.00
CA PRO C 315 16.72 18.99 -33.14
C PRO C 315 16.97 19.37 -34.59
N GLU C 316 16.51 20.57 -34.96
CA GLU C 316 16.72 21.08 -36.31
C GLU C 316 17.18 22.53 -36.29
N GLY C 317 17.63 23.04 -35.15
CA GLY C 317 18.06 24.42 -35.05
C GLY C 317 19.19 24.73 -36.01
N PRO C 318 19.01 25.78 -36.81
CA PRO C 318 20.07 26.19 -37.74
C PRO C 318 21.32 26.65 -37.02
N ARG C 319 22.46 26.46 -37.67
CA ARG C 319 23.75 26.74 -37.05
C ARG C 319 24.62 27.55 -38.00
N TRP C 320 25.25 28.59 -37.46
CA TRP C 320 26.15 29.45 -38.23
C TRP C 320 27.50 28.74 -38.36
N LEU C 321 27.87 28.38 -39.59
CA LEU C 321 29.19 27.80 -39.83
C LEU C 321 30.27 28.86 -39.92
N ASP C 322 29.92 30.09 -40.26
CA ASP C 322 30.82 31.23 -40.17
C ASP C 322 29.96 32.50 -40.15
N GLY C 323 30.60 33.66 -40.30
CA GLY C 323 29.89 34.91 -40.25
C GLY C 323 28.89 35.11 -41.37
N ASP C 324 28.99 34.31 -42.43
CA ASP C 324 28.12 34.46 -43.60
C ASP C 324 27.20 33.26 -43.85
N THR C 325 27.41 32.13 -43.18
CA THR C 325 26.80 30.87 -43.58
C THR C 325 25.93 30.31 -42.47
N LEU C 326 24.68 30.02 -42.80
CA LEU C 326 23.71 29.45 -41.86
C LEU C 326 23.22 28.12 -42.42
N LEU C 327 23.54 27.03 -41.72
CA LEU C 327 23.13 25.70 -42.13
C LEU C 327 21.72 25.41 -41.63
N PHE C 328 20.88 24.85 -42.51
CA PHE C 328 19.51 24.53 -42.12
C PHE C 328 18.99 23.38 -42.98
N SER C 329 17.89 22.80 -42.53
CA SER C 329 17.20 21.73 -43.24
C SER C 329 15.94 22.26 -43.90
N SER C 330 15.48 21.55 -44.93
CA SER C 330 14.34 22.01 -45.72
C SER C 330 13.69 20.81 -46.40
N THR C 331 12.36 20.87 -46.52
CA THR C 331 11.58 19.80 -47.14
C THR C 331 11.37 20.12 -48.62
N VAL C 332 11.79 19.21 -49.50
CA VAL C 332 11.71 19.39 -50.94
C VAL C 332 11.18 18.10 -51.56
N ARG C 333 9.94 18.14 -52.07
CA ARG C 333 9.36 17.07 -52.87
C ARG C 333 9.53 15.69 -52.22
N GLY C 334 9.03 15.58 -51.00
CA GLY C 334 9.07 14.32 -50.30
C GLY C 334 10.40 13.96 -49.68
N SER C 335 11.37 14.87 -49.72
CA SER C 335 12.69 14.65 -49.16
C SER C 335 13.02 15.79 -48.20
N VAL C 336 14.03 15.55 -47.36
CA VAL C 336 14.55 16.56 -46.45
C VAL C 336 16.07 16.58 -46.58
N GLY C 337 16.63 17.74 -46.94
CA GLY C 337 18.05 17.87 -47.13
C GLY C 337 18.60 19.05 -46.34
N LEU C 338 19.92 19.10 -46.25
CA LEU C 338 20.62 20.19 -45.60
C LEU C 338 21.04 21.23 -46.63
N PHE C 339 20.88 22.51 -46.28
CA PHE C 339 21.21 23.61 -47.15
C PHE C 339 21.96 24.66 -46.35
N THR C 340 22.66 25.55 -47.06
CA THR C 340 23.30 26.69 -46.46
C THR C 340 22.65 27.96 -46.99
N ALA C 341 22.26 28.85 -46.09
CA ALA C 341 21.81 30.19 -46.43
C ALA C 341 22.92 31.19 -46.14
N HIS C 342 23.05 32.20 -46.99
CA HIS C 342 24.17 33.12 -46.91
C HIS C 342 23.67 34.56 -46.82
N ILE C 343 24.24 35.31 -45.89
CA ILE C 343 23.90 36.73 -45.77
C ILE C 343 24.18 37.45 -47.09
N GLY C 344 25.31 37.14 -47.71
CA GLY C 344 25.75 37.80 -48.92
C GLY C 344 25.34 37.15 -50.22
N GLY C 345 24.54 36.10 -50.21
CA GLY C 345 24.15 35.43 -51.43
C GLY C 345 22.89 34.62 -51.31
N GLY C 346 22.78 33.59 -52.16
CA GLY C 346 21.60 32.75 -52.22
C GLY C 346 21.79 31.44 -51.46
N VAL C 347 20.92 30.47 -51.78
CA VAL C 347 20.87 29.20 -51.07
C VAL C 347 21.57 28.14 -51.91
N LYS C 348 22.47 27.39 -51.27
CA LYS C 348 23.20 26.30 -51.91
C LYS C 348 22.96 25.01 -51.14
N ALA C 349 22.83 23.91 -51.88
CA ALA C 349 22.72 22.60 -51.26
C ALA C 349 23.97 22.27 -50.46
N TYR C 350 23.78 21.60 -49.32
CA TYR C 350 24.87 21.16 -48.46
C TYR C 350 24.96 19.64 -48.38
N ASP C 351 23.83 18.97 -48.17
CA ASP C 351 23.80 17.51 -48.09
C ASP C 351 22.33 17.13 -48.34
N HIS C 352 21.96 17.00 -49.61
CA HIS C 352 20.57 16.77 -50.00
C HIS C 352 20.50 15.59 -50.96
N ASP C 353 19.93 14.49 -50.49
CA ASP C 353 19.59 13.37 -51.34
C ASP C 353 18.10 13.45 -51.66
N PRO C 354 17.70 13.64 -52.91
CA PRO C 354 16.26 13.71 -53.22
C PRO C 354 15.51 12.43 -52.92
N GLN C 355 16.21 11.35 -52.55
CA GLN C 355 15.59 10.08 -52.19
C GLN C 355 15.74 9.77 -50.70
N GLY C 356 16.11 10.77 -49.88
CA GLY C 356 16.35 10.55 -48.48
C GLY C 356 15.81 11.67 -47.62
N VAL C 357 15.85 11.44 -46.30
CA VAL C 357 15.33 12.39 -45.32
C VAL C 357 16.33 12.49 -44.19
N ILE C 358 16.85 13.71 -43.97
CA ILE C 358 17.62 14.03 -42.77
C ILE C 358 16.65 14.62 -41.76
N SER C 359 16.35 13.87 -40.70
CA SER C 359 15.30 14.26 -39.77
C SER C 359 15.81 15.10 -38.59
N ALA C 360 17.11 15.10 -38.32
CA ALA C 360 17.65 15.88 -37.22
C ALA C 360 19.15 16.07 -37.45
N PHE C 361 19.70 17.14 -36.89
CA PHE C 361 21.11 17.44 -37.05
C PHE C 361 21.55 18.45 -36.01
N THR C 362 22.83 18.38 -35.64
CA THR C 362 23.52 19.44 -34.93
C THR C 362 24.86 19.68 -35.61
N ALA C 363 25.40 20.88 -35.42
CA ALA C 363 26.60 21.26 -36.15
C ALA C 363 27.30 22.41 -35.45
N ASN C 364 28.59 22.54 -35.74
CA ASN C 364 29.39 23.69 -35.36
C ASN C 364 30.45 23.87 -36.43
N GLU C 365 31.47 24.66 -36.14
CA GLU C 365 32.50 24.95 -37.13
C GLU C 365 33.46 23.78 -37.35
N HIS C 366 33.29 22.66 -36.62
CA HIS C 366 34.23 21.55 -36.73
C HIS C 366 33.61 20.24 -37.20
N GLY C 367 32.28 20.10 -37.17
CA GLY C 367 31.70 18.83 -37.56
C GLY C 367 30.18 18.87 -37.52
N VAL C 368 29.57 17.79 -38.00
CA VAL C 368 28.13 17.64 -38.11
C VAL C 368 27.75 16.21 -37.73
N ALA C 369 26.65 16.07 -37.00
CA ALA C 369 26.03 14.79 -36.73
C ALA C 369 24.55 14.88 -37.08
N LEU C 370 23.98 13.76 -37.55
CA LEU C 370 22.61 13.79 -38.04
C LEU C 370 22.01 12.40 -37.99
N ILE C 371 20.71 12.34 -38.26
CA ILE C 371 19.99 11.09 -38.46
C ILE C 371 19.46 11.09 -39.90
N ARG C 372 19.66 9.99 -40.61
CA ARG C 372 19.30 9.88 -42.01
C ARG C 372 18.43 8.66 -42.22
N GLU C 373 17.53 8.74 -43.20
CA GLU C 373 16.64 7.63 -43.51
C GLU C 373 16.14 7.78 -44.93
N SER C 374 15.45 6.74 -45.39
CA SER C 374 14.84 6.73 -46.72
C SER C 374 13.58 5.87 -46.64
N ALA C 375 12.90 5.73 -47.79
CA ALA C 375 11.73 4.86 -47.85
C ALA C 375 12.10 3.40 -47.62
N THR C 376 13.37 3.04 -47.81
CA THR C 376 13.82 1.67 -47.67
C THR C 376 14.87 1.47 -46.57
N ARG C 377 15.27 2.53 -45.87
CA ARG C 377 16.35 2.46 -44.89
C ARG C 377 15.88 3.02 -43.56
N PHE C 378 15.97 2.21 -42.51
CA PHE C 378 15.59 2.62 -41.18
C PHE C 378 16.53 3.74 -40.69
N PRO C 379 16.03 4.65 -39.87
CA PRO C 379 16.86 5.77 -39.39
C PRO C 379 18.19 5.31 -38.79
N GLU C 380 19.26 6.00 -39.18
CA GLU C 380 20.60 5.76 -38.65
C GLU C 380 21.24 7.07 -38.23
N VAL C 381 22.14 6.99 -37.26
CA VAL C 381 22.92 8.14 -36.78
C VAL C 381 24.22 8.21 -37.58
N GLU C 382 24.60 9.43 -37.98
CA GLU C 382 25.82 9.66 -38.73
C GLU C 382 26.70 10.68 -38.02
N LEU C 383 28.01 10.53 -38.22
CA LEU C 383 29.00 11.49 -37.70
C LEU C 383 29.97 11.83 -38.82
N ASN C 384 29.94 13.09 -39.27
CA ASN C 384 30.82 13.57 -40.34
C ASN C 384 30.86 12.62 -41.53
N GLY C 385 29.68 12.16 -41.93
CA GLY C 385 29.55 11.29 -43.08
C GLY C 385 29.71 9.81 -42.81
N GLN C 386 30.02 9.42 -41.57
CA GLN C 386 30.20 8.02 -41.21
C GLN C 386 29.02 7.54 -40.38
N ARG C 387 28.37 6.47 -40.84
CA ARG C 387 27.29 5.87 -40.08
C ARG C 387 27.84 5.17 -38.85
N VAL C 388 27.25 5.45 -37.68
CA VAL C 388 27.76 4.94 -36.42
C VAL C 388 26.80 3.96 -35.75
N THR C 389 25.64 3.72 -36.33
CA THR C 389 24.68 2.76 -35.82
C THR C 389 24.43 1.70 -36.88
N ASP C 390 23.82 0.59 -36.45
CA ASP C 390 23.42 -0.52 -37.33
C ASP C 390 21.99 -0.93 -37.03
N LEU C 391 21.10 0.07 -36.98
CA LEU C 391 19.74 -0.17 -36.55
C LEU C 391 18.89 -0.83 -37.63
N HIS C 392 19.21 -0.58 -38.90
CA HIS C 392 18.46 -1.24 -39.98
C HIS C 392 18.63 -2.75 -39.92
N ALA C 393 19.76 -3.23 -39.40
CA ALA C 393 19.95 -4.67 -39.25
C ALA C 393 18.94 -5.29 -38.30
N ARG C 394 18.36 -4.51 -37.39
CA ARG C 394 17.36 -5.03 -36.46
C ARG C 394 15.97 -5.09 -37.06
N PHE C 395 15.75 -4.47 -38.23
CA PHE C 395 14.44 -4.53 -38.86
C PHE C 395 14.13 -5.97 -39.23
N PRO C 396 13.03 -6.54 -38.73
CA PRO C 396 12.88 -8.00 -38.73
C PRO C 396 12.34 -8.61 -40.01
N PHE C 397 12.06 -7.85 -41.06
CA PHE C 397 11.63 -8.45 -42.31
C PHE C 397 12.14 -7.62 -43.47
N PRO C 398 12.22 -8.19 -44.67
CA PRO C 398 12.80 -7.47 -45.81
C PRO C 398 11.95 -6.28 -46.22
N VAL C 399 12.62 -5.17 -46.50
CA VAL C 399 11.95 -3.96 -46.99
C VAL C 399 11.93 -4.02 -48.50
N ARG C 400 10.96 -3.33 -49.10
CA ARG C 400 10.78 -3.34 -50.53
C ARG C 400 10.78 -1.92 -51.06
N GLU C 401 11.02 -1.79 -52.36
CA GLU C 401 11.22 -0.48 -52.97
C GLU C 401 9.94 0.00 -53.63
N PRO C 402 9.48 1.21 -53.33
CA PRO C 402 8.27 1.72 -53.97
C PRO C 402 8.54 2.13 -55.41
N GLN C 403 7.45 2.20 -56.17
CA GLN C 403 7.49 2.60 -57.57
C GLN C 403 6.67 3.87 -57.75
N ARG C 404 7.18 4.81 -58.55
CA ARG C 404 6.56 6.12 -58.66
C ARG C 404 5.46 6.09 -59.71
N VAL C 405 4.37 6.80 -59.41
CA VAL C 405 3.24 6.95 -60.32
C VAL C 405 2.84 8.42 -60.30
N THR C 406 2.71 9.01 -61.48
CA THR C 406 2.43 10.43 -61.61
C THR C 406 0.99 10.67 -62.03
N PHE C 407 0.57 11.93 -61.88
CA PHE C 407 -0.74 12.37 -62.35
C PHE C 407 -0.62 13.83 -62.78
N GLU C 408 -1.59 14.26 -63.58
CA GLU C 408 -1.57 15.59 -64.18
C GLU C 408 -2.60 16.48 -63.52
N THR C 409 -2.19 17.73 -63.25
CA THR C 409 -3.06 18.76 -62.72
C THR C 409 -2.80 20.04 -63.49
N GLU C 410 -3.73 21.00 -63.38
CA GLU C 410 -3.55 22.28 -64.05
C GLU C 410 -2.31 23.02 -63.57
N LEU C 411 -1.78 22.68 -62.39
CA LEU C 411 -0.58 23.30 -61.88
C LEU C 411 0.70 22.55 -62.27
N GLY C 412 0.58 21.44 -62.97
CA GLY C 412 1.72 20.62 -63.33
C GLY C 412 1.59 19.22 -62.78
N GLU C 413 2.67 18.46 -62.92
CA GLU C 413 2.65 17.04 -62.62
C GLU C 413 2.75 16.80 -61.11
N GLY C 414 1.85 15.98 -60.58
CA GLY C 414 1.95 15.50 -59.23
C GLY C 414 2.47 14.07 -59.21
N GLU C 415 2.85 13.61 -58.03
CA GLU C 415 3.48 12.31 -57.91
C GLU C 415 2.98 11.57 -56.68
N GLY C 416 3.08 10.25 -56.74
CA GLY C 416 2.82 9.37 -55.62
C GLY C 416 3.58 8.07 -55.80
N TRP C 417 3.28 7.08 -54.98
CA TRP C 417 4.05 5.84 -55.01
C TRP C 417 3.14 4.66 -54.72
N VAL C 418 3.59 3.48 -55.17
CA VAL C 418 2.95 2.21 -54.87
C VAL C 418 4.00 1.28 -54.30
N LEU C 419 3.73 0.69 -53.14
CA LEU C 419 4.59 -0.28 -52.50
C LEU C 419 3.93 -1.65 -52.61
N LEU C 420 4.60 -2.56 -53.31
CA LEU C 420 4.01 -3.86 -53.61
C LEU C 420 4.59 -4.97 -52.73
N PRO C 421 3.80 -5.98 -52.44
CA PRO C 421 4.32 -7.17 -51.76
C PRO C 421 5.22 -7.99 -52.68
N GLU C 422 5.86 -8.99 -52.08
CA GLU C 422 6.57 -9.99 -52.86
C GLU C 422 5.56 -10.74 -53.74
N GLY C 423 6.07 -11.30 -54.84
CA GLY C 423 5.27 -12.13 -55.70
C GLY C 423 4.67 -11.35 -56.86
N GLU C 424 3.70 -11.99 -57.54
CA GLU C 424 3.08 -11.40 -58.70
C GLU C 424 1.56 -11.53 -58.74
N GLN C 425 0.93 -12.14 -57.74
CA GLN C 425 -0.51 -12.35 -57.76
C GLN C 425 -1.24 -11.04 -57.45
N LYS C 426 -2.56 -11.05 -57.67
CA LYS C 426 -3.37 -9.87 -57.37
C LYS C 426 -3.37 -9.60 -55.87
N VAL C 427 -3.38 -8.31 -55.53
CA VAL C 427 -3.39 -7.87 -54.13
C VAL C 427 -4.31 -6.67 -54.00
N PRO C 428 -4.95 -6.53 -52.83
CA PRO C 428 -5.78 -5.34 -52.61
C PRO C 428 -4.97 -4.06 -52.64
N ALA C 429 -5.62 -2.98 -53.08
CA ALA C 429 -4.98 -1.67 -53.21
C ALA C 429 -5.50 -0.75 -52.12
N LEU C 430 -4.59 -0.20 -51.32
CA LEU C 430 -4.93 0.63 -50.17
C LEU C 430 -4.54 2.08 -50.47
N LEU C 431 -5.54 2.95 -50.60
CA LEU C 431 -5.27 4.38 -50.79
C LEU C 431 -5.07 5.03 -49.43
N ASN C 432 -3.85 5.48 -49.16
CA ASN C 432 -3.49 6.12 -47.90
C ASN C 432 -3.31 7.62 -48.13
N ILE C 433 -3.90 8.43 -47.25
CA ILE C 433 -3.90 9.88 -47.38
C ILE C 433 -3.15 10.46 -46.18
N HIS C 434 -2.09 11.22 -46.43
CA HIS C 434 -1.34 11.83 -45.35
C HIS C 434 -2.06 13.06 -44.81
N GLY C 435 -1.83 13.34 -43.54
CA GLY C 435 -2.45 14.46 -42.85
C GLY C 435 -1.71 15.76 -43.08
N GLY C 436 -2.01 16.73 -42.22
CA GLY C 436 -1.42 18.04 -42.33
C GLY C 436 -2.45 19.13 -42.39
N PRO C 437 -2.93 19.47 -43.60
CA PRO C 437 -2.62 18.79 -44.86
C PRO C 437 -1.26 19.17 -45.48
N HIS C 438 -0.60 20.16 -44.89
CA HIS C 438 0.64 20.70 -45.48
C HIS C 438 1.86 19.92 -45.00
N THR C 439 1.89 18.63 -45.34
CA THR C 439 3.06 17.78 -45.19
C THR C 439 3.29 17.01 -46.49
N ASP C 440 4.28 16.12 -46.47
CA ASP C 440 4.63 15.31 -47.64
C ASP C 440 4.71 13.83 -47.26
N TYR C 441 4.21 12.98 -48.15
CA TYR C 441 4.69 11.61 -48.24
C TYR C 441 5.98 11.57 -49.06
N GLY C 442 6.68 10.45 -49.00
CA GLY C 442 7.79 10.28 -49.91
C GLY C 442 8.93 9.40 -49.46
N HIS C 443 9.96 10.02 -48.87
CA HIS C 443 11.23 9.33 -48.63
C HIS C 443 11.57 9.25 -47.15
N GLY C 444 10.57 9.38 -46.27
CA GLY C 444 10.72 8.91 -44.91
C GLY C 444 10.49 7.42 -44.81
N PHE C 445 10.93 6.83 -43.70
CA PHE C 445 10.70 5.41 -43.47
C PHE C 445 9.41 5.22 -42.71
N THR C 446 8.54 4.38 -43.23
CA THR C 446 7.21 4.14 -42.67
C THR C 446 7.08 2.64 -42.40
N HIS C 447 7.27 2.26 -41.13
CA HIS C 447 7.09 0.86 -40.74
C HIS C 447 5.70 0.35 -41.11
N GLU C 448 4.68 1.19 -40.94
CA GLU C 448 3.31 0.79 -41.26
C GLU C 448 3.16 0.40 -42.72
N PHE C 449 3.76 1.18 -43.63
CA PHE C 449 3.65 0.88 -45.05
C PHE C 449 4.38 -0.42 -45.41
N GLN C 450 5.59 -0.60 -44.89
CA GLN C 450 6.33 -1.82 -45.15
C GLN C 450 5.61 -3.04 -44.57
N LEU C 451 4.99 -2.89 -43.40
CA LEU C 451 4.24 -3.97 -42.80
C LEU C 451 3.01 -4.32 -43.65
N MET C 452 2.34 -3.30 -44.20
CA MET C 452 1.19 -3.55 -45.08
C MET C 452 1.59 -4.39 -46.28
N ALA C 453 2.67 -4.01 -46.97
CA ALA C 453 3.11 -4.76 -48.13
C ALA C 453 3.53 -6.18 -47.76
N ALA C 454 4.21 -6.33 -46.62
CA ALA C 454 4.65 -7.66 -46.19
C ALA C 454 3.47 -8.59 -45.90
N ARG C 455 2.28 -8.04 -45.66
CA ARG C 455 1.10 -8.85 -45.41
C ARG C 455 0.18 -8.96 -46.62
N GLY C 456 0.64 -8.52 -47.79
CA GLY C 456 -0.06 -8.79 -49.03
C GLY C 456 -0.91 -7.67 -49.60
N TYR C 457 -0.69 -6.42 -49.19
CA TYR C 457 -1.45 -5.29 -49.70
C TYR C 457 -0.56 -4.37 -50.52
N GLY C 458 -1.14 -3.78 -51.57
CA GLY C 458 -0.48 -2.74 -52.31
C GLY C 458 -0.81 -1.37 -51.76
N VAL C 459 0.19 -0.62 -51.32
CA VAL C 459 0.00 0.65 -50.65
C VAL C 459 0.20 1.78 -51.65
N CYS C 460 -0.84 2.59 -51.83
CA CYS C 460 -0.80 3.74 -52.74
C CYS C 460 -0.90 5.01 -51.91
N TYR C 461 0.10 5.88 -52.03
CA TYR C 461 0.19 7.07 -51.21
C TYR C 461 0.86 8.16 -52.04
N SER C 462 0.33 9.39 -51.95
CA SER C 462 0.70 10.44 -52.88
C SER C 462 0.70 11.80 -52.19
N ASN C 463 1.12 12.82 -52.94
CA ASN C 463 1.19 14.20 -52.47
C ASN C 463 0.26 15.05 -53.34
N PRO C 464 -1.04 15.09 -53.00
CA PRO C 464 -1.96 15.93 -53.76
C PRO C 464 -1.67 17.41 -53.54
N ARG C 465 -2.31 18.24 -54.37
CA ARG C 465 -2.32 19.67 -54.12
C ARG C 465 -2.72 19.95 -52.68
N GLY C 466 -2.01 20.88 -52.04
CA GLY C 466 -2.08 21.07 -50.61
C GLY C 466 -0.87 20.55 -49.86
N SER C 467 -0.14 19.60 -50.45
CA SER C 467 1.11 19.14 -49.86
C SER C 467 2.12 20.28 -49.82
N VAL C 468 3.18 20.10 -49.03
CA VAL C 468 4.03 21.21 -48.63
C VAL C 468 5.34 21.30 -49.41
N GLY C 469 5.77 20.24 -50.08
CA GLY C 469 7.10 20.19 -50.64
C GLY C 469 7.23 20.59 -52.10
N TYR C 470 6.19 21.12 -52.72
CA TYR C 470 6.18 21.35 -54.16
C TYR C 470 5.95 22.82 -54.50
N GLY C 471 6.31 23.71 -53.59
CA GLY C 471 6.17 25.14 -53.80
C GLY C 471 4.95 25.71 -53.08
N GLN C 472 4.99 27.02 -52.85
CA GLN C 472 3.92 27.68 -52.12
C GLN C 472 2.60 27.62 -52.89
N ALA C 473 2.66 27.67 -54.22
CA ALA C 473 1.43 27.62 -55.02
C ALA C 473 0.71 26.29 -54.87
N TRP C 474 1.46 25.19 -54.81
CA TRP C 474 0.85 23.88 -54.59
C TRP C 474 0.13 23.84 -53.24
N VAL C 475 0.68 24.52 -52.24
CA VAL C 475 0.01 24.62 -50.94
C VAL C 475 -1.28 25.44 -51.05
N ASP C 476 -1.18 26.61 -51.68
CA ASP C 476 -2.30 27.55 -51.70
C ASP C 476 -3.50 27.05 -52.50
N ALA C 477 -3.31 26.04 -53.33
CA ALA C 477 -4.36 25.60 -54.25
C ALA C 477 -5.62 25.15 -53.52
N ILE C 478 -5.50 24.70 -52.27
CA ILE C 478 -6.64 24.18 -51.52
C ILE C 478 -7.21 25.19 -50.54
N TYR C 479 -6.69 26.41 -50.50
CA TYR C 479 -7.13 27.39 -49.52
C TYR C 479 -8.63 27.63 -49.60
N GLY C 480 -9.31 27.42 -48.47
CA GLY C 480 -10.73 27.71 -48.37
C GLY C 480 -11.66 26.76 -49.09
N ARG C 481 -11.16 25.66 -49.64
CA ARG C 481 -12.02 24.77 -50.41
C ARG C 481 -11.54 23.32 -50.29
N TRP C 482 -11.23 22.90 -49.07
CA TRP C 482 -10.93 21.50 -48.81
C TRP C 482 -12.04 20.60 -49.36
N GLY C 483 -11.65 19.50 -50.01
CA GLY C 483 -12.60 18.60 -50.61
C GLY C 483 -12.93 18.86 -52.06
N THR C 484 -12.18 19.75 -52.74
CA THR C 484 -12.35 19.96 -54.17
C THR C 484 -11.13 19.40 -54.87
N VAL C 485 -10.14 20.22 -55.22
CA VAL C 485 -9.03 19.75 -56.04
C VAL C 485 -8.13 18.78 -55.29
N ASP C 486 -8.14 18.79 -53.95
CA ASP C 486 -7.34 17.83 -53.21
C ASP C 486 -7.91 16.42 -53.30
N ALA C 487 -9.23 16.29 -53.08
CA ALA C 487 -9.88 15.00 -53.29
C ALA C 487 -9.76 14.55 -54.74
N ASP C 488 -9.81 15.50 -55.68
CA ASP C 488 -9.67 15.18 -57.09
C ASP C 488 -8.31 14.55 -57.38
N ASP C 489 -7.24 15.17 -56.87
CA ASP C 489 -5.89 14.64 -57.07
C ASP C 489 -5.76 13.23 -56.53
N LEU C 490 -6.34 12.97 -55.35
CA LEU C 490 -6.18 11.67 -54.70
C LEU C 490 -6.84 10.56 -55.51
N LEU C 491 -8.08 10.78 -55.97
CA LEU C 491 -8.77 9.76 -56.75
C LEU C 491 -8.18 9.66 -58.16
N ASN C 492 -7.70 10.77 -58.71
CA ASN C 492 -6.96 10.74 -59.96
C ASN C 492 -5.72 9.88 -59.82
N PHE C 493 -4.91 10.15 -58.80
CA PHE C 493 -3.72 9.35 -58.53
C PHE C 493 -4.05 7.87 -58.39
N PHE C 494 -5.10 7.56 -57.63
CA PHE C 494 -5.46 6.16 -57.38
C PHE C 494 -5.86 5.47 -58.69
N ASP C 495 -6.62 6.16 -59.54
CA ASP C 495 -6.94 5.60 -60.86
C ASP C 495 -5.68 5.31 -61.66
N ARG C 496 -4.69 6.21 -61.60
CA ARG C 496 -3.43 5.98 -62.31
C ARG C 496 -2.68 4.78 -61.75
N CYS C 497 -2.79 4.53 -60.44
CA CYS C 497 -2.15 3.36 -59.86
C CYS C 497 -2.75 2.07 -60.41
N LEU C 498 -4.09 1.99 -60.44
CA LEU C 498 -4.75 0.80 -60.96
C LEU C 498 -4.41 0.56 -62.42
N GLU C 499 -4.23 1.63 -63.20
CA GLU C 499 -3.90 1.48 -64.60
C GLU C 499 -2.45 1.05 -64.80
N ALA C 500 -1.53 1.65 -64.04
CA ALA C 500 -0.11 1.38 -64.24
C ALA C 500 0.38 0.12 -63.54
N VAL C 501 -0.36 -0.38 -62.55
CA VAL C 501 0.06 -1.54 -61.77
C VAL C 501 -1.00 -2.62 -61.89
N PRO C 502 -0.89 -3.54 -62.86
CA PRO C 502 -1.99 -4.49 -63.11
C PRO C 502 -2.25 -5.48 -61.98
N ARG C 503 -1.27 -5.76 -61.11
CA ARG C 503 -1.53 -6.69 -60.02
C ARG C 503 -2.38 -6.08 -58.90
N LEU C 504 -2.59 -4.77 -58.90
CA LEU C 504 -3.55 -4.18 -57.97
C LEU C 504 -4.97 -4.61 -58.35
N ASP C 505 -5.75 -5.04 -57.36
CA ASP C 505 -7.10 -5.55 -57.61
C ASP C 505 -8.08 -4.40 -57.42
N ALA C 506 -8.59 -3.88 -58.54
CA ALA C 506 -9.54 -2.78 -58.51
C ALA C 506 -10.87 -3.16 -57.88
N ALA C 507 -11.12 -4.44 -57.63
CA ALA C 507 -12.33 -4.90 -56.96
C ALA C 507 -12.15 -5.04 -55.45
N LYS C 508 -10.93 -4.85 -54.94
CA LYS C 508 -10.64 -4.96 -53.50
C LYS C 508 -9.82 -3.72 -53.12
N THR C 509 -10.51 -2.60 -52.93
CA THR C 509 -9.88 -1.32 -52.65
C THR C 509 -10.36 -0.77 -51.31
N ALA C 510 -9.51 0.07 -50.72
CA ALA C 510 -9.83 0.71 -49.45
C ALA C 510 -9.18 2.09 -49.42
N VAL C 511 -9.77 2.99 -48.64
CA VAL C 511 -9.25 4.33 -48.44
C VAL C 511 -9.07 4.56 -46.95
N MET C 512 -7.98 5.22 -46.59
CA MET C 512 -7.64 5.39 -45.18
C MET C 512 -6.69 6.57 -45.03
N GLY C 513 -6.72 7.18 -43.85
CA GLY C 513 -5.87 8.33 -43.57
C GLY C 513 -6.10 8.81 -42.16
N GLY C 514 -5.15 9.62 -41.69
CA GLY C 514 -5.16 10.13 -40.33
C GLY C 514 -5.26 11.64 -40.31
N ALA C 515 -6.03 12.17 -39.35
CA ALA C 515 -6.17 13.60 -39.11
C ALA C 515 -6.84 14.26 -40.31
N TYR C 516 -6.10 15.10 -41.04
CA TYR C 516 -6.61 15.58 -42.32
C TYR C 516 -6.90 14.42 -43.27
N GLY C 517 -6.09 13.35 -43.20
CA GLY C 517 -6.40 12.16 -43.96
C GLY C 517 -7.69 11.50 -43.49
N GLY C 518 -8.02 11.67 -42.22
CA GLY C 518 -9.30 11.18 -41.72
C GLY C 518 -10.45 12.04 -42.20
N PHE C 519 -10.29 13.36 -42.13
CA PHE C 519 -11.24 14.26 -42.78
C PHE C 519 -11.48 13.84 -44.22
N MET C 520 -10.40 13.59 -44.97
CA MET C 520 -10.53 13.28 -46.39
C MET C 520 -11.11 11.89 -46.59
N THR C 521 -10.79 10.95 -45.71
CA THR C 521 -11.40 9.63 -45.77
C THR C 521 -12.91 9.73 -45.56
N ASN C 522 -13.33 10.54 -44.59
CA ASN C 522 -14.76 10.78 -44.37
C ASN C 522 -15.38 11.50 -45.57
N TRP C 523 -14.66 12.46 -46.16
CA TRP C 523 -15.19 13.21 -47.29
C TRP C 523 -15.39 12.31 -48.50
N ILE C 524 -14.38 11.48 -48.81
CA ILE C 524 -14.44 10.66 -50.02
C ILE C 524 -15.58 9.65 -49.94
N THR C 525 -15.66 8.93 -48.80
CA THR C 525 -16.70 7.91 -48.66
C THR C 525 -18.11 8.50 -48.70
N GLY C 526 -18.25 9.80 -48.42
CA GLY C 526 -19.53 10.46 -48.54
C GLY C 526 -19.83 11.01 -49.92
N HIS C 527 -18.88 10.89 -50.86
CA HIS C 527 -19.07 11.37 -52.21
C HIS C 527 -18.85 10.29 -53.27
N THR C 528 -18.51 9.06 -52.86
CA THR C 528 -18.43 7.94 -53.78
C THR C 528 -18.46 6.65 -52.98
N THR C 529 -19.06 5.62 -53.58
CA THR C 529 -19.17 4.31 -52.96
C THR C 529 -18.13 3.32 -53.51
N ARG C 530 -17.14 3.81 -54.25
CA ARG C 530 -16.25 2.93 -55.01
C ARG C 530 -15.40 2.03 -54.12
N PHE C 531 -15.17 2.40 -52.87
CA PHE C 531 -14.26 1.65 -52.02
C PHE C 531 -14.98 0.57 -51.24
N GLN C 532 -14.29 -0.55 -51.04
CA GLN C 532 -14.85 -1.69 -50.33
C GLN C 532 -14.73 -1.56 -48.81
N ALA C 533 -13.78 -0.78 -48.32
CA ALA C 533 -13.58 -0.61 -46.89
C ALA C 533 -12.90 0.74 -46.67
N ALA C 534 -13.06 1.25 -45.45
CA ALA C 534 -12.48 2.54 -45.08
C ALA C 534 -12.00 2.48 -43.63
N ILE C 535 -10.91 3.20 -43.37
CA ILE C 535 -10.35 3.33 -42.03
C ILE C 535 -10.05 4.81 -41.80
N THR C 536 -10.75 5.42 -40.86
CA THR C 536 -10.58 6.84 -40.58
C THR C 536 -9.98 7.02 -39.19
N ASP C 537 -8.86 7.74 -39.13
CA ASP C 537 -8.00 7.78 -37.96
C ASP C 537 -7.88 9.21 -37.49
N ARG C 538 -8.07 9.42 -36.17
CA ARG C 538 -8.03 10.74 -35.53
C ARG C 538 -8.65 11.82 -36.42
N CYS C 539 -9.88 11.55 -36.85
CA CYS C 539 -10.48 12.22 -38.00
C CYS C 539 -11.12 13.55 -37.62
N ILE C 540 -11.62 14.24 -38.64
CA ILE C 540 -12.44 15.43 -38.51
C ILE C 540 -13.71 15.21 -39.33
N SER C 541 -14.87 15.45 -38.72
CA SER C 541 -16.14 15.23 -39.41
C SER C 541 -17.04 16.45 -39.36
N ASN C 542 -16.87 17.30 -38.34
CA ASN C 542 -17.74 18.45 -38.13
C ASN C 542 -16.82 19.66 -37.89
N LEU C 543 -16.69 20.51 -38.90
CA LEU C 543 -15.75 21.63 -38.81
C LEU C 543 -16.21 22.68 -37.80
N ILE C 544 -17.52 22.77 -37.56
CA ILE C 544 -18.02 23.76 -36.60
C ILE C 544 -17.64 23.36 -35.18
N SER C 545 -17.93 22.11 -34.80
CA SER C 545 -17.59 21.66 -33.45
C SER C 545 -16.09 21.64 -33.22
N PHE C 546 -15.31 21.38 -34.28
CA PHE C 546 -13.85 21.42 -34.18
C PHE C 546 -13.36 22.78 -33.71
N GLY C 547 -13.95 23.86 -34.23
CA GLY C 547 -13.53 25.19 -33.83
C GLY C 547 -13.69 25.46 -32.35
N GLY C 548 -14.68 24.82 -31.71
CA GLY C 548 -14.92 25.04 -30.30
C GLY C 548 -14.22 24.08 -29.36
N THR C 549 -13.74 22.95 -29.86
CA THR C 549 -13.16 21.91 -29.01
C THR C 549 -11.67 21.68 -29.20
N SER C 550 -11.12 21.93 -30.39
CA SER C 550 -9.73 21.62 -30.65
C SER C 550 -8.81 22.62 -29.96
N ASP C 551 -7.59 22.16 -29.63
CA ASP C 551 -6.62 23.03 -28.97
C ASP C 551 -6.09 24.13 -29.90
N ILE C 552 -6.30 24.01 -31.21
CA ILE C 552 -5.97 25.05 -32.17
C ILE C 552 -7.21 25.58 -32.87
N GLY C 553 -8.39 25.30 -32.31
CA GLY C 553 -9.63 25.64 -32.99
C GLY C 553 -9.87 27.13 -33.14
N LEU C 554 -9.28 27.93 -32.24
CA LEU C 554 -9.51 29.37 -32.28
C LEU C 554 -8.79 30.06 -33.43
N ARG C 555 -7.94 29.36 -34.18
CA ARG C 555 -7.18 29.96 -35.26
C ARG C 555 -7.01 29.07 -36.49
N PHE C 556 -7.22 27.75 -36.40
CA PHE C 556 -6.87 26.86 -37.49
C PHE C 556 -7.69 27.14 -38.74
N TRP C 557 -9.03 27.12 -38.61
CA TRP C 557 -9.87 27.37 -39.78
C TRP C 557 -9.69 28.80 -40.30
N ASP C 558 -9.38 29.75 -39.41
CA ASP C 558 -9.13 31.12 -39.86
C ASP C 558 -7.96 31.19 -40.82
N ASP C 559 -6.89 30.43 -40.56
CA ASP C 559 -5.72 30.45 -41.43
C ASP C 559 -5.89 29.52 -42.63
N GLU C 560 -6.50 28.35 -42.44
CA GLU C 560 -6.59 27.38 -43.51
C GLU C 560 -7.76 27.65 -44.45
N LEU C 561 -8.84 28.22 -43.93
CA LEU C 561 -10.06 28.39 -44.72
C LEU C 561 -10.57 29.82 -44.74
N GLY C 562 -10.07 30.71 -43.89
CA GLY C 562 -10.64 32.05 -43.82
C GLY C 562 -11.99 32.10 -43.14
N LEU C 563 -12.25 31.18 -42.22
CA LEU C 563 -13.57 31.01 -41.63
C LEU C 563 -13.48 31.04 -40.10
N ASP C 564 -14.43 31.75 -39.48
CA ASP C 564 -14.51 31.90 -38.03
C ASP C 564 -15.79 31.21 -37.60
N PHE C 565 -15.66 30.10 -36.85
CA PHE C 565 -16.83 29.29 -36.53
C PHE C 565 -17.85 30.04 -35.67
N SER C 566 -17.40 31.04 -34.91
CA SER C 566 -18.30 31.80 -34.06
C SER C 566 -18.95 32.97 -34.79
N ARG C 567 -18.74 33.08 -36.10
CA ARG C 567 -19.38 34.10 -36.91
C ARG C 567 -20.45 33.43 -37.76
N ARG C 568 -21.67 33.97 -37.70
CA ARG C 568 -22.82 33.28 -38.26
C ARG C 568 -22.67 33.04 -39.77
N ALA C 569 -22.19 34.05 -40.50
CA ALA C 569 -22.04 33.90 -41.94
C ALA C 569 -21.03 32.80 -42.29
N ASP C 570 -19.91 32.75 -41.59
CA ASP C 570 -18.87 31.76 -41.86
C ASP C 570 -19.31 30.34 -41.54
N ALA C 571 -20.12 30.17 -40.49
CA ALA C 571 -20.47 28.83 -40.03
C ALA C 571 -21.18 28.03 -41.12
N LEU C 572 -21.99 28.70 -41.93
CA LEU C 572 -22.70 28.03 -43.01
C LEU C 572 -21.73 27.35 -43.98
N LYS C 573 -20.64 28.05 -44.37
CA LYS C 573 -19.64 27.44 -45.24
C LYS C 573 -18.88 26.33 -44.53
N LEU C 574 -18.59 26.49 -43.24
CA LEU C 574 -17.89 25.44 -42.50
C LEU C 574 -18.70 24.14 -42.50
N TRP C 575 -20.02 24.25 -42.38
CA TRP C 575 -20.87 23.07 -42.47
C TRP C 575 -20.83 22.48 -43.88
N ASP C 576 -20.75 23.33 -44.91
CA ASP C 576 -20.66 22.85 -46.27
C ASP C 576 -19.36 22.11 -46.53
N LEU C 577 -18.31 22.43 -45.77
CA LEU C 577 -17.03 21.72 -45.86
C LEU C 577 -16.93 20.56 -44.88
N SER C 578 -18.01 20.28 -44.14
CA SER C 578 -17.96 19.24 -43.11
C SER C 578 -18.40 17.91 -43.70
N PRO C 579 -17.58 16.86 -43.56
CA PRO C 579 -17.99 15.54 -44.09
C PRO C 579 -19.31 15.05 -43.52
N LEU C 580 -19.67 15.47 -42.30
CA LEU C 580 -20.89 14.99 -41.68
C LEU C 580 -22.15 15.40 -42.44
N GLN C 581 -22.09 16.50 -43.21
CA GLN C 581 -23.27 16.91 -43.97
C GLN C 581 -23.65 15.88 -45.02
N TYR C 582 -22.68 15.14 -45.54
CA TYR C 582 -22.90 14.21 -46.65
C TYR C 582 -22.89 12.76 -46.20
N VAL C 583 -22.98 12.51 -44.89
CA VAL C 583 -22.85 11.17 -44.34
C VAL C 583 -23.98 10.26 -44.80
N GLU C 584 -25.12 10.82 -45.20
CA GLU C 584 -26.23 9.99 -45.67
C GLU C 584 -25.87 9.18 -46.91
N ASN C 585 -24.82 9.58 -47.63
CA ASN C 585 -24.38 8.85 -48.82
C ASN C 585 -23.39 7.73 -48.51
N VAL C 586 -22.89 7.64 -47.27
CA VAL C 586 -21.85 6.68 -46.97
C VAL C 586 -22.43 5.27 -46.96
N LYS C 587 -21.80 4.36 -47.70
CA LYS C 587 -22.17 2.95 -47.71
C LYS C 587 -21.00 2.04 -47.39
N THR C 588 -19.80 2.59 -47.24
CA THR C 588 -18.58 1.80 -47.09
C THR C 588 -18.36 1.39 -45.64
N PRO C 589 -18.15 0.10 -45.36
CA PRO C 589 -17.79 -0.32 -44.00
C PRO C 589 -16.55 0.40 -43.51
N THR C 590 -16.65 1.00 -42.33
CA THR C 590 -15.65 1.94 -41.84
C THR C 590 -15.17 1.55 -40.44
N LEU C 591 -13.86 1.49 -40.27
CA LEU C 591 -13.23 1.37 -38.97
C LEU C 591 -12.81 2.76 -38.50
N ILE C 592 -13.16 3.09 -37.25
CA ILE C 592 -12.88 4.40 -36.67
C ILE C 592 -11.88 4.20 -35.53
N VAL C 593 -10.73 4.87 -35.63
CA VAL C 593 -9.66 4.80 -34.63
C VAL C 593 -9.47 6.19 -34.04
N HIS C 594 -9.45 6.29 -32.72
CA HIS C 594 -9.35 7.59 -32.06
C HIS C 594 -8.86 7.43 -30.63
N SER C 595 -8.23 8.48 -30.11
CA SER C 595 -7.72 8.50 -28.75
C SER C 595 -8.46 9.56 -27.92
N VAL C 596 -8.65 9.26 -26.64
CA VAL C 596 -9.50 10.08 -25.79
C VAL C 596 -8.84 11.42 -25.47
N LEU C 597 -7.52 11.43 -25.30
CA LEU C 597 -6.80 12.65 -24.96
C LEU C 597 -6.20 13.34 -26.19
N ASP C 598 -6.71 13.02 -27.39
CA ASP C 598 -6.34 13.79 -28.57
C ASP C 598 -7.02 15.14 -28.51
N HIS C 599 -6.26 16.18 -28.21
CA HIS C 599 -6.79 17.54 -28.16
C HIS C 599 -6.62 18.30 -29.47
N ARG C 600 -5.88 17.73 -30.43
CA ARG C 600 -5.79 18.31 -31.76
C ARG C 600 -7.06 18.02 -32.56
N CYS C 601 -7.46 16.77 -32.63
CA CYS C 601 -8.76 16.36 -33.18
C CYS C 601 -9.54 15.68 -32.06
N PRO C 602 -10.44 16.39 -31.37
CA PRO C 602 -11.12 15.79 -30.22
C PRO C 602 -11.99 14.61 -30.64
N VAL C 603 -12.20 13.69 -29.69
CA VAL C 603 -12.87 12.44 -29.99
C VAL C 603 -14.34 12.64 -30.34
N GLU C 604 -14.93 13.79 -29.99
CA GLU C 604 -16.30 14.08 -30.43
C GLU C 604 -16.41 14.08 -31.95
N GLN C 605 -15.32 14.36 -32.65
CA GLN C 605 -15.31 14.23 -34.11
C GLN C 605 -15.61 12.80 -34.54
N ALA C 606 -14.99 11.81 -33.87
CA ALA C 606 -15.19 10.42 -34.23
C ALA C 606 -16.55 9.90 -33.76
N GLU C 607 -17.00 10.35 -32.59
CA GLU C 607 -18.29 9.90 -32.05
C GLU C 607 -19.45 10.30 -32.94
N GLN C 608 -19.36 11.46 -33.60
CA GLN C 608 -20.44 11.89 -34.48
C GLN C 608 -20.50 11.03 -35.74
N TRP C 609 -19.34 10.77 -36.35
CA TRP C 609 -19.29 9.87 -37.50
C TRP C 609 -19.81 8.49 -37.13
N TYR C 610 -19.41 7.98 -35.96
CA TYR C 610 -19.83 6.66 -35.52
C TYR C 610 -21.34 6.57 -35.37
N ALA C 611 -21.94 7.54 -34.70
CA ALA C 611 -23.39 7.53 -34.49
C ALA C 611 -24.14 7.68 -35.80
N ALA C 612 -23.63 8.50 -36.72
CA ALA C 612 -24.30 8.71 -38.00
C ALA C 612 -24.30 7.44 -38.84
N LEU C 613 -23.18 6.72 -38.88
CA LEU C 613 -23.13 5.46 -39.62
C LEU C 613 -24.07 4.43 -39.01
N HIS C 614 -24.14 4.40 -37.67
CA HIS C 614 -25.09 3.52 -36.99
C HIS C 614 -26.53 3.84 -37.39
N LYS C 615 -26.86 5.13 -37.44
CA LYS C 615 -28.21 5.54 -37.83
C LYS C 615 -28.57 5.06 -39.22
N HIS C 616 -27.58 4.98 -40.12
CA HIS C 616 -27.80 4.48 -41.47
C HIS C 616 -27.52 2.99 -41.61
N GLN C 617 -27.25 2.29 -40.51
CA GLN C 617 -26.99 0.84 -40.53
C GLN C 617 -25.79 0.47 -41.40
N VAL C 618 -24.78 1.35 -41.44
CA VAL C 618 -23.54 1.05 -42.16
C VAL C 618 -22.62 0.27 -41.24
N PRO C 619 -22.02 -0.83 -41.68
CA PRO C 619 -21.09 -1.56 -40.82
C PRO C 619 -19.97 -0.65 -40.35
N VAL C 620 -19.79 -0.59 -39.02
CA VAL C 620 -18.89 0.37 -38.41
C VAL C 620 -18.31 -0.23 -37.14
N ARG C 621 -17.06 0.13 -36.85
CA ARG C 621 -16.35 -0.35 -35.68
C ARG C 621 -15.45 0.76 -35.17
N PHE C 622 -15.47 0.98 -33.85
CA PHE C 622 -14.81 2.13 -33.23
C PHE C 622 -13.90 1.63 -32.13
N VAL C 623 -12.59 1.76 -32.33
CA VAL C 623 -11.60 1.41 -31.33
C VAL C 623 -11.16 2.70 -30.65
N ARG C 624 -11.33 2.76 -29.33
CA ARG C 624 -11.20 3.99 -28.54
C ARG C 624 -10.06 3.81 -27.54
N PHE C 625 -8.95 4.54 -27.77
CA PHE C 625 -7.76 4.38 -26.94
C PHE C 625 -7.79 5.38 -25.79
N PRO C 626 -7.59 4.94 -24.55
CA PRO C 626 -7.42 5.88 -23.43
C PRO C 626 -6.00 6.43 -23.37
N GLU C 627 -5.88 7.57 -22.69
CA GLU C 627 -4.59 8.15 -22.30
C GLU C 627 -3.77 8.64 -23.50
N GLU C 628 -3.89 7.99 -24.66
CA GLU C 628 -3.11 8.40 -25.80
C GLU C 628 -3.59 9.75 -26.33
N ASN C 629 -2.78 10.36 -27.19
CA ASN C 629 -3.14 11.64 -27.80
C ASN C 629 -2.99 11.50 -29.31
N HIS C 630 -2.90 12.64 -30.00
CA HIS C 630 -2.84 12.67 -31.46
C HIS C 630 -1.65 11.89 -32.02
N GLU C 631 -0.59 11.70 -31.24
CA GLU C 631 0.67 11.16 -31.73
C GLU C 631 0.77 9.64 -31.61
N LEU C 632 -0.35 8.95 -31.39
CA LEU C 632 -0.32 7.52 -31.11
C LEU C 632 0.45 6.72 -32.16
N SER C 633 0.14 6.92 -33.44
CA SER C 633 0.72 6.10 -34.50
C SER C 633 2.21 6.34 -34.69
N ARG C 634 2.73 7.48 -34.23
CA ARG C 634 4.15 7.79 -34.38
C ARG C 634 4.96 7.53 -33.11
N SER C 635 4.34 7.64 -31.93
CA SER C 635 5.14 7.53 -30.71
C SER C 635 4.32 7.10 -29.49
N GLY C 636 3.14 6.53 -29.65
CA GLY C 636 2.36 6.07 -28.51
C GLY C 636 3.03 4.92 -27.79
N ARG C 637 2.45 4.57 -26.64
CA ARG C 637 2.94 3.43 -25.87
C ARG C 637 2.92 2.18 -26.75
N PRO C 638 3.97 1.36 -26.70
CA PRO C 638 4.10 0.24 -27.66
C PRO C 638 2.87 -0.65 -27.76
N ASP C 639 2.23 -1.01 -26.64
CA ASP C 639 1.12 -1.95 -26.71
C ASP C 639 -0.08 -1.39 -27.46
N ARG C 640 -0.32 -0.08 -27.37
CA ARG C 640 -1.44 0.50 -28.09
C ARG C 640 -1.08 0.81 -29.55
N ARG C 641 0.20 1.00 -29.87
CA ARG C 641 0.61 1.01 -31.27
C ARG C 641 0.33 -0.34 -31.92
N LEU C 642 0.58 -1.43 -31.20
CA LEU C 642 0.30 -2.77 -31.70
C LEU C 642 -1.21 -2.94 -31.93
N THR C 643 -2.03 -2.54 -30.95
CA THR C 643 -3.46 -2.73 -31.05
C THR C 643 -4.05 -1.98 -32.25
N ARG C 644 -3.57 -0.76 -32.48
CA ARG C 644 -4.07 0.02 -33.61
C ARG C 644 -3.81 -0.68 -34.93
N LEU C 645 -2.58 -1.14 -35.15
CA LEU C 645 -2.27 -1.87 -36.38
C LEU C 645 -3.05 -3.17 -36.47
N ASN C 646 -3.20 -3.87 -35.34
CA ASN C 646 -4.01 -5.09 -35.32
C ASN C 646 -5.42 -4.83 -35.80
N GLU C 647 -6.03 -3.73 -35.35
CA GLU C 647 -7.38 -3.40 -35.79
C GLU C 647 -7.42 -3.03 -37.26
N TYR C 648 -6.38 -2.36 -37.76
CA TYR C 648 -6.28 -2.05 -39.18
C TYR C 648 -6.38 -3.32 -40.03
N PHE C 649 -5.55 -4.32 -39.70
CA PHE C 649 -5.46 -5.51 -40.55
C PHE C 649 -6.67 -6.42 -40.38
N ALA C 650 -7.22 -6.50 -39.16
CA ALA C 650 -8.43 -7.29 -38.96
C ALA C 650 -9.58 -6.76 -39.81
N TRP C 651 -9.67 -5.43 -39.97
CA TRP C 651 -10.73 -4.85 -40.79
C TRP C 651 -10.48 -5.11 -42.28
N LEU C 652 -9.23 -4.97 -42.73
CA LEU C 652 -8.91 -5.24 -44.13
C LEU C 652 -9.09 -6.72 -44.45
N GLU C 653 -8.70 -7.61 -43.53
CA GLU C 653 -8.89 -9.04 -43.76
C GLU C 653 -10.37 -9.40 -43.86
N ARG C 654 -11.24 -8.69 -43.14
CA ARG C 654 -12.66 -9.02 -43.14
C ARG C 654 -13.34 -8.59 -44.43
N TRP C 655 -13.00 -7.42 -44.96
CA TRP C 655 -13.72 -6.83 -46.09
C TRP C 655 -12.99 -6.91 -47.42
N LEU C 656 -11.70 -7.23 -47.42
CA LEU C 656 -10.95 -7.28 -48.67
C LEU C 656 -10.52 -8.71 -49.00
N ALA D 9 -26.21 36.19 6.19
CA ALA D 9 -26.97 35.41 5.22
C ALA D 9 -26.44 33.99 5.12
N PRO D 10 -27.33 33.01 4.98
CA PRO D 10 -26.88 31.64 4.80
C PRO D 10 -26.28 31.44 3.41
N GLY D 11 -25.44 30.42 3.31
CA GLY D 11 -24.77 30.11 2.07
C GLY D 11 -24.97 28.68 1.63
N PRO D 12 -24.24 28.28 0.58
CA PRO D 12 -24.40 26.91 0.05
C PRO D 12 -24.17 25.82 1.08
N ASP D 13 -23.30 26.04 2.07
CA ASP D 13 -23.01 24.95 3.01
C ASP D 13 -24.16 24.69 3.97
N SER D 14 -25.24 25.48 3.91
CA SER D 14 -26.49 25.12 4.56
C SER D 14 -26.96 23.73 4.14
N LEU D 15 -26.57 23.30 2.94
CA LEU D 15 -26.92 21.95 2.47
C LEU D 15 -26.38 20.87 3.42
N LEU D 16 -25.22 21.10 4.03
CA LEU D 16 -24.60 20.09 4.87
C LEU D 16 -25.41 19.77 6.13
N ALA D 17 -26.37 20.61 6.50
CA ALA D 17 -27.20 20.34 7.65
C ALA D 17 -28.33 19.35 7.36
N LEU D 18 -28.59 19.06 6.09
CA LEU D 18 -29.77 18.30 5.70
C LEU D 18 -29.51 16.80 5.70
N ALA D 19 -30.59 16.05 5.93
CA ALA D 19 -30.62 14.60 5.75
C ALA D 19 -31.66 14.28 4.70
N PHE D 20 -31.35 13.32 3.83
CA PHE D 20 -32.14 13.10 2.62
C PHE D 20 -32.85 11.76 2.67
N PRO D 21 -34.18 11.73 2.73
CA PRO D 21 -34.90 10.46 2.77
C PRO D 21 -35.23 9.92 1.39
N SER D 22 -35.37 8.60 1.31
CA SER D 22 -35.72 7.94 0.05
C SER D 22 -36.29 6.57 0.34
N ASP D 23 -36.87 5.95 -0.70
CA ASP D 23 -37.33 4.57 -0.75
C ASP D 23 -38.27 4.21 0.41
N PRO D 24 -39.47 4.80 0.46
CA PRO D 24 -40.41 4.47 1.55
C PRO D 24 -41.14 3.15 1.30
N GLN D 25 -40.72 2.09 1.99
CA GLN D 25 -41.23 0.75 1.75
C GLN D 25 -42.21 0.38 2.87
N VAL D 26 -43.50 0.32 2.53
CA VAL D 26 -44.52 -0.12 3.48
C VAL D 26 -44.39 -1.63 3.69
N SER D 27 -44.65 -2.07 4.91
CA SER D 27 -44.61 -3.49 5.24
C SER D 27 -45.85 -4.20 4.70
N PRO D 28 -45.78 -5.52 4.52
CA PRO D 28 -46.96 -6.24 4.00
C PRO D 28 -48.20 -6.07 4.87
N ASP D 29 -48.04 -5.86 6.17
CA ASP D 29 -49.19 -5.63 7.03
C ASP D 29 -49.66 -4.18 7.04
N GLY D 30 -48.98 -3.28 6.33
CA GLY D 30 -49.42 -1.91 6.21
C GLY D 30 -49.13 -1.03 7.39
N LYS D 31 -48.42 -1.54 8.41
CA LYS D 31 -48.30 -0.86 9.69
C LYS D 31 -46.89 -0.38 9.98
N GLN D 32 -45.96 -0.53 9.04
CA GLN D 32 -44.59 -0.11 9.24
C GLN D 32 -44.04 0.47 7.95
N VAL D 33 -43.06 1.35 8.08
CA VAL D 33 -42.31 1.84 6.94
C VAL D 33 -40.82 1.70 7.25
N ALA D 34 -40.09 1.08 6.33
CA ALA D 34 -38.64 1.09 6.34
C ALA D 34 -38.18 1.96 5.18
N PHE D 35 -37.24 2.86 5.44
CA PHE D 35 -36.79 3.77 4.41
C PHE D 35 -35.31 4.05 4.61
N VAL D 36 -34.74 4.77 3.65
CA VAL D 36 -33.32 5.11 3.62
C VAL D 36 -33.19 6.57 4.00
N LEU D 37 -32.18 6.88 4.82
CA LEU D 37 -31.87 8.25 5.19
C LEU D 37 -30.39 8.49 4.96
N ALA D 38 -30.09 9.41 4.04
CA ALA D 38 -28.71 9.81 3.77
C ALA D 38 -28.37 11.03 4.60
N GLN D 39 -27.37 10.90 5.46
CA GLN D 39 -26.80 12.02 6.20
C GLN D 39 -25.42 12.31 5.63
N ILE D 40 -24.96 13.53 5.86
CA ILE D 40 -23.71 14.01 5.26
C ILE D 40 -22.63 13.95 6.34
N SER D 41 -21.57 13.21 6.05
CA SER D 41 -20.52 12.93 7.02
C SER D 41 -19.19 12.84 6.27
N GLU D 42 -18.10 12.86 7.02
CA GLU D 42 -16.78 12.82 6.42
C GLU D 42 -16.52 11.48 5.74
N GLU D 43 -15.74 11.52 4.67
CA GLU D 43 -15.37 10.31 3.94
C GLU D 43 -14.79 9.25 4.87
N ASP D 44 -13.81 9.63 5.69
CA ASP D 44 -13.21 8.75 6.69
C ASP D 44 -13.18 9.53 7.99
N PRO D 45 -14.22 9.39 8.82
CA PRO D 45 -14.24 10.13 10.10
C PRO D 45 -13.06 9.84 10.99
N ALA D 46 -12.32 8.74 10.76
CA ALA D 46 -11.14 8.42 11.55
C ALA D 46 -9.89 9.13 11.06
N LYS D 47 -9.82 9.49 9.77
CA LYS D 47 -8.65 10.16 9.20
C LYS D 47 -9.11 11.31 8.32
N PRO D 48 -9.49 12.44 8.91
CA PRO D 48 -9.89 13.60 8.10
C PRO D 48 -8.69 14.38 7.60
N ASP D 49 -8.80 14.85 6.36
CA ASP D 49 -7.76 15.70 5.77
C ASP D 49 -7.85 17.09 6.37
N LYS D 50 -6.79 17.50 7.09
CA LYS D 50 -6.80 18.80 7.75
C LYS D 50 -6.85 19.97 6.79
N ASP D 51 -6.47 19.76 5.52
CA ASP D 51 -6.44 20.82 4.53
C ASP D 51 -7.58 20.74 3.52
N PHE D 52 -8.43 19.72 3.60
CA PHE D 52 -9.45 19.51 2.58
C PHE D 52 -10.62 18.74 3.19
N ALA D 53 -11.77 19.39 3.30
CA ALA D 53 -12.97 18.72 3.78
C ALA D 53 -13.48 17.71 2.76
N ARG D 54 -14.04 16.61 3.27
CA ARG D 54 -14.56 15.53 2.43
C ARG D 54 -15.95 15.12 2.92
N PRO D 55 -16.95 16.00 2.78
CA PRO D 55 -18.32 15.61 3.14
C PRO D 55 -18.89 14.62 2.13
N ARG D 56 -19.54 13.58 2.63
CA ARG D 56 -20.05 12.50 1.80
C ARG D 56 -21.41 12.05 2.30
N TYR D 57 -22.22 11.52 1.38
CA TYR D 57 -23.43 10.82 1.75
C TYR D 57 -23.09 9.52 2.48
N ARG D 58 -23.81 9.25 3.57
CA ARG D 58 -23.72 7.96 4.25
C ARG D 58 -25.13 7.57 4.68
N SER D 59 -25.59 6.40 4.22
CA SER D 59 -26.98 6.01 4.38
C SER D 59 -27.13 4.86 5.37
N GLY D 60 -28.23 4.90 6.12
CA GLY D 60 -28.64 3.78 6.94
C GLY D 60 -30.14 3.58 6.81
N LEU D 61 -30.60 2.43 7.30
CA LEU D 61 -32.02 2.12 7.26
C LEU D 61 -32.71 2.65 8.51
N TRP D 62 -33.90 3.20 8.33
CA TRP D 62 -34.72 3.69 9.41
C TRP D 62 -36.08 3.01 9.38
N LEU D 63 -36.70 2.92 10.55
CA LEU D 63 -37.95 2.18 10.71
C LEU D 63 -38.89 2.97 11.59
N SER D 64 -40.18 2.90 11.26
CA SER D 64 -41.23 3.49 12.09
C SER D 64 -42.45 2.61 12.01
N GLU D 65 -43.17 2.51 13.12
CA GLU D 65 -44.41 1.75 13.20
C GLU D 65 -45.60 2.64 13.54
N GLY D 66 -45.49 3.93 13.24
CA GLY D 66 -46.54 4.89 13.54
C GLY D 66 -45.96 6.12 14.21
N GLY D 67 -44.89 5.92 14.99
CA GLY D 67 -44.24 7.00 15.70
C GLY D 67 -42.98 7.49 15.00
N ALA D 68 -42.25 8.34 15.71
CA ALA D 68 -41.00 8.88 15.21
C ALA D 68 -40.07 7.77 14.75
N ALA D 69 -39.54 7.90 13.54
CA ALA D 69 -38.71 6.85 12.95
C ALA D 69 -37.41 6.71 13.73
N ARG D 70 -36.94 5.47 13.82
CA ARG D 70 -35.71 5.12 14.51
C ARG D 70 -34.76 4.41 13.55
N PRO D 71 -33.45 4.55 13.74
CA PRO D 71 -32.50 3.89 12.84
C PRO D 71 -32.38 2.40 13.15
N LEU D 72 -32.28 1.61 12.07
CA LEU D 72 -32.07 0.17 12.19
C LEU D 72 -30.62 -0.21 11.97
N THR D 73 -29.88 0.55 11.16
CA THR D 73 -28.49 0.30 10.85
C THR D 73 -27.67 1.53 11.19
N HIS D 74 -26.35 1.35 11.25
CA HIS D 74 -25.46 2.38 11.76
C HIS D 74 -24.16 2.38 10.95
N ALA D 75 -24.26 2.69 9.67
CA ALA D 75 -23.08 2.70 8.81
C ALA D 75 -22.14 3.82 9.23
N GLU D 76 -20.85 3.48 9.35
CA GLU D 76 -19.83 4.46 9.67
C GLU D 76 -18.76 4.59 8.60
N THR D 77 -18.69 3.67 7.63
CA THR D 77 -17.84 3.79 6.46
C THR D 77 -18.65 3.47 5.22
N GLY D 78 -18.13 3.90 4.07
CA GLY D 78 -18.76 3.60 2.80
C GLY D 78 -20.03 4.40 2.54
N ARG D 79 -20.67 4.07 1.43
CA ARG D 79 -21.91 4.73 1.05
C ARG D 79 -23.07 4.35 1.96
N GLY D 80 -23.03 3.14 2.53
CA GLY D 80 -24.04 2.75 3.49
C GLY D 80 -25.02 1.70 3.02
N ASP D 81 -26.21 1.70 3.61
CA ASP D 81 -27.22 0.69 3.37
C ASP D 81 -28.39 1.29 2.59
N SER D 82 -29.01 0.47 1.76
CA SER D 82 -30.07 0.94 0.87
C SER D 82 -30.94 -0.23 0.45
N ALA D 83 -31.95 0.08 -0.36
CA ALA D 83 -32.87 -0.90 -0.92
C ALA D 83 -33.49 -1.85 0.10
N PRO D 84 -34.19 -1.35 1.11
CA PRO D 84 -34.88 -2.25 2.03
C PRO D 84 -36.08 -2.90 1.36
N ARG D 85 -36.23 -4.20 1.58
CA ARG D 85 -37.34 -4.97 1.01
C ARG D 85 -37.87 -5.94 2.06
N TRP D 86 -39.17 -5.86 2.32
CA TRP D 86 -39.81 -6.69 3.34
C TRP D 86 -40.01 -8.12 2.85
N SER D 87 -39.68 -9.09 3.70
CA SER D 87 -40.17 -10.44 3.48
C SER D 87 -41.68 -10.46 3.61
N PRO D 88 -42.37 -11.30 2.85
CA PRO D 88 -43.85 -11.31 2.92
C PRO D 88 -44.42 -11.50 4.32
N ASP D 89 -43.74 -12.24 5.19
CA ASP D 89 -44.25 -12.40 6.56
C ASP D 89 -43.91 -11.23 7.47
N GLY D 90 -43.19 -10.23 6.98
CA GLY D 90 -42.90 -9.05 7.78
C GLY D 90 -41.84 -9.26 8.85
N GLN D 91 -41.17 -10.41 8.86
CA GLN D 91 -40.20 -10.72 9.91
C GLN D 91 -38.76 -10.41 9.53
N ASN D 92 -38.47 -10.20 8.25
CA ASN D 92 -37.11 -9.95 7.80
C ASN D 92 -37.08 -8.78 6.82
N LEU D 93 -35.96 -8.07 6.82
CA LEU D 93 -35.67 -7.01 5.86
C LEU D 93 -34.43 -7.41 5.06
N ALA D 94 -34.61 -7.58 3.76
CA ALA D 94 -33.45 -7.63 2.87
C ALA D 94 -33.05 -6.21 2.50
N PHE D 95 -31.74 -6.02 2.30
CA PHE D 95 -31.22 -4.72 1.89
C PHE D 95 -29.84 -4.92 1.29
N VAL D 96 -29.26 -3.82 0.80
CA VAL D 96 -27.97 -3.83 0.11
C VAL D 96 -27.00 -2.97 0.91
N ARG D 97 -25.82 -3.52 1.20
CA ARG D 97 -24.83 -2.86 2.05
C ARG D 97 -23.57 -2.57 1.26
N SER D 98 -23.11 -1.32 1.36
CA SER D 98 -21.84 -0.90 0.79
C SER D 98 -20.98 -0.27 1.88
N ALA D 99 -19.94 -0.96 2.30
CA ALA D 99 -19.07 -0.42 3.35
C ALA D 99 -17.60 -0.71 3.10
N VAL D 102 -16.41 -3.86 0.54
CA VAL D 102 -17.65 -4.61 0.46
C VAL D 102 -18.63 -3.93 -0.50
N LYS D 103 -18.70 -4.44 -1.73
CA LYS D 103 -19.45 -3.82 -2.80
C LYS D 103 -20.85 -4.41 -2.85
N ALA D 104 -21.85 -3.61 -2.42
CA ALA D 104 -23.27 -3.88 -2.59
C ALA D 104 -23.65 -5.33 -2.38
N ALA D 105 -23.59 -5.81 -1.14
CA ALA D 105 -23.94 -7.20 -0.85
C ALA D 105 -25.40 -7.28 -0.39
N LEU D 106 -26.07 -8.35 -0.79
CA LEU D 106 -27.40 -8.62 -0.26
C LEU D 106 -27.31 -9.05 1.19
N MET D 107 -28.06 -8.36 2.06
CA MET D 107 -28.08 -8.65 3.48
C MET D 107 -29.50 -9.01 3.91
N LEU D 108 -29.60 -9.67 5.06
CA LEU D 108 -30.87 -10.15 5.60
C LEU D 108 -30.94 -9.79 7.08
N LEU D 109 -31.87 -8.92 7.44
CA LEU D 109 -31.97 -8.44 8.81
C LEU D 109 -33.25 -8.96 9.46
N PRO D 110 -33.15 -9.71 10.56
CA PRO D 110 -34.35 -10.09 11.32
C PRO D 110 -34.82 -8.92 12.20
N LEU D 111 -36.13 -8.66 12.16
CA LEU D 111 -36.69 -7.48 12.80
C LEU D 111 -36.94 -7.64 14.29
N LYS D 112 -37.05 -8.88 14.79
CA LYS D 112 -37.36 -9.11 16.20
C LYS D 112 -36.10 -9.27 17.06
N GLY D 113 -34.92 -9.05 16.50
CA GLY D 113 -33.70 -9.13 17.29
C GLY D 113 -32.55 -9.80 16.55
N GLY D 114 -31.37 -9.22 16.66
CA GLY D 114 -30.18 -9.74 16.01
C GLY D 114 -29.73 -8.86 14.85
N GLU D 115 -28.49 -9.07 14.45
CA GLU D 115 -27.88 -8.29 13.38
C GLU D 115 -28.08 -8.97 12.03
N ALA D 116 -27.77 -8.24 10.96
CA ALA D 116 -27.97 -8.74 9.62
C ALA D 116 -26.93 -9.81 9.28
N ARG D 117 -27.31 -10.70 8.35
CA ARG D 117 -26.42 -11.69 7.80
C ARG D 117 -26.16 -11.38 6.33
N ARG D 118 -24.92 -11.60 5.89
CA ARG D 118 -24.53 -11.34 4.51
C ARG D 118 -24.82 -12.56 3.66
N VAL D 119 -25.47 -12.33 2.51
CA VAL D 119 -25.95 -13.43 1.68
C VAL D 119 -25.17 -13.56 0.38
N THR D 120 -24.69 -12.46 -0.19
CA THR D 120 -23.94 -12.49 -1.45
C THR D 120 -22.54 -11.94 -1.25
N HIS D 121 -21.58 -12.50 -1.99
CA HIS D 121 -20.18 -12.13 -1.92
C HIS D 121 -19.60 -11.89 -3.30
N PHE D 122 -20.42 -11.36 -4.21
CA PHE D 122 -19.97 -11.11 -5.57
C PHE D 122 -18.97 -9.97 -5.60
N LYS D 123 -18.00 -10.08 -6.51
CA LYS D 123 -17.00 -9.02 -6.66
C LYS D 123 -17.64 -7.71 -7.10
N ASN D 124 -18.73 -7.77 -7.86
CA ASN D 124 -19.33 -6.58 -8.46
C ASN D 124 -20.60 -6.11 -7.77
N GLY D 125 -21.08 -6.81 -6.75
CA GLY D 125 -22.25 -6.38 -6.02
C GLY D 125 -23.57 -6.64 -6.75
N VAL D 126 -24.66 -6.30 -6.07
CA VAL D 126 -26.02 -6.61 -6.52
C VAL D 126 -26.85 -5.33 -6.55
N SER D 127 -27.99 -5.41 -7.24
CA SER D 127 -28.93 -4.31 -7.30
C SER D 127 -30.34 -4.83 -7.56
N GLY D 128 -31.32 -4.01 -7.22
CA GLY D 128 -32.72 -4.27 -7.49
C GLY D 128 -33.27 -5.55 -6.87
N PRO D 129 -33.16 -5.71 -5.56
CA PRO D 129 -33.71 -6.92 -4.92
C PRO D 129 -35.23 -6.87 -4.86
N GLN D 130 -35.87 -8.02 -5.13
CA GLN D 130 -37.32 -8.16 -5.05
C GLN D 130 -37.67 -9.54 -4.53
N TRP D 131 -38.36 -9.59 -3.39
CA TRP D 131 -38.88 -10.86 -2.88
C TRP D 131 -39.97 -11.41 -3.81
N SER D 132 -40.04 -12.73 -3.88
CA SER D 132 -41.21 -13.36 -4.47
C SER D 132 -42.38 -13.29 -3.48
N PRO D 133 -43.62 -13.19 -3.97
CA PRO D 133 -44.76 -13.05 -3.06
C PRO D 133 -44.90 -14.17 -2.05
N ASP D 134 -44.43 -15.38 -2.36
CA ASP D 134 -44.51 -16.47 -1.40
C ASP D 134 -43.35 -16.47 -0.40
N GLY D 135 -42.39 -15.55 -0.54
CA GLY D 135 -41.30 -15.44 0.40
C GLY D 135 -40.18 -16.43 0.20
N ARG D 136 -40.22 -17.23 -0.86
CA ARG D 136 -39.22 -18.27 -1.07
C ARG D 136 -38.01 -17.82 -1.88
N PHE D 137 -38.10 -16.68 -2.58
CA PHE D 137 -37.02 -16.25 -3.45
C PHE D 137 -36.81 -14.75 -3.32
N ILE D 138 -35.56 -14.33 -3.57
CA ILE D 138 -35.22 -12.93 -3.76
C ILE D 138 -34.51 -12.81 -5.09
N ALA D 139 -35.11 -12.06 -6.02
CA ALA D 139 -34.49 -11.82 -7.31
C ALA D 139 -33.62 -10.56 -7.25
N PHE D 140 -32.53 -10.59 -8.00
CA PHE D 140 -31.64 -9.43 -8.10
C PHE D 140 -30.80 -9.58 -9.36
N THR D 141 -30.21 -8.46 -9.79
CA THR D 141 -29.31 -8.47 -10.93
C THR D 141 -27.89 -8.17 -10.47
N THR D 142 -26.93 -8.74 -11.19
CA THR D 142 -25.53 -8.59 -10.86
C THR D 142 -24.69 -9.05 -12.05
N THR D 143 -23.51 -8.45 -12.19
CA THR D 143 -22.49 -8.95 -13.11
C THR D 143 -21.59 -9.98 -12.45
N ALA D 144 -21.90 -10.36 -11.19
CA ALA D 144 -21.26 -11.46 -10.48
C ALA D 144 -19.78 -11.15 -10.31
N ASP D 145 -18.86 -11.98 -10.79
CA ASP D 145 -17.44 -11.76 -10.58
C ASP D 145 -16.70 -11.48 -11.88
N THR D 146 -17.41 -11.03 -12.92
CA THR D 146 -16.76 -10.68 -14.17
C THR D 146 -15.81 -9.50 -13.98
N GLU D 147 -14.60 -9.63 -14.50
CA GLU D 147 -13.58 -8.59 -14.41
C GLU D 147 -13.44 -7.86 -15.74
N ASP D 148 -13.23 -6.54 -15.65
CA ASP D 148 -13.00 -5.67 -16.82
C ASP D 148 -11.84 -4.74 -16.45
N LYS D 149 -10.61 -5.15 -16.79
CA LYS D 149 -9.41 -4.42 -16.43
C LYS D 149 -8.89 -3.55 -17.57
N ARG D 150 -9.76 -3.19 -18.52
CA ARG D 150 -9.34 -2.39 -19.67
C ARG D 150 -8.88 -1.00 -19.23
N ASP D 151 -9.71 -0.28 -18.48
CA ASP D 151 -9.33 1.03 -17.99
C ASP D 151 -8.14 0.95 -17.06
N GLU D 152 -8.13 -0.05 -16.18
CA GLU D 152 -7.02 -0.23 -15.25
C GLU D 152 -5.70 -0.49 -15.99
N ARG D 153 -5.74 -1.25 -17.08
CA ARG D 153 -4.52 -1.54 -17.82
C ARG D 153 -4.22 -0.50 -18.90
N GLY D 154 -5.17 0.34 -19.23
CA GLY D 154 -5.00 1.25 -20.35
C GLY D 154 -5.21 0.62 -21.71
N GLU D 155 -6.02 -0.44 -21.78
CA GLU D 155 -6.34 -1.06 -23.05
C GLU D 155 -7.41 -0.25 -23.77
N ALA D 156 -7.47 -0.45 -25.08
CA ALA D 156 -8.52 0.16 -25.89
C ALA D 156 -9.88 -0.44 -25.54
N ARG D 157 -10.92 0.36 -25.74
CA ARG D 157 -12.29 -0.10 -25.73
C ARG D 157 -12.78 -0.18 -27.17
N VAL D 158 -13.19 -1.36 -27.60
CA VAL D 158 -13.70 -1.56 -28.96
C VAL D 158 -15.22 -1.46 -28.89
N LEU D 159 -15.79 -0.52 -29.64
CA LEU D 159 -17.21 -0.24 -29.61
C LEU D 159 -17.85 -0.70 -30.92
N THR D 160 -18.89 -1.52 -30.81
CA THR D 160 -19.69 -1.93 -31.96
C THR D 160 -21.18 -1.69 -31.78
N ARG D 161 -21.67 -1.50 -30.55
CA ARG D 161 -23.08 -1.30 -30.30
C ARG D 161 -23.46 0.17 -30.47
N PRO D 162 -24.71 0.44 -30.87
CA PRO D 162 -25.13 1.84 -31.09
C PRO D 162 -25.11 2.68 -29.84
N VAL D 163 -25.42 2.12 -28.67
CA VAL D 163 -25.33 2.82 -27.40
C VAL D 163 -24.29 2.12 -26.54
N TYR D 164 -23.32 2.88 -26.04
CA TYR D 164 -22.23 2.33 -25.26
C TYR D 164 -21.97 3.08 -23.95
N ARG D 165 -22.47 4.31 -23.81
CA ARG D 165 -22.44 5.03 -22.54
C ARG D 165 -23.86 5.35 -22.12
N ALA D 166 -24.02 5.57 -20.83
CA ALA D 166 -25.28 6.02 -20.26
C ALA D 166 -24.96 6.95 -19.09
N ASN D 167 -25.71 8.06 -19.00
CA ASN D 167 -25.49 8.99 -17.90
C ASN D 167 -25.72 8.29 -16.57
N GLY D 168 -24.78 8.46 -15.65
CA GLY D 168 -24.83 7.85 -14.34
C GLY D 168 -24.13 6.51 -14.24
N ALA D 169 -24.24 5.68 -15.27
CA ALA D 169 -23.57 4.39 -15.30
C ALA D 169 -22.23 4.43 -16.01
N ASP D 170 -21.92 5.52 -16.72
CA ASP D 170 -20.70 5.65 -17.52
C ASP D 170 -20.70 4.52 -18.54
N TRP D 171 -19.70 3.64 -18.58
CA TRP D 171 -19.59 2.68 -19.66
C TRP D 171 -20.45 1.46 -19.36
N LEU D 172 -21.25 1.05 -20.34
CA LEU D 172 -22.08 -0.13 -20.21
C LEU D 172 -21.23 -1.39 -20.38
N PRO D 173 -21.48 -2.43 -19.59
CA PRO D 173 -20.64 -3.62 -19.68
C PRO D 173 -20.86 -4.39 -20.97
N GLU D 174 -19.84 -5.16 -21.35
CA GLU D 174 -19.95 -6.02 -22.53
C GLU D 174 -21.07 -7.02 -22.35
N ARG D 175 -21.08 -7.72 -21.21
CA ARG D 175 -22.16 -8.62 -20.87
C ARG D 175 -23.08 -7.93 -19.89
N PRO D 176 -24.38 -7.76 -20.20
CA PRO D 176 -25.28 -7.09 -19.27
C PRO D 176 -25.40 -7.86 -17.96
N ALA D 177 -25.77 -7.14 -16.90
CA ALA D 177 -26.00 -7.77 -15.61
C ALA D 177 -27.03 -8.89 -15.75
N ALA D 178 -26.75 -10.02 -15.10
CA ALA D 178 -27.63 -11.17 -15.18
C ALA D 178 -28.63 -11.16 -14.03
N LEU D 179 -29.78 -11.76 -14.27
CA LEU D 179 -30.78 -11.96 -13.23
C LEU D 179 -30.43 -13.20 -12.42
N TRP D 180 -30.41 -13.05 -11.10
CA TRP D 180 -30.03 -14.12 -10.20
C TRP D 180 -31.17 -14.46 -9.24
N LEU D 181 -30.99 -15.56 -8.52
CA LEU D 181 -32.03 -16.11 -7.65
C LEU D 181 -31.39 -16.49 -6.32
N TYR D 182 -31.94 -15.98 -5.22
CA TYR D 182 -31.61 -16.47 -3.89
C TYR D 182 -32.72 -17.39 -3.41
N ASP D 183 -32.38 -18.65 -3.16
CA ASP D 183 -33.34 -19.64 -2.67
C ASP D 183 -33.34 -19.57 -1.15
N VAL D 184 -34.39 -18.96 -0.59
CA VAL D 184 -34.42 -18.69 0.85
C VAL D 184 -34.36 -20.00 1.64
N GLU D 185 -35.18 -20.97 1.26
CA GLU D 185 -35.25 -22.22 2.02
C GLU D 185 -33.97 -23.02 1.90
N ALA D 186 -33.36 -23.04 0.71
CA ALA D 186 -32.15 -23.84 0.50
C ALA D 186 -30.87 -23.08 0.81
N ASP D 187 -30.94 -21.78 1.04
CA ASP D 187 -29.77 -20.94 1.29
C ASP D 187 -28.72 -21.12 0.19
N LYS D 188 -29.18 -21.02 -1.06
CA LYS D 188 -28.33 -21.24 -2.22
C LYS D 188 -28.60 -20.15 -3.24
N LEU D 189 -27.55 -19.79 -3.98
CA LEU D 189 -27.65 -18.82 -5.05
C LEU D 189 -27.46 -19.50 -6.40
N ARG D 190 -28.25 -19.10 -7.39
CA ARG D 190 -28.10 -19.61 -8.74
C ARG D 190 -28.48 -18.54 -9.74
N GLU D 191 -27.77 -18.51 -10.87
CA GLU D 191 -28.11 -17.60 -11.94
C GLU D 191 -29.43 -18.00 -12.59
N TRP D 192 -30.28 -17.01 -12.85
CA TRP D 192 -31.59 -17.24 -13.43
C TRP D 192 -31.61 -17.01 -14.94
N TYR D 193 -31.16 -15.83 -15.38
CA TYR D 193 -31.25 -15.46 -16.79
C TYR D 193 -30.22 -14.39 -17.09
N ALA D 194 -29.33 -14.66 -18.05
CA ALA D 194 -28.32 -13.71 -18.47
C ALA D 194 -28.76 -13.13 -19.81
N PRO D 195 -29.33 -11.93 -19.85
CA PRO D 195 -29.83 -11.38 -21.11
C PRO D 195 -28.68 -10.94 -22.00
N GLU D 196 -28.97 -10.90 -23.31
CA GLU D 196 -27.98 -10.45 -24.28
C GLU D 196 -27.96 -8.94 -24.44
N ILE D 197 -29.09 -8.28 -24.17
CA ILE D 197 -29.19 -6.83 -24.27
C ILE D 197 -29.26 -6.18 -22.90
N GLY D 198 -30.18 -6.61 -22.07
CA GLY D 198 -30.40 -6.01 -20.77
C GLY D 198 -31.86 -6.09 -20.37
N ILE D 199 -32.09 -6.02 -19.07
CA ILE D 199 -33.42 -6.16 -18.48
C ILE D 199 -33.87 -4.81 -17.94
N GLY D 200 -35.07 -4.39 -18.31
CA GLY D 200 -35.64 -3.16 -17.78
C GLY D 200 -36.47 -3.43 -16.54
N ALA D 201 -37.73 -3.03 -16.56
CA ALA D 201 -38.61 -3.25 -15.42
C ALA D 201 -38.83 -4.74 -15.19
N LEU D 202 -39.04 -5.10 -13.93
CA LEU D 202 -39.24 -6.49 -13.53
C LEU D 202 -40.28 -6.52 -12.43
N SER D 203 -41.18 -7.50 -12.51
CA SER D 203 -42.20 -7.70 -11.49
C SER D 203 -42.51 -9.18 -11.38
N TRP D 204 -42.73 -9.64 -10.15
CA TRP D 204 -43.14 -11.01 -9.89
C TRP D 204 -44.61 -11.24 -10.25
N TRP D 205 -44.91 -12.42 -10.77
CA TRP D 205 -46.29 -12.86 -10.80
C TRP D 205 -46.80 -13.04 -9.38
N PRO D 206 -48.09 -12.78 -9.13
CA PRO D 206 -48.60 -12.87 -7.75
C PRO D 206 -48.54 -14.27 -7.17
N ASP D 207 -48.47 -15.31 -8.00
CA ASP D 207 -48.37 -16.68 -7.52
C ASP D 207 -46.93 -17.18 -7.45
N SER D 208 -45.95 -16.28 -7.57
CA SER D 208 -44.53 -16.58 -7.44
C SER D 208 -44.04 -17.57 -8.49
N ARG D 209 -44.76 -17.73 -9.60
CA ARG D 209 -44.34 -18.66 -10.63
C ARG D 209 -43.21 -18.11 -11.49
N GLY D 210 -42.96 -16.82 -11.45
CA GLY D 210 -41.93 -16.22 -12.28
C GLY D 210 -42.11 -14.72 -12.34
N VAL D 211 -41.36 -14.10 -13.24
CA VAL D 211 -41.35 -12.64 -13.36
C VAL D 211 -41.66 -12.23 -14.78
N LEU D 212 -42.19 -11.02 -14.92
CA LEU D 212 -42.28 -10.32 -16.19
C LEU D 212 -41.11 -9.35 -16.30
N ILE D 213 -40.52 -9.27 -17.49
CA ILE D 213 -39.36 -8.42 -17.72
C ILE D 213 -39.55 -7.64 -19.02
N VAL D 214 -38.96 -6.45 -19.07
CA VAL D 214 -38.95 -5.61 -20.25
C VAL D 214 -37.55 -5.66 -20.85
N GLN D 215 -37.48 -5.95 -22.15
CA GLN D 215 -36.21 -5.92 -22.86
C GLN D 215 -36.48 -5.65 -24.34
N SER D 216 -35.44 -5.24 -25.04
CA SER D 216 -35.50 -4.95 -26.47
C SER D 216 -34.96 -6.13 -27.27
N GLU D 217 -35.38 -6.19 -28.55
CA GLU D 217 -34.98 -7.29 -29.40
C GLU D 217 -33.49 -7.23 -29.73
N ASP D 218 -32.96 -6.03 -29.96
CA ASP D 218 -31.54 -5.85 -30.25
C ASP D 218 -31.12 -4.46 -29.79
N GLU D 219 -29.85 -4.14 -29.99
CA GLU D 219 -29.31 -2.86 -29.52
C GLU D 219 -29.86 -1.69 -30.30
N TRP D 220 -30.12 -1.88 -31.60
CA TRP D 220 -30.69 -0.80 -32.39
C TRP D 220 -32.10 -0.46 -31.93
N GLN D 221 -32.94 -1.48 -31.71
CA GLN D 221 -34.29 -1.24 -31.20
C GLN D 221 -34.24 -0.57 -29.83
N ALA D 222 -33.25 -0.93 -29.00
CA ALA D 222 -33.09 -0.29 -27.70
C ALA D 222 -32.76 1.19 -27.85
N SER D 223 -31.92 1.53 -28.82
CA SER D 223 -31.58 2.94 -29.05
C SER D 223 -32.79 3.74 -29.51
N GLN D 224 -33.76 3.08 -30.12
CA GLN D 224 -34.97 3.75 -30.62
C GLN D 224 -36.11 3.71 -29.60
N TRP D 225 -35.85 3.27 -28.37
CA TRP D 225 -36.84 3.28 -27.30
C TRP D 225 -38.01 2.34 -27.62
N ARG D 226 -37.69 1.18 -28.19
CA ARG D 226 -38.68 0.17 -28.54
C ARG D 226 -38.40 -1.09 -27.71
N GLN D 227 -39.36 -1.48 -26.87
CA GLN D 227 -39.20 -2.62 -25.98
C GLN D 227 -40.42 -3.51 -26.05
N ASP D 228 -40.26 -4.74 -25.57
CA ASP D 228 -41.34 -5.71 -25.47
C ASP D 228 -41.35 -6.30 -24.06
N VAL D 229 -42.41 -7.05 -23.75
CA VAL D 229 -42.61 -7.66 -22.44
C VAL D 229 -42.47 -9.17 -22.58
N TYR D 230 -41.75 -9.78 -21.64
CA TYR D 230 -41.46 -11.21 -21.69
C TYR D 230 -41.88 -11.88 -20.40
N ASP D 231 -42.19 -13.18 -20.49
CA ASP D 231 -42.52 -14.02 -19.34
C ASP D 231 -41.37 -14.97 -19.05
N LEU D 232 -40.89 -14.95 -17.81
CA LEU D 232 -39.75 -15.77 -17.40
C LEU D 232 -40.12 -16.65 -16.22
N PRO D 233 -40.37 -17.95 -16.43
CA PRO D 233 -40.66 -18.84 -15.31
C PRO D 233 -39.42 -19.09 -14.47
N LEU D 234 -39.66 -19.56 -13.25
CA LEU D 234 -38.58 -20.02 -12.39
C LEU D 234 -37.85 -21.18 -13.07
N PRO D 235 -36.52 -21.28 -12.89
CA PRO D 235 -35.82 -22.39 -13.54
C PRO D 235 -36.01 -23.71 -12.81
N ALA D 239 -29.62 -25.30 -15.43
CA ALA D 239 -30.72 -25.38 -16.40
C ALA D 239 -31.53 -24.08 -16.42
N PRO D 240 -31.03 -23.08 -17.13
CA PRO D 240 -31.66 -21.76 -17.09
C PRO D 240 -32.94 -21.72 -17.91
N ALA D 241 -33.90 -20.95 -17.44
CA ALA D 241 -35.13 -20.73 -18.18
C ALA D 241 -34.91 -19.65 -19.24
N ALA D 242 -35.71 -19.73 -20.31
CA ALA D 242 -35.67 -18.79 -21.41
C ALA D 242 -36.99 -18.04 -21.50
N PRO D 243 -36.97 -16.71 -21.57
CA PRO D 243 -38.23 -15.97 -21.60
C PRO D 243 -39.01 -16.19 -22.88
N GLN D 244 -40.32 -16.35 -22.72
CA GLN D 244 -41.24 -16.39 -23.84
C GLN D 244 -41.81 -14.99 -24.03
N LYS D 245 -41.86 -14.54 -25.28
CA LYS D 245 -42.42 -13.22 -25.54
C LYS D 245 -43.89 -13.19 -25.17
N LEU D 246 -44.30 -12.12 -24.48
CA LEU D 246 -45.64 -11.99 -23.94
C LEU D 246 -46.46 -10.87 -24.56
N LEU D 247 -45.82 -9.80 -25.01
CA LEU D 247 -46.52 -8.67 -25.61
C LEU D 247 -45.65 -8.05 -26.68
N ASP D 248 -46.20 -7.92 -27.88
CA ASP D 248 -45.53 -7.19 -28.95
C ASP D 248 -45.87 -5.72 -28.77
N TRP D 249 -45.09 -5.04 -27.92
CA TRP D 249 -45.31 -3.65 -27.59
C TRP D 249 -44.53 -2.73 -28.53
N ASN D 250 -43.25 -3.06 -28.75
CA ASN D 250 -42.40 -2.35 -29.70
C ASN D 250 -42.37 -0.85 -29.41
N SER D 251 -42.31 -0.51 -28.12
CA SER D 251 -42.41 0.87 -27.68
C SER D 251 -41.85 0.97 -26.27
N ALA D 252 -42.06 2.11 -25.63
CA ALA D 252 -41.51 2.34 -24.30
C ALA D 252 -42.40 1.72 -23.25
N ALA D 253 -41.78 0.98 -22.32
CA ALA D 253 -42.48 0.36 -21.21
C ALA D 253 -41.58 0.58 -20.00
N HIS D 254 -42.14 1.18 -18.96
CA HIS D 254 -41.32 1.63 -17.83
C HIS D 254 -41.62 0.88 -16.55
N GLY D 255 -42.84 0.41 -16.38
CA GLY D 255 -43.21 -0.33 -15.19
C GLY D 255 -44.18 -1.42 -15.55
N LEU D 256 -44.27 -2.40 -14.65
CA LEU D 256 -45.17 -3.54 -14.81
C LEU D 256 -45.88 -3.77 -13.49
N ALA D 257 -47.19 -3.99 -13.56
CA ALA D 257 -48.03 -4.20 -12.38
C ALA D 257 -48.92 -5.40 -12.64
N PRO D 258 -48.48 -6.60 -12.25
CA PRO D 258 -49.30 -7.80 -12.49
C PRO D 258 -50.62 -7.75 -11.72
N HIS D 259 -51.68 -8.15 -12.41
CA HIS D 259 -53.00 -8.17 -11.80
C HIS D 259 -53.11 -9.33 -10.80
N PRO D 260 -53.90 -9.17 -9.74
CA PRO D 260 -54.06 -10.27 -8.78
C PRO D 260 -54.60 -11.57 -9.37
N ASP D 261 -55.19 -11.53 -10.58
CA ASP D 261 -55.65 -12.77 -11.19
C ASP D 261 -54.51 -13.62 -11.75
N GLY D 262 -53.29 -13.12 -11.72
CA GLY D 262 -52.12 -13.86 -12.16
C GLY D 262 -51.97 -13.99 -13.67
N GLN D 263 -52.79 -13.30 -14.45
CA GLN D 263 -52.68 -13.40 -15.91
C GLN D 263 -52.61 -12.05 -16.59
N ARG D 264 -53.45 -11.10 -16.21
CA ARG D 264 -53.38 -9.75 -16.77
C ARG D 264 -52.36 -8.91 -16.00
N PHE D 265 -51.96 -7.81 -16.61
CA PHE D 265 -51.03 -6.89 -15.98
C PHE D 265 -51.15 -5.53 -16.63
N ALA D 266 -50.80 -4.49 -15.87
CA ALA D 266 -50.74 -3.14 -16.39
C ALA D 266 -49.29 -2.74 -16.61
N LEU D 267 -49.07 -1.91 -17.63
CA LEU D 267 -47.74 -1.37 -17.89
C LEU D 267 -47.84 0.15 -18.01
N ILE D 268 -46.78 0.82 -17.59
CA ILE D 268 -46.64 2.26 -17.75
C ILE D 268 -45.82 2.53 -18.99
N GLY D 269 -46.33 3.36 -19.89
CA GLY D 269 -45.61 3.65 -21.12
C GLY D 269 -46.51 4.33 -22.13
N ARG D 270 -46.20 4.08 -23.40
CA ARG D 270 -46.94 4.64 -24.53
C ARG D 270 -46.94 3.62 -25.66
N PRO D 271 -47.98 3.59 -26.47
CA PRO D 271 -48.03 2.63 -27.58
C PRO D 271 -47.12 3.04 -28.73
N ALA D 272 -46.95 2.13 -29.68
CA ALA D 272 -46.11 2.36 -30.83
C ALA D 272 -46.68 3.47 -31.71
N GLY D 273 -45.79 4.17 -32.42
CA GLY D 273 -46.16 5.31 -33.23
C GLY D 273 -46.06 6.61 -32.47
N LYS D 274 -46.16 6.53 -31.15
CA LYS D 274 -46.10 7.68 -30.25
C LYS D 274 -44.68 7.92 -29.77
N GLY D 275 -44.15 9.11 -30.02
CA GLY D 275 -42.80 9.44 -29.63
C GLY D 275 -42.68 9.82 -28.16
N ASN D 276 -41.46 10.25 -27.80
CA ASN D 276 -41.15 10.64 -26.43
C ASN D 276 -42.09 11.72 -25.90
N THR D 277 -42.76 12.46 -26.78
CA THR D 277 -43.59 13.60 -26.38
C THR D 277 -44.94 13.19 -25.77
N GLU D 278 -45.37 11.93 -25.84
CA GLU D 278 -46.68 11.63 -25.27
C GLU D 278 -46.57 11.54 -23.79
N HIS D 279 -47.66 11.91 -23.13
CA HIS D 279 -47.78 11.58 -21.73
C HIS D 279 -47.69 10.06 -21.58
N ALA D 280 -46.87 9.60 -20.62
CA ALA D 280 -46.92 8.21 -20.20
C ALA D 280 -48.28 7.90 -19.55
N HIS D 281 -48.88 6.77 -19.92
CA HIS D 281 -50.20 6.42 -19.42
C HIS D 281 -50.20 4.96 -18.98
N LEU D 282 -51.35 4.52 -18.47
CA LEU D 282 -51.53 3.16 -17.98
C LEU D 282 -52.31 2.35 -19.00
N TYR D 283 -51.85 1.11 -19.23
CA TYR D 283 -52.50 0.24 -20.20
C TYR D 283 -52.68 -1.13 -19.59
N LEU D 284 -53.90 -1.66 -19.69
CA LEU D 284 -54.21 -2.99 -19.19
C LEU D 284 -53.99 -3.99 -20.32
N ILE D 285 -53.18 -5.00 -20.06
CA ILE D 285 -52.81 -5.98 -21.08
C ILE D 285 -53.63 -7.23 -20.83
N GLU D 286 -54.28 -7.73 -21.88
CA GLU D 286 -55.10 -8.94 -21.78
C GLU D 286 -54.94 -9.72 -23.07
N ASN D 287 -54.28 -10.88 -22.99
CA ASN D 287 -54.04 -11.77 -24.13
C ASN D 287 -53.46 -10.98 -25.32
N GLY D 288 -52.37 -10.27 -25.05
CA GLY D 288 -51.71 -9.48 -26.08
C GLY D 288 -52.41 -8.22 -26.53
N GLN D 289 -53.63 -7.95 -26.05
CA GLN D 289 -54.34 -6.72 -26.38
C GLN D 289 -54.16 -5.70 -25.27
N HIS D 290 -54.29 -4.42 -25.63
CA HIS D 290 -54.11 -3.34 -24.68
C HIS D 290 -55.27 -2.35 -24.78
N ARG D 291 -55.63 -1.79 -23.63
CA ARG D 291 -56.62 -0.72 -23.55
C ARG D 291 -56.15 0.28 -22.51
N ARG D 292 -56.38 1.57 -22.80
CA ARG D 292 -56.00 2.61 -21.85
C ARG D 292 -56.78 2.44 -20.56
N LEU D 293 -56.08 2.59 -19.44
CA LEU D 293 -56.65 2.34 -18.12
C LEU D 293 -56.95 3.61 -17.37
N ASP D 294 -56.10 4.63 -17.52
CA ASP D 294 -56.31 5.95 -16.92
C ASP D 294 -57.05 6.87 -17.89
N THR D 295 -58.24 6.41 -18.29
CA THR D 295 -59.03 7.12 -19.30
C THR D 295 -59.54 8.45 -18.76
N GLY D 296 -59.66 9.43 -19.66
CA GLY D 296 -60.15 10.75 -19.31
C GLY D 296 -59.22 11.55 -18.43
N HIS D 297 -57.97 11.12 -18.29
CA HIS D 297 -56.99 11.76 -17.42
C HIS D 297 -55.85 12.27 -18.30
N ASP D 298 -55.88 13.57 -18.60
CA ASP D 298 -54.97 14.17 -19.57
C ASP D 298 -53.69 14.64 -18.86
N HIS D 299 -53.03 13.70 -18.20
CA HIS D 299 -51.85 13.98 -17.39
C HIS D 299 -50.98 12.74 -17.33
N PRO D 300 -49.67 12.89 -17.24
CA PRO D 300 -48.78 11.73 -17.30
C PRO D 300 -48.67 11.00 -15.97
N VAL D 301 -48.34 9.71 -16.07
CA VAL D 301 -48.06 8.90 -14.89
C VAL D 301 -46.68 9.23 -14.36
N GLY D 302 -46.57 9.40 -13.04
CA GLY D 302 -45.29 9.57 -12.39
C GLY D 302 -44.99 11.02 -12.05
N ASP D 303 -43.93 11.18 -11.26
CA ASP D 303 -43.48 12.50 -10.81
C ASP D 303 -42.57 13.10 -11.88
N ALA D 304 -42.96 14.27 -12.39
CA ALA D 304 -42.17 15.04 -13.34
C ALA D 304 -42.07 16.49 -12.89
N VAL D 305 -42.01 16.71 -11.58
CA VAL D 305 -41.90 18.04 -10.99
C VAL D 305 -40.48 18.22 -10.47
N GLY D 306 -39.93 19.43 -10.64
CA GLY D 306 -38.55 19.68 -10.28
C GLY D 306 -38.34 19.78 -8.78
N GLY D 307 -37.14 19.36 -8.37
CA GLY D 307 -36.74 19.46 -6.98
C GLY D 307 -35.31 19.00 -6.85
N ASP D 308 -34.67 19.44 -5.75
CA ASP D 308 -33.25 19.15 -5.57
C ASP D 308 -32.94 18.51 -4.21
N CYS D 309 -33.93 17.95 -3.54
CA CYS D 309 -33.72 17.25 -2.28
C CYS D 309 -34.13 15.79 -2.38
N HIS D 310 -33.82 15.17 -3.51
CA HIS D 310 -34.09 13.76 -3.76
C HIS D 310 -32.76 13.05 -4.00
N VAL D 311 -32.28 12.34 -2.97
CA VAL D 311 -31.08 11.53 -3.07
C VAL D 311 -31.47 10.08 -2.82
N GLY D 312 -31.24 9.22 -3.80
CA GLY D 312 -31.55 7.82 -3.71
C GLY D 312 -32.68 7.41 -4.63
N ALA D 313 -33.27 6.25 -4.33
CA ALA D 313 -34.31 5.66 -5.15
C ALA D 313 -35.68 6.14 -4.71
N PHE D 314 -36.54 6.41 -5.69
CA PHE D 314 -37.88 6.94 -5.46
C PHE D 314 -38.92 6.07 -6.16
N PRO D 315 -39.38 5.00 -5.52
CA PRO D 315 -40.32 4.09 -6.17
C PRO D 315 -41.67 4.73 -6.43
N GLU D 316 -42.22 4.44 -7.62
CA GLU D 316 -43.52 4.92 -8.03
C GLU D 316 -44.39 3.83 -8.64
N GLY D 317 -44.01 2.56 -8.48
CA GLY D 317 -44.72 1.46 -9.08
C GLY D 317 -46.18 1.38 -8.66
N PRO D 318 -47.07 1.31 -9.63
CA PRO D 318 -48.49 1.17 -9.32
C PRO D 318 -48.81 -0.17 -8.68
N ARG D 319 -49.83 -0.16 -7.82
CA ARG D 319 -50.24 -1.33 -7.06
C ARG D 319 -51.75 -1.47 -7.12
N TRP D 320 -52.21 -2.70 -7.31
CA TRP D 320 -53.64 -2.99 -7.35
C TRP D 320 -54.20 -2.99 -5.93
N LEU D 321 -55.09 -2.04 -5.63
CA LEU D 321 -55.74 -2.01 -4.32
C LEU D 321 -56.85 -3.04 -4.20
N ASP D 322 -57.41 -3.49 -5.31
CA ASP D 322 -58.28 -4.66 -5.36
C ASP D 322 -58.32 -5.14 -6.81
N GLY D 323 -59.23 -6.07 -7.11
CA GLY D 323 -59.31 -6.61 -8.45
C GLY D 323 -59.70 -5.59 -9.50
N ASP D 324 -60.20 -4.44 -9.07
CA ASP D 324 -60.67 -3.42 -10.01
C ASP D 324 -59.91 -2.10 -9.93
N THR D 325 -59.06 -1.90 -8.92
CA THR D 325 -58.51 -0.58 -8.61
C THR D 325 -56.98 -0.63 -8.65
N LEU D 326 -56.39 0.27 -9.43
CA LEU D 326 -54.93 0.36 -9.58
C LEU D 326 -54.48 1.74 -9.14
N LEU D 327 -53.70 1.80 -8.06
CA LEU D 327 -53.20 3.06 -7.53
C LEU D 327 -51.93 3.48 -8.23
N PHE D 328 -51.83 4.77 -8.56
CA PHE D 328 -50.67 5.31 -9.26
C PHE D 328 -50.53 6.79 -8.94
N SER D 329 -49.36 7.34 -9.28
CA SER D 329 -49.07 8.75 -9.13
C SER D 329 -49.11 9.45 -10.48
N SER D 330 -49.35 10.76 -10.45
CA SER D 330 -49.54 11.52 -11.67
C SER D 330 -49.22 12.99 -11.43
N THR D 331 -48.66 13.64 -12.45
CA THR D 331 -48.28 15.05 -12.39
C THR D 331 -49.41 15.91 -12.95
N VAL D 332 -49.89 16.86 -12.14
CA VAL D 332 -50.99 17.75 -12.55
C VAL D 332 -50.62 19.16 -12.13
N ARG D 333 -50.34 20.02 -13.11
CA ARG D 333 -50.16 21.46 -12.92
C ARG D 333 -49.18 21.77 -11.78
N GLY D 334 -47.98 21.23 -11.90
CA GLY D 334 -46.93 21.51 -10.94
C GLY D 334 -46.99 20.71 -9.66
N SER D 335 -47.91 19.76 -9.55
CA SER D 335 -48.05 18.94 -8.35
C SER D 335 -48.02 17.47 -8.75
N VAL D 336 -47.81 16.61 -7.76
CA VAL D 336 -47.84 15.16 -7.94
C VAL D 336 -48.75 14.57 -6.88
N GLY D 337 -49.80 13.86 -7.30
CA GLY D 337 -50.73 13.27 -6.39
C GLY D 337 -50.96 11.80 -6.70
N LEU D 338 -51.62 11.11 -5.77
CA LEU D 338 -52.00 9.73 -5.95
C LEU D 338 -53.42 9.64 -6.50
N PHE D 339 -53.61 8.74 -7.46
CA PHE D 339 -54.91 8.56 -8.10
C PHE D 339 -55.18 7.07 -8.22
N THR D 340 -56.45 6.73 -8.38
CA THR D 340 -56.86 5.35 -8.63
C THR D 340 -57.55 5.26 -9.99
N ALA D 341 -57.13 4.29 -10.79
CA ALA D 341 -57.80 3.94 -12.03
C ALA D 341 -58.61 2.67 -11.82
N HIS D 342 -59.76 2.59 -12.50
CA HIS D 342 -60.71 1.51 -12.31
C HIS D 342 -60.93 0.84 -13.66
N ILE D 343 -60.85 -0.48 -13.68
CA ILE D 343 -61.02 -1.27 -14.89
C ILE D 343 -62.39 -1.02 -15.53
N VAL D 347 -60.86 7.35 -13.52
CA VAL D 347 -59.84 7.75 -12.56
C VAL D 347 -60.40 8.71 -11.52
N LYS D 348 -60.16 8.42 -10.26
CA LYS D 348 -60.59 9.25 -9.14
C LYS D 348 -59.37 9.60 -8.29
N ALA D 349 -59.35 10.83 -7.78
CA ALA D 349 -58.28 11.23 -6.88
C ALA D 349 -58.30 10.38 -5.62
N TYR D 350 -57.10 10.03 -5.15
CA TYR D 350 -56.92 9.25 -3.93
C TYR D 350 -56.24 10.04 -2.84
N ASP D 351 -55.19 10.78 -3.19
CA ASP D 351 -54.46 11.61 -2.22
C ASP D 351 -53.70 12.65 -3.05
N HIS D 352 -54.38 13.75 -3.39
CA HIS D 352 -53.83 14.77 -4.28
C HIS D 352 -54.00 16.15 -3.64
N ASP D 353 -52.88 16.74 -3.24
CA ASP D 353 -52.86 18.13 -2.83
C ASP D 353 -52.35 18.96 -4.00
N PRO D 354 -53.16 19.85 -4.57
CA PRO D 354 -52.68 20.65 -5.71
C PRO D 354 -51.51 21.58 -5.36
N GLN D 355 -51.15 21.70 -4.09
CA GLN D 355 -50.01 22.51 -3.67
C GLN D 355 -48.86 21.66 -3.12
N GLY D 356 -48.86 20.34 -3.38
CA GLY D 356 -47.84 19.47 -2.85
C GLY D 356 -47.43 18.43 -3.88
N VAL D 357 -46.37 17.70 -3.53
CA VAL D 357 -45.78 16.69 -4.42
C VAL D 357 -45.50 15.43 -3.61
N ILE D 358 -46.13 14.33 -3.99
CA ILE D 358 -45.77 13.00 -3.48
C ILE D 358 -44.75 12.41 -4.44
N SER D 359 -43.49 12.32 -3.99
CA SER D 359 -42.39 11.93 -4.86
C SER D 359 -42.15 10.43 -4.91
N ALA D 360 -42.68 9.68 -3.96
CA ALA D 360 -42.51 8.23 -3.93
C ALA D 360 -43.60 7.63 -3.06
N PHE D 361 -43.93 6.37 -3.33
CA PHE D 361 -44.97 5.69 -2.57
C PHE D 361 -44.86 4.19 -2.78
N THR D 362 -45.27 3.44 -1.76
CA THR D 362 -45.55 2.03 -1.87
C THR D 362 -46.88 1.75 -1.19
N ALA D 363 -47.53 0.65 -1.58
CA ALA D 363 -48.87 0.39 -1.07
C ALA D 363 -49.21 -1.08 -1.22
N ASN D 364 -50.19 -1.51 -0.43
CA ASN D 364 -50.86 -2.78 -0.60
C ASN D 364 -52.28 -2.62 -0.07
N GLU D 365 -52.97 -3.74 0.13
CA GLU D 365 -54.36 -3.69 0.59
C GLU D 365 -54.48 -3.34 2.07
N HIS D 366 -53.37 -3.16 2.77
CA HIS D 366 -53.38 -2.89 4.21
C HIS D 366 -52.82 -1.54 4.61
N GLY D 367 -52.08 -0.86 3.75
CA GLY D 367 -51.50 0.41 4.13
C GLY D 367 -50.72 1.03 2.99
N VAL D 368 -50.31 2.29 3.22
CA VAL D 368 -49.58 3.08 2.23
C VAL D 368 -48.50 3.87 2.96
N ALA D 369 -47.31 3.95 2.35
CA ALA D 369 -46.23 4.81 2.82
C ALA D 369 -45.72 5.64 1.66
N LEU D 370 -45.28 6.86 1.95
CA LEU D 370 -44.89 7.79 0.89
C LEU D 370 -43.95 8.84 1.45
N ILE D 371 -43.40 9.64 0.54
CA ILE D 371 -42.65 10.84 0.85
C ILE D 371 -43.41 12.03 0.27
N ARG D 372 -43.61 13.08 1.07
CA ARG D 372 -44.40 14.22 0.67
C ARG D 372 -43.60 15.50 0.86
N GLU D 373 -43.88 16.50 0.03
CA GLU D 373 -43.15 17.75 0.09
C GLU D 373 -44.00 18.83 -0.58
N SER D 374 -43.55 20.07 -0.42
CA SER D 374 -44.20 21.23 -1.04
C SER D 374 -43.12 22.26 -1.33
N ALA D 375 -43.55 23.40 -1.88
CA ALA D 375 -42.61 24.49 -2.14
C ALA D 375 -42.02 25.04 -0.85
N THR D 376 -42.68 24.82 0.29
CA THR D 376 -42.23 25.35 1.57
C THR D 376 -41.89 24.28 2.59
N ARG D 377 -42.02 23.00 2.25
CA ARG D 377 -41.81 21.91 3.21
C ARG D 377 -40.81 20.91 2.65
N PHE D 378 -39.75 20.66 3.41
CA PHE D 378 -38.74 19.68 3.03
C PHE D 378 -39.35 18.27 3.01
N PRO D 379 -38.85 17.38 2.15
CA PRO D 379 -39.39 16.03 2.09
C PRO D 379 -39.48 15.34 3.45
N GLU D 380 -40.63 14.72 3.71
CA GLU D 380 -40.87 13.94 4.92
C GLU D 380 -41.46 12.59 4.54
N VAL D 381 -41.21 11.59 5.39
CA VAL D 381 -41.79 10.26 5.21
C VAL D 381 -43.11 10.18 5.96
N GLU D 382 -44.11 9.57 5.32
CA GLU D 382 -45.42 9.39 5.91
C GLU D 382 -45.81 7.92 5.92
N LEU D 383 -46.63 7.55 6.91
CA LEU D 383 -47.21 6.22 7.00
C LEU D 383 -48.70 6.39 7.28
N ASN D 384 -49.53 6.01 6.31
CA ASN D 384 -50.98 6.08 6.44
C ASN D 384 -51.45 7.45 6.95
N GLY D 385 -50.90 8.50 6.36
CA GLY D 385 -51.30 9.86 6.67
C GLY D 385 -50.60 10.50 7.84
N GLN D 386 -49.74 9.78 8.56
CA GLN D 386 -49.03 10.31 9.71
C GLN D 386 -47.58 10.52 9.36
N ARG D 387 -47.09 11.74 9.55
CA ARG D 387 -45.68 12.03 9.34
C ARG D 387 -44.85 11.37 10.43
N VAL D 388 -43.80 10.65 10.03
CA VAL D 388 -42.98 9.88 10.94
C VAL D 388 -41.55 10.38 11.01
N THR D 389 -41.21 11.41 10.26
CA THR D 389 -39.89 12.01 10.30
C THR D 389 -40.00 13.48 10.71
N ASP D 390 -38.86 14.06 11.07
CA ASP D 390 -38.78 15.45 11.51
C ASP D 390 -37.69 16.18 10.74
N LEU D 391 -37.67 15.99 9.42
CA LEU D 391 -36.56 16.47 8.60
C LEU D 391 -36.66 17.96 8.26
N HIS D 392 -37.88 18.50 8.11
CA HIS D 392 -38.00 19.92 7.84
C HIS D 392 -37.44 20.77 8.97
N ALA D 393 -37.48 20.24 10.21
CA ALA D 393 -36.93 20.97 11.34
C ALA D 393 -35.42 21.20 11.21
N ARG D 394 -34.73 20.40 10.41
CA ARG D 394 -33.29 20.56 10.23
C ARG D 394 -32.93 21.64 9.21
N PHE D 395 -33.90 22.15 8.46
CA PHE D 395 -33.60 23.20 7.49
C PHE D 395 -33.08 24.43 8.23
N PRO D 396 -31.86 24.90 7.94
CA PRO D 396 -31.17 25.81 8.86
C PRO D 396 -31.54 27.29 8.73
N PHE D 397 -32.46 27.66 7.85
CA PHE D 397 -32.87 29.06 7.78
C PHE D 397 -34.34 29.12 7.38
N PRO D 398 -35.02 30.23 7.65
CA PRO D 398 -36.47 30.31 7.38
C PRO D 398 -36.78 30.25 5.90
N VAL D 399 -37.82 29.47 5.57
CA VAL D 399 -38.31 29.33 4.21
C VAL D 399 -39.39 30.38 3.93
N ARG D 400 -39.59 30.66 2.64
CA ARG D 400 -40.51 31.70 2.21
C ARG D 400 -41.57 31.12 1.27
N GLU D 401 -42.70 31.85 1.16
CA GLU D 401 -43.86 31.39 0.40
C GLU D 401 -43.92 32.08 -0.96
N PRO D 402 -43.99 31.34 -2.05
CA PRO D 402 -44.03 31.97 -3.37
C PRO D 402 -45.40 32.55 -3.70
N GLN D 403 -45.41 33.46 -4.67
CA GLN D 403 -46.62 34.09 -5.17
C GLN D 403 -46.80 33.75 -6.65
N ARG D 404 -48.05 33.46 -7.04
CA ARG D 404 -48.32 33.04 -8.40
C ARG D 404 -48.57 34.22 -9.33
N VAL D 405 -48.08 34.09 -10.57
CA VAL D 405 -48.25 35.07 -11.63
C VAL D 405 -48.63 34.31 -12.89
N THR D 406 -49.67 34.77 -13.58
CA THR D 406 -50.18 34.10 -14.76
C THR D 406 -49.77 34.84 -16.02
N PHE D 407 -49.92 34.16 -17.16
CA PHE D 407 -49.69 34.78 -18.46
C PHE D 407 -50.65 34.17 -19.47
N GLU D 408 -50.86 34.88 -20.57
CA GLU D 408 -51.84 34.49 -21.57
C GLU D 408 -51.17 33.98 -22.84
N THR D 409 -51.73 32.91 -23.39
CA THR D 409 -51.30 32.35 -24.65
C THR D 409 -52.54 32.01 -25.47
N GLU D 410 -52.34 31.81 -26.77
CA GLU D 410 -53.46 31.44 -27.64
C GLU D 410 -54.09 30.11 -27.26
N LEU D 411 -53.38 29.26 -26.52
CA LEU D 411 -53.93 28.01 -26.03
C LEU D 411 -54.57 28.13 -24.65
N GLY D 412 -54.53 29.31 -24.05
CA GLY D 412 -55.05 29.51 -22.71
C GLY D 412 -54.01 30.04 -21.76
N GLU D 413 -54.40 30.08 -20.48
CA GLU D 413 -53.62 30.73 -19.45
C GLU D 413 -52.51 29.82 -18.92
N GLY D 414 -51.29 30.36 -18.84
CA GLY D 414 -50.19 29.71 -18.17
C GLY D 414 -49.92 30.34 -16.80
N GLU D 415 -49.08 29.67 -16.02
CA GLU D 415 -48.82 30.10 -14.65
C GLU D 415 -47.34 29.92 -14.31
N GLY D 416 -46.90 30.71 -13.34
CA GLY D 416 -45.57 30.60 -12.76
C GLY D 416 -45.56 31.14 -11.34
N TRP D 417 -44.38 31.33 -10.75
CA TRP D 417 -44.29 31.76 -9.37
C TRP D 417 -43.09 32.69 -9.19
N VAL D 418 -43.19 33.53 -8.17
CA VAL D 418 -42.11 34.41 -7.74
C VAL D 418 -41.87 34.19 -6.26
N LEU D 419 -40.63 33.94 -5.88
CA LEU D 419 -40.23 33.81 -4.48
C LEU D 419 -39.41 35.02 -4.10
N LEU D 420 -39.91 35.80 -3.14
CA LEU D 420 -39.24 37.05 -2.82
C LEU D 420 -38.42 36.94 -1.55
N PRO D 421 -37.34 37.70 -1.45
CA PRO D 421 -36.60 37.79 -0.19
C PRO D 421 -37.40 38.55 0.86
N GLU D 422 -36.90 38.48 2.09
CA GLU D 422 -37.44 39.28 3.18
C GLU D 422 -37.26 40.77 2.90
N GLY D 423 -38.08 41.58 3.57
CA GLY D 423 -37.95 43.02 3.50
C GLY D 423 -38.90 43.67 2.50
N GLU D 424 -38.56 44.91 2.16
CA GLU D 424 -39.35 45.72 1.25
C GLU D 424 -38.50 46.36 0.16
N GLN D 425 -37.21 46.07 0.13
CA GLN D 425 -36.28 46.66 -0.83
C GLN D 425 -36.43 46.02 -2.20
N LYS D 426 -35.88 46.69 -3.20
CA LYS D 426 -35.79 46.14 -4.55
C LYS D 426 -34.78 44.99 -4.56
N VAL D 427 -35.06 43.98 -5.39
CA VAL D 427 -34.17 42.82 -5.50
C VAL D 427 -34.05 42.42 -6.96
N PRO D 428 -32.89 41.88 -7.33
CA PRO D 428 -32.72 41.40 -8.70
C PRO D 428 -33.68 40.26 -9.00
N ALA D 429 -34.06 40.15 -10.27
CA ALA D 429 -35.01 39.15 -10.72
C ALA D 429 -34.26 38.08 -11.51
N LEU D 430 -34.37 36.84 -11.07
CA LEU D 430 -33.68 35.71 -11.68
C LEU D 430 -34.72 34.85 -12.39
N LEU D 431 -34.67 34.83 -13.71
CA LEU D 431 -35.54 33.97 -14.49
C LEU D 431 -34.89 32.59 -14.59
N ASN D 432 -35.50 31.60 -13.94
CA ASN D 432 -35.00 30.23 -13.94
C ASN D 432 -35.88 29.37 -14.83
N ILE D 433 -35.24 28.59 -15.70
CA ILE D 433 -35.93 27.79 -16.71
C ILE D 433 -35.67 26.32 -16.41
N HIS D 434 -36.75 25.56 -16.20
CA HIS D 434 -36.61 24.14 -15.94
C HIS D 434 -36.35 23.37 -17.24
N GLY D 435 -35.65 22.25 -17.11
CA GLY D 435 -35.29 21.43 -18.25
C GLY D 435 -36.41 20.47 -18.63
N GLY D 436 -36.04 19.48 -19.43
CA GLY D 436 -36.99 18.52 -19.92
C GLY D 436 -36.98 18.39 -21.42
N PRO D 437 -37.76 19.22 -22.12
CA PRO D 437 -38.57 20.34 -21.59
C PRO D 437 -39.88 19.91 -20.95
N HIS D 438 -40.22 18.63 -21.05
CA HIS D 438 -41.52 18.14 -20.60
C HIS D 438 -41.48 17.76 -19.12
N THR D 439 -41.23 18.78 -18.29
CA THR D 439 -41.39 18.70 -16.85
C THR D 439 -42.16 19.93 -16.37
N ASP D 440 -42.33 20.01 -15.04
CA ASP D 440 -43.04 21.12 -14.41
C ASP D 440 -42.21 21.73 -13.30
N TYR D 441 -42.25 23.06 -13.21
CA TYR D 441 -41.99 23.72 -11.94
C TYR D 441 -43.27 23.71 -11.11
N GLY D 442 -43.13 24.07 -9.84
CA GLY D 442 -44.32 24.28 -9.04
C GLY D 442 -44.20 24.03 -7.56
N HIS D 443 -44.57 22.83 -7.13
CA HIS D 443 -44.75 22.54 -5.71
C HIS D 443 -43.81 21.46 -5.19
N GLY D 444 -42.70 21.24 -5.89
CA GLY D 444 -41.59 20.54 -5.27
C GLY D 444 -40.76 21.47 -4.40
N PHE D 445 -39.95 20.89 -3.53
CA PHE D 445 -39.08 21.68 -2.66
C PHE D 445 -37.73 21.86 -3.32
N THR D 446 -37.29 23.12 -3.43
CA THR D 446 -36.03 23.47 -4.09
C THR D 446 -35.18 24.26 -3.12
N HIS D 447 -34.21 23.59 -2.51
CA HIS D 447 -33.26 24.27 -1.62
C HIS D 447 -32.56 25.42 -2.33
N GLU D 448 -32.21 25.22 -3.60
CA GLU D 448 -31.53 26.26 -4.36
C GLU D 448 -32.36 27.54 -4.45
N PHE D 449 -33.67 27.40 -4.70
CA PHE D 449 -34.53 28.57 -4.80
C PHE D 449 -34.67 29.26 -3.45
N GLN D 450 -34.87 28.49 -2.38
CA GLN D 450 -34.97 29.09 -1.05
C GLN D 450 -33.68 29.77 -0.64
N LEU D 451 -32.53 29.18 -1.01
CA LEU D 451 -31.25 29.81 -0.71
C LEU D 451 -31.09 31.12 -1.49
N MET D 452 -31.54 31.13 -2.74
CA MET D 452 -31.47 32.36 -3.54
C MET D 452 -32.24 33.49 -2.87
N ALA D 453 -33.47 33.22 -2.46
CA ALA D 453 -34.29 34.25 -1.80
C ALA D 453 -33.66 34.67 -0.47
N ALA D 454 -33.10 33.71 0.27
CA ALA D 454 -32.47 34.03 1.54
C ALA D 454 -31.24 34.93 1.37
N ARG D 455 -30.67 34.97 0.16
CA ARG D 455 -29.52 35.81 -0.13
C ARG D 455 -29.88 37.08 -0.89
N GLY D 456 -31.17 37.37 -1.05
CA GLY D 456 -31.61 38.65 -1.57
C GLY D 456 -32.02 38.69 -3.02
N TYR D 457 -32.34 37.55 -3.64
CA TYR D 457 -32.77 37.51 -5.03
C TYR D 457 -34.24 37.10 -5.14
N GLY D 458 -34.91 37.67 -6.14
CA GLY D 458 -36.24 37.25 -6.49
C GLY D 458 -36.21 36.17 -7.55
N VAL D 459 -36.78 35.01 -7.26
CA VAL D 459 -36.73 33.85 -8.14
C VAL D 459 -38.04 33.76 -8.91
N CYS D 460 -37.95 33.80 -10.24
CA CYS D 460 -39.10 33.69 -11.12
C CYS D 460 -38.97 32.39 -11.91
N TYR D 461 -39.99 31.53 -11.82
CA TYR D 461 -39.95 30.22 -12.44
C TYR D 461 -41.36 29.84 -12.86
N SER D 462 -41.48 29.28 -14.07
CA SER D 462 -42.78 29.12 -14.71
C SER D 462 -42.82 27.84 -15.54
N ASN D 463 -44.01 27.56 -16.09
CA ASN D 463 -44.27 26.40 -16.95
C ASN D 463 -44.73 26.89 -18.31
N PRO D 464 -43.81 27.22 -19.21
CA PRO D 464 -44.18 27.63 -20.57
C PRO D 464 -44.76 26.49 -21.37
N ARG D 465 -45.30 26.84 -22.54
CA ARG D 465 -45.66 25.82 -23.53
C ARG D 465 -44.52 24.82 -23.71
N GLY D 466 -44.88 23.55 -23.70
CA GLY D 466 -43.93 22.47 -23.64
C GLY D 466 -43.85 21.79 -22.28
N SER D 467 -44.25 22.47 -21.22
CA SER D 467 -44.28 21.85 -19.90
C SER D 467 -45.27 20.69 -19.90
N VAL D 468 -45.18 19.85 -18.87
CA VAL D 468 -45.79 18.53 -18.93
C VAL D 468 -47.11 18.38 -18.17
N GLY D 469 -47.41 19.27 -17.23
CA GLY D 469 -48.53 19.06 -16.34
C GLY D 469 -49.84 19.71 -16.73
N TYR D 470 -49.95 20.24 -17.94
CA TYR D 470 -51.10 21.07 -18.33
C TYR D 470 -51.81 20.49 -19.55
N GLY D 471 -51.72 19.18 -19.75
CA GLY D 471 -52.39 18.51 -20.83
C GLY D 471 -51.46 18.23 -22.00
N GLN D 472 -51.86 17.25 -22.82
CA GLN D 472 -51.04 16.84 -23.96
C GLN D 472 -50.89 17.95 -24.98
N ALA D 473 -51.93 18.77 -25.18
CA ALA D 473 -51.84 19.84 -26.16
C ALA D 473 -50.80 20.88 -25.76
N TRP D 474 -50.70 21.18 -24.46
CA TRP D 474 -49.68 22.11 -23.99
C TRP D 474 -48.29 21.58 -24.28
N VAL D 475 -48.11 20.25 -24.20
CA VAL D 475 -46.83 19.65 -24.55
C VAL D 475 -46.55 19.80 -26.04
N ASP D 476 -47.54 19.46 -26.88
CA ASP D 476 -47.34 19.40 -28.31
C ASP D 476 -47.09 20.77 -28.94
N ALA D 477 -47.39 21.85 -28.22
CA ALA D 477 -47.31 23.19 -28.82
C ALA D 477 -45.91 23.53 -29.31
N ILE D 478 -44.88 22.91 -28.74
CA ILE D 478 -43.50 23.23 -29.09
C ILE D 478 -42.88 22.22 -30.06
N TYR D 479 -43.64 21.22 -30.51
CA TYR D 479 -43.07 20.17 -31.34
C TYR D 479 -42.40 20.76 -32.58
N GLY D 480 -41.12 20.45 -32.74
CA GLY D 480 -40.38 20.85 -33.92
C GLY D 480 -40.01 22.31 -34.02
N ARG D 481 -40.23 23.10 -32.96
CA ARG D 481 -39.99 24.53 -33.08
C ARG D 481 -39.52 25.12 -31.74
N TRP D 482 -38.58 24.44 -31.08
CA TRP D 482 -37.94 25.01 -29.91
C TRP D 482 -37.36 26.38 -30.24
N GLY D 483 -37.56 27.34 -29.33
CA GLY D 483 -37.12 28.69 -29.56
C GLY D 483 -38.13 29.60 -30.22
N THR D 484 -39.38 29.16 -30.35
CA THR D 484 -40.45 30.01 -30.85
C THR D 484 -41.38 30.31 -29.68
N VAL D 485 -42.50 29.60 -29.53
CA VAL D 485 -43.49 29.95 -28.52
C VAL D 485 -43.03 29.66 -27.10
N ASP D 486 -42.06 28.76 -26.91
CA ASP D 486 -41.57 28.49 -25.56
C ASP D 486 -40.74 29.65 -25.03
N ALA D 487 -39.81 30.17 -25.85
CA ALA D 487 -39.07 31.36 -25.47
C ALA D 487 -40.01 32.56 -25.29
N ASP D 488 -41.04 32.64 -26.12
CA ASP D 488 -42.02 33.72 -25.99
C ASP D 488 -42.73 33.66 -24.64
N ASP D 489 -43.22 32.46 -24.27
CA ASP D 489 -43.90 32.31 -22.99
C ASP D 489 -43.00 32.71 -21.83
N LEU D 490 -41.71 32.34 -21.91
CA LEU D 490 -40.80 32.61 -20.79
C LEU D 490 -40.62 34.11 -20.60
N LEU D 491 -40.39 34.85 -21.70
CA LEU D 491 -40.25 36.30 -21.59
C LEU D 491 -41.59 36.98 -21.35
N ASN D 492 -42.68 36.41 -21.87
CA ASN D 492 -44.01 36.89 -21.50
C ASN D 492 -44.25 36.75 -20.01
N PHE D 493 -44.01 35.54 -19.47
CA PHE D 493 -44.13 35.31 -18.03
C PHE D 493 -43.25 36.29 -17.25
N PHE D 494 -42.01 36.47 -17.69
CA PHE D 494 -41.08 37.34 -16.99
C PHE D 494 -41.55 38.79 -16.99
N ASP D 495 -42.09 39.24 -18.12
CA ASP D 495 -42.65 40.60 -18.18
C ASP D 495 -43.79 40.77 -17.19
N ARG D 496 -44.66 39.77 -17.07
CA ARG D 496 -45.78 39.88 -16.12
C ARG D 496 -45.30 39.89 -14.67
N CYS D 497 -44.22 39.17 -14.37
CA CYS D 497 -43.68 39.19 -13.02
C CYS D 497 -43.19 40.59 -12.65
N LEU D 498 -42.44 41.22 -13.55
CA LEU D 498 -41.94 42.58 -13.29
C LEU D 498 -43.09 43.55 -13.11
N GLU D 499 -44.21 43.34 -13.81
CA GLU D 499 -45.37 44.21 -13.66
C GLU D 499 -46.12 43.93 -12.36
N ALA D 500 -46.31 42.65 -12.02
CA ALA D 500 -47.13 42.28 -10.87
C ALA D 500 -46.37 42.32 -9.55
N VAL D 501 -45.04 42.31 -9.58
CA VAL D 501 -44.24 42.26 -8.37
C VAL D 501 -43.33 43.49 -8.35
N PRO D 502 -43.74 44.59 -7.71
CA PRO D 502 -42.98 45.84 -7.83
C PRO D 502 -41.59 45.77 -7.23
N ARG D 503 -41.32 44.85 -6.32
CA ARG D 503 -39.98 44.76 -5.73
C ARG D 503 -38.95 44.17 -6.69
N LEU D 504 -39.38 43.55 -7.80
CA LEU D 504 -38.44 43.08 -8.79
C LEU D 504 -37.78 44.25 -9.52
N ASP D 505 -36.46 44.20 -9.62
CA ASP D 505 -35.67 45.27 -10.24
C ASP D 505 -35.40 44.85 -11.69
N ALA D 506 -36.15 45.46 -12.63
CA ALA D 506 -35.99 45.14 -14.04
C ALA D 506 -34.66 45.61 -14.61
N ALA D 507 -33.89 46.42 -13.88
CA ALA D 507 -32.57 46.85 -14.32
C ALA D 507 -31.44 45.97 -13.80
N LYS D 508 -31.75 44.99 -12.94
CA LYS D 508 -30.79 44.05 -12.38
C LYS D 508 -31.39 42.66 -12.59
N THR D 509 -31.29 42.15 -13.82
CA THR D 509 -31.86 40.90 -14.26
C THR D 509 -30.83 39.90 -14.78
N ALA D 510 -31.19 38.61 -14.65
CA ALA D 510 -30.38 37.49 -15.08
C ALA D 510 -31.28 36.33 -15.49
N VAL D 511 -30.77 35.48 -16.39
CA VAL D 511 -31.46 34.29 -16.86
C VAL D 511 -30.56 33.07 -16.64
N MET D 512 -31.16 31.94 -16.26
CA MET D 512 -30.39 30.75 -15.94
C MET D 512 -31.26 29.51 -16.04
N GLY D 513 -30.64 28.38 -16.33
CA GLY D 513 -31.36 27.13 -16.47
C GLY D 513 -30.42 25.99 -16.80
N GLY D 514 -30.94 24.78 -16.63
CA GLY D 514 -30.16 23.56 -16.82
C GLY D 514 -30.73 22.69 -17.92
N ALA D 515 -29.82 22.08 -18.71
CA ALA D 515 -30.18 21.13 -19.76
C ALA D 515 -30.98 21.83 -20.85
N TYR D 516 -32.26 21.48 -20.99
CA TYR D 516 -33.13 22.28 -21.84
C TYR D 516 -33.18 23.72 -21.37
N GLY D 517 -33.11 23.92 -20.04
CA GLY D 517 -32.97 25.27 -19.51
C GLY D 517 -31.66 25.92 -19.92
N GLY D 518 -30.62 25.12 -20.13
CA GLY D 518 -29.37 25.65 -20.63
C GLY D 518 -29.44 26.00 -22.10
N PHE D 519 -30.03 25.10 -22.90
CA PHE D 519 -30.35 25.42 -24.29
C PHE D 519 -31.10 26.73 -24.39
N MET D 520 -32.13 26.90 -23.55
CA MET D 520 -32.97 28.09 -23.64
C MET D 520 -32.24 29.32 -23.12
N THR D 521 -31.37 29.16 -22.14
CA THR D 521 -30.53 30.27 -21.70
C THR D 521 -29.61 30.72 -22.83
N ASN D 522 -29.03 29.76 -23.56
CA ASN D 522 -28.21 30.11 -24.72
C ASN D 522 -29.04 30.74 -25.82
N TRP D 523 -30.26 30.24 -26.04
CA TRP D 523 -31.11 30.79 -27.09
C TRP D 523 -31.54 32.22 -26.76
N ILE D 524 -31.97 32.46 -25.52
CA ILE D 524 -32.48 33.77 -25.14
C ILE D 524 -31.37 34.81 -25.23
N THR D 525 -30.21 34.52 -24.63
CA THR D 525 -29.11 35.47 -24.65
C THR D 525 -28.61 35.76 -26.06
N GLY D 526 -28.83 34.85 -26.99
CA GLY D 526 -28.51 35.07 -28.39
C GLY D 526 -29.58 35.75 -29.20
N HIS D 527 -30.76 36.00 -28.62
CA HIS D 527 -31.85 36.66 -29.33
C HIS D 527 -32.34 37.92 -28.63
N THR D 528 -31.75 38.28 -27.49
CA THR D 528 -32.04 39.53 -26.82
C THR D 528 -30.90 39.83 -25.85
N THR D 529 -30.65 41.13 -25.67
CA THR D 529 -29.60 41.60 -24.77
C THR D 529 -30.14 42.08 -23.44
N ARG D 530 -31.41 41.79 -23.13
CA ARG D 530 -32.07 42.40 -21.99
C ARG D 530 -31.48 41.99 -20.64
N PHE D 531 -30.79 40.85 -20.57
CA PHE D 531 -30.34 40.33 -19.28
C PHE D 531 -28.94 40.81 -18.95
N GLN D 532 -28.69 41.08 -17.67
CA GLN D 532 -27.41 41.57 -17.20
C GLN D 532 -26.41 40.45 -16.92
N ALA D 533 -26.87 39.24 -16.67
CA ALA D 533 -26.00 38.11 -16.37
C ALA D 533 -26.73 36.83 -16.76
N ALA D 534 -25.95 35.78 -17.01
CA ALA D 534 -26.52 34.50 -17.40
C ALA D 534 -25.71 33.36 -16.81
N ILE D 535 -26.40 32.27 -16.49
CA ILE D 535 -25.78 31.05 -15.99
C ILE D 535 -26.38 29.90 -16.77
N THR D 536 -25.56 29.22 -17.57
CA THR D 536 -26.03 28.11 -18.39
C THR D 536 -25.42 26.82 -17.86
N ASP D 537 -26.28 25.86 -17.56
CA ASP D 537 -25.92 24.69 -16.78
C ASP D 537 -26.21 23.44 -17.60
N ARG D 538 -25.22 22.54 -17.68
CA ARG D 538 -25.31 21.29 -18.45
C ARG D 538 -26.05 21.50 -19.77
N CYS D 539 -25.57 22.49 -20.52
CA CYS D 539 -26.34 23.11 -21.59
C CYS D 539 -26.25 22.34 -22.91
N ILE D 540 -27.01 22.82 -23.89
CA ILE D 540 -26.93 22.38 -25.27
C ILE D 540 -26.76 23.62 -26.14
N SER D 541 -25.77 23.58 -27.04
CA SER D 541 -25.49 24.71 -27.93
C SER D 541 -25.44 24.33 -29.40
N ASN D 542 -25.16 23.08 -29.74
CA ASN D 542 -25.00 22.63 -31.12
C ASN D 542 -25.85 21.37 -31.26
N LEU D 543 -27.01 21.50 -31.90
CA LEU D 543 -27.95 20.38 -31.99
C LEU D 543 -27.43 19.27 -32.89
N ILE D 544 -26.56 19.59 -33.84
CA ILE D 544 -26.03 18.58 -34.75
C ILE D 544 -25.07 17.65 -34.01
N SER D 545 -24.08 18.23 -33.32
CA SER D 545 -23.12 17.40 -32.59
C SER D 545 -23.78 16.64 -31.44
N PHE D 546 -24.84 17.21 -30.86
CA PHE D 546 -25.57 16.52 -29.80
C PHE D 546 -26.10 15.18 -30.27
N GLY D 547 -26.63 15.11 -31.49
CA GLY D 547 -27.14 13.86 -32.01
C GLY D 547 -26.10 12.76 -32.06
N GLY D 548 -24.84 13.12 -32.26
CA GLY D 548 -23.76 12.16 -32.35
C GLY D 548 -23.07 11.83 -31.04
N THR D 549 -23.25 12.67 -30.01
CA THR D 549 -22.51 12.49 -28.76
C THR D 549 -23.39 12.13 -27.57
N SER D 550 -24.66 12.53 -27.55
CA SER D 550 -25.51 12.28 -26.40
C SER D 550 -25.91 10.82 -26.32
N ASP D 551 -26.16 10.34 -25.09
CA ASP D 551 -26.59 8.97 -24.90
C ASP D 551 -28.02 8.72 -25.38
N ILE D 552 -28.77 9.77 -25.69
CA ILE D 552 -30.08 9.67 -26.30
C ILE D 552 -30.10 10.31 -27.69
N GLY D 553 -28.92 10.56 -28.26
CA GLY D 553 -28.82 11.31 -29.49
C GLY D 553 -29.44 10.63 -30.70
N LEU D 554 -29.51 9.31 -30.70
CA LEU D 554 -30.03 8.59 -31.85
C LEU D 554 -31.54 8.67 -32.00
N ARG D 555 -32.25 9.26 -31.03
CA ARG D 555 -33.71 9.29 -31.08
C ARG D 555 -34.32 10.60 -30.56
N PHE D 556 -33.59 11.43 -29.81
CA PHE D 556 -34.19 12.55 -29.12
C PHE D 556 -34.77 13.57 -30.10
N TRP D 557 -33.95 14.07 -31.03
CA TRP D 557 -34.44 15.06 -31.97
C TRP D 557 -35.51 14.48 -32.89
N ASP D 558 -35.42 13.18 -33.21
CA ASP D 558 -36.43 12.55 -34.05
C ASP D 558 -37.81 12.62 -33.38
N ASP D 559 -37.86 12.39 -32.07
CA ASP D 559 -39.14 12.40 -31.36
C ASP D 559 -39.55 13.82 -30.98
N GLU D 560 -38.59 14.67 -30.60
CA GLU D 560 -38.92 16.01 -30.13
C GLU D 560 -39.11 17.00 -31.27
N LEU D 561 -38.38 16.84 -32.37
CA LEU D 561 -38.39 17.83 -33.44
C LEU D 561 -38.72 17.26 -34.82
N GLY D 562 -38.70 15.95 -34.99
CA GLY D 562 -38.87 15.38 -36.32
C GLY D 562 -37.67 15.53 -37.21
N LEU D 563 -36.47 15.62 -36.63
CA LEU D 563 -35.24 15.91 -37.37
C LEU D 563 -34.20 14.85 -37.06
N ASP D 564 -33.53 14.40 -38.12
CA ASP D 564 -32.48 13.37 -38.04
C ASP D 564 -31.17 14.02 -38.46
N PHE D 565 -30.24 14.13 -37.50
CA PHE D 565 -28.99 14.83 -37.77
C PHE D 565 -28.17 14.17 -38.87
N SER D 566 -28.36 12.88 -39.12
CA SER D 566 -27.65 12.16 -40.16
C SER D 566 -28.30 12.32 -41.53
N ARG D 567 -29.33 13.15 -41.64
CA ARG D 567 -29.98 13.44 -42.90
C ARG D 567 -29.67 14.88 -43.30
N ARG D 568 -29.21 15.06 -44.54
CA ARG D 568 -28.65 16.34 -44.95
C ARG D 568 -29.68 17.47 -44.82
N ALA D 569 -30.92 17.23 -45.24
CA ALA D 569 -31.95 18.26 -45.17
C ALA D 569 -32.26 18.65 -43.72
N ASP D 570 -32.37 17.66 -42.83
CA ASP D 570 -32.71 17.95 -41.43
C ASP D 570 -31.59 18.68 -40.71
N ALA D 571 -30.33 18.34 -41.02
CA ALA D 571 -29.20 18.91 -40.29
C ALA D 571 -29.16 20.42 -40.41
N LEU D 572 -29.51 20.96 -41.59
CA LEU D 572 -29.57 22.41 -41.76
C LEU D 572 -30.58 23.02 -40.80
N LYS D 573 -31.76 22.41 -40.67
CA LYS D 573 -32.75 22.91 -39.73
C LYS D 573 -32.28 22.77 -38.29
N LEU D 574 -31.56 21.69 -37.97
CA LEU D 574 -31.01 21.53 -36.63
C LEU D 574 -30.02 22.65 -36.32
N TRP D 575 -29.23 23.06 -37.31
CA TRP D 575 -28.32 24.19 -37.13
C TRP D 575 -29.10 25.48 -36.93
N ASP D 576 -30.21 25.65 -37.64
CA ASP D 576 -31.03 26.84 -37.47
C ASP D 576 -31.68 26.89 -36.09
N LEU D 577 -31.88 25.74 -35.45
CA LEU D 577 -32.38 25.68 -34.09
C LEU D 577 -31.26 25.65 -33.06
N SER D 578 -30.00 25.77 -33.50
CA SER D 578 -28.86 25.68 -32.60
C SER D 578 -28.49 27.06 -32.07
N PRO D 579 -28.41 27.22 -30.75
CA PRO D 579 -28.01 28.54 -30.20
C PRO D 579 -26.67 29.03 -30.70
N LEU D 580 -25.75 28.12 -31.05
CA LEU D 580 -24.42 28.52 -31.48
C LEU D 580 -24.43 29.35 -32.76
N GLN D 581 -25.47 29.19 -33.60
CA GLN D 581 -25.53 29.98 -34.83
C GLN D 581 -25.64 31.47 -34.53
N TYR D 582 -26.28 31.81 -33.42
CA TYR D 582 -26.58 33.20 -33.08
C TYR D 582 -25.69 33.73 -31.97
N VAL D 583 -24.60 33.01 -31.66
CA VAL D 583 -23.74 33.38 -30.53
C VAL D 583 -23.07 34.73 -30.74
N GLU D 584 -22.93 35.18 -31.99
CA GLU D 584 -22.35 36.49 -32.25
C GLU D 584 -23.17 37.62 -31.65
N ASN D 585 -24.43 37.38 -31.35
CA ASN D 585 -25.31 38.39 -30.77
C ASN D 585 -25.25 38.44 -29.24
N VAL D 586 -24.57 37.49 -28.60
CA VAL D 586 -24.58 37.44 -27.14
C VAL D 586 -23.72 38.56 -26.59
N LYS D 587 -24.28 39.31 -25.66
CA LYS D 587 -23.56 40.35 -24.93
C LYS D 587 -23.62 40.14 -23.43
N THR D 588 -24.37 39.15 -22.97
CA THR D 588 -24.59 38.96 -21.54
C THR D 588 -23.44 38.15 -20.94
N PRO D 589 -22.77 38.63 -19.90
CA PRO D 589 -21.76 37.80 -19.21
C PRO D 589 -22.35 36.48 -18.74
N THR D 590 -21.67 35.39 -19.08
CA THR D 590 -22.23 34.05 -18.92
C THR D 590 -21.30 33.17 -18.10
N LEU D 591 -21.87 32.52 -17.09
CA LEU D 591 -21.20 31.46 -16.35
C LEU D 591 -21.62 30.12 -16.93
N ILE D 592 -20.64 29.25 -17.19
CA ILE D 592 -20.89 27.94 -17.78
C ILE D 592 -20.53 26.86 -16.78
N VAL D 593 -21.50 26.03 -16.42
CA VAL D 593 -21.34 24.94 -15.48
C VAL D 593 -21.58 23.64 -16.21
N HIS D 594 -20.66 22.68 -16.08
CA HIS D 594 -20.77 21.42 -16.80
C HIS D 594 -19.90 20.37 -16.12
N SER D 595 -20.29 19.12 -16.29
CA SER D 595 -19.57 17.97 -15.74
C SER D 595 -19.03 17.10 -16.87
N VAL D 596 -17.87 16.49 -16.62
CA VAL D 596 -17.14 15.80 -17.69
C VAL D 596 -17.84 14.50 -18.06
N LEU D 597 -18.43 13.81 -17.08
CA LEU D 597 -19.09 12.53 -17.33
C LEU D 597 -20.59 12.70 -17.55
N ASP D 598 -21.05 13.90 -17.88
CA ASP D 598 -22.43 14.11 -18.30
C ASP D 598 -22.57 13.56 -19.71
N HIS D 599 -23.22 12.40 -19.83
CA HIS D 599 -23.45 11.78 -21.13
C HIS D 599 -24.81 12.13 -21.72
N ARG D 600 -25.69 12.78 -20.95
CA ARG D 600 -26.94 13.28 -21.48
C ARG D 600 -26.70 14.52 -22.33
N CYS D 601 -26.01 15.51 -21.76
CA CYS D 601 -25.52 16.67 -22.50
C CYS D 601 -24.01 16.68 -22.41
N PRO D 602 -23.29 16.18 -23.42
CA PRO D 602 -21.84 16.06 -23.32
C PRO D 602 -21.16 17.43 -23.24
N VAL D 603 -19.98 17.42 -22.63
CA VAL D 603 -19.28 18.67 -22.31
C VAL D 603 -18.81 19.41 -23.57
N GLU D 604 -18.72 18.73 -24.71
CA GLU D 604 -18.41 19.43 -25.96
C GLU D 604 -19.45 20.50 -26.26
N GLN D 605 -20.69 20.32 -25.80
CA GLN D 605 -21.70 21.38 -25.91
C GLN D 605 -21.25 22.63 -25.18
N ALA D 606 -20.70 22.47 -23.98
CA ALA D 606 -20.24 23.62 -23.20
C ALA D 606 -18.93 24.17 -23.75
N GLU D 607 -18.06 23.30 -24.26
CA GLU D 607 -16.78 23.75 -24.80
C GLU D 607 -16.98 24.64 -26.03
N GLN D 608 -18.00 24.36 -26.84
CA GLN D 608 -18.26 25.19 -28.02
C GLN D 608 -18.78 26.56 -27.62
N TRP D 609 -19.73 26.61 -26.69
CA TRP D 609 -20.23 27.88 -26.19
C TRP D 609 -19.11 28.71 -25.56
N TYR D 610 -18.24 28.06 -24.78
CA TYR D 610 -17.14 28.76 -24.11
C TYR D 610 -16.19 29.38 -25.13
N ALA D 611 -15.77 28.60 -26.13
CA ALA D 611 -14.83 29.11 -27.12
C ALA D 611 -15.43 30.23 -27.95
N ALA D 612 -16.72 30.13 -28.27
CA ALA D 612 -17.36 31.16 -29.09
C ALA D 612 -17.43 32.49 -28.33
N LEU D 613 -17.79 32.45 -27.04
CA LEU D 613 -17.86 33.67 -26.25
C LEU D 613 -16.47 34.32 -26.12
N HIS D 614 -15.43 33.50 -25.94
CA HIS D 614 -14.07 34.05 -25.89
C HIS D 614 -13.71 34.75 -27.20
N LYS D 615 -14.04 34.14 -28.34
CA LYS D 615 -13.71 34.75 -29.62
C LYS D 615 -14.38 36.11 -29.79
N HIS D 616 -15.57 36.29 -29.21
CA HIS D 616 -16.26 37.57 -29.28
C HIS D 616 -15.95 38.47 -28.08
N GLN D 617 -15.01 38.04 -27.23
CA GLN D 617 -14.56 38.82 -26.07
C GLN D 617 -15.71 39.11 -25.10
N VAL D 618 -16.66 38.20 -24.97
CA VAL D 618 -17.73 38.31 -24.00
C VAL D 618 -17.24 37.73 -22.67
N PRO D 619 -17.43 38.42 -21.55
CA PRO D 619 -16.99 37.87 -20.25
C PRO D 619 -17.61 36.50 -20.00
N VAL D 620 -16.75 35.52 -19.72
CA VAL D 620 -17.17 34.13 -19.65
C VAL D 620 -16.31 33.40 -18.63
N ARG D 621 -16.93 32.44 -17.94
CA ARG D 621 -16.28 31.64 -16.92
C ARG D 621 -16.87 30.23 -16.99
N PHE D 622 -15.99 29.23 -16.93
CA PHE D 622 -16.37 27.85 -17.20
C PHE D 622 -15.94 27.01 -16.01
N VAL D 623 -16.92 26.51 -15.26
CA VAL D 623 -16.67 25.63 -14.11
C VAL D 623 -16.85 24.20 -14.59
N ARG D 624 -15.79 23.41 -14.48
CA ARG D 624 -15.73 22.08 -15.09
C ARG D 624 -15.51 21.06 -13.98
N PHE D 625 -16.54 20.28 -13.70
CA PHE D 625 -16.48 19.31 -12.60
C PHE D 625 -16.03 17.95 -13.11
N PRO D 626 -15.04 17.32 -12.49
CA PRO D 626 -14.71 15.94 -12.83
C PRO D 626 -15.67 14.95 -12.18
N GLU D 627 -15.73 13.77 -12.79
CA GLU D 627 -16.41 12.60 -12.22
C GLU D 627 -17.93 12.73 -12.15
N GLU D 628 -18.45 13.94 -11.95
CA GLU D 628 -19.90 14.09 -11.85
C GLU D 628 -20.56 13.88 -13.22
N ASN D 629 -21.88 13.74 -13.18
CA ASN D 629 -22.66 13.55 -14.40
C ASN D 629 -23.81 14.58 -14.40
N HIS D 630 -24.83 14.32 -15.22
CA HIS D 630 -25.93 15.25 -15.40
C HIS D 630 -26.67 15.57 -14.11
N GLU D 631 -26.59 14.70 -13.10
CA GLU D 631 -27.39 14.84 -11.89
C GLU D 631 -26.71 15.62 -10.78
N LEU D 632 -25.63 16.36 -11.10
CA LEU D 632 -24.82 17.01 -10.07
C LEU D 632 -25.68 17.84 -9.11
N SER D 633 -26.52 18.72 -9.66
CA SER D 633 -27.29 19.65 -8.82
C SER D 633 -28.35 18.95 -7.98
N ARG D 634 -28.74 17.73 -8.34
CA ARG D 634 -29.73 17.00 -7.56
C ARG D 634 -29.14 15.94 -6.65
N SER D 635 -27.97 15.39 -6.99
CA SER D 635 -27.44 14.29 -6.18
C SER D 635 -25.93 14.14 -6.27
N GLY D 636 -25.18 15.15 -6.71
CA GLY D 636 -23.74 15.06 -6.76
C GLY D 636 -23.12 14.96 -5.37
N ARG D 637 -21.82 14.68 -5.37
CA ARG D 637 -21.06 14.66 -4.13
C ARG D 637 -21.19 16.00 -3.41
N PRO D 638 -21.37 16.00 -2.08
CA PRO D 638 -21.68 17.26 -1.37
C PRO D 638 -20.72 18.41 -1.67
N ASP D 639 -19.42 18.14 -1.73
CA ASP D 639 -18.47 19.24 -1.92
C ASP D 639 -18.63 19.91 -3.28
N ARG D 640 -19.00 19.13 -4.30
CA ARG D 640 -19.20 19.71 -5.63
C ARG D 640 -20.58 20.36 -5.77
N ARG D 641 -21.57 19.91 -5.00
CA ARG D 641 -22.82 20.65 -4.93
C ARG D 641 -22.62 22.03 -4.32
N LEU D 642 -21.77 22.11 -3.28
CA LEU D 642 -21.45 23.40 -2.67
C LEU D 642 -20.76 24.31 -3.68
N THR D 643 -19.76 23.78 -4.39
CA THR D 643 -19.00 24.59 -5.33
C THR D 643 -19.87 25.14 -6.43
N ARG D 644 -20.80 24.34 -6.95
CA ARG D 644 -21.70 24.83 -7.99
C ARG D 644 -22.52 26.01 -7.50
N LEU D 645 -23.13 25.88 -6.31
CA LEU D 645 -23.88 27.00 -5.74
C LEU D 645 -22.95 28.18 -5.46
N ASN D 646 -21.74 27.91 -4.98
CA ASN D 646 -20.76 28.95 -4.73
C ASN D 646 -20.47 29.75 -6.00
N GLU D 647 -20.25 29.06 -7.12
CA GLU D 647 -19.95 29.74 -8.37
C GLU D 647 -21.15 30.52 -8.88
N TYR D 648 -22.36 29.97 -8.71
CA TYR D 648 -23.58 30.68 -9.07
C TYR D 648 -23.63 32.05 -8.40
N PHE D 649 -23.44 32.09 -7.09
CA PHE D 649 -23.63 33.33 -6.35
C PHE D 649 -22.47 34.30 -6.57
N ALA D 650 -21.26 33.78 -6.70
CA ALA D 650 -20.12 34.66 -7.02
C ALA D 650 -20.35 35.39 -8.34
N TRP D 651 -20.95 34.70 -9.32
CA TRP D 651 -21.23 35.33 -10.60
C TRP D 651 -22.36 36.35 -10.48
N LEU D 652 -23.42 36.00 -9.73
CA LEU D 652 -24.51 36.94 -9.52
C LEU D 652 -24.06 38.14 -8.70
N GLU D 653 -23.20 37.93 -7.70
CA GLU D 653 -22.67 39.06 -6.94
C GLU D 653 -21.83 39.99 -7.82
N ARG D 654 -21.15 39.45 -8.82
CA ARG D 654 -20.30 40.30 -9.66
C ARG D 654 -21.13 41.13 -10.64
N TRP D 655 -22.16 40.54 -11.24
CA TRP D 655 -22.91 41.21 -12.29
C TRP D 655 -24.31 41.64 -11.90
N LEU D 656 -24.87 41.10 -10.82
CA LEU D 656 -26.24 41.35 -10.36
C LEU D 656 -27.25 40.66 -11.28
N MET E 1 35.79 -12.96 20.00
CA MET E 1 34.64 -13.84 20.05
C MET E 1 33.52 -13.21 20.89
N ALA E 2 33.72 -13.13 22.20
CA ALA E 2 32.83 -12.35 23.06
C ALA E 2 33.44 -10.96 23.25
N ALA E 3 33.38 -10.18 22.17
CA ALA E 3 34.12 -8.92 22.09
C ALA E 3 33.24 -7.72 21.75
N MET F 1 0.10 -21.80 38.03
CA MET F 1 0.98 -20.70 37.71
C MET F 1 1.91 -21.10 36.57
N ALA F 2 2.81 -22.04 36.87
CA ALA F 2 3.60 -22.70 35.83
C ALA F 2 2.82 -23.94 35.41
N ALA F 3 1.74 -23.69 34.67
CA ALA F 3 0.73 -24.71 34.38
C ALA F 3 0.49 -24.87 32.88
C1 GOL G . -27.59 -24.10 38.77
O1 GOL G . -27.55 -25.11 39.76
C2 GOL G . -27.60 -24.73 37.39
O2 GOL G . -28.69 -25.61 37.26
C3 GOL G . -27.74 -23.63 36.33
O3 GOL G . -27.91 -24.23 35.07
C1 GOL H . 52.28 -0.29 2.14
O1 GOL H . 53.26 -0.40 3.16
C2 GOL H . 51.75 1.14 2.11
O2 GOL H . 52.76 1.98 1.61
C3 GOL H . 50.53 1.22 1.20
O3 GOL H . 49.89 2.46 1.37
C1 GOL I . 40.52 7.01 20.98
O1 GOL I . 40.86 7.49 19.71
C2 GOL I . 41.77 6.57 21.72
O2 GOL I . 41.85 7.26 22.95
C3 GOL I . 41.72 5.06 22.00
O3 GOL I . 41.42 4.37 20.80
C1 GOL J . 26.89 16.13 -43.10
O1 GOL J . 26.74 16.52 -44.44
C2 GOL J . 27.09 14.62 -43.02
O2 GOL J . 28.28 14.28 -43.68
C3 GOL J . 27.18 14.20 -41.56
O3 GOL J . 27.15 12.79 -41.48
#